data_8YQV
#
_entry.id   8YQV
#
_cell.length_a   1.00
_cell.length_b   1.00
_cell.length_c   1.00
_cell.angle_alpha   90.00
_cell.angle_beta   90.00
_cell.angle_gamma   90.00
#
_symmetry.space_group_name_H-M   'P 1'
#
loop_
_entity.id
_entity.type
_entity.pdbx_description
1 polymer 'DNA-directed RNA polymerase subunit'
2 polymer C147L
3 polymer 'DNA-directed RNA polymerase subunit beta'
4 polymer 'DNA-directed RNA polymerase RPB3-11 homolog'
5 polymer 'DNA-directed RNA polymerase RPB5 homolog'
6 polymer 'DNA-directed RNA polymerase RPB10 homolog'
7 polymer C122R
8 polymer D339L
9 non-polymer 'MAGNESIUM ION'
10 non-polymer 'ZINC ION'
#
loop_
_entity_poly.entity_id
_entity_poly.type
_entity_poly.pdbx_seq_one_letter_code
_entity_poly.pdbx_strand_id
1 'polypeptide(L)'
;MEAGYAEIAAVQFNIAGDNDHKRQGVMEVTISNLFEGTLPAEGGIYDARMGTTDHHYKCITCSHQRKQCMGHPGILQMHA
PVLQPLFIAEIRRWLRVICLNCGAPIVDLKRYEHLIRPKRLIEAASSQTEGKQCYVCKAVHPKIVKDSEDYFTFWADQQG
KIDKLYPQIIREIFSRVTYDTVVKLGRSKNSHPEKLVLKAIQIPPISIRPGIRLGIGSGPQSFHDINNVIQYLVRKNLLI
PKDLQIVRGQKIPLNIDRNLQTIQQLYYNFLLDSVSTTATQGGTGKRGIVMGARPAPSIMRRLPRKEGRIRKSLLGSQVW
SISRSTICGNSDLHLDEVGYPISFARTLQVAETVQHYNINRLMPYFLNGKRQYPGCSRVYKQITQSVHDIEGLKQDFRLE
VGDILYRDVVTGDVAFFNRQPSLERSSIGVHRIVVLENPKISTFQMNVSACAWYNADFDGDQMNLWVPWSVMSRVEAELL
CSVRNWFISTKSSGPVNGQVQDSTVGSFLLTRTNTPMGKNVMNKLHAMGLFQTTQTDPPCFANYSPTDLLDGKSVVSMLL
RQTPINYQRAPTWYSEVYAPYMHYNKQDISTQIRNGELIEGVLDKKAVGAGSSGGIYHLISRRYGPQQALKMIFATQQLA
LNYVRNAGFTVSTADMLLTPEAHQEVQEIINELLLESEEINNRLLHGDIMPPIGLTTHDFYEKLQLNALKFPDRILKPIM
NSINPETNGLFQMVATGAKGSNPNMIHIMAGIGQIEINTQRIQPQFSFGRTLVYYPRFALEAQAYGFICNSYIAGLTSPE
FIFGEMNGRFDLINKALSTSSTGYANRKAIFGLQSCIVDYYRRVSIDTRLVQQLYGEDGLDARQLETVRFETIMLSDQEL
EDKFKYTGIQSPLFEEEFSRLKKDRDKYRQIFLNVENFNFSQLLTDVRQVPVNVASIVKNILLSSTSGVLPFDEKSILQK
YAMVKTFCKNLPYVFINNIQERLQTPIPVYLKRAASLMRMLIRIELATVKTLNITCEQMSAILDLIRLQYTQSLINYGEA
VGILAAQSVSEPLTQYMLDSHHRSVAGGTNKSGIVRPQEIFSAKPVEAEQSSEMLLRLKNPEVETNKTYAQEIANSIELI
TFERLILQWHLLYETYSSTKKNVMYPDFASDVEWMTDFLENHPLLQPPEDIANWCIRLELNKTTMILKSISLESIINSLR
AKHPNTYIMHSVENTASGIPIIIRIYLRESAFRRSTNTRMATDEKIAVNVVDKLLNSTIRGIPGIKNANVVKLMRHRVDA
QGKLVRLDNIYAIKTNGTNIFGAMLDDNIDPYTIVSSSIGDTMELYGIEAARQKIISEIRTVMGDKGPNHRHLLMYADLM
TRTGQVTSLEKAGLNAREPSNVLLRMALSSPVQVLTDAAVDSAVNPIYGIAAPTLMGSVPRIGTMYSDIIMDEKYITENY
KSVDSLIDML
;
A
2 'polypeptide(L)'
;MADNDNEDLIMDDLVEEYVETEEENLVDSEEESEDKDEIVESPSICEGFVQASSQTLVIIPDNERITSNVLTTFEATRLV
AVRAQQLAINGSTMLKKKYSSPIDIAKQELFNRKIPLLVMRCIKVTPEGQKIVEIWNPREMGIPLLD
;
E
3 'polypeptide(L)'
;MEPLRPQITYGPIETVDNEELTEADMLSFISAAVNSTGLIGYNIKSFDDLMDNGIPQIVKQMFNVDITYKDQRDHTEIDK
LRESVQIQFNFTDVNIERPQHRNYSQGNKINLLPNKARLCGLSYSGPVNLAAEVILTAHYSNGRQEVKRASIPPFQVSTF
PIMRGSNRCHTHHLSKTAKKEIGEDPNEPGGYFIARGGEWVVDLLENIRFNTLHIHYHTMQQGNNEIIRGEFISQPGGAF
ENSSQIIIRYMTTGAITIEINSTKFSKLRIPWYLIFRMFGMTGDDSIIEQVVFDLESNSLVNTFMIEILEKSIHVLDPIF
QPVQHELNREKIIQFLSEKVSKFVSNPSAYKSDENAVQYLNERQLTILDKILLPHMGQTADTRVRKLRFLGLLIHKILLV
IMNVFPPTDRDSYRTKRVHGSGVSLAKAFKAIFNTSVIAPIINGFKELLKQTAFEELTQRNIIEAFSAALSKNTASDLNR
SMEQSIISGNKTIMVRQRPIVNRVSTQSLERKNLLNTISALRTVNTHNTTNASKQTERADMMRRVHASYPGYICVAQSAD
TGEKVGMSKQLAITANVCTAGEVLSLKQRLLSDPAIQQLADVSNKDIVRKGLARVFINGEWIGCCTNAFELAQRYRMLRR
EGKVVHPHTTIYWDSMVDEVEFWLDVGRLTRPLLIVDNNIEKYNQACYKAAEARKKGDKDWEKHKIPFIQNTRFTPQMAK
DILAGTLTLEDLVAQGICEFITPEEAENCLVAFSIIELRKHKHDVTRRFTHVDVPQAILGLAALVSPYANCTQPARVTYE
TNQGRQTGGWYCFSWPYRVDMNRFFQFYNEMPLVKTIAHNYVIPNGLNTIVAYMIYGGYNQEDSVIVSQSFIDRGGFAGT
FYREEKVELESDIESFGKPDPLITKNLKPGANYEKLVDGFVPVGTVVKKGDIIIGKVAKIRGEKDELNKYIDRSVMYGFD
EPAVVDAVMRPHGPNDEIFGLMRLRYERNLNIGDKMSSRSGNKGIAALALPTSDMPFTEDGLQPDLIVNPHSHPSRMTNG
QMIETTVGLANALQGVVTDGTAFLPINVQLLSERLAQEGLRFNGCQKMFNGQTGEYFDAAIFIGPTYHQRLQKFVLDDRY
AVASYGPTDALTGQPLDGKRSHGGLRLGEMEHWVLTAQGAMQTIIEKSHDDSDGCISYICRNCGEPAIYNASHPIYKCMN
CDVQADIGMVDSRRSSIVFQHEMRAANVNITSVLSPRVFQPA
;
B
4 'polypeptide(L)'
;MEKIFQNVEIKPFLIDFSNLFIKNAAKKLFQLEEQLPLVPVNVVMDFKGISRAAVHGLSRVLQDEIPNYMLDIKPGGYKI
EDSTDLFMTEQFIRNRINFIPIYAKNETLVFALRSLNNSCEVKTIYSRDLIQVAGPKLKYPIFNPTFEIGFLQPGKSLII
EDIYIKKGIGRKHAAFNLAVKTHFSHLDIEQYPTDKKEYMALSGYKQSSMTSDPRHHRLGLCFPAVPLPHINQAVRTYLK
NACRIIIGRIQSIQKIYENFEEPQPELVLFSMDEEKTKAIITIKDETHTIGNLLKTYIYEMIPDISFVGYQCVPHKQEMV
LTIIHKASQEDLITLLEKSIQNIIQTFQILEKNVDELIA
;
C
5 'polypeptide(L)'
;MAMQKLFTYIYEFIEYRKMVLLEEKVPYDKFVQMVLNTGFFRINAETLNHGIVSVFIFGANGKYVHHGGDMRTLLTNTLN
EKKHYEELILIVDKPVLSKKNILDIIVEQRAANPTIVINIYPYHLFCINIPKVSAIPKHKLITQEEAQEFLGREYLQPQD
LMQISASDPPVVWLGGRPGDFVQIERPSETAMHAVVIRFITKSKI
;
D
6 'polypeptide(L)' MLIPVVCFTCGFPIGTYAAIFDKARTEYIKTKMGGTLPQNIPLDASLQIELKDLITALGIPMRVCCRTHLITTLDYRKYY H
7 'polypeptide(L)'
;MKICKACSSCMVRTYVDGNIIFRCSCGESVQGDSQNLLVSSKVYHTGEMEDKYKIFIKNAPFDPTNCQIKKDCPNCHLDY
LTQICIGSQKIIILVCRCGYMSNRG
;
G
8 'polypeptide(L)'
;MIDQKIFETTLNIDDPTNFCTNVEAHLLKELENIYVGKCFKNSFILNITGVIQRSPCFIMRTNNSGRGYMHVRFSAVVSY
LNAFDLIAAVKIIKNDSNIILGESLLTEPVTIVIPSSESQNNVAEVGQIVPVQLANSSVYYIPGRQQASATGSIFIPKHT
FSVYHVQEELTQEQALNLTKLVNIIEMLLESRSKKDFKQICFFEKLYYTYSISSDEILDLKIWKGPKGKEMSRLKPCNVL
SFLYDALKNKNSSLGFWARPPNLLKSSPLAYQQDQNSFNATELPIICSAEVMFVTLLKEIINYLQFINDLCDTFNNEQLI
KRHENIWMLIEQRKIGHDF
;
F
#
loop_
_chem_comp.id
_chem_comp.type
_chem_comp.name
_chem_comp.formula
MG non-polymer 'MAGNESIUM ION' 'Mg 2'
ZN non-polymer 'ZINC ION' 'Zn 2'
#
# COMPACT_ATOMS: atom_id res chain seq x y z
N GLU A 2 -31.37 -18.90 -26.23
CA GLU A 2 -32.31 -19.78 -25.54
C GLU A 2 -32.05 -19.75 -24.03
N ALA A 3 -30.81 -19.42 -23.65
CA ALA A 3 -30.46 -19.24 -22.24
C ALA A 3 -30.76 -17.81 -21.83
N GLY A 4 -31.72 -17.64 -20.93
CA GLY A 4 -32.12 -16.31 -20.52
C GLY A 4 -31.17 -15.68 -19.52
N TYR A 5 -31.33 -14.37 -19.36
CA TYR A 5 -30.47 -13.60 -18.47
C TYR A 5 -30.81 -13.91 -17.01
N ALA A 6 -29.79 -14.17 -16.21
CA ALA A 6 -29.99 -14.48 -14.80
C ALA A 6 -28.94 -13.76 -13.96
N GLU A 7 -29.20 -13.69 -12.66
CA GLU A 7 -28.26 -13.17 -11.69
C GLU A 7 -28.25 -14.09 -10.49
N ILE A 8 -27.08 -14.29 -9.90
CA ILE A 8 -26.95 -15.13 -8.72
C ILE A 8 -27.45 -14.35 -7.52
N ALA A 9 -28.40 -14.93 -6.79
CA ALA A 9 -28.98 -14.32 -5.61
C ALA A 9 -28.35 -14.80 -4.31
N ALA A 10 -27.90 -16.06 -4.26
CA ALA A 10 -27.26 -16.59 -3.07
C ALA A 10 -26.32 -17.71 -3.48
N VAL A 11 -25.41 -18.04 -2.57
CA VAL A 11 -24.48 -19.16 -2.76
C VAL A 11 -24.57 -20.06 -1.56
N GLN A 12 -24.80 -21.35 -1.80
CA GLN A 12 -24.86 -22.34 -0.72
C GLN A 12 -23.58 -23.14 -0.71
N PHE A 13 -23.01 -23.30 0.48
CA PHE A 13 -21.79 -24.06 0.68
C PHE A 13 -22.12 -25.39 1.33
N ASN A 14 -21.44 -26.45 0.89
CA ASN A 14 -21.73 -27.79 1.40
C ASN A 14 -20.47 -28.63 1.33
N ILE A 15 -20.59 -29.88 1.74
CA ILE A 15 -19.51 -30.86 1.64
C ILE A 15 -19.83 -31.79 0.48
N ALA A 16 -18.88 -31.98 -0.42
CA ALA A 16 -19.07 -32.81 -1.59
C ALA A 16 -18.73 -34.26 -1.25
N GLY A 17 -19.65 -35.16 -1.58
CA GLY A 17 -19.49 -36.57 -1.31
C GLY A 17 -19.14 -37.36 -2.56
N ASP A 18 -19.35 -38.68 -2.48
CA ASP A 18 -19.08 -39.54 -3.62
C ASP A 18 -20.12 -39.34 -4.72
N ASN A 19 -21.40 -39.22 -4.36
CA ASN A 19 -22.45 -39.08 -5.36
C ASN A 19 -22.32 -37.77 -6.12
N ASP A 20 -21.94 -36.69 -5.45
CA ASP A 20 -21.77 -35.42 -6.12
C ASP A 20 -20.66 -35.49 -7.16
N HIS A 21 -19.54 -36.12 -6.79
CA HIS A 21 -18.44 -36.28 -7.74
C HIS A 21 -18.83 -37.20 -8.89
N LYS A 22 -19.54 -38.27 -8.60
CA LYS A 22 -19.92 -39.22 -9.64
C LYS A 22 -21.03 -38.70 -10.55
N ARG A 23 -21.76 -37.68 -10.13
CA ARG A 23 -22.80 -37.08 -10.97
C ARG A 23 -22.33 -35.82 -11.69
N GLN A 24 -21.44 -35.04 -11.10
CA GLN A 24 -20.87 -33.89 -11.79
C GLN A 24 -19.81 -34.29 -12.80
N GLY A 25 -19.04 -35.34 -12.51
CA GLY A 25 -17.93 -35.70 -13.37
C GLY A 25 -18.39 -36.15 -14.75
N VAL A 26 -17.67 -35.70 -15.77
CA VAL A 26 -18.01 -36.01 -17.16
C VAL A 26 -17.26 -37.23 -17.69
N MET A 27 -16.24 -37.70 -16.98
CA MET A 27 -15.49 -38.88 -17.39
C MET A 27 -14.73 -39.43 -16.19
N GLU A 28 -14.20 -40.63 -16.35
CA GLU A 28 -13.45 -41.32 -15.32
C GLU A 28 -12.01 -41.51 -15.76
N VAL A 29 -11.07 -41.13 -14.90
CA VAL A 29 -9.65 -41.30 -15.19
C VAL A 29 -9.29 -42.77 -15.01
N THR A 30 -8.82 -43.40 -16.08
CA THR A 30 -8.53 -44.83 -16.06
C THR A 30 -7.06 -45.15 -16.34
N ILE A 31 -6.44 -44.46 -17.27
CA ILE A 31 -5.07 -44.73 -17.65
C ILE A 31 -4.17 -43.64 -17.10
N SER A 32 -2.86 -43.89 -17.15
CA SER A 32 -1.87 -42.88 -16.77
C SER A 32 -1.13 -42.33 -17.99
N ASN A 33 -1.59 -42.63 -19.20
CA ASN A 33 -1.00 -42.08 -20.41
C ASN A 33 -1.46 -40.64 -20.57
N LEU A 34 -0.51 -39.72 -20.74
CA LEU A 34 -0.83 -38.31 -20.87
C LEU A 34 -1.16 -37.92 -22.30
N PHE A 35 -0.35 -38.35 -23.26
CA PHE A 35 -0.57 -38.00 -24.66
C PHE A 35 -0.37 -39.27 -25.50
N GLU A 36 -1.38 -39.64 -26.27
CA GLU A 36 -1.19 -40.69 -27.26
C GLU A 36 -0.39 -40.16 -28.46
N GLY A 37 -0.68 -38.94 -28.88
CA GLY A 37 -0.02 -38.33 -30.02
C GLY A 37 0.00 -36.82 -29.83
N THR A 38 -0.40 -36.10 -30.88
CA THR A 38 -0.60 -34.66 -30.72
C THR A 38 -1.73 -34.37 -29.74
N LEU A 39 -2.83 -35.11 -29.83
CA LEU A 39 -3.98 -34.92 -28.97
C LEU A 39 -3.78 -35.59 -27.61
N PRO A 40 -4.46 -35.11 -26.58
CA PRO A 40 -4.37 -35.75 -25.25
C PRO A 40 -4.96 -37.16 -25.28
N ALA A 41 -4.43 -38.00 -24.40
CA ALA A 41 -4.88 -39.38 -24.31
C ALA A 41 -6.28 -39.46 -23.71
N GLU A 42 -7.13 -40.28 -24.32
CA GLU A 42 -8.48 -40.48 -23.81
C GLU A 42 -8.45 -41.35 -22.58
N GLY A 43 -9.04 -40.86 -21.49
CA GLY A 43 -9.04 -41.55 -20.23
C GLY A 43 -7.95 -41.12 -19.27
N GLY A 44 -7.01 -40.29 -19.71
CA GLY A 44 -5.99 -39.75 -18.84
C GLY A 44 -6.43 -38.46 -18.17
N ILE A 45 -5.51 -37.87 -17.42
CA ILE A 45 -5.83 -36.65 -16.70
C ILE A 45 -5.88 -35.42 -17.59
N TYR A 46 -5.51 -35.55 -18.86
CA TYR A 46 -5.52 -34.44 -19.80
C TYR A 46 -6.64 -34.56 -20.83
N ASP A 47 -7.60 -35.44 -20.60
CA ASP A 47 -8.59 -35.76 -21.62
C ASP A 47 -9.38 -34.52 -22.02
N ALA A 48 -9.72 -34.46 -23.30
CA ALA A 48 -10.42 -33.32 -23.88
C ALA A 48 -11.85 -33.16 -23.36
N ARG A 49 -12.38 -34.15 -22.65
CA ARG A 49 -13.69 -33.99 -22.02
C ARG A 49 -13.64 -33.05 -20.83
N MET A 50 -12.48 -32.89 -20.20
CA MET A 50 -12.31 -31.98 -19.07
C MET A 50 -11.93 -30.58 -19.50
N GLY A 51 -12.27 -30.18 -20.71
CA GLY A 51 -11.94 -28.87 -21.22
C GLY A 51 -10.66 -28.87 -22.04
N THR A 52 -10.47 -27.78 -22.78
CA THR A 52 -9.33 -27.63 -23.66
C THR A 52 -8.54 -26.39 -23.24
N THR A 53 -7.26 -26.58 -22.94
CA THR A 53 -6.35 -25.46 -22.73
C THR A 53 -5.41 -25.26 -23.93
N ASP A 54 -5.66 -25.94 -25.04
CA ASP A 54 -4.85 -25.87 -26.24
C ASP A 54 -5.68 -25.31 -27.39
N HIS A 55 -5.03 -24.55 -28.27
CA HIS A 55 -5.71 -23.79 -29.32
C HIS A 55 -5.97 -24.57 -30.59
N HIS A 56 -5.53 -25.84 -30.67
CA HIS A 56 -5.81 -26.62 -31.87
C HIS A 56 -7.17 -27.30 -31.82
N TYR A 57 -7.53 -27.91 -30.69
CA TYR A 57 -8.73 -28.72 -30.60
C TYR A 57 -9.75 -28.08 -29.66
N LYS A 58 -11.02 -28.35 -29.93
CA LYS A 58 -12.12 -27.89 -29.11
C LYS A 58 -12.27 -28.77 -27.87
N CYS A 59 -13.10 -28.32 -26.94
CA CYS A 59 -13.53 -29.18 -25.85
C CYS A 59 -14.51 -30.22 -26.36
N ILE A 60 -14.32 -31.47 -25.93
CA ILE A 60 -15.24 -32.52 -26.36
C ILE A 60 -16.61 -32.31 -25.73
N THR A 61 -16.64 -31.85 -24.49
CA THR A 61 -17.89 -31.76 -23.74
C THR A 61 -18.79 -30.64 -24.28
N CYS A 62 -18.30 -29.40 -24.26
CA CYS A 62 -19.13 -28.25 -24.65
C CYS A 62 -18.83 -27.72 -26.03
N SER A 63 -17.83 -28.27 -26.73
CA SER A 63 -17.49 -27.87 -28.10
C SER A 63 -17.20 -26.37 -28.21
N HIS A 64 -16.49 -25.84 -27.22
CA HIS A 64 -16.06 -24.45 -27.23
C HIS A 64 -14.56 -24.40 -27.38
N GLN A 65 -14.07 -23.22 -27.76
CA GLN A 65 -12.63 -23.00 -27.88
C GLN A 65 -12.04 -22.85 -26.49
N ARG A 66 -10.75 -22.54 -26.41
CA ARG A 66 -10.11 -22.36 -25.11
C ARG A 66 -10.69 -21.19 -24.34
N LYS A 67 -11.16 -20.16 -25.04
CA LYS A 67 -11.64 -18.94 -24.39
C LYS A 67 -13.00 -19.13 -23.75
N GLN A 68 -13.92 -19.83 -24.43
CA GLN A 68 -15.28 -19.98 -23.95
C GLN A 68 -15.50 -21.24 -23.12
N CYS A 69 -14.51 -22.11 -23.02
CA CYS A 69 -14.63 -23.32 -22.22
C CYS A 69 -14.10 -23.06 -20.82
N MET A 70 -14.95 -23.30 -19.83
CA MET A 70 -14.59 -23.10 -18.43
C MET A 70 -13.98 -24.34 -17.80
N GLY A 71 -13.91 -25.45 -18.51
CA GLY A 71 -13.44 -26.70 -17.95
C GLY A 71 -14.59 -27.49 -17.33
N HIS A 72 -14.37 -28.79 -17.24
CA HIS A 72 -15.34 -29.71 -16.67
C HIS A 72 -14.58 -30.70 -15.79
N PRO A 73 -15.21 -31.18 -14.72
CA PRO A 73 -14.49 -32.05 -13.78
C PRO A 73 -14.45 -33.50 -14.25
N GLY A 74 -13.55 -34.26 -13.63
CA GLY A 74 -13.45 -35.68 -13.90
C GLY A 74 -13.49 -36.47 -12.61
N ILE A 75 -13.71 -37.77 -12.75
CA ILE A 75 -13.82 -38.68 -11.62
C ILE A 75 -12.59 -39.58 -11.59
N LEU A 76 -12.05 -39.81 -10.40
CA LEU A 76 -11.05 -40.85 -10.18
C LEU A 76 -11.57 -41.78 -9.10
N GLN A 77 -11.94 -42.99 -9.49
CA GLN A 77 -12.40 -44.00 -8.53
C GLN A 77 -11.22 -44.53 -7.75
N MET A 78 -11.02 -44.05 -6.53
CA MET A 78 -9.94 -44.55 -5.70
C MET A 78 -10.17 -46.02 -5.38
N HIS A 79 -9.08 -46.79 -5.42
CA HIS A 79 -9.18 -48.19 -5.02
C HIS A 79 -9.39 -48.34 -3.52
N ALA A 80 -8.91 -47.37 -2.74
CA ALA A 80 -9.06 -47.38 -1.30
C ALA A 80 -9.70 -46.06 -0.84
N PRO A 81 -10.76 -46.14 -0.03
CA PRO A 81 -11.36 -44.92 0.50
C PRO A 81 -10.35 -44.03 1.22
N VAL A 82 -10.55 -42.72 1.10
CA VAL A 82 -9.61 -41.73 1.61
C VAL A 82 -10.39 -40.66 2.38
N LEU A 83 -9.77 -40.16 3.45
CA LEU A 83 -10.36 -39.11 4.26
C LEU A 83 -10.29 -37.77 3.53
N GLN A 84 -11.32 -36.95 3.70
CA GLN A 84 -11.31 -35.63 3.08
C GLN A 84 -10.33 -34.73 3.81
N PRO A 85 -9.31 -34.19 3.16
CA PRO A 85 -8.27 -33.45 3.88
C PRO A 85 -8.78 -32.22 4.61
N LEU A 86 -9.77 -31.51 4.06
CA LEU A 86 -10.20 -30.26 4.68
C LEU A 86 -10.96 -30.48 5.98
N PHE A 87 -11.72 -31.56 6.09
CA PHE A 87 -12.61 -31.79 7.21
C PHE A 87 -12.07 -32.83 8.17
N ILE A 88 -10.75 -32.98 8.23
CA ILE A 88 -10.14 -33.97 9.11
C ILE A 88 -10.58 -33.75 10.55
N ALA A 89 -10.49 -32.49 11.01
CA ALA A 89 -10.95 -32.18 12.36
C ALA A 89 -12.41 -32.61 12.55
N GLU A 90 -13.25 -32.30 11.57
CA GLU A 90 -14.64 -32.75 11.64
C GLU A 90 -14.70 -34.25 11.85
N ILE A 91 -13.94 -35.00 11.06
CA ILE A 91 -13.90 -36.45 11.21
C ILE A 91 -13.55 -36.81 12.64
N ARG A 92 -12.50 -36.20 13.18
CA ARG A 92 -12.10 -36.49 14.56
C ARG A 92 -13.27 -36.29 15.50
N ARG A 93 -13.95 -35.15 15.39
CA ARG A 93 -14.99 -34.82 16.33
C ARG A 93 -16.29 -35.55 16.03
N TRP A 94 -16.33 -36.36 14.96
CA TRP A 94 -17.39 -37.33 14.77
C TRP A 94 -17.04 -38.70 15.32
N LEU A 95 -15.76 -39.03 15.45
CA LEU A 95 -15.36 -40.31 16.00
C LEU A 95 -15.52 -40.36 17.51
N ARG A 96 -15.84 -39.24 18.14
CA ARG A 96 -15.85 -39.14 19.59
C ARG A 96 -17.25 -39.20 20.19
N VAL A 97 -18.30 -39.02 19.39
CA VAL A 97 -19.64 -38.84 19.92
C VAL A 97 -20.60 -39.94 19.51
N ILE A 98 -20.15 -40.92 18.73
CA ILE A 98 -21.02 -42.03 18.34
C ILE A 98 -20.32 -43.35 18.66
N CYS A 99 -21.13 -44.40 18.78
CA CYS A 99 -20.61 -45.72 19.10
C CYS A 99 -20.10 -46.39 17.82
N LEU A 100 -18.88 -46.92 17.88
CA LEU A 100 -18.22 -47.48 16.72
C LEU A 100 -18.83 -48.79 16.25
N ASN A 101 -19.74 -49.38 17.02
CA ASN A 101 -20.30 -50.68 16.68
C ASN A 101 -21.74 -50.64 16.19
N CYS A 102 -22.52 -49.63 16.58
CA CYS A 102 -23.93 -49.61 16.21
C CYS A 102 -24.31 -48.32 15.49
N GLY A 103 -23.66 -47.21 15.84
CA GLY A 103 -23.95 -45.93 15.26
C GLY A 103 -24.84 -45.03 16.08
N ALA A 104 -25.57 -45.59 17.05
CA ALA A 104 -26.36 -44.77 17.95
C ALA A 104 -25.44 -43.94 18.84
N PRO A 105 -25.81 -42.71 19.16
CA PRO A 105 -24.90 -41.83 19.91
C PRO A 105 -24.66 -42.33 21.32
N ILE A 106 -23.47 -42.05 21.84
CA ILE A 106 -23.16 -42.42 23.21
C ILE A 106 -23.56 -41.34 24.21
N VAL A 107 -23.40 -40.06 23.83
CA VAL A 107 -23.77 -38.96 24.70
C VAL A 107 -25.28 -38.82 24.71
N ASP A 108 -25.81 -38.02 25.64
CA ASP A 108 -27.25 -37.81 25.70
C ASP A 108 -27.66 -36.76 24.68
N LEU A 109 -28.60 -37.14 23.81
CA LEU A 109 -29.05 -36.23 22.76
C LEU A 109 -29.82 -35.05 23.32
N LYS A 110 -30.49 -35.23 24.46
CA LYS A 110 -31.33 -34.20 25.06
C LYS A 110 -30.61 -33.42 26.14
N ARG A 111 -29.31 -33.20 25.96
CA ARG A 111 -28.51 -32.34 26.83
C ARG A 111 -27.89 -31.17 26.11
N TYR A 112 -27.45 -31.35 24.87
CA TYR A 112 -26.83 -30.30 24.09
C TYR A 112 -27.80 -29.57 23.18
N GLU A 113 -29.09 -29.92 23.23
CA GLU A 113 -30.07 -29.39 22.29
C GLU A 113 -30.48 -27.96 22.59
N HIS A 114 -30.16 -27.44 23.78
CA HIS A 114 -30.56 -26.09 24.14
C HIS A 114 -29.60 -25.03 23.61
N LEU A 115 -28.53 -25.45 22.92
CA LEU A 115 -27.55 -24.53 22.36
C LEU A 115 -27.80 -24.37 20.86
N ILE A 116 -27.16 -23.38 20.27
CA ILE A 116 -27.33 -23.11 18.86
C ILE A 116 -26.67 -24.21 18.04
N ARG A 117 -27.22 -24.47 16.86
CA ARG A 117 -26.84 -25.65 16.09
C ARG A 117 -25.36 -25.71 15.72
N PRO A 118 -24.72 -24.63 15.25
CA PRO A 118 -23.32 -24.79 14.79
C PRO A 118 -22.32 -24.98 15.92
N LYS A 119 -22.79 -25.20 17.14
CA LYS A 119 -21.90 -25.34 18.29
C LYS A 119 -22.05 -26.65 19.04
N ARG A 120 -23.26 -27.23 19.07
CA ARG A 120 -23.50 -28.33 20.00
C ARG A 120 -22.72 -29.58 19.61
N LEU A 121 -22.39 -29.73 18.32
CA LEU A 121 -21.57 -30.86 17.89
C LEU A 121 -20.17 -30.76 18.49
N ILE A 122 -19.57 -29.58 18.44
CA ILE A 122 -18.26 -29.36 19.02
C ILE A 122 -18.30 -29.52 20.54
N GLU A 123 -19.38 -29.03 21.17
CA GLU A 123 -19.53 -29.17 22.62
C GLU A 123 -19.62 -30.64 23.02
N ALA A 124 -20.40 -31.44 22.29
CA ALA A 124 -20.49 -32.85 22.56
C ALA A 124 -19.15 -33.55 22.36
N ALA A 125 -18.41 -33.19 21.31
CA ALA A 125 -17.09 -33.73 21.11
C ALA A 125 -16.08 -33.27 22.16
N SER A 126 -16.39 -32.19 22.88
CA SER A 126 -15.47 -31.70 23.90
C SER A 126 -15.43 -32.61 25.12
N SER A 127 -16.59 -33.07 25.58
CA SER A 127 -16.65 -33.90 26.77
C SER A 127 -15.93 -35.22 26.54
N GLN A 128 -15.24 -35.71 27.57
CA GLN A 128 -14.52 -36.96 27.45
C GLN A 128 -15.50 -38.11 27.26
N THR A 129 -15.14 -39.03 26.35
CA THR A 129 -15.99 -40.17 26.05
C THR A 129 -15.29 -41.51 26.15
N GLU A 130 -13.97 -41.54 26.30
CA GLU A 130 -13.27 -42.81 26.45
C GLU A 130 -13.62 -43.43 27.80
N GLY A 131 -13.91 -44.73 27.78
CA GLY A 131 -14.39 -45.44 28.94
C GLY A 131 -15.90 -45.55 29.03
N LYS A 132 -16.64 -44.71 28.31
CA LYS A 132 -18.10 -44.79 28.33
C LYS A 132 -18.56 -46.01 27.54
N GLN A 133 -19.75 -46.50 27.88
CA GLN A 133 -20.31 -47.68 27.26
C GLN A 133 -21.61 -47.34 26.55
N CYS A 134 -21.89 -48.09 25.49
CA CYS A 134 -23.11 -47.90 24.73
C CYS A 134 -24.31 -48.42 25.51
N TYR A 135 -25.50 -48.12 25.00
CA TYR A 135 -26.74 -48.54 25.63
C TYR A 135 -27.54 -49.55 24.82
N VAL A 136 -27.49 -49.49 23.49
CA VAL A 136 -28.20 -50.46 22.66
C VAL A 136 -27.35 -51.69 22.35
N CYS A 137 -26.03 -51.55 22.26
CA CYS A 137 -25.14 -52.67 22.01
C CYS A 137 -24.16 -52.92 23.15
N LYS A 138 -24.20 -52.11 24.21
CA LYS A 138 -23.42 -52.33 25.43
C LYS A 138 -21.92 -52.39 25.15
N ALA A 139 -21.47 -51.73 24.08
CA ALA A 139 -20.07 -51.73 23.71
C ALA A 139 -19.41 -50.48 24.27
N VAL A 140 -18.34 -50.67 25.04
CA VAL A 140 -17.63 -49.55 25.63
C VAL A 140 -16.96 -48.73 24.53
N HIS A 141 -17.18 -47.42 24.56
CA HIS A 141 -16.59 -46.55 23.55
C HIS A 141 -15.11 -46.36 23.83
N PRO A 142 -14.23 -46.71 22.91
CA PRO A 142 -12.79 -46.57 23.15
C PRO A 142 -12.33 -45.14 22.91
N LYS A 143 -11.06 -44.90 23.22
CA LYS A 143 -10.45 -43.59 23.00
C LYS A 143 -10.12 -43.42 21.52
N ILE A 144 -10.26 -42.20 21.03
CA ILE A 144 -9.86 -41.83 19.68
C ILE A 144 -8.65 -40.91 19.82
N VAL A 145 -7.48 -41.37 19.40
CA VAL A 145 -6.24 -40.60 19.53
C VAL A 145 -5.74 -40.24 18.13
N LYS A 146 -5.52 -38.96 17.91
CA LYS A 146 -5.00 -38.48 16.63
C LYS A 146 -3.50 -38.68 16.56
N ASP A 147 -3.03 -39.18 15.43
CA ASP A 147 -1.61 -39.42 15.24
C ASP A 147 -0.85 -38.11 15.11
N SER A 148 0.43 -38.15 15.48
CA SER A 148 1.30 -36.99 15.39
C SER A 148 2.34 -37.11 14.29
N GLU A 149 2.35 -38.22 13.55
CA GLU A 149 3.25 -38.38 12.41
C GLU A 149 2.65 -37.87 11.10
N ASP A 150 1.39 -37.46 11.11
CA ASP A 150 0.72 -37.00 9.90
C ASP A 150 -0.46 -36.11 10.31
N TYR A 151 -1.38 -35.89 9.38
CA TYR A 151 -2.52 -35.01 9.63
C TYR A 151 -3.86 -35.75 9.58
N PHE A 152 -3.87 -37.05 9.31
CA PHE A 152 -5.14 -37.72 9.03
C PHE A 152 -5.39 -39.03 9.76
N THR A 153 -4.38 -39.81 10.13
CA THR A 153 -4.63 -41.14 10.65
C THR A 153 -5.02 -41.08 12.11
N PHE A 154 -6.06 -41.81 12.47
CA PHE A 154 -6.53 -41.92 13.84
C PHE A 154 -6.29 -43.33 14.36
N TRP A 155 -6.15 -43.44 15.68
CA TRP A 155 -5.99 -44.72 16.34
C TRP A 155 -7.12 -44.92 17.33
N ALA A 156 -7.67 -46.12 17.32
CA ALA A 156 -8.64 -46.54 18.34
C ALA A 156 -7.88 -47.21 19.48
N ASP A 157 -8.09 -46.71 20.70
CA ASP A 157 -7.40 -47.17 21.90
C ASP A 157 -8.44 -47.75 22.84
N GLN A 158 -8.59 -49.08 22.81
CA GLN A 158 -9.50 -49.80 23.70
C GLN A 158 -8.70 -50.29 24.90
N GLN A 159 -8.54 -49.41 25.89
CA GLN A 159 -7.88 -49.73 27.16
C GLN A 159 -6.48 -50.31 26.94
N GLY A 160 -5.75 -49.77 25.98
CA GLY A 160 -4.43 -50.25 25.62
C GLY A 160 -4.38 -50.99 24.30
N LYS A 161 -5.51 -51.50 23.80
CA LYS A 161 -5.55 -52.11 22.48
C LYS A 161 -5.52 -51.02 21.41
N ILE A 162 -4.39 -50.92 20.71
CA ILE A 162 -4.16 -49.85 19.74
C ILE A 162 -4.40 -50.39 18.35
N ASP A 163 -5.36 -49.79 17.64
CA ASP A 163 -5.69 -50.16 16.27
C ASP A 163 -5.67 -48.91 15.41
N LYS A 164 -5.47 -49.10 14.11
CA LYS A 164 -5.37 -47.99 13.17
C LYS A 164 -6.67 -47.89 12.38
N LEU A 165 -7.36 -46.75 12.51
CA LEU A 165 -8.67 -46.58 11.87
C LEU A 165 -8.46 -46.19 10.42
N TYR A 166 -8.47 -47.19 9.55
CA TYR A 166 -8.39 -46.94 8.12
C TYR A 166 -9.69 -46.35 7.61
N PRO A 167 -9.63 -45.52 6.57
CA PRO A 167 -10.85 -44.84 6.10
C PRO A 167 -11.95 -45.78 5.68
N GLN A 168 -11.64 -47.01 5.27
CA GLN A 168 -12.70 -47.97 5.00
C GLN A 168 -13.46 -48.28 6.29
N ILE A 169 -12.72 -48.47 7.39
CA ILE A 169 -13.36 -48.69 8.68
C ILE A 169 -14.13 -47.45 9.13
N ILE A 170 -13.59 -46.27 8.86
CA ILE A 170 -14.28 -45.04 9.25
C ILE A 170 -15.58 -44.88 8.47
N ARG A 171 -15.56 -45.16 7.16
CA ARG A 171 -16.80 -45.13 6.40
C ARG A 171 -17.81 -46.13 6.93
N GLU A 172 -17.35 -47.34 7.28
CA GLU A 172 -18.28 -48.31 7.84
C GLU A 172 -18.87 -47.83 9.16
N ILE A 173 -18.05 -47.20 10.01
CA ILE A 173 -18.54 -46.67 11.27
C ILE A 173 -19.58 -45.57 11.02
N PHE A 174 -19.28 -44.66 10.09
CA PHE A 174 -20.15 -43.53 9.85
C PHE A 174 -21.41 -43.90 9.08
N SER A 175 -21.41 -45.02 8.36
CA SER A 175 -22.59 -45.41 7.60
C SER A 175 -23.75 -45.81 8.49
N ARG A 176 -23.48 -46.19 9.74
CA ARG A 176 -24.52 -46.60 10.67
C ARG A 176 -25.07 -45.46 11.50
N VAL A 177 -24.63 -44.23 11.26
CA VAL A 177 -25.15 -43.08 11.99
C VAL A 177 -26.46 -42.66 11.34
N THR A 178 -27.53 -42.68 12.12
CA THR A 178 -28.85 -42.34 11.58
C THR A 178 -28.98 -40.84 11.40
N TYR A 179 -29.89 -40.46 10.49
CA TYR A 179 -30.05 -39.05 10.16
C TYR A 179 -30.56 -38.24 11.34
N ASP A 180 -31.41 -38.83 12.18
CA ASP A 180 -31.91 -38.11 13.35
C ASP A 180 -30.78 -37.77 14.31
N THR A 181 -29.78 -38.64 14.44
CA THR A 181 -28.61 -38.32 15.25
C THR A 181 -27.90 -37.08 14.74
N VAL A 182 -27.79 -36.94 13.42
CA VAL A 182 -27.14 -35.77 12.84
C VAL A 182 -27.99 -34.52 13.01
N VAL A 183 -29.30 -34.63 12.75
CA VAL A 183 -30.17 -33.47 12.83
C VAL A 183 -30.26 -32.96 14.25
N LYS A 184 -30.52 -33.85 15.22
CA LYS A 184 -30.78 -33.45 16.59
C LYS A 184 -29.51 -33.26 17.40
N LEU A 185 -28.34 -33.22 16.77
CA LEU A 185 -27.14 -32.90 17.53
C LEU A 185 -26.26 -31.93 16.73
N GLY A 186 -26.90 -31.09 15.90
CA GLY A 186 -26.26 -29.89 15.40
C GLY A 186 -26.14 -29.74 13.90
N ARG A 187 -25.82 -30.81 13.20
CA ARG A 187 -25.52 -30.70 11.79
C ARG A 187 -26.79 -30.83 10.95
N SER A 188 -26.65 -30.61 9.65
CA SER A 188 -27.76 -30.67 8.73
C SER A 188 -27.82 -32.03 8.05
N LYS A 189 -28.88 -32.25 7.26
CA LYS A 189 -29.01 -33.50 6.54
C LYS A 189 -28.00 -33.62 5.41
N ASN A 190 -27.41 -32.51 4.98
CA ASN A 190 -26.37 -32.52 3.95
C ASN A 190 -24.97 -32.68 4.52
N SER A 191 -24.83 -32.71 5.84
CA SER A 191 -23.54 -32.83 6.50
C SER A 191 -23.42 -34.17 7.22
N HIS A 192 -24.04 -35.21 6.65
CA HIS A 192 -23.92 -36.54 7.21
C HIS A 192 -22.46 -36.96 7.23
N PRO A 193 -21.98 -37.57 8.32
CA PRO A 193 -20.53 -37.84 8.44
C PRO A 193 -19.99 -38.76 7.37
N GLU A 194 -20.81 -39.62 6.76
CA GLU A 194 -20.30 -40.54 5.76
C GLU A 194 -19.68 -39.82 4.57
N LYS A 195 -20.09 -38.58 4.31
CA LYS A 195 -19.53 -37.81 3.20
C LYS A 195 -18.08 -37.43 3.45
N LEU A 196 -17.56 -37.68 4.64
CA LEU A 196 -16.21 -37.29 4.97
C LEU A 196 -15.16 -38.29 4.49
N VAL A 197 -15.57 -39.44 3.96
CA VAL A 197 -14.65 -40.45 3.45
C VAL A 197 -14.99 -40.67 1.97
N LEU A 198 -13.98 -40.61 1.12
CA LEU A 198 -14.17 -40.55 -0.33
C LEU A 198 -13.59 -41.78 -1.00
N LYS A 199 -14.39 -42.41 -1.86
CA LYS A 199 -13.91 -43.43 -2.76
C LYS A 199 -13.74 -42.93 -4.19
N ALA A 200 -14.49 -41.90 -4.58
CA ALA A 200 -14.36 -41.28 -5.90
C ALA A 200 -13.99 -39.82 -5.69
N ILE A 201 -12.75 -39.47 -6.00
CA ILE A 201 -12.32 -38.10 -5.88
C ILE A 201 -12.57 -37.37 -7.20
N GLN A 202 -12.52 -36.04 -7.13
CA GLN A 202 -12.71 -35.19 -8.30
C GLN A 202 -11.35 -34.71 -8.79
N ILE A 203 -11.05 -35.02 -10.05
CA ILE A 203 -9.91 -34.44 -10.75
C ILE A 203 -10.38 -33.10 -11.31
N PRO A 204 -9.77 -31.99 -10.92
CA PRO A 204 -10.27 -30.67 -11.30
C PRO A 204 -10.12 -30.45 -12.79
N PRO A 205 -10.93 -29.57 -13.37
CA PRO A 205 -10.85 -29.33 -14.81
C PRO A 205 -9.50 -28.76 -15.21
N ILE A 206 -9.13 -29.03 -16.47
CA ILE A 206 -7.82 -28.61 -16.95
C ILE A 206 -7.68 -27.10 -16.97
N SER A 207 -8.80 -26.37 -17.05
CA SER A 207 -8.74 -24.91 -17.00
C SER A 207 -8.14 -24.41 -15.70
N ILE A 208 -8.16 -25.23 -14.65
CA ILE A 208 -7.58 -24.86 -13.36
C ILE A 208 -6.09 -25.19 -13.33
N ARG A 209 -5.66 -26.12 -14.17
CA ARG A 209 -4.27 -26.57 -14.20
C ARG A 209 -3.78 -26.59 -15.63
N PRO A 210 -3.68 -25.43 -16.28
CA PRO A 210 -3.13 -25.40 -17.64
C PRO A 210 -1.62 -25.55 -17.59
N GLY A 211 -0.93 -25.40 -18.71
CA GLY A 211 0.49 -25.59 -18.70
C GLY A 211 0.81 -27.07 -18.68
N ILE A 212 0.19 -27.79 -19.61
CA ILE A 212 0.31 -29.23 -19.74
C ILE A 212 1.77 -29.67 -19.90
N HIS A 224 1.42 -27.25 -15.23
CA HIS A 224 1.87 -26.79 -13.93
C HIS A 224 2.57 -27.90 -13.15
N ASP A 225 2.70 -27.71 -11.83
CA ASP A 225 3.17 -28.76 -10.94
C ASP A 225 2.04 -29.52 -10.28
N ILE A 226 0.82 -28.98 -10.29
CA ILE A 226 -0.33 -29.71 -9.78
C ILE A 226 -0.58 -30.94 -10.64
N ASN A 227 -0.33 -30.83 -11.95
CA ASN A 227 -0.51 -31.96 -12.84
C ASN A 227 0.40 -33.12 -12.47
N ASN A 228 1.52 -32.84 -11.81
CA ASN A 228 2.39 -33.92 -11.34
C ASN A 228 1.76 -34.65 -10.15
N VAL A 229 1.18 -33.91 -9.20
CA VAL A 229 0.57 -34.54 -8.05
C VAL A 229 -0.64 -35.36 -8.48
N ILE A 230 -1.38 -34.89 -9.48
CA ILE A 230 -2.50 -35.66 -10.01
C ILE A 230 -1.99 -36.88 -10.76
N GLN A 231 -0.90 -36.73 -11.51
CA GLN A 231 -0.33 -37.87 -12.23
C GLN A 231 0.24 -38.90 -11.26
N TYR A 232 0.96 -38.45 -10.23
CA TYR A 232 1.51 -39.39 -9.25
C TYR A 232 0.40 -40.11 -8.50
N LEU A 233 -0.67 -39.40 -8.19
CA LEU A 233 -1.77 -39.99 -7.45
C LEU A 233 -2.47 -41.08 -8.25
N VAL A 234 -2.60 -40.89 -9.56
CA VAL A 234 -3.25 -41.89 -10.40
C VAL A 234 -2.37 -43.13 -10.51
N ARG A 235 -1.05 -42.95 -10.58
CA ARG A 235 -0.15 -44.09 -10.74
C ARG A 235 -0.17 -44.98 -9.50
N LYS A 236 0.01 -44.40 -8.31
CA LYS A 236 0.01 -45.20 -7.09
C LYS A 236 -1.37 -45.71 -6.72
N ASN A 237 -2.44 -45.12 -7.27
CA ASN A 237 -3.75 -45.72 -7.13
C ASN A 237 -3.82 -47.09 -7.80
N LEU A 238 -3.23 -47.21 -8.99
CA LEU A 238 -3.30 -48.45 -9.74
C LEU A 238 -2.58 -49.61 -9.04
N LEU A 239 -1.62 -49.30 -8.18
CA LEU A 239 -0.90 -50.34 -7.45
C LEU A 239 -1.79 -51.02 -6.41
N ILE A 240 -2.70 -50.27 -5.80
CA ILE A 240 -3.56 -50.82 -4.75
C ILE A 240 -4.48 -51.87 -5.35
N PRO A 241 -4.75 -52.98 -4.65
CA PRO A 241 -5.68 -53.98 -5.18
C PRO A 241 -7.06 -53.39 -5.42
N LYS A 242 -7.70 -53.88 -6.48
CA LYS A 242 -8.99 -53.33 -6.90
C LYS A 242 -10.08 -53.57 -5.87
N ASP A 243 -10.11 -54.75 -5.24
CA ASP A 243 -11.12 -55.04 -4.24
C ASP A 243 -10.51 -55.33 -2.88
N LEU A 244 -9.56 -54.50 -2.45
CA LEU A 244 -9.00 -54.63 -1.12
C LEU A 244 -10.08 -54.38 -0.08
N GLN A 245 -10.17 -55.27 0.91
CA GLN A 245 -11.13 -55.14 1.98
C GLN A 245 -10.40 -55.09 3.31
N ILE A 246 -10.85 -54.19 4.18
CA ILE A 246 -10.23 -53.96 5.48
C ILE A 246 -11.28 -54.16 6.56
N VAL A 247 -10.95 -54.98 7.55
CA VAL A 247 -11.82 -55.19 8.71
C VAL A 247 -11.06 -54.72 9.94
N ARG A 248 -11.80 -54.55 11.04
CA ARG A 248 -11.23 -54.00 12.26
C ARG A 248 -10.13 -54.91 12.80
N GLY A 249 -8.98 -54.31 13.10
CA GLY A 249 -7.88 -55.05 13.70
C GLY A 249 -7.22 -56.08 12.81
N GLN A 250 -7.55 -56.12 11.53
CA GLN A 250 -7.02 -57.13 10.63
C GLN A 250 -5.56 -56.82 10.28
N LYS A 251 -4.78 -57.88 10.11
CA LYS A 251 -3.39 -57.72 9.70
C LYS A 251 -3.33 -57.37 8.21
N ILE A 252 -2.41 -56.47 7.87
CA ILE A 252 -2.16 -56.12 6.47
C ILE A 252 -0.66 -56.04 6.23
N PRO A 253 -0.24 -56.38 5.01
CA PRO A 253 1.19 -56.28 4.70
C PRO A 253 1.67 -54.83 4.77
N LEU A 254 2.93 -54.67 5.15
CA LEU A 254 3.48 -53.33 5.31
C LEU A 254 3.64 -52.60 3.97
N ASN A 255 3.78 -53.31 2.86
CA ASN A 255 3.82 -52.64 1.57
C ASN A 255 2.48 -52.00 1.24
N ILE A 256 1.38 -52.69 1.54
CA ILE A 256 0.06 -52.10 1.38
C ILE A 256 -0.12 -50.91 2.32
N ASP A 257 0.36 -51.06 3.56
CA ASP A 257 0.26 -49.95 4.52
C ASP A 257 1.01 -48.72 4.01
N ARG A 258 2.14 -48.93 3.35
CA ARG A 258 2.84 -47.81 2.72
C ARG A 258 2.03 -47.21 1.59
N ASN A 259 1.44 -48.06 0.74
CA ASN A 259 0.66 -47.56 -0.39
C ASN A 259 -0.59 -46.83 0.07
N LEU A 260 -1.25 -47.34 1.11
CA LEU A 260 -2.45 -46.68 1.63
C LEU A 260 -2.10 -45.29 2.17
N GLN A 261 -0.98 -45.20 2.91
CA GLN A 261 -0.58 -43.90 3.44
C GLN A 261 0.03 -43.01 2.38
N THR A 262 0.50 -43.59 1.26
CA THR A 262 1.06 -42.78 0.20
C THR A 262 -0.02 -42.05 -0.60
N ILE A 263 -1.12 -42.73 -0.92
CA ILE A 263 -2.20 -42.07 -1.66
C ILE A 263 -2.91 -41.04 -0.79
N GLN A 264 -3.10 -41.35 0.49
CA GLN A 264 -3.70 -40.38 1.41
C GLN A 264 -2.81 -39.16 1.58
N GLN A 265 -1.49 -39.36 1.68
CA GLN A 265 -0.58 -38.22 1.77
C GLN A 265 -0.57 -37.42 0.47
N LEU A 266 -0.59 -38.10 -0.67
CA LEU A 266 -0.65 -37.39 -1.94
C LEU A 266 -1.93 -36.58 -2.07
N TYR A 267 -3.07 -37.14 -1.66
CA TYR A 267 -4.32 -36.39 -1.70
C TYR A 267 -4.32 -35.23 -0.70
N TYR A 268 -3.82 -35.45 0.51
CA TYR A 268 -3.75 -34.37 1.47
C TYR A 268 -2.85 -33.25 0.98
N ASN A 269 -1.72 -33.59 0.37
CA ASN A 269 -0.83 -32.58 -0.18
C ASN A 269 -1.36 -31.97 -1.47
N PHE A 270 -2.23 -32.68 -2.18
CA PHE A 270 -2.83 -32.10 -3.38
C PHE A 270 -3.73 -30.93 -3.03
N LEU A 271 -4.28 -30.93 -1.81
CA LEU A 271 -5.21 -29.89 -1.39
C LEU A 271 -4.59 -28.92 -0.40
N LEU A 272 -3.92 -29.42 0.64
CA LEU A 272 -3.57 -28.59 1.79
C LEU A 272 -2.08 -28.54 2.05
N ASP A 273 -1.24 -28.80 1.05
CA ASP A 273 0.19 -28.77 1.26
C ASP A 273 0.66 -27.33 1.44
N SER A 274 1.17 -27.02 2.62
CA SER A 274 1.75 -25.71 2.92
C SER A 274 0.75 -24.59 2.66
N VAL A 275 -0.34 -24.63 3.42
CA VAL A 275 -1.34 -23.57 3.36
C VAL A 275 -1.06 -22.55 4.44
N PRO A 297 2.79 -26.54 -4.23
CA PRO A 297 1.76 -26.83 -5.22
C PRO A 297 0.49 -27.40 -4.60
N SER A 298 -0.39 -26.53 -4.10
CA SER A 298 -1.63 -26.94 -3.47
C SER A 298 -2.80 -26.22 -4.13
N ILE A 299 -3.95 -26.88 -4.11
CA ILE A 299 -5.17 -26.23 -4.58
C ILE A 299 -5.58 -25.12 -3.63
N MET A 300 -5.41 -25.31 -2.32
CA MET A 300 -5.84 -24.34 -1.33
C MET A 300 -4.76 -23.31 -0.98
N ARG A 301 -3.54 -23.48 -1.46
CA ARG A 301 -2.50 -22.50 -1.24
C ARG A 301 -2.62 -21.32 -2.19
N ARG A 302 -3.45 -21.45 -3.23
CA ARG A 302 -3.64 -20.39 -4.21
C ARG A 302 -4.47 -19.22 -3.69
N LEU A 303 -5.27 -19.45 -2.65
CA LEU A 303 -6.24 -18.50 -2.13
C LEU A 303 -5.71 -17.44 -1.17
N PRO A 304 -4.92 -17.81 -0.13
CA PRO A 304 -4.82 -16.93 1.06
C PRO A 304 -4.23 -15.54 0.89
N ARG A 305 -3.01 -15.40 0.42
CA ARG A 305 -2.24 -14.20 0.70
C ARG A 305 -2.64 -13.04 -0.22
N LYS A 306 -1.88 -11.94 -0.13
CA LYS A 306 -2.14 -10.77 -0.96
C LYS A 306 -1.98 -11.07 -2.44
N GLU A 307 -1.07 -11.97 -2.78
CA GLU A 307 -0.88 -12.44 -4.15
C GLU A 307 -1.77 -13.63 -4.48
N GLY A 308 -2.70 -13.98 -3.59
CA GLY A 308 -3.53 -15.14 -3.77
C GLY A 308 -4.67 -14.90 -4.74
N ARG A 309 -5.51 -15.93 -4.87
CA ARG A 309 -6.60 -15.87 -5.85
C ARG A 309 -7.56 -14.74 -5.55
N ILE A 310 -7.94 -14.57 -4.28
CA ILE A 310 -9.02 -13.65 -3.95
C ILE A 310 -8.56 -12.21 -4.07
N ARG A 311 -7.46 -11.86 -3.42
CA ARG A 311 -7.05 -10.47 -3.38
C ARG A 311 -6.43 -10.00 -4.69
N LYS A 312 -5.66 -10.86 -5.35
CA LYS A 312 -4.97 -10.43 -6.56
C LYS A 312 -5.82 -10.60 -7.82
N SER A 313 -6.51 -11.73 -7.96
CA SER A 313 -7.25 -12.01 -9.18
C SER A 313 -8.71 -11.62 -9.11
N LEU A 314 -9.33 -11.69 -7.95
CA LEU A 314 -10.76 -11.41 -7.84
C LEU A 314 -11.05 -10.00 -7.37
N LEU A 315 -10.33 -9.53 -6.36
CA LEU A 315 -10.51 -8.19 -5.83
C LEU A 315 -9.74 -7.14 -6.62
N GLY A 316 -8.77 -7.54 -7.44
CA GLY A 316 -8.08 -6.66 -8.34
C GLY A 316 -8.25 -7.11 -9.78
N SER A 317 -7.50 -6.48 -10.67
CA SER A 317 -7.58 -6.82 -12.08
C SER A 317 -6.37 -6.28 -12.83
N GLN A 318 -6.00 -6.98 -13.90
CA GLN A 318 -5.17 -6.41 -14.95
C GLN A 318 -6.10 -6.05 -16.10
N VAL A 319 -5.94 -4.85 -16.65
CA VAL A 319 -6.90 -4.36 -17.63
C VAL A 319 -6.18 -3.92 -18.88
N TRP A 320 -6.92 -3.91 -19.99
CA TRP A 320 -6.47 -3.39 -21.27
C TRP A 320 -6.86 -1.93 -21.41
N SER A 321 -6.50 -1.33 -22.55
CA SER A 321 -6.92 0.02 -22.92
C SER A 321 -6.59 1.02 -21.81
N ILE A 322 -5.35 1.00 -21.35
CA ILE A 322 -4.91 1.83 -20.24
C ILE A 322 -3.49 2.29 -20.52
N SER A 323 -3.14 3.47 -20.00
CA SER A 323 -1.82 4.04 -20.22
C SER A 323 -1.28 4.57 -18.91
N ARG A 324 0.02 4.87 -18.90
CA ARG A 324 0.72 5.36 -17.73
C ARG A 324 1.90 6.19 -18.17
N SER A 325 2.17 7.28 -17.47
CA SER A 325 3.28 8.15 -17.83
C SER A 325 3.56 9.10 -16.67
N THR A 326 4.70 9.78 -16.76
CA THR A 326 5.06 10.79 -15.79
C THR A 326 4.17 12.01 -15.94
N ILE A 327 3.78 12.61 -14.82
CA ILE A 327 2.95 13.79 -14.86
C ILE A 327 3.82 15.03 -14.76
N CYS A 328 3.33 16.11 -15.37
CA CYS A 328 4.05 17.35 -15.56
C CYS A 328 3.04 18.47 -15.52
N GLY A 329 3.51 19.67 -15.23
CA GLY A 329 2.65 20.83 -15.08
C GLY A 329 2.39 21.56 -16.38
N ASN A 330 1.20 22.13 -16.49
CA ASN A 330 0.83 22.90 -17.66
C ASN A 330 -0.22 23.91 -17.20
N SER A 331 0.16 25.17 -17.11
CA SER A 331 -0.72 26.19 -16.57
C SER A 331 -1.76 26.65 -17.57
N ASP A 332 -1.70 26.20 -18.80
CA ASP A 332 -2.68 26.54 -19.82
C ASP A 332 -3.80 25.53 -19.92
N LEU A 333 -3.76 24.47 -19.11
CA LEU A 333 -4.84 23.52 -19.05
C LEU A 333 -5.81 23.90 -17.94
N HIS A 334 -7.11 23.76 -18.22
CA HIS A 334 -8.10 23.96 -17.20
C HIS A 334 -7.93 22.90 -16.11
N LEU A 335 -8.63 23.10 -14.99
CA LEU A 335 -8.47 22.17 -13.89
C LEU A 335 -9.06 20.80 -14.19
N ASP A 336 -10.09 20.73 -15.04
CA ASP A 336 -10.71 19.48 -15.44
C ASP A 336 -10.24 19.01 -16.81
N GLU A 337 -9.06 19.44 -17.23
CA GLU A 337 -8.44 18.99 -18.46
C GLU A 337 -7.14 18.26 -18.13
N VAL A 338 -6.78 17.32 -19.00
CA VAL A 338 -5.50 16.63 -18.93
C VAL A 338 -4.90 16.63 -20.32
N GLY A 339 -3.59 16.86 -20.40
CA GLY A 339 -2.89 16.84 -21.67
C GLY A 339 -2.47 15.42 -22.00
N TYR A 340 -2.85 14.97 -23.19
CA TYR A 340 -2.63 13.59 -23.60
C TYR A 340 -1.70 13.56 -24.80
N PRO A 341 -0.57 12.86 -24.71
CA PRO A 341 0.34 12.78 -25.86
C PRO A 341 -0.34 12.13 -27.07
N ILE A 342 0.02 12.61 -28.25
CA ILE A 342 -0.65 12.15 -29.46
C ILE A 342 -0.32 10.69 -29.75
N SER A 343 0.86 10.20 -29.34
CA SER A 343 1.19 8.79 -29.54
C SER A 343 0.24 7.90 -28.75
N PHE A 344 -0.15 8.33 -27.55
CA PHE A 344 -1.11 7.60 -26.74
C PHE A 344 -2.51 7.68 -27.33
N ALA A 345 -2.87 8.81 -27.94
CA ALA A 345 -4.21 8.97 -28.50
C ALA A 345 -4.46 8.05 -29.67
N ARG A 346 -3.41 7.62 -30.37
CA ARG A 346 -3.55 6.68 -31.46
C ARG A 346 -3.38 5.23 -31.02
N THR A 347 -3.03 5.00 -29.76
CA THR A 347 -3.05 3.65 -29.20
C THR A 347 -4.42 3.33 -28.61
N LEU A 348 -4.88 4.14 -27.67
CA LEU A 348 -6.20 3.96 -27.08
C LEU A 348 -7.27 4.45 -28.05
N GLN A 349 -8.42 3.79 -28.00
CA GLN A 349 -9.48 4.02 -28.98
C GLN A 349 -10.81 4.27 -28.26
N VAL A 350 -11.79 4.74 -29.03
CA VAL A 350 -13.15 4.93 -28.54
C VAL A 350 -14.10 4.32 -29.55
N ALA A 351 -14.95 3.40 -29.08
CA ALA A 351 -15.85 2.66 -29.95
C ALA A 351 -17.07 3.50 -30.30
N GLU A 352 -17.37 3.59 -31.59
CA GLU A 352 -18.49 4.38 -32.10
C GLU A 352 -19.36 3.49 -32.96
N THR A 353 -20.59 3.24 -32.53
CA THR A 353 -21.53 2.48 -33.33
C THR A 353 -22.07 3.37 -34.44
N VAL A 354 -21.96 2.93 -35.69
CA VAL A 354 -22.36 3.75 -36.82
C VAL A 354 -23.88 3.77 -36.90
N GLN A 355 -24.46 4.97 -36.90
CA GLN A 355 -25.89 5.16 -37.04
C GLN A 355 -26.12 6.31 -38.02
N HIS A 356 -27.39 6.60 -38.29
CA HIS A 356 -27.69 7.63 -39.27
C HIS A 356 -27.31 9.02 -38.79
N TYR A 357 -27.20 9.23 -37.47
CA TYR A 357 -26.91 10.55 -36.94
C TYR A 357 -25.44 10.86 -36.82
N ASN A 358 -24.55 9.88 -37.01
CA ASN A 358 -23.12 10.12 -36.89
C ASN A 358 -22.32 9.54 -38.06
N ILE A 359 -22.98 9.20 -39.16
CA ILE A 359 -22.26 8.63 -40.29
C ILE A 359 -21.34 9.67 -40.92
N ASN A 360 -21.80 10.92 -41.00
CA ASN A 360 -20.99 11.97 -41.59
C ASN A 360 -19.83 12.36 -40.68
N ARG A 361 -20.04 12.35 -39.36
CA ARG A 361 -18.99 12.73 -38.44
C ARG A 361 -17.89 11.68 -38.38
N LEU A 362 -18.25 10.41 -38.51
CA LEU A 362 -17.27 9.33 -38.40
C LEU A 362 -16.53 9.06 -39.69
N MET A 363 -16.99 9.59 -40.81
CA MET A 363 -16.34 9.35 -42.09
C MET A 363 -14.91 9.90 -42.14
N PRO A 364 -14.63 11.13 -41.67
CA PRO A 364 -13.25 11.59 -41.68
C PRO A 364 -12.30 10.72 -40.87
N TYR A 365 -12.75 10.17 -39.75
CA TYR A 365 -11.91 9.23 -39.00
C TYR A 365 -11.63 7.98 -39.83
N PHE A 366 -12.66 7.47 -40.52
CA PHE A 366 -12.52 6.27 -41.31
C PHE A 366 -11.57 6.48 -42.49
N LEU A 367 -11.70 7.62 -43.18
CA LEU A 367 -10.86 7.89 -44.33
C LEU A 367 -9.40 8.11 -43.93
N ASN A 368 -9.17 8.72 -42.76
CA ASN A 368 -7.79 8.97 -42.33
C ASN A 368 -7.07 7.66 -42.02
N GLY A 369 -7.77 6.69 -41.42
CA GLY A 369 -7.15 5.42 -41.15
C GLY A 369 -6.08 5.53 -40.09
N LYS A 370 -4.99 4.77 -40.28
CA LYS A 370 -3.90 4.74 -39.32
C LYS A 370 -2.73 5.62 -39.74
N ARG A 371 -2.94 6.52 -40.69
CA ARG A 371 -1.86 7.33 -41.25
C ARG A 371 -2.03 8.83 -41.03
N GLN A 372 -3.25 9.34 -40.88
CA GLN A 372 -3.48 10.73 -40.57
C GLN A 372 -4.29 10.83 -39.28
N TYR A 373 -3.96 11.83 -38.47
CA TYR A 373 -4.67 12.06 -37.21
C TYR A 373 -5.75 13.11 -37.39
N PRO A 374 -6.93 12.94 -36.80
CA PRO A 374 -7.41 11.76 -36.05
C PRO A 374 -7.95 10.69 -37.00
N GLY A 375 -7.71 9.43 -36.70
CA GLY A 375 -8.15 8.37 -37.59
C GLY A 375 -8.91 7.28 -36.88
N CYS A 376 -8.54 6.04 -37.14
CA CYS A 376 -9.20 4.88 -36.56
C CYS A 376 -8.24 3.71 -36.64
N SER A 377 -8.64 2.60 -36.05
CA SER A 377 -7.78 1.43 -36.11
C SER A 377 -8.50 0.19 -36.61
N ARG A 378 -9.78 0.01 -36.26
CA ARG A 378 -10.49 -1.20 -36.60
C ARG A 378 -11.94 -0.85 -36.87
N VAL A 379 -12.62 -1.75 -37.60
CA VAL A 379 -14.05 -1.67 -37.82
C VAL A 379 -14.65 -3.03 -37.50
N TYR A 380 -15.73 -3.04 -36.74
CA TYR A 380 -16.46 -4.28 -36.45
C TYR A 380 -17.67 -4.34 -37.34
N LYS A 381 -17.65 -5.22 -38.34
CA LYS A 381 -18.79 -5.42 -39.21
C LYS A 381 -19.80 -6.35 -38.54
N GLN A 382 -21.04 -5.91 -38.44
CA GLN A 382 -22.07 -6.73 -37.82
C GLN A 382 -22.68 -7.75 -38.78
N ILE A 383 -22.59 -7.51 -40.09
CA ILE A 383 -23.12 -8.47 -41.06
C ILE A 383 -22.23 -9.69 -41.22
N THR A 384 -20.96 -9.61 -40.79
CA THR A 384 -20.10 -10.76 -40.71
C THR A 384 -19.70 -11.13 -39.29
N GLN A 385 -19.91 -10.22 -38.34
CA GLN A 385 -19.52 -10.41 -36.93
C GLN A 385 -18.02 -10.68 -36.82
N SER A 386 -17.24 -9.73 -37.32
CA SER A 386 -15.79 -9.82 -37.27
C SER A 386 -15.21 -8.41 -37.25
N VAL A 387 -13.97 -8.32 -36.77
CA VAL A 387 -13.27 -7.04 -36.65
C VAL A 387 -12.18 -7.00 -37.70
N HIS A 388 -12.18 -5.95 -38.52
CA HIS A 388 -11.23 -5.80 -39.61
C HIS A 388 -10.30 -4.63 -39.31
N ASP A 389 -9.00 -4.88 -39.37
CA ASP A 389 -8.04 -3.79 -39.25
C ASP A 389 -8.21 -2.84 -40.43
N ILE A 390 -7.93 -1.56 -40.18
CA ILE A 390 -8.28 -0.54 -41.16
C ILE A 390 -7.31 -0.48 -42.33
N GLU A 391 -6.07 -0.91 -42.16
CA GLU A 391 -5.11 -0.83 -43.26
C GLU A 391 -5.18 -2.06 -44.15
N GLY A 392 -5.18 -3.25 -43.57
CA GLY A 392 -5.39 -4.46 -44.34
C GLY A 392 -6.87 -4.69 -44.56
N LEU A 393 -7.54 -3.69 -45.13
CA LEU A 393 -8.98 -3.70 -45.29
C LEU A 393 -9.34 -3.65 -46.77
N LYS A 394 -10.54 -4.12 -47.08
CA LYS A 394 -10.99 -4.27 -48.45
C LYS A 394 -11.01 -2.93 -49.17
N GLN A 395 -11.15 -3.01 -50.50
CA GLN A 395 -11.31 -1.84 -51.35
C GLN A 395 -12.77 -1.57 -51.69
N ASP A 396 -13.64 -2.57 -51.55
CA ASP A 396 -15.07 -2.42 -51.75
C ASP A 396 -15.80 -2.30 -50.42
N PHE A 397 -15.18 -1.61 -49.46
CA PHE A 397 -15.64 -1.54 -48.09
C PHE A 397 -16.45 -0.28 -47.85
N ARG A 398 -17.47 -0.40 -47.00
CA ARG A 398 -18.33 0.72 -46.67
C ARG A 398 -18.69 0.64 -45.19
N LEU A 399 -19.07 1.79 -44.63
CA LEU A 399 -19.55 1.87 -43.25
C LEU A 399 -21.05 1.67 -43.26
N GLU A 400 -21.50 0.54 -42.74
CA GLU A 400 -22.93 0.26 -42.63
C GLU A 400 -23.47 0.72 -41.29
N VAL A 401 -24.76 1.02 -41.27
CA VAL A 401 -25.44 1.32 -40.01
C VAL A 401 -25.42 0.07 -39.15
N GLY A 402 -24.79 0.17 -37.99
CA GLY A 402 -24.64 -0.96 -37.08
C GLY A 402 -23.21 -1.42 -36.89
N ASP A 403 -22.27 -0.96 -37.70
CA ASP A 403 -20.87 -1.27 -37.47
C ASP A 403 -20.32 -0.43 -36.33
N ILE A 404 -19.21 -0.87 -35.78
CA ILE A 404 -18.56 -0.20 -34.65
C ILE A 404 -17.19 0.25 -35.12
N LEU A 405 -16.98 1.56 -35.20
CA LEU A 405 -15.70 2.12 -35.58
C LEU A 405 -14.88 2.43 -34.34
N TYR A 406 -13.65 1.93 -34.30
CA TYR A 406 -12.74 2.16 -33.19
C TYR A 406 -11.81 3.29 -33.59
N ARG A 407 -12.20 4.52 -33.28
CA ARG A 407 -11.50 5.71 -33.70
C ARG A 407 -10.52 6.17 -32.63
N ASP A 408 -9.73 7.18 -32.97
CA ASP A 408 -8.71 7.68 -32.07
C ASP A 408 -9.34 8.51 -30.95
N VAL A 409 -8.50 8.93 -30.02
CA VAL A 409 -8.90 9.81 -28.93
C VAL A 409 -8.65 11.25 -29.37
N VAL A 410 -9.66 12.10 -29.21
CA VAL A 410 -9.60 13.47 -29.67
C VAL A 410 -9.78 14.41 -28.48
N THR A 411 -9.58 15.70 -28.74
CA THR A 411 -9.77 16.70 -27.70
C THR A 411 -11.26 16.81 -27.38
N GLY A 412 -11.58 16.76 -26.09
CA GLY A 412 -12.95 16.74 -25.62
C GLY A 412 -13.41 15.40 -25.10
N ASP A 413 -12.69 14.33 -25.41
CA ASP A 413 -13.01 13.03 -24.83
C ASP A 413 -12.72 13.05 -23.34
N VAL A 414 -13.51 12.30 -22.60
CA VAL A 414 -13.31 12.19 -21.16
C VAL A 414 -12.34 11.04 -20.89
N ALA A 415 -11.68 11.10 -19.74
CA ALA A 415 -10.68 10.11 -19.39
C ALA A 415 -10.61 9.99 -17.88
N PHE A 416 -10.47 8.76 -17.39
CA PHE A 416 -10.24 8.54 -15.98
C PHE A 416 -8.77 8.69 -15.67
N PHE A 417 -8.48 9.48 -14.64
CA PHE A 417 -7.11 9.83 -14.26
C PHE A 417 -6.89 9.35 -12.85
N ASN A 418 -5.84 8.56 -12.64
CA ASN A 418 -5.66 7.84 -11.39
C ASN A 418 -4.23 7.98 -10.91
N ARG A 419 -4.07 8.37 -9.64
CA ARG A 419 -2.78 8.30 -8.97
C ARG A 419 -2.88 7.39 -7.76
N GLN A 420 -1.94 6.47 -7.63
CA GLN A 420 -1.86 5.45 -6.60
C GLN A 420 -0.86 5.85 -5.52
N PRO A 421 -1.12 5.54 -4.25
CA PRO A 421 -2.25 4.77 -3.71
C PRO A 421 -3.58 5.53 -3.73
N SER A 422 -4.65 4.87 -4.16
CA SER A 422 -5.96 5.48 -4.27
C SER A 422 -6.65 5.50 -2.92
N LEU A 423 -6.43 6.55 -2.14
CA LEU A 423 -6.83 6.58 -0.75
C LEU A 423 -8.15 7.31 -0.49
N GLU A 424 -8.60 8.14 -1.43
CA GLU A 424 -9.85 8.87 -1.30
C GLU A 424 -10.58 8.76 -2.62
N ARG A 425 -11.83 9.23 -2.66
CA ARG A 425 -12.56 9.05 -3.90
C ARG A 425 -12.31 10.16 -4.91
N SER A 426 -11.46 11.12 -4.60
CA SER A 426 -10.92 12.04 -5.59
C SER A 426 -9.65 11.51 -6.23
N SER A 427 -9.19 10.32 -5.82
CA SER A 427 -8.01 9.70 -6.41
C SER A 427 -8.25 9.18 -7.81
N ILE A 428 -9.51 9.00 -8.21
CA ILE A 428 -9.86 8.78 -9.60
C ILE A 428 -10.84 9.87 -9.98
N GLY A 429 -10.50 10.64 -11.01
CA GLY A 429 -11.39 11.67 -11.49
C GLY A 429 -11.37 11.68 -13.00
N VAL A 430 -12.41 12.26 -13.57
CA VAL A 430 -12.59 12.29 -15.02
C VAL A 430 -12.24 13.68 -15.51
N HIS A 431 -11.30 13.75 -16.45
CA HIS A 431 -10.83 14.96 -17.06
C HIS A 431 -11.19 14.96 -18.53
N ARG A 432 -11.38 16.16 -19.08
CA ARG A 432 -11.53 16.31 -20.52
C ARG A 432 -10.16 16.28 -21.17
N ILE A 433 -10.03 15.50 -22.22
CA ILE A 433 -8.73 15.24 -22.82
C ILE A 433 -8.35 16.38 -23.75
N VAL A 434 -7.12 16.84 -23.64
CA VAL A 434 -6.49 17.74 -24.60
C VAL A 434 -5.33 16.97 -25.21
N VAL A 435 -5.38 16.75 -26.52
CA VAL A 435 -4.34 15.96 -27.18
C VAL A 435 -3.17 16.88 -27.51
N LEU A 436 -1.99 16.51 -27.01
CA LEU A 436 -0.77 17.26 -27.27
C LEU A 436 -0.18 16.74 -28.57
N GLU A 437 -0.32 17.51 -29.63
CA GLU A 437 0.07 17.05 -30.95
C GLU A 437 1.55 17.25 -31.24
N ASN A 438 2.31 17.79 -30.30
CA ASN A 438 3.76 17.78 -30.38
C ASN A 438 4.27 16.36 -30.16
N PRO A 439 4.99 15.76 -31.10
CA PRO A 439 5.40 14.37 -30.94
C PRO A 439 6.52 14.15 -29.94
N LYS A 440 7.14 15.21 -29.43
CA LYS A 440 8.27 15.10 -28.54
C LYS A 440 7.87 15.12 -27.07
N ILE A 441 6.57 15.14 -26.78
CA ILE A 441 6.06 15.20 -25.42
C ILE A 441 5.45 13.85 -25.08
N SER A 442 5.92 13.24 -24.01
CA SER A 442 5.47 11.93 -23.59
C SER A 442 4.80 11.94 -22.22
N THR A 443 4.61 13.11 -21.63
CA THR A 443 4.12 13.23 -20.27
C THR A 443 2.63 13.52 -20.25
N PHE A 444 2.00 13.14 -19.16
CA PHE A 444 0.64 13.56 -18.86
C PHE A 444 0.71 14.94 -18.23
N GLN A 445 0.11 15.92 -18.87
CA GLN A 445 0.17 17.28 -18.38
C GLN A 445 -1.16 17.68 -17.77
N MET A 446 -1.09 18.36 -16.63
CA MET A 446 -2.28 18.81 -15.94
C MET A 446 -1.99 20.07 -15.16
N ASN A 447 -3.04 20.80 -14.83
CA ASN A 447 -2.91 22.06 -14.11
C ASN A 447 -2.43 21.79 -12.69
N VAL A 448 -1.67 22.73 -12.15
CA VAL A 448 -1.07 22.55 -10.83
C VAL A 448 -2.14 22.54 -9.74
N SER A 449 -3.27 23.22 -9.96
CA SER A 449 -4.33 23.23 -8.98
C SER A 449 -5.14 21.95 -8.96
N ALA A 450 -4.92 21.05 -9.91
CA ALA A 450 -5.57 19.76 -9.89
C ALA A 450 -4.81 18.72 -9.08
N CYS A 451 -3.58 19.03 -8.67
CA CYS A 451 -2.78 18.06 -7.94
C CYS A 451 -3.28 17.84 -6.52
N ALA A 452 -4.17 18.70 -6.03
CA ALA A 452 -4.72 18.52 -4.69
C ALA A 452 -5.66 17.33 -4.63
N TRP A 453 -6.29 16.99 -5.75
CA TRP A 453 -7.16 15.82 -5.80
C TRP A 453 -6.36 14.53 -5.60
N TYR A 454 -5.18 14.46 -6.20
CA TYR A 454 -4.38 13.24 -6.23
C TYR A 454 -3.22 13.26 -5.25
N ASN A 455 -3.04 14.34 -4.51
CA ASN A 455 -1.89 14.50 -3.61
C ASN A 455 -0.58 14.31 -4.36
N ALA A 456 -0.54 14.83 -5.58
CA ALA A 456 0.55 14.65 -6.52
C ALA A 456 1.42 15.89 -6.59
N ASP A 457 2.64 15.70 -7.06
CA ASP A 457 3.51 16.80 -7.45
C ASP A 457 4.31 16.33 -8.65
N PHE A 458 5.22 17.18 -9.12
CA PHE A 458 5.92 16.95 -10.37
C PHE A 458 7.40 16.66 -10.13
N ASP A 459 7.69 15.87 -9.09
CA ASP A 459 9.04 15.42 -8.84
C ASP A 459 9.32 14.04 -9.44
N GLY A 460 8.41 13.54 -10.26
CA GLY A 460 8.61 12.23 -10.87
C GLY A 460 7.46 11.28 -10.61
N ASP A 461 6.30 11.82 -10.25
CA ASP A 461 5.13 10.99 -10.02
C ASP A 461 4.58 10.47 -11.33
N GLN A 462 3.97 9.29 -11.28
CA GLN A 462 3.33 8.68 -12.42
C GLN A 462 1.86 8.47 -12.13
N MET A 463 1.04 8.56 -13.16
CA MET A 463 -0.39 8.50 -13.02
C MET A 463 -0.96 7.65 -14.15
N ASN A 464 -2.07 6.96 -13.86
CA ASN A 464 -2.73 6.11 -14.83
C ASN A 464 -3.83 6.87 -15.53
N LEU A 465 -4.08 6.50 -16.78
CA LEU A 465 -5.12 7.16 -17.55
C LEU A 465 -5.76 6.12 -18.47
N TRP A 466 -7.08 6.01 -18.42
CA TRP A 466 -7.79 5.21 -19.39
C TRP A 466 -8.96 5.99 -19.92
N VAL A 467 -9.25 5.81 -21.19
CA VAL A 467 -10.34 6.52 -21.88
C VAL A 467 -11.51 5.56 -22.01
N PRO A 468 -12.66 5.86 -21.42
CA PRO A 468 -13.83 5.00 -21.60
C PRO A 468 -14.24 4.90 -23.06
N TRP A 469 -14.34 3.67 -23.56
CA TRP A 469 -14.75 3.44 -24.93
C TRP A 469 -16.21 3.04 -25.07
N SER A 470 -16.79 2.44 -24.03
CA SER A 470 -18.19 2.08 -24.04
C SER A 470 -19.06 3.32 -23.87
N VAL A 471 -20.29 3.25 -24.35
CA VAL A 471 -21.20 4.39 -24.22
C VAL A 471 -21.66 4.56 -22.77
N MET A 472 -22.01 3.46 -22.10
CA MET A 472 -22.44 3.56 -20.71
C MET A 472 -21.33 4.02 -19.79
N SER A 473 -20.12 3.48 -19.97
CA SER A 473 -19.00 3.93 -19.16
C SER A 473 -18.64 5.37 -19.48
N ARG A 474 -18.92 5.82 -20.70
CA ARG A 474 -18.61 7.18 -21.13
C ARG A 474 -19.59 8.18 -20.55
N VAL A 475 -20.86 7.77 -20.38
CA VAL A 475 -21.87 8.66 -19.82
C VAL A 475 -21.61 8.91 -18.35
N GLU A 476 -21.33 7.86 -17.58
CA GLU A 476 -21.14 8.04 -16.16
C GLU A 476 -19.80 8.67 -15.81
N ALA A 477 -18.81 8.55 -16.70
CA ALA A 477 -17.59 9.31 -16.51
C ALA A 477 -17.87 10.80 -16.50
N GLU A 478 -18.69 11.25 -17.44
CA GLU A 478 -18.99 12.66 -17.59
C GLU A 478 -20.00 13.17 -16.57
N LEU A 479 -20.98 12.36 -16.19
CA LEU A 479 -22.02 12.80 -15.27
C LEU A 479 -21.72 12.52 -13.81
N LEU A 480 -21.07 11.41 -13.48
CA LEU A 480 -20.77 11.06 -12.11
C LEU A 480 -19.36 11.42 -11.68
N CYS A 481 -18.36 11.03 -12.45
CA CYS A 481 -16.99 10.99 -11.98
C CYS A 481 -16.17 12.20 -12.42
N SER A 482 -16.80 13.22 -12.99
CA SER A 482 -16.09 14.44 -13.32
C SER A 482 -15.48 15.05 -12.06
N VAL A 483 -14.29 15.65 -12.22
CA VAL A 483 -13.56 16.14 -11.07
C VAL A 483 -14.23 17.32 -10.38
N ARG A 484 -15.19 17.97 -11.02
CA ARG A 484 -15.95 19.01 -10.33
C ARG A 484 -16.72 18.45 -9.16
N ASN A 485 -17.00 17.14 -9.16
CA ASN A 485 -17.71 16.52 -8.07
C ASN A 485 -16.84 16.37 -6.82
N TRP A 486 -15.52 16.38 -6.99
CA TRP A 486 -14.60 16.24 -5.87
C TRP A 486 -13.99 17.58 -5.49
N PHE A 487 -14.56 18.69 -5.95
CA PHE A 487 -14.08 20.00 -5.54
C PHE A 487 -14.28 20.21 -4.04
N ILE A 488 -15.42 19.78 -3.52
CA ILE A 488 -15.66 19.77 -2.08
C ILE A 488 -15.26 18.41 -1.54
N SER A 489 -14.47 18.41 -0.48
CA SER A 489 -13.99 17.15 0.09
C SER A 489 -15.14 16.40 0.74
N THR A 490 -15.18 15.08 0.51
CA THR A 490 -16.11 14.24 1.23
C THR A 490 -15.63 13.99 2.65
N LYS A 491 -14.32 13.96 2.86
CA LYS A 491 -13.75 13.79 4.18
C LYS A 491 -14.06 14.98 5.09
N SER A 492 -13.79 16.19 4.61
CA SER A 492 -13.79 17.36 5.48
C SER A 492 -14.85 18.40 5.13
N SER A 493 -15.64 18.17 4.07
CA SER A 493 -16.74 19.03 3.67
C SER A 493 -16.29 20.40 3.16
N GLY A 494 -14.99 20.63 3.05
CA GLY A 494 -14.49 21.89 2.56
C GLY A 494 -13.85 21.77 1.20
N PRO A 495 -13.50 22.90 0.60
CA PRO A 495 -12.95 22.87 -0.76
C PRO A 495 -11.59 22.21 -0.82
N VAL A 496 -11.25 21.70 -2.00
CA VAL A 496 -10.00 20.98 -2.18
C VAL A 496 -9.02 21.84 -2.98
N ASN A 497 -9.53 22.58 -3.96
CA ASN A 497 -8.71 23.25 -4.94
C ASN A 497 -8.69 24.76 -4.72
N GLY A 498 -7.70 25.39 -5.34
CA GLY A 498 -7.44 26.80 -5.19
C GLY A 498 -6.08 27.11 -5.78
N GLN A 499 -5.56 28.28 -5.42
CA GLN A 499 -4.26 28.71 -5.91
C GLN A 499 -3.14 28.08 -5.10
N VAL A 500 -2.05 27.74 -5.78
CA VAL A 500 -0.87 27.15 -5.15
C VAL A 500 0.37 27.83 -5.69
N GLN A 501 1.09 28.51 -4.79
CA GLN A 501 2.49 28.90 -4.91
C GLN A 501 2.84 30.02 -5.87
N ASP A 502 2.06 30.25 -6.89
CA ASP A 502 2.41 31.29 -7.85
C ASP A 502 1.24 32.17 -8.14
N SER A 503 0.05 31.62 -8.07
CA SER A 503 -1.18 32.37 -8.09
C SER A 503 -1.59 32.79 -6.70
N THR A 504 -0.96 32.22 -5.66
CA THR A 504 -1.13 32.75 -4.31
C THR A 504 -0.26 33.97 -4.10
N VAL A 505 1.02 33.87 -4.47
CA VAL A 505 1.91 35.02 -4.36
C VAL A 505 1.70 35.98 -5.52
N GLY A 506 1.11 35.52 -6.62
CA GLY A 506 0.81 36.41 -7.71
C GLY A 506 -0.49 37.15 -7.57
N SER A 507 -1.46 36.56 -6.86
CA SER A 507 -2.69 37.27 -6.55
C SER A 507 -2.45 38.31 -5.47
N PHE A 508 -1.50 38.06 -4.59
CA PHE A 508 -1.09 39.07 -3.63
C PHE A 508 -0.49 40.27 -4.34
N LEU A 509 0.47 40.03 -5.23
CA LEU A 509 1.12 41.12 -5.93
C LEU A 509 0.13 41.89 -6.81
N LEU A 510 -0.79 41.20 -7.44
CA LEU A 510 -1.76 41.85 -8.32
C LEU A 510 -2.68 42.79 -7.54
N THR A 511 -3.19 42.33 -6.40
CA THR A 511 -4.13 43.10 -5.60
C THR A 511 -3.45 43.95 -4.54
N ARG A 512 -2.14 43.84 -4.42
CA ARG A 512 -1.35 44.70 -3.56
C ARG A 512 -1.60 46.17 -3.91
N THR A 513 -1.78 47.01 -2.90
CA THR A 513 -2.12 48.40 -3.14
C THR A 513 -0.94 49.24 -3.64
N ASN A 514 0.23 49.05 -3.05
CA ASN A 514 1.42 49.81 -3.41
C ASN A 514 2.52 48.87 -3.86
N THR A 515 3.11 49.19 -5.00
CA THR A 515 4.30 48.59 -5.55
C THR A 515 5.50 49.42 -5.12
N PRO A 516 6.72 48.86 -5.10
CA PRO A 516 7.89 49.71 -4.84
C PRO A 516 8.07 50.85 -5.82
N MET A 517 7.27 50.88 -6.88
CA MET A 517 7.28 51.96 -7.86
C MET A 517 6.14 52.95 -7.63
N GLY A 518 5.51 52.87 -6.46
CA GLY A 518 4.38 53.72 -6.18
C GLY A 518 3.07 52.96 -6.20
N LYS A 519 2.03 53.56 -6.75
CA LYS A 519 0.74 52.90 -6.81
C LYS A 519 0.77 51.72 -7.77
N ASN A 520 0.03 50.67 -7.42
CA ASN A 520 -0.01 49.43 -8.18
C ASN A 520 -1.09 49.55 -9.24
N VAL A 521 -0.69 50.11 -10.39
CA VAL A 521 -1.60 50.36 -11.50
C VAL A 521 -0.96 49.93 -12.80
N MET A 522 -1.78 49.73 -13.82
CA MET A 522 -1.34 49.39 -15.16
C MET A 522 -2.18 50.16 -16.17
N ASN A 523 -1.61 50.44 -17.33
CA ASN A 523 -2.36 51.14 -18.36
C ASN A 523 -3.34 50.18 -19.03
N LYS A 524 -4.10 50.71 -19.99
CA LYS A 524 -5.15 49.92 -20.63
C LYS A 524 -4.58 48.70 -21.34
N LEU A 525 -3.46 48.87 -22.03
CA LEU A 525 -2.86 47.77 -22.79
C LEU A 525 -2.46 46.62 -21.88
N HIS A 526 -1.86 46.92 -20.74
CA HIS A 526 -1.44 45.88 -19.82
C HIS A 526 -2.58 45.31 -19.01
N ALA A 527 -3.63 46.10 -18.75
CA ALA A 527 -4.83 45.56 -18.14
C ALA A 527 -5.50 44.57 -19.07
N MET A 528 -5.58 44.91 -20.36
CA MET A 528 -6.11 44.00 -21.37
C MET A 528 -5.29 42.73 -21.46
N GLY A 529 -3.96 42.84 -21.34
CA GLY A 529 -3.09 41.70 -21.49
C GLY A 529 -3.20 40.68 -20.39
N LEU A 530 -3.78 41.06 -19.25
CA LEU A 530 -3.99 40.09 -18.18
C LEU A 530 -5.08 39.10 -18.53
N PHE A 531 -6.01 39.50 -19.40
CA PHE A 531 -7.18 38.71 -19.74
C PHE A 531 -7.01 37.92 -21.04
N GLN A 532 -5.92 38.13 -21.76
CA GLN A 532 -5.78 37.53 -23.08
C GLN A 532 -5.46 36.05 -23.03
N THR A 533 -5.55 35.45 -21.85
CA THR A 533 -5.19 34.06 -21.66
C THR A 533 -6.22 33.30 -20.83
N THR A 534 -7.10 34.00 -20.12
CA THR A 534 -8.07 33.39 -19.20
C THR A 534 -9.10 32.52 -19.89
N GLN A 535 -9.25 32.62 -21.21
CA GLN A 535 -10.19 31.82 -21.98
C GLN A 535 -11.65 32.06 -21.57
N THR A 536 -11.92 33.21 -20.98
CA THR A 536 -13.27 33.64 -20.69
C THR A 536 -13.70 34.64 -21.77
N ASP A 537 -14.88 35.23 -21.59
CA ASP A 537 -15.13 36.30 -22.54
C ASP A 537 -14.40 37.57 -22.10
N PRO A 538 -13.65 38.21 -22.98
CA PRO A 538 -12.89 39.37 -22.58
C PRO A 538 -13.81 40.48 -22.10
N PRO A 539 -13.40 41.22 -21.08
CA PRO A 539 -14.20 42.38 -20.65
C PRO A 539 -14.16 43.49 -21.70
N CYS A 540 -14.92 44.54 -21.44
CA CYS A 540 -14.95 45.70 -22.31
C CYS A 540 -14.07 46.78 -21.72
N PHE A 541 -13.07 47.21 -22.48
CA PHE A 541 -12.18 48.29 -22.09
C PHE A 541 -12.42 49.54 -22.91
N ALA A 542 -13.59 49.67 -23.52
CA ALA A 542 -13.85 50.79 -24.42
C ALA A 542 -13.85 52.13 -23.71
N ASN A 543 -14.22 52.17 -22.45
CA ASN A 543 -14.23 53.42 -21.69
C ASN A 543 -12.89 53.63 -20.98
N TYR A 544 -11.80 53.48 -21.73
CA TYR A 544 -10.47 53.64 -21.19
C TYR A 544 -9.57 54.15 -22.31
N SER A 545 -8.89 55.26 -22.05
CA SER A 545 -7.90 55.78 -22.95
C SER A 545 -6.62 54.96 -22.81
N PRO A 546 -5.72 55.02 -23.79
CA PRO A 546 -4.45 54.29 -23.64
C PRO A 546 -3.63 54.70 -22.43
N THR A 547 -3.85 55.89 -21.89
CA THR A 547 -3.09 56.39 -20.76
C THR A 547 -3.84 56.30 -19.43
N ASP A 548 -5.01 55.68 -19.41
CA ASP A 548 -5.76 55.51 -18.18
C ASP A 548 -5.19 54.36 -17.38
N LEU A 549 -5.01 54.57 -16.08
CA LEU A 549 -4.42 53.57 -15.22
C LEU A 549 -5.50 52.79 -14.48
N LEU A 550 -5.32 51.48 -14.40
CA LEU A 550 -6.27 50.60 -13.74
C LEU A 550 -5.61 49.95 -12.53
N ASP A 551 -6.28 49.99 -11.40
CA ASP A 551 -5.76 49.34 -10.20
C ASP A 551 -5.79 47.83 -10.36
N GLY A 552 -5.01 47.15 -9.54
CA GLY A 552 -5.05 45.70 -9.54
C GLY A 552 -6.38 45.13 -9.11
N LYS A 553 -7.05 45.79 -8.17
CA LYS A 553 -8.37 45.34 -7.74
C LYS A 553 -9.43 45.58 -8.80
N SER A 554 -9.27 46.65 -9.59
CA SER A 554 -10.23 46.94 -10.66
C SER A 554 -10.21 45.83 -11.71
N VAL A 555 -9.03 45.31 -12.04
CA VAL A 555 -8.91 44.23 -13.01
C VAL A 555 -9.47 42.93 -12.45
N VAL A 556 -9.25 42.64 -11.17
CA VAL A 556 -9.80 41.42 -10.58
C VAL A 556 -11.32 41.51 -10.51
N SER A 557 -11.85 42.68 -10.18
CA SER A 557 -13.30 42.87 -10.14
C SER A 557 -13.94 42.61 -11.49
N MET A 558 -13.22 42.88 -12.58
CA MET A 558 -13.75 42.60 -13.91
C MET A 558 -14.00 41.11 -14.10
N LEU A 559 -13.21 40.27 -13.45
CA LEU A 559 -13.35 38.82 -13.60
C LEU A 559 -14.35 38.25 -12.61
N LEU A 560 -14.37 38.77 -11.38
CA LEU A 560 -15.26 38.27 -10.34
C LEU A 560 -16.70 38.70 -10.52
N ARG A 561 -16.99 39.61 -11.44
CA ARG A 561 -18.36 40.02 -11.71
C ARG A 561 -19.18 38.93 -12.38
N GLN A 562 -18.54 37.93 -12.97
CA GLN A 562 -19.28 36.84 -13.59
C GLN A 562 -20.02 36.02 -12.56
N THR A 563 -19.39 35.78 -11.41
CA THR A 563 -19.97 35.03 -10.31
C THR A 563 -19.89 35.91 -9.08
N PRO A 564 -20.81 36.86 -8.92
CA PRO A 564 -20.73 37.79 -7.79
C PRO A 564 -20.93 37.10 -6.46
N ILE A 565 -19.94 37.20 -5.58
CA ILE A 565 -19.99 36.65 -4.24
C ILE A 565 -19.75 37.78 -3.25
N ASN A 566 -19.98 37.50 -1.98
CA ASN A 566 -19.74 38.42 -0.87
C ASN A 566 -18.74 37.78 0.07
N TYR A 567 -17.63 38.46 0.33
CA TYR A 567 -16.53 37.92 1.11
C TYR A 567 -15.93 39.03 1.95
N GLN A 568 -15.59 38.72 3.19
CA GLN A 568 -14.91 39.69 4.04
C GLN A 568 -14.17 38.96 5.15
N ARG A 569 -12.86 38.80 4.99
CA ARG A 569 -12.00 38.21 6.00
C ARG A 569 -10.68 38.98 6.00
N ALA A 570 -9.87 38.71 6.97
CA ALA A 570 -8.53 39.28 6.91
C ALA A 570 -7.61 38.37 6.11
N PRO A 571 -6.66 38.92 5.37
CA PRO A 571 -5.75 38.08 4.58
C PRO A 571 -4.68 37.43 5.44
N THR A 572 -4.04 36.42 4.85
CA THR A 572 -2.85 35.84 5.47
C THR A 572 -1.73 36.85 5.59
N TRP A 573 -1.73 37.88 4.74
CA TRP A 573 -0.71 38.91 4.78
C TRP A 573 -0.65 39.58 6.13
N TYR A 574 -1.81 39.90 6.70
CA TYR A 574 -1.87 40.55 8.00
C TYR A 574 -1.67 39.52 9.09
N SER A 575 -0.52 39.57 9.74
CA SER A 575 -0.21 38.71 10.87
C SER A 575 0.22 39.58 12.03
N GLU A 576 -0.37 39.37 13.20
CA GLU A 576 0.03 40.13 14.37
C GLU A 576 1.46 39.84 14.79
N VAL A 577 2.03 38.74 14.29
CA VAL A 577 3.44 38.44 14.51
C VAL A 577 4.32 39.50 13.87
N TYR A 578 3.98 39.90 12.64
CA TYR A 578 4.78 40.86 11.89
C TYR A 578 4.40 42.30 12.15
N ALA A 579 3.24 42.55 12.76
CA ALA A 579 2.74 43.91 12.92
C ALA A 579 3.69 44.84 13.67
N PRO A 580 4.32 44.47 14.78
CA PRO A 580 5.20 45.42 15.48
C PRO A 580 6.38 45.89 14.65
N TYR A 581 6.91 45.05 13.77
CA TYR A 581 8.18 45.33 13.10
C TYR A 581 8.01 45.68 11.64
N MET A 582 6.78 46.00 11.21
CA MET A 582 6.49 46.13 9.80
C MET A 582 5.25 47.00 9.63
N HIS A 583 5.26 47.87 8.62
CA HIS A 583 4.15 48.79 8.39
C HIS A 583 3.19 48.19 7.38
N TYR A 584 1.93 48.06 7.78
CA TYR A 584 0.87 47.53 6.93
C TYR A 584 0.06 48.67 6.33
N ASN A 585 -0.24 48.56 5.04
CA ASN A 585 -1.16 49.49 4.40
C ASN A 585 -2.59 49.12 4.79
N LYS A 586 -3.34 50.10 5.30
CA LYS A 586 -4.64 49.81 5.88
C LYS A 586 -5.63 49.25 4.87
N GLN A 587 -5.48 49.57 3.59
CA GLN A 587 -6.33 49.03 2.54
C GLN A 587 -5.75 47.76 1.94
N ASP A 588 -4.89 47.07 2.69
CA ASP A 588 -4.44 45.74 2.34
C ASP A 588 -4.81 44.68 3.36
N ILE A 589 -5.13 45.05 4.59
CA ILE A 589 -5.27 44.10 5.68
C ILE A 589 -6.73 43.78 5.97
N SER A 590 -7.64 44.08 5.05
CA SER A 590 -9.04 43.74 5.21
C SER A 590 -9.61 43.46 3.82
N THR A 591 -9.61 42.19 3.43
CA THR A 591 -10.17 41.81 2.14
C THR A 591 -11.68 41.88 2.22
N GLN A 592 -12.30 42.58 1.27
CA GLN A 592 -13.75 42.68 1.20
C GLN A 592 -14.19 42.56 -0.25
N ILE A 593 -15.23 41.78 -0.49
CA ILE A 593 -15.80 41.62 -1.82
C ILE A 593 -17.31 41.82 -1.71
N ARG A 594 -17.85 42.72 -2.52
CA ARG A 594 -19.28 43.01 -2.55
C ARG A 594 -19.80 42.78 -3.96
N ASN A 595 -20.58 41.72 -4.16
CA ASN A 595 -21.14 41.40 -5.48
C ASN A 595 -20.04 41.27 -6.53
N GLY A 596 -18.92 40.66 -6.17
CA GLY A 596 -17.84 40.44 -7.09
C GLY A 596 -16.87 41.59 -7.23
N GLU A 597 -17.13 42.74 -6.60
CA GLU A 597 -16.19 43.84 -6.60
C GLU A 597 -15.26 43.71 -5.42
N LEU A 598 -13.97 43.60 -5.69
CA LEU A 598 -12.97 43.62 -4.62
C LEU A 598 -12.76 45.04 -4.16
N ILE A 599 -13.39 45.40 -3.03
CA ILE A 599 -13.37 46.77 -2.56
C ILE A 599 -12.00 47.12 -1.98
N GLU A 600 -11.38 46.19 -1.28
CA GLU A 600 -10.11 46.45 -0.62
C GLU A 600 -9.47 45.12 -0.26
N GLY A 601 -8.20 45.17 0.10
CA GLY A 601 -7.50 44.02 0.63
C GLY A 601 -6.82 43.20 -0.46
N VAL A 602 -5.84 42.42 -0.04
CA VAL A 602 -5.10 41.58 -0.94
C VAL A 602 -5.75 40.21 -1.01
N LEU A 603 -5.47 39.48 -2.08
CA LEU A 603 -5.93 38.11 -2.24
C LEU A 603 -4.73 37.19 -2.06
N ASP A 604 -4.80 36.32 -1.07
CA ASP A 604 -3.71 35.38 -0.81
C ASP A 604 -4.33 34.12 -0.21
N LYS A 605 -3.50 33.31 0.44
CA LYS A 605 -3.89 31.97 0.88
C LYS A 605 -5.24 31.94 1.58
N LYS A 606 -5.57 32.98 2.35
CA LYS A 606 -6.83 32.96 3.07
C LYS A 606 -8.03 32.99 2.14
N ALA A 607 -7.97 33.79 1.08
CA ALA A 607 -9.09 33.94 0.15
C ALA A 607 -9.03 32.97 -1.01
N VAL A 608 -7.89 32.90 -1.70
CA VAL A 608 -7.76 32.17 -2.95
C VAL A 608 -7.03 30.85 -2.79
N GLY A 609 -6.54 30.55 -1.60
CA GLY A 609 -5.72 29.37 -1.42
C GLY A 609 -6.48 28.07 -1.57
N ALA A 610 -5.73 26.99 -1.64
CA ALA A 610 -6.28 25.66 -1.80
C ALA A 610 -6.66 25.09 -0.44
N GLY A 611 -7.87 24.56 -0.34
CA GLY A 611 -8.36 24.07 0.93
C GLY A 611 -8.85 25.14 1.87
N SER A 612 -9.06 26.35 1.38
CA SER A 612 -9.46 27.48 2.21
C SER A 612 -10.98 27.48 2.36
N SER A 613 -11.47 27.10 3.53
CA SER A 613 -12.90 27.07 3.78
C SER A 613 -13.45 28.48 3.88
N GLY A 614 -14.54 28.75 3.16
CA GLY A 614 -15.13 30.05 3.14
C GLY A 614 -14.47 31.05 2.22
N GLY A 615 -13.48 30.62 1.44
CA GLY A 615 -12.77 31.48 0.54
C GLY A 615 -13.57 31.78 -0.71
N ILE A 616 -12.89 32.34 -1.70
CA ILE A 616 -13.56 32.81 -2.90
C ILE A 616 -14.23 31.67 -3.64
N TYR A 617 -13.51 30.57 -3.83
CA TYR A 617 -14.00 29.48 -4.65
C TYR A 617 -15.01 28.62 -3.93
N HIS A 618 -14.91 28.49 -2.62
CA HIS A 618 -15.95 27.82 -1.85
C HIS A 618 -17.27 28.58 -1.93
N LEU A 619 -17.22 29.91 -1.85
CA LEU A 619 -18.43 30.70 -1.98
C LEU A 619 -18.99 30.65 -3.40
N ILE A 620 -18.14 30.60 -4.41
CA ILE A 620 -18.61 30.50 -5.79
C ILE A 620 -19.29 29.17 -6.03
N SER A 621 -18.72 28.10 -5.48
CA SER A 621 -19.32 26.78 -5.61
C SER A 621 -20.68 26.71 -4.93
N ARG A 622 -20.84 27.41 -3.80
CA ARG A 622 -22.10 27.33 -3.06
C ARG A 622 -23.21 28.10 -3.75
N ARG A 623 -22.89 29.06 -4.61
CA ARG A 623 -23.91 29.82 -5.31
C ARG A 623 -24.10 29.40 -6.76
N TYR A 624 -23.02 28.96 -7.43
CA TYR A 624 -23.05 28.73 -8.86
C TYR A 624 -22.63 27.34 -9.28
N GLY A 625 -22.16 26.50 -8.37
CA GLY A 625 -21.79 25.15 -8.71
C GLY A 625 -20.30 24.96 -8.78
N PRO A 626 -19.86 23.74 -8.48
CA PRO A 626 -18.40 23.47 -8.47
C PRO A 626 -17.73 23.63 -9.81
N GLN A 627 -18.43 23.42 -10.93
CA GLN A 627 -17.81 23.63 -12.24
C GLN A 627 -17.49 25.10 -12.46
N GLN A 628 -18.39 25.98 -12.03
CA GLN A 628 -18.14 27.41 -12.15
C GLN A 628 -17.03 27.88 -11.23
N ALA A 629 -16.81 27.18 -10.11
CA ALA A 629 -15.69 27.50 -9.24
C ALA A 629 -14.37 27.05 -9.85
N LEU A 630 -14.35 25.90 -10.52
CA LEU A 630 -13.14 25.45 -11.19
C LEU A 630 -12.77 26.36 -12.35
N LYS A 631 -13.77 26.89 -13.05
CA LYS A 631 -13.50 27.81 -14.15
C LYS A 631 -12.94 29.12 -13.63
N MET A 632 -13.29 29.50 -12.40
CA MET A 632 -12.79 30.76 -11.85
C MET A 632 -11.42 30.59 -11.22
N ILE A 633 -11.08 29.39 -10.74
CA ILE A 633 -9.72 29.14 -10.27
C ILE A 633 -8.74 29.28 -11.42
N PHE A 634 -9.08 28.72 -12.58
CA PHE A 634 -8.22 28.85 -13.75
C PHE A 634 -8.13 30.29 -14.22
N ALA A 635 -9.26 31.02 -14.21
CA ALA A 635 -9.27 32.37 -14.73
C ALA A 635 -8.50 33.33 -13.82
N THR A 636 -8.63 33.19 -12.50
CA THR A 636 -7.86 34.03 -11.60
C THR A 636 -6.42 33.59 -11.54
N GLN A 637 -6.14 32.33 -11.90
CA GLN A 637 -4.77 31.87 -11.99
C GLN A 637 -4.03 32.56 -13.13
N GLN A 638 -4.73 32.84 -14.23
CA GLN A 638 -4.09 33.46 -15.37
C GLN A 638 -3.88 34.96 -15.15
N LEU A 639 -4.79 35.62 -14.46
CA LEU A 639 -4.54 37.00 -14.04
C LEU A 639 -3.34 37.10 -13.12
N ALA A 640 -3.23 36.17 -12.18
CA ALA A 640 -2.07 36.16 -11.29
C ALA A 640 -0.79 35.88 -12.04
N LEU A 641 -0.80 34.90 -12.95
CA LEU A 641 0.42 34.56 -13.68
C LEU A 641 0.78 35.60 -14.72
N ASN A 642 -0.20 36.23 -15.35
CA ASN A 642 0.09 37.27 -16.32
C ASN A 642 0.53 38.57 -15.67
N TYR A 643 0.21 38.77 -14.39
CA TYR A 643 0.75 39.93 -13.68
C TYR A 643 2.23 39.75 -13.39
N VAL A 644 2.61 38.58 -12.88
CA VAL A 644 3.98 38.31 -12.49
C VAL A 644 4.90 38.24 -13.69
N ARG A 645 4.39 37.91 -14.87
CA ARG A 645 5.24 37.91 -16.05
C ARG A 645 5.59 39.32 -16.50
N ASN A 646 5.06 40.32 -15.81
CA ASN A 646 5.44 41.70 -16.00
C ASN A 646 5.99 42.35 -14.75
N ALA A 647 5.75 41.77 -13.58
CA ALA A 647 6.28 42.26 -12.32
C ALA A 647 7.49 41.50 -11.85
N GLY A 648 7.62 40.23 -12.22
CA GLY A 648 8.74 39.43 -11.80
C GLY A 648 8.64 38.99 -10.36
N PHE A 649 9.26 37.86 -10.04
CA PHE A 649 9.34 37.40 -8.66
C PHE A 649 10.55 36.50 -8.54
N THR A 650 11.39 36.74 -7.54
CA THR A 650 12.62 35.99 -7.39
C THR A 650 12.96 35.87 -5.92
N VAL A 651 13.84 34.93 -5.61
CA VAL A 651 14.48 34.83 -4.31
C VAL A 651 15.98 34.69 -4.54
N SER A 652 16.77 35.41 -3.75
CA SER A 652 18.22 35.43 -3.89
C SER A 652 18.86 35.01 -2.59
N THR A 653 20.20 34.94 -2.60
CA THR A 653 20.94 34.63 -1.39
C THR A 653 20.90 35.78 -0.40
N ALA A 654 20.82 37.01 -0.89
CA ALA A 654 20.76 38.19 -0.05
C ALA A 654 19.40 38.38 0.61
N ASP A 655 18.38 37.63 0.19
CA ASP A 655 17.11 37.66 0.89
C ASP A 655 17.19 36.95 2.24
N MET A 656 18.23 36.17 2.46
CA MET A 656 18.37 35.32 3.64
C MET A 656 19.48 35.78 4.56
N LEU A 657 19.93 37.02 4.40
CA LEU A 657 21.14 37.51 5.05
C LEU A 657 20.78 38.63 6.03
N LEU A 658 21.29 38.53 7.24
CA LEU A 658 21.04 39.53 8.27
C LEU A 658 22.06 40.65 8.19
N THR A 659 21.61 41.85 8.58
CA THR A 659 22.51 42.98 8.73
C THR A 659 23.51 42.69 9.84
N PRO A 660 24.74 43.22 9.73
CA PRO A 660 25.69 43.05 10.85
C PRO A 660 25.16 43.54 12.18
N GLU A 661 24.36 44.61 12.19
CA GLU A 661 23.73 45.05 13.43
C GLU A 661 22.70 44.03 13.90
N ALA A 662 21.94 43.44 12.97
CA ALA A 662 20.93 42.46 13.34
C ALA A 662 21.53 41.10 13.65
N HIS A 663 22.76 40.86 13.22
CA HIS A 663 23.45 39.63 13.61
C HIS A 663 23.85 39.67 15.09
N GLN A 664 24.26 40.85 15.57
CA GLN A 664 24.57 41.00 16.99
C GLN A 664 23.34 40.89 17.86
N GLU A 665 22.18 41.31 17.36
CA GLU A 665 20.95 41.20 18.13
C GLU A 665 20.55 39.75 18.32
N VAL A 666 20.80 38.90 17.33
CA VAL A 666 20.48 37.48 17.46
C VAL A 666 21.43 36.81 18.43
N GLN A 667 22.73 37.15 18.37
CA GLN A 667 23.68 36.56 19.30
C GLN A 667 23.39 36.96 20.74
N GLU A 668 22.92 38.19 20.96
CA GLU A 668 22.49 38.58 22.29
C GLU A 668 21.32 37.74 22.78
N ILE A 669 20.34 37.50 21.91
CA ILE A 669 19.18 36.71 22.29
C ILE A 669 19.59 35.28 22.60
N ILE A 670 20.51 34.72 21.83
CA ILE A 670 20.94 33.35 22.06
C ILE A 670 21.75 33.24 23.36
N ASN A 671 22.62 34.21 23.63
CA ASN A 671 23.34 34.19 24.90
C ASN A 671 22.40 34.25 26.09
N GLU A 672 21.29 34.97 25.96
CA GLU A 672 20.27 34.96 27.00
C GLU A 672 19.68 33.58 27.18
N LEU A 673 19.45 32.86 26.07
CA LEU A 673 18.96 31.49 26.17
C LEU A 673 19.98 30.61 26.88
N LEU A 674 21.26 30.78 26.57
CA LEU A 674 22.30 29.95 27.17
C LEU A 674 22.61 30.38 28.59
N LEU A 675 22.48 31.67 28.90
CA LEU A 675 22.68 32.13 30.27
C LEU A 675 21.60 31.60 31.20
N GLU A 676 20.35 31.58 30.73
CA GLU A 676 19.27 31.00 31.51
C GLU A 676 19.39 29.49 31.60
N SER A 677 20.03 28.87 30.60
CA SER A 677 20.30 27.44 30.68
C SER A 677 21.43 27.14 31.66
N GLU A 678 22.40 28.04 31.75
CA GLU A 678 23.50 27.85 32.69
C GLU A 678 23.03 28.06 34.12
N GLU A 679 22.06 28.95 34.34
CA GLU A 679 21.55 29.18 35.68
C GLU A 679 20.93 27.91 36.26
N ILE A 680 20.23 27.14 35.43
CA ILE A 680 19.68 25.88 35.88
C ILE A 680 20.79 24.91 36.25
N ASN A 681 21.86 24.85 35.46
CA ASN A 681 22.95 23.93 35.75
C ASN A 681 23.63 24.28 37.07
N ASN A 682 23.81 25.57 37.36
CA ASN A 682 24.41 25.95 38.62
C ASN A 682 23.51 25.64 39.80
N ARG A 683 22.20 25.59 39.58
CA ARG A 683 21.29 25.09 40.61
C ARG A 683 21.42 23.59 40.77
N LEU A 684 21.70 22.86 39.68
CA LEU A 684 21.97 21.43 39.79
C LEU A 684 23.28 21.18 40.53
N LEU A 685 24.28 22.03 40.34
CA LEU A 685 25.56 21.85 41.02
C LEU A 685 25.40 21.94 42.53
N HIS A 686 24.58 22.87 43.01
CA HIS A 686 24.35 23.05 44.43
C HIS A 686 23.19 22.21 44.95
N GLY A 687 22.64 21.33 44.12
CA GLY A 687 21.50 20.53 44.53
C GLY A 687 20.28 21.33 44.89
N ASP A 688 20.01 22.41 44.18
CA ASP A 688 18.90 23.30 44.48
C ASP A 688 17.68 23.02 43.63
N ILE A 689 17.69 21.93 42.87
CA ILE A 689 16.57 21.60 41.99
C ILE A 689 15.72 20.55 42.69
N MET A 690 14.54 20.96 43.16
CA MET A 690 13.59 20.06 43.79
C MET A 690 12.38 19.89 42.89
N PRO A 691 12.09 18.69 42.42
CA PRO A 691 10.96 18.50 41.50
C PRO A 691 9.64 18.59 42.23
N PRO A 692 8.53 18.67 41.51
CA PRO A 692 7.21 18.63 42.16
C PRO A 692 6.89 17.23 42.68
N ILE A 693 5.67 17.05 43.18
CA ILE A 693 5.21 15.75 43.64
C ILE A 693 4.82 14.93 42.41
N GLY A 694 5.70 14.03 42.00
CA GLY A 694 5.41 13.17 40.87
C GLY A 694 6.54 13.02 39.89
N LEU A 695 7.32 14.08 39.71
CA LEU A 695 8.44 14.08 38.78
C LEU A 695 9.74 13.80 39.52
N THR A 696 10.65 13.10 38.84
CA THR A 696 11.98 12.88 39.35
C THR A 696 12.85 14.12 39.07
N THR A 697 14.05 14.13 39.66
CA THR A 697 14.95 15.26 39.42
C THR A 697 15.41 15.31 37.97
N HIS A 698 15.58 14.14 37.34
CA HIS A 698 16.01 14.12 35.94
C HIS A 698 14.95 14.74 35.03
N ASP A 699 13.70 14.33 35.20
CA ASP A 699 12.64 14.81 34.30
C ASP A 699 12.25 16.25 34.59
N PHE A 700 12.47 16.72 35.81
CA PHE A 700 12.23 18.14 36.10
C PHE A 700 13.37 18.99 35.59
N TYR A 701 14.60 18.47 35.65
CA TYR A 701 15.75 19.21 35.12
C TYR A 701 15.63 19.38 33.61
N GLU A 702 15.20 18.34 32.91
CA GLU A 702 15.10 18.42 31.45
C GLU A 702 13.94 19.30 31.01
N LYS A 703 12.84 19.29 31.77
CA LYS A 703 11.74 20.21 31.47
C LYS A 703 12.17 21.66 31.64
N LEU A 704 12.94 21.95 32.68
CA LEU A 704 13.45 23.30 32.88
C LEU A 704 14.36 23.71 31.74
N GLN A 705 15.23 22.80 31.30
CA GLN A 705 16.13 23.11 30.19
C GLN A 705 15.39 23.28 28.88
N LEU A 706 14.40 22.43 28.60
CA LEU A 706 13.68 22.51 27.33
C LEU A 706 12.98 23.84 27.18
N ASN A 707 12.39 24.35 28.26
CA ASN A 707 11.69 25.63 28.22
C ASN A 707 12.62 26.83 28.29
N ALA A 708 13.78 26.70 28.93
CA ALA A 708 14.71 27.80 29.00
C ALA A 708 15.47 28.02 27.70
N LEU A 709 15.42 27.06 26.79
CA LEU A 709 16.11 27.12 25.51
C LEU A 709 15.12 27.26 24.35
N LYS A 710 14.07 28.06 24.54
CA LYS A 710 13.10 28.35 23.51
C LYS A 710 13.27 29.78 23.03
N PHE A 711 13.15 29.97 21.72
CA PHE A 711 13.38 31.28 21.12
C PHE A 711 12.25 32.22 21.49
N PRO A 712 12.55 33.41 22.02
CA PRO A 712 11.49 34.36 22.32
C PRO A 712 10.87 34.92 21.06
N ASP A 713 9.65 35.45 21.20
CA ASP A 713 8.96 36.03 20.06
C ASP A 713 9.71 37.24 19.50
N ARG A 714 10.59 37.84 20.29
CA ARG A 714 11.36 38.98 19.85
C ARG A 714 12.48 38.62 18.89
N ILE A 715 12.69 37.32 18.62
CA ILE A 715 13.70 36.91 17.67
C ILE A 715 13.40 37.43 16.26
N LEU A 716 12.15 37.79 15.99
CA LEU A 716 11.77 38.33 14.70
C LEU A 716 12.04 39.82 14.58
N LYS A 717 12.46 40.49 15.64
CA LYS A 717 12.88 41.88 15.47
C LYS A 717 14.11 42.00 14.58
N PRO A 718 15.21 41.27 14.83
CA PRO A 718 16.35 41.39 13.92
C PRO A 718 16.11 40.81 12.54
N ILE A 719 15.21 39.83 12.41
CA ILE A 719 14.89 39.30 11.08
C ILE A 719 14.11 40.33 10.28
N MET A 720 13.10 40.95 10.90
CA MET A 720 12.27 41.92 10.20
C MET A 720 12.98 43.26 10.04
N ASN A 721 14.03 43.52 10.81
CA ASN A 721 14.83 44.72 10.60
C ASN A 721 15.75 44.61 9.39
N SER A 722 16.18 43.40 9.05
CA SER A 722 17.09 43.20 7.94
C SER A 722 16.40 43.19 6.59
N ILE A 723 15.12 42.89 6.54
CA ILE A 723 14.44 42.65 5.27
C ILE A 723 13.49 43.79 4.95
N ASN A 724 13.24 43.97 3.66
CA ASN A 724 12.20 44.86 3.18
C ASN A 724 11.01 44.00 2.78
N PRO A 725 9.90 44.03 3.52
CA PRO A 725 8.75 43.20 3.15
C PRO A 725 8.18 43.50 1.78
N GLU A 726 8.42 44.70 1.24
CA GLU A 726 7.86 45.06 -0.05
C GLU A 726 8.59 44.43 -1.23
N THR A 727 9.84 43.99 -1.04
CA THR A 727 10.61 43.40 -2.12
C THR A 727 11.16 42.02 -1.81
N ASN A 728 11.28 41.64 -0.55
CA ASN A 728 11.94 40.38 -0.19
C ASN A 728 11.05 39.21 -0.58
N GLY A 729 11.55 38.37 -1.48
CA GLY A 729 10.76 37.28 -2.01
C GLY A 729 10.64 36.10 -1.07
N LEU A 730 11.63 35.89 -0.20
CA LEU A 730 11.51 34.85 0.81
C LEU A 730 10.42 35.21 1.81
N PHE A 731 10.35 36.48 2.20
CA PHE A 731 9.32 36.90 3.14
C PHE A 731 7.93 36.83 2.53
N GLN A 732 7.78 37.22 1.27
CA GLN A 732 6.47 37.25 0.64
C GLN A 732 5.91 35.86 0.36
N MET A 733 6.76 34.87 0.09
CA MET A 733 6.27 33.50 0.00
C MET A 733 5.78 33.01 1.35
N VAL A 734 6.46 33.37 2.42
CA VAL A 734 6.05 32.95 3.76
C VAL A 734 4.85 33.76 4.23
N ALA A 735 4.91 35.08 4.06
CA ALA A 735 3.89 35.94 4.65
C ALA A 735 2.53 35.78 3.98
N THR A 736 2.49 35.50 2.69
CA THR A 736 1.23 35.31 1.99
C THR A 736 0.71 33.89 2.05
N GLY A 737 1.43 32.98 2.68
CA GLY A 737 1.00 31.60 2.75
C GLY A 737 1.23 30.82 1.48
N ALA A 738 2.03 31.33 0.56
CA ALA A 738 2.34 30.60 -0.66
C ALA A 738 3.24 29.40 -0.39
N LYS A 739 4.24 29.57 0.48
CA LYS A 739 5.17 28.50 0.81
C LYS A 739 6.02 28.88 2.01
N GLY A 740 6.26 27.95 2.92
CA GLY A 740 7.14 28.18 4.04
C GLY A 740 6.39 28.62 5.28
N SER A 741 7.14 28.82 6.35
CA SER A 741 6.59 29.21 7.64
C SER A 741 7.62 30.02 8.40
N ASN A 742 7.15 30.65 9.48
CA ASN A 742 8.05 31.48 10.29
C ASN A 742 9.21 30.70 10.89
N PRO A 743 9.04 29.50 11.46
CA PRO A 743 10.23 28.74 11.88
C PRO A 743 11.21 28.47 10.77
N ASN A 744 10.74 28.28 9.53
CA ASN A 744 11.67 28.14 8.42
C ASN A 744 12.49 29.41 8.22
N MET A 745 11.85 30.57 8.30
CA MET A 745 12.59 31.82 8.17
C MET A 745 13.56 32.04 9.32
N ILE A 746 13.18 31.65 10.54
CA ILE A 746 14.07 31.82 11.68
C ILE A 746 15.25 30.88 11.58
N HIS A 747 15.01 29.63 11.17
CA HIS A 747 16.08 28.65 11.03
C HIS A 747 17.10 29.10 10.00
N ILE A 748 16.64 29.64 8.87
CA ILE A 748 17.53 30.05 7.81
C ILE A 748 18.34 31.28 8.22
N MET A 749 17.68 32.26 8.84
CA MET A 749 18.26 33.58 9.04
C MET A 749 18.85 33.79 10.41
N ALA A 750 18.19 33.35 11.48
CA ALA A 750 18.59 33.70 12.84
C ALA A 750 19.23 32.55 13.60
N GLY A 751 18.56 31.42 13.74
CA GLY A 751 19.12 30.30 14.45
C GLY A 751 18.15 29.15 14.48
N ILE A 752 18.70 27.96 14.70
CA ILE A 752 17.89 26.75 14.72
C ILE A 752 17.36 26.45 16.12
N GLY A 753 18.18 26.63 17.14
CA GLY A 753 17.72 26.42 18.50
C GLY A 753 17.80 24.99 18.95
N GLN A 754 16.88 24.58 19.81
CA GLN A 754 16.97 23.27 20.43
C GLN A 754 16.30 22.21 19.56
N ILE A 755 17.01 21.12 19.34
CA ILE A 755 16.47 19.95 18.66
C ILE A 755 15.66 19.14 19.67
N GLU A 756 14.38 18.94 19.37
CA GLU A 756 13.51 18.11 20.20
C GLU A 756 13.12 16.88 19.41
N ILE A 757 13.37 15.71 19.98
CA ILE A 757 12.95 14.44 19.41
C ILE A 757 12.08 13.75 20.44
N ASN A 758 10.86 13.39 20.05
CA ASN A 758 9.84 12.91 20.98
C ASN A 758 9.67 13.91 22.12
N THR A 759 9.48 15.17 21.74
CA THR A 759 9.41 16.34 22.63
C THR A 759 10.47 16.30 23.72
N GLN A 760 11.62 15.72 23.41
CA GLN A 760 12.69 15.55 24.37
C GLN A 760 14.00 15.92 23.70
N ARG A 761 14.99 16.27 24.51
CA ARG A 761 16.29 16.66 23.99
C ARG A 761 17.02 15.42 23.49
N ILE A 762 18.29 15.58 23.14
CA ILE A 762 19.10 14.45 22.70
C ILE A 762 19.53 13.68 23.94
N GLN A 763 19.04 12.44 24.06
CA GLN A 763 19.30 11.51 25.14
C GLN A 763 20.66 10.85 24.97
N PRO A 764 21.47 10.77 26.02
CA PRO A 764 22.80 10.18 25.88
C PRO A 764 22.76 8.69 25.57
N GLN A 765 23.09 8.36 24.33
CA GLN A 765 23.18 6.97 23.87
C GLN A 765 24.59 6.59 23.45
N PHE A 766 25.56 7.47 23.67
CA PHE A 766 26.97 7.15 23.44
C PHE A 766 27.63 6.82 24.79
N SER A 767 27.31 5.63 25.30
CA SER A 767 27.96 5.07 26.48
C SER A 767 27.76 5.92 27.74
N PHE A 768 26.51 5.93 28.22
CA PHE A 768 26.24 6.25 29.62
C PHE A 768 26.67 7.68 29.96
N GLY A 769 25.93 8.62 29.41
CA GLY A 769 26.09 10.01 29.77
C GLY A 769 26.78 10.86 28.74
N ARG A 770 27.05 10.32 27.56
CA ARG A 770 27.54 11.09 26.43
C ARG A 770 26.53 11.00 25.30
N THR A 771 26.29 12.13 24.65
CA THR A 771 25.43 12.14 23.47
C THR A 771 26.23 11.92 22.19
N LEU A 772 27.46 12.40 22.14
CA LEU A 772 28.37 12.20 21.02
C LEU A 772 29.77 12.03 21.57
N VAL A 773 30.68 11.59 20.70
CA VAL A 773 32.08 11.43 21.10
C VAL A 773 32.74 12.78 21.34
N TYR A 774 32.12 13.87 20.91
CA TYR A 774 32.71 15.19 21.03
C TYR A 774 32.51 15.81 22.41
N TYR A 775 31.52 15.35 23.16
CA TYR A 775 31.19 15.95 24.43
C TYR A 775 31.50 15.01 25.58
N PRO A 776 32.03 15.52 26.69
CA PRO A 776 32.40 14.65 27.79
C PRO A 776 31.19 14.04 28.46
N ARG A 777 31.46 13.02 29.27
CA ARG A 777 30.40 12.35 30.01
C ARG A 777 29.80 13.29 31.04
N PHE A 778 28.47 13.28 31.16
CA PHE A 778 27.73 14.17 32.06
C PHE A 778 28.03 15.63 31.76
N ALA A 779 28.12 15.96 30.48
CA ALA A 779 28.30 17.35 30.09
C ALA A 779 27.05 18.15 30.41
N LEU A 780 27.26 19.36 30.90
CA LEU A 780 26.15 20.21 31.32
C LEU A 780 25.81 21.30 30.34
N GLU A 781 26.66 21.56 29.36
CA GLU A 781 26.38 22.60 28.37
C GLU A 781 25.17 22.20 27.54
N ALA A 782 24.45 23.21 27.06
CA ALA A 782 23.26 22.97 26.25
C ALA A 782 23.59 22.44 24.87
N GLN A 783 24.79 22.73 24.36
CA GLN A 783 25.18 22.24 23.05
C GLN A 783 25.28 20.72 23.04
N ALA A 784 25.63 20.11 24.17
CA ALA A 784 25.81 18.68 24.23
C ALA A 784 24.53 17.89 24.00
N TYR A 785 23.38 18.55 24.04
CA TYR A 785 22.10 17.85 23.95
C TYR A 785 21.24 18.35 22.81
N GLY A 786 21.78 19.09 21.86
CA GLY A 786 21.08 19.45 20.67
C GLY A 786 20.67 20.89 20.51
N PHE A 787 21.32 21.83 21.17
CA PHE A 787 21.04 23.24 20.96
C PHE A 787 21.97 23.76 19.87
N ILE A 788 21.39 24.20 18.77
CA ILE A 788 22.13 24.69 17.63
C ILE A 788 22.09 26.21 17.67
N CYS A 789 23.26 26.82 17.85
CA CYS A 789 23.34 28.27 17.92
C CYS A 789 23.46 28.92 16.56
N ASN A 790 23.70 28.14 15.52
CA ASN A 790 23.93 28.65 14.18
C ASN A 790 22.68 28.52 13.33
N SER A 791 22.48 29.50 12.45
CA SER A 791 21.48 29.37 11.42
C SER A 791 22.02 28.52 10.27
N TYR A 792 21.14 28.16 9.34
CA TYR A 792 21.61 27.47 8.15
C TYR A 792 22.50 28.37 7.31
N ILE A 793 22.12 29.64 7.14
CA ILE A 793 22.90 30.55 6.31
C ILE A 793 24.29 30.77 6.87
N ALA A 794 24.50 30.57 8.18
CA ALA A 794 25.83 30.71 8.76
C ALA A 794 26.65 29.45 8.64
N GLY A 795 26.02 28.29 8.53
CA GLY A 795 26.73 27.03 8.45
C GLY A 795 26.82 26.34 9.78
N LEU A 796 26.34 25.10 9.86
CA LEU A 796 26.43 24.32 11.08
C LEU A 796 27.82 23.75 11.25
N THR A 797 28.12 23.32 12.47
CA THR A 797 29.35 22.60 12.75
C THR A 797 29.06 21.10 12.74
N SER A 798 30.11 20.29 12.98
CA SER A 798 29.92 18.83 12.96
C SER A 798 28.95 18.35 14.02
N PRO A 799 29.08 18.71 15.31
CA PRO A 799 28.06 18.28 16.27
C PRO A 799 26.67 18.78 15.95
N GLU A 800 26.54 20.01 15.46
CA GLU A 800 25.22 20.54 15.13
C GLU A 800 24.65 19.86 13.89
N PHE A 801 25.49 19.54 12.93
CA PHE A 801 25.02 18.81 11.75
C PHE A 801 24.54 17.43 12.14
N ILE A 802 25.24 16.76 13.06
CA ILE A 802 24.85 15.42 13.48
C ILE A 802 23.52 15.44 14.20
N PHE A 803 23.34 16.40 15.12
CA PHE A 803 22.06 16.49 15.84
C PHE A 803 20.92 16.78 14.87
N GLY A 804 21.13 17.69 13.92
CA GLY A 804 20.14 17.93 12.88
C GLY A 804 19.91 16.73 12.00
N GLU A 805 20.97 15.96 11.72
CA GLU A 805 20.80 14.69 11.02
C GLU A 805 19.99 13.69 11.82
N MET A 806 20.20 13.61 13.12
CA MET A 806 19.38 12.74 13.96
C MET A 806 17.92 13.15 13.90
N ASN A 807 17.65 14.45 13.97
CA ASN A 807 16.28 14.94 13.92
C ASN A 807 15.64 14.62 12.57
N GLY A 808 16.37 14.81 11.48
CA GLY A 808 15.82 14.57 10.17
C GLY A 808 15.54 13.11 9.89
N ARG A 809 16.38 12.21 10.38
CA ARG A 809 16.20 10.78 10.14
C ARG A 809 14.94 10.26 10.84
N PHE A 810 14.59 10.84 11.99
CA PHE A 810 13.35 10.47 12.67
C PHE A 810 12.14 10.74 11.80
N ASP A 811 12.12 11.90 11.13
CA ASP A 811 10.97 12.26 10.33
C ASP A 811 10.83 11.34 9.12
N LEU A 812 11.96 10.94 8.52
CA LEU A 812 11.91 9.99 7.43
C LEU A 812 11.34 8.65 7.88
N ILE A 813 11.75 8.17 9.05
CA ILE A 813 11.28 6.88 9.55
C ILE A 813 9.79 6.92 9.84
N ASN A 814 9.32 7.99 10.50
CA ASN A 814 7.90 8.12 10.76
C ASN A 814 7.09 8.24 9.47
N LYS A 815 7.63 8.96 8.48
CA LYS A 815 6.99 8.99 7.16
C LYS A 815 7.03 7.63 6.46
N ALA A 816 7.98 6.77 6.82
CA ALA A 816 7.96 5.42 6.28
C ALA A 816 6.89 4.57 6.94
N LEU A 817 6.60 4.84 8.21
CA LEU A 817 5.49 4.18 8.88
C LEU A 817 4.15 4.73 8.43
N SER A 818 4.16 5.85 7.69
CA SER A 818 2.92 6.43 7.18
C SER A 818 2.20 5.47 6.24
N THR A 819 2.94 4.86 5.33
CA THR A 819 2.33 3.96 4.35
C THR A 819 1.85 2.67 5.02
N SER A 820 2.72 2.06 5.82
CA SER A 820 2.46 0.70 6.29
C SER A 820 1.38 0.65 7.35
N SER A 821 1.44 1.54 8.34
CA SER A 821 0.59 1.41 9.52
C SER A 821 -0.88 1.65 9.16
N THR A 822 -1.17 2.74 8.46
CA THR A 822 -2.56 3.02 8.10
C THR A 822 -3.05 2.12 6.98
N GLY A 823 -2.16 1.54 6.18
CA GLY A 823 -2.60 0.69 5.09
C GLY A 823 -3.26 -0.58 5.58
N TYR A 824 -2.70 -1.21 6.61
CA TYR A 824 -3.31 -2.40 7.16
C TYR A 824 -4.61 -2.08 7.89
N ALA A 825 -4.64 -0.95 8.60
CA ALA A 825 -5.86 -0.54 9.27
C ALA A 825 -6.92 -0.08 8.27
N ASN A 826 -6.50 0.40 7.11
CA ASN A 826 -7.46 0.79 6.08
C ASN A 826 -8.23 -0.42 5.56
N ARG A 827 -7.55 -1.53 5.32
CA ARG A 827 -8.22 -2.68 4.72
C ARG A 827 -9.17 -3.33 5.70
N LYS A 828 -8.86 -3.30 7.00
CA LYS A 828 -9.77 -3.86 7.98
C LYS A 828 -10.95 -2.93 8.24
N ALA A 829 -10.76 -1.63 8.06
CA ALA A 829 -11.87 -0.69 8.18
C ALA A 829 -12.83 -0.82 7.02
N ILE A 830 -12.30 -1.06 5.82
CA ILE A 830 -13.16 -1.14 4.63
C ILE A 830 -13.99 -2.42 4.65
N PHE A 831 -13.38 -3.54 5.04
CA PHE A 831 -14.13 -4.80 5.03
C PHE A 831 -15.15 -4.87 6.14
N GLY A 832 -14.99 -4.10 7.21
CA GLY A 832 -16.02 -4.06 8.24
C GLY A 832 -17.13 -3.09 7.90
N LEU A 833 -16.87 -2.11 7.06
CA LEU A 833 -17.80 -1.03 6.80
C LEU A 833 -18.43 -1.07 5.41
N GLN A 834 -17.87 -1.82 4.48
CA GLN A 834 -18.27 -1.69 3.08
C GLN A 834 -19.71 -2.14 2.81
N SER A 835 -20.29 -2.97 3.66
CA SER A 835 -21.64 -3.44 3.41
C SER A 835 -22.71 -2.42 3.76
N CYS A 836 -22.33 -1.28 4.31
CA CYS A 836 -23.28 -0.23 4.69
C CYS A 836 -23.61 0.61 3.47
N ILE A 837 -24.88 0.59 3.07
CA ILE A 837 -25.36 1.23 1.86
C ILE A 837 -26.67 1.94 2.18
N VAL A 838 -26.89 3.08 1.52
CA VAL A 838 -28.08 3.88 1.79
C VAL A 838 -29.29 3.25 1.12
N ASP A 839 -30.38 3.11 1.87
CA ASP A 839 -31.64 2.53 1.41
C ASP A 839 -32.44 3.55 0.62
N TYR A 840 -33.68 3.20 0.31
CA TYR A 840 -34.64 4.15 -0.23
C TYR A 840 -35.28 5.01 0.84
N TYR A 841 -35.00 4.71 2.11
CA TYR A 841 -35.46 5.52 3.23
C TYR A 841 -34.37 6.43 3.76
N ARG A 842 -33.23 6.51 3.07
CA ARG A 842 -32.02 7.17 3.54
C ARG A 842 -31.44 6.51 4.78
N ARG A 843 -31.93 5.33 5.13
CA ARG A 843 -31.34 4.54 6.18
C ARG A 843 -30.05 3.91 5.69
N VAL A 844 -29.23 3.47 6.64
CA VAL A 844 -28.05 2.68 6.34
C VAL A 844 -28.29 1.28 6.86
N SER A 845 -28.13 0.29 6.01
CA SER A 845 -28.44 -1.08 6.37
C SER A 845 -27.35 -2.01 5.84
N ILE A 846 -27.32 -3.21 6.39
CA ILE A 846 -26.52 -4.30 5.82
C ILE A 846 -27.48 -5.36 5.30
N ASP A 847 -27.92 -5.16 4.07
CA ASP A 847 -28.81 -5.98 3.26
C ASP A 847 -30.27 -6.00 3.73
N THR A 848 -30.50 -5.94 5.04
CA THR A 848 -31.84 -5.67 5.57
C THR A 848 -31.71 -4.99 6.92
N ARG A 849 -30.58 -5.25 7.58
CA ARG A 849 -30.42 -4.96 8.99
C ARG A 849 -29.94 -3.53 9.17
N LEU A 850 -30.69 -2.77 9.95
CA LEU A 850 -30.39 -1.34 10.11
C LEU A 850 -29.08 -1.14 10.82
N VAL A 851 -28.25 -0.26 10.27
CA VAL A 851 -27.09 0.28 10.97
C VAL A 851 -27.35 1.69 11.46
N GLN A 852 -28.03 2.50 10.65
CA GLN A 852 -28.47 3.83 11.01
C GLN A 852 -29.91 4.02 10.55
N GLN A 853 -30.71 4.67 11.39
CA GLN A 853 -32.08 4.98 11.00
C GLN A 853 -32.12 6.07 9.93
N LEU A 854 -31.19 7.00 9.96
CA LEU A 854 -31.01 7.99 8.91
C LEU A 854 -29.52 8.21 8.76
N TYR A 855 -29.06 8.32 7.53
CA TYR A 855 -27.63 8.47 7.30
C TYR A 855 -27.13 9.77 7.90
N GLY A 856 -26.14 9.68 8.79
CA GLY A 856 -25.60 10.83 9.46
C GLY A 856 -26.54 11.50 10.41
N GLU A 857 -27.68 10.90 10.71
CA GLU A 857 -28.76 11.42 11.52
C GLU A 857 -29.39 12.66 10.93
N ASP A 858 -28.91 13.14 9.78
CA ASP A 858 -29.51 14.25 9.08
C ASP A 858 -29.83 13.93 7.64
N GLY A 859 -29.32 12.83 7.08
CA GLY A 859 -29.64 12.42 5.74
C GLY A 859 -28.96 13.20 4.64
N LEU A 860 -27.82 13.82 4.92
CA LEU A 860 -27.19 14.75 3.99
C LEU A 860 -25.87 14.21 3.48
N ASP A 861 -25.48 14.75 2.33
CA ASP A 861 -24.18 14.45 1.74
C ASP A 861 -23.12 15.34 2.39
N ALA A 862 -21.93 14.77 2.62
CA ALA A 862 -20.85 15.53 3.24
C ALA A 862 -20.32 16.63 2.33
N ARG A 863 -20.58 16.54 1.03
CA ARG A 863 -20.12 17.53 0.07
C ARG A 863 -21.10 18.69 -0.08
N GLN A 864 -22.17 18.72 0.71
CA GLN A 864 -23.21 19.72 0.53
C GLN A 864 -23.49 20.48 1.83
N LEU A 865 -22.48 20.67 2.66
CA LEU A 865 -22.65 21.30 3.95
C LEU A 865 -21.95 22.66 3.98
N GLU A 866 -22.54 23.60 4.69
CA GLU A 866 -21.95 24.91 4.90
C GLU A 866 -22.02 25.26 6.38
N THR A 867 -20.93 25.78 6.92
CA THR A 867 -20.83 26.13 8.34
C THR A 867 -21.47 27.49 8.55
N VAL A 868 -22.53 27.53 9.36
CA VAL A 868 -23.34 28.71 9.56
C VAL A 868 -23.48 28.97 11.06
N ARG A 869 -23.54 30.25 11.43
CA ARG A 869 -23.66 30.65 12.83
C ARG A 869 -25.11 30.79 13.24
N PHE A 870 -25.46 30.20 14.38
CA PHE A 870 -26.76 30.39 15.02
C PHE A 870 -26.61 31.49 16.06
N GLU A 871 -27.25 32.62 15.83
CA GLU A 871 -26.91 33.84 16.56
C GLU A 871 -27.81 34.10 17.75
N THR A 872 -28.66 33.15 18.13
CA THR A 872 -29.42 33.27 19.36
C THR A 872 -28.86 32.45 20.50
N ILE A 873 -27.85 31.61 20.25
CA ILE A 873 -27.40 30.66 21.27
C ILE A 873 -26.84 31.40 22.48
N MET A 874 -26.01 32.41 22.25
CA MET A 874 -25.29 33.07 23.33
C MET A 874 -26.02 34.30 23.87
N LEU A 875 -27.10 34.74 23.25
CA LEU A 875 -27.78 35.94 23.70
C LEU A 875 -28.44 35.70 25.05
N SER A 876 -28.67 36.80 25.78
CA SER A 876 -29.42 36.73 27.02
C SER A 876 -30.91 36.94 26.74
N ASP A 877 -31.72 36.83 27.79
CA ASP A 877 -33.16 37.00 27.61
C ASP A 877 -33.51 38.43 27.20
N GLN A 878 -32.70 39.40 27.61
CA GLN A 878 -32.96 40.78 27.22
C GLN A 878 -32.46 41.06 25.81
N GLU A 879 -31.24 40.62 25.49
CA GLU A 879 -30.72 40.79 24.13
C GLU A 879 -31.61 40.09 23.11
N LEU A 880 -32.04 38.86 23.42
CA LEU A 880 -32.90 38.13 22.50
C LEU A 880 -34.22 38.85 22.28
N GLU A 881 -34.79 39.42 23.34
CA GLU A 881 -36.05 40.14 23.18
C GLU A 881 -35.87 41.44 22.39
N ASP A 882 -34.75 42.14 22.58
CA ASP A 882 -34.55 43.37 21.80
C ASP A 882 -34.30 43.05 20.33
N LYS A 883 -33.48 42.03 20.05
CA LYS A 883 -33.10 41.74 18.68
C LYS A 883 -34.18 41.03 17.89
N PHE A 884 -34.94 40.12 18.52
CA PHE A 884 -35.80 39.22 17.77
C PHE A 884 -37.28 39.35 18.06
N LYS A 885 -37.67 40.06 19.11
CA LYS A 885 -39.09 40.25 19.37
C LYS A 885 -39.62 41.40 18.53
N TYR A 886 -40.69 41.14 17.79
CA TYR A 886 -41.28 42.16 16.92
C TYR A 886 -42.40 42.87 17.66
N THR A 887 -42.29 44.19 17.77
CA THR A 887 -43.26 45.00 18.49
C THR A 887 -44.07 45.89 17.56
N GLY A 888 -43.91 45.73 16.25
CA GLY A 888 -44.59 46.57 15.28
C GLY A 888 -46.10 46.39 15.25
N ILE A 889 -46.55 45.14 15.29
CA ILE A 889 -47.97 44.79 15.27
C ILE A 889 -48.28 44.06 16.56
N GLN A 890 -49.41 44.41 17.18
CA GLN A 890 -49.81 43.81 18.46
C GLN A 890 -50.77 42.67 18.17
N SER A 891 -50.19 41.48 17.97
CA SER A 891 -50.94 40.27 17.69
C SER A 891 -50.33 39.15 18.49
N PRO A 892 -51.11 38.15 18.91
CA PRO A 892 -50.53 37.00 19.60
C PRO A 892 -49.57 36.19 18.74
N LEU A 893 -49.64 36.32 17.42
CA LEU A 893 -48.76 35.55 16.54
C LEU A 893 -47.30 35.97 16.71
N PHE A 894 -47.04 37.21 17.09
CA PHE A 894 -45.66 37.64 17.27
C PHE A 894 -45.15 37.38 18.68
N GLU A 895 -46.03 37.06 19.62
CA GLU A 895 -45.60 36.46 20.89
C GLU A 895 -45.18 35.02 20.65
N GLU A 896 -45.98 34.28 19.89
CA GLU A 896 -45.67 32.88 19.60
C GLU A 896 -44.43 32.74 18.74
N GLU A 897 -44.25 33.64 17.77
CA GLU A 897 -43.06 33.60 16.92
C GLU A 897 -41.80 33.74 17.76
N PHE A 898 -41.82 34.65 18.74
CA PHE A 898 -40.65 34.82 19.59
C PHE A 898 -40.49 33.67 20.58
N SER A 899 -41.60 33.10 21.05
CA SER A 899 -41.50 32.01 22.02
C SER A 899 -40.80 30.80 21.42
N ARG A 900 -41.08 30.49 20.15
CA ARG A 900 -40.37 29.39 19.49
C ARG A 900 -38.89 29.69 19.33
N LEU A 901 -38.52 30.97 19.18
CA LEU A 901 -37.11 31.34 19.16
C LEU A 901 -36.44 31.03 20.48
N LYS A 902 -37.12 31.33 21.59
CA LYS A 902 -36.59 30.96 22.90
C LYS A 902 -36.50 29.45 23.07
N LYS A 903 -37.55 28.73 22.65
CA LYS A 903 -37.57 27.29 22.83
C LYS A 903 -36.46 26.61 22.03
N ASP A 904 -36.28 27.02 20.77
CA ASP A 904 -35.16 26.48 20.00
C ASP A 904 -33.84 26.88 20.61
N ARG A 905 -33.77 28.07 21.18
CA ARG A 905 -32.55 28.52 21.85
C ARG A 905 -32.24 27.65 23.05
N ASP A 906 -33.23 27.47 23.93
CA ASP A 906 -33.02 26.67 25.13
C ASP A 906 -32.75 25.22 24.79
N LYS A 907 -33.49 24.65 23.82
CA LYS A 907 -33.26 23.27 23.43
C LYS A 907 -31.85 23.06 22.89
N TYR A 908 -31.37 23.99 22.06
CA TYR A 908 -29.99 23.91 21.56
C TYR A 908 -29.00 23.98 22.71
N ARG A 909 -29.24 24.88 23.67
CA ARG A 909 -28.38 24.99 24.84
C ARG A 909 -28.34 23.67 25.61
N GLN A 910 -29.51 23.12 25.89
CA GLN A 910 -29.61 21.93 26.73
C GLN A 910 -28.91 20.73 26.10
N ILE A 911 -29.10 20.53 24.80
CA ILE A 911 -28.52 19.37 24.15
C ILE A 911 -27.01 19.45 24.15
N PHE A 912 -26.45 20.58 23.73
CA PHE A 912 -25.01 20.69 23.56
C PHE A 912 -24.29 21.08 24.84
N LEU A 913 -25.02 21.48 25.87
CA LEU A 913 -24.42 21.60 27.19
C LEU A 913 -24.22 20.22 27.81
N ASN A 914 -25.16 19.32 27.57
CA ASN A 914 -25.00 17.91 27.95
C ASN A 914 -23.86 17.25 27.19
N VAL A 915 -23.74 17.53 25.90
CA VAL A 915 -22.65 16.95 25.11
C VAL A 915 -21.31 17.35 25.70
N GLU A 916 -21.24 18.57 26.24
CA GLU A 916 -20.04 19.02 26.91
C GLU A 916 -19.75 18.19 28.16
N ASN A 917 -20.80 17.69 28.82
CA ASN A 917 -20.61 16.96 30.07
C ASN A 917 -19.99 15.59 29.83
N PHE A 918 -20.46 14.84 28.84
CA PHE A 918 -19.89 13.51 28.68
C PHE A 918 -18.69 13.49 27.74
N ASN A 919 -18.05 14.62 27.50
CA ASN A 919 -16.78 14.69 26.78
C ASN A 919 -15.71 15.29 27.68
N PHE A 920 -14.46 15.07 27.30
CA PHE A 920 -13.35 15.65 28.05
C PHE A 920 -13.26 17.16 27.80
N SER A 921 -13.03 17.55 26.55
CA SER A 921 -12.74 18.93 26.20
C SER A 921 -13.48 19.35 24.94
N GLN A 922 -14.76 19.01 24.84
CA GLN A 922 -15.57 19.34 23.67
C GLN A 922 -16.60 20.37 24.08
N LEU A 923 -16.40 21.62 23.68
CA LEU A 923 -17.20 22.73 24.19
C LEU A 923 -18.36 23.06 23.26
N LEU A 924 -19.35 23.75 23.82
CA LEU A 924 -20.49 24.23 23.05
C LEU A 924 -20.04 25.23 22.00
N THR A 925 -20.71 25.20 20.86
CA THR A 925 -20.46 26.12 19.76
C THR A 925 -21.79 26.61 19.24
N ASP A 926 -21.83 27.85 18.74
CA ASP A 926 -23.02 28.40 18.11
C ASP A 926 -23.00 28.25 16.60
N VAL A 927 -21.99 27.58 16.05
CA VAL A 927 -21.81 27.45 14.62
C VAL A 927 -21.98 25.99 14.26
N ARG A 928 -22.90 25.72 13.32
CA ARG A 928 -23.22 24.37 12.89
C ARG A 928 -23.00 24.24 11.40
N GLN A 929 -22.81 23.00 10.95
CA GLN A 929 -22.85 22.67 9.52
C GLN A 929 -24.27 22.36 9.11
N VAL A 930 -24.79 23.08 8.14
CA VAL A 930 -26.18 22.91 7.69
C VAL A 930 -26.18 22.77 6.19
N PRO A 931 -27.21 22.13 5.62
CA PRO A 931 -27.30 22.04 4.17
C PRO A 931 -27.41 23.38 3.47
N VAL A 932 -28.08 24.35 4.09
CA VAL A 932 -28.48 25.59 3.45
C VAL A 932 -28.03 26.75 4.31
N ASN A 933 -27.40 27.75 3.69
CA ASN A 933 -27.08 29.01 4.36
C ASN A 933 -28.23 29.96 4.11
N VAL A 934 -29.11 30.09 5.09
CA VAL A 934 -30.33 30.87 4.89
C VAL A 934 -30.04 32.37 5.01
N ALA A 935 -29.03 32.74 5.79
CA ALA A 935 -28.68 34.16 5.90
C ALA A 935 -28.23 34.73 4.57
N SER A 936 -27.32 34.03 3.88
CA SER A 936 -26.83 34.51 2.60
C SER A 936 -27.93 34.50 1.54
N ILE A 937 -28.83 33.54 1.60
CA ILE A 937 -29.94 33.49 0.64
C ILE A 937 -30.81 34.74 0.78
N VAL A 938 -31.03 35.20 2.02
CA VAL A 938 -31.88 36.36 2.23
C VAL A 938 -31.18 37.64 1.76
N LYS A 939 -29.91 37.81 2.10
CA LYS A 939 -29.24 39.06 1.75
C LYS A 939 -29.01 39.17 0.25
N ASN A 940 -28.76 38.05 -0.43
CA ASN A 940 -28.58 38.11 -1.87
C ASN A 940 -29.87 38.41 -2.61
N ILE A 941 -31.02 38.32 -1.93
CA ILE A 941 -32.27 38.73 -2.54
C ILE A 941 -32.68 40.12 -2.10
N LEU A 942 -32.10 40.65 -1.02
CA LEU A 942 -32.33 42.03 -0.63
C LEU A 942 -31.62 43.00 -1.56
N LEU A 943 -30.54 42.56 -2.20
CA LEU A 943 -29.72 43.48 -2.99
C LEU A 943 -30.19 43.52 -4.43
N SER A 944 -30.69 42.41 -4.96
CA SER A 944 -31.18 42.36 -6.34
C SER A 944 -32.64 42.76 -6.47
N SER A 945 -33.17 43.49 -5.49
CA SER A 945 -34.58 43.86 -5.49
C SER A 945 -34.76 45.29 -6.00
N THR A 946 -35.87 45.50 -6.70
CA THR A 946 -36.23 46.82 -7.19
C THR A 946 -36.84 47.71 -6.11
N SER A 947 -37.24 47.14 -4.97
CA SER A 947 -37.85 47.89 -3.89
C SER A 947 -36.82 48.23 -2.82
N GLY A 948 -37.03 49.35 -2.15
CA GLY A 948 -36.17 49.73 -1.05
C GLY A 948 -36.80 49.39 0.29
N VAL A 949 -36.85 50.36 1.20
CA VAL A 949 -37.55 50.15 2.46
C VAL A 949 -39.04 50.19 2.19
N LEU A 950 -39.70 49.04 2.34
CA LEU A 950 -41.11 48.95 2.05
C LEU A 950 -41.92 49.76 3.07
N PRO A 951 -43.08 50.29 2.66
CA PRO A 951 -43.97 50.92 3.62
C PRO A 951 -44.56 49.88 4.57
N PHE A 952 -45.00 50.35 5.73
CA PHE A 952 -45.65 49.45 6.67
C PHE A 952 -46.93 48.90 6.06
N ASP A 953 -47.11 47.59 6.20
CA ASP A 953 -48.30 46.92 5.66
C ASP A 953 -48.54 45.67 6.49
N GLU A 954 -49.55 45.70 7.36
CA GLU A 954 -49.75 44.59 8.28
C GLU A 954 -50.14 43.31 7.54
N LYS A 955 -50.95 43.40 6.49
CA LYS A 955 -51.37 42.20 5.79
C LYS A 955 -50.19 41.47 5.17
N SER A 956 -49.24 42.22 4.61
CA SER A 956 -48.03 41.60 4.07
C SER A 956 -47.20 40.95 5.16
N ILE A 957 -47.05 41.62 6.31
CA ILE A 957 -46.30 41.03 7.41
C ILE A 957 -47.02 39.80 7.96
N LEU A 958 -48.34 39.88 8.07
CA LEU A 958 -49.11 38.73 8.54
C LEU A 958 -49.03 37.58 7.54
N GLN A 959 -49.10 37.89 6.25
CA GLN A 959 -49.01 36.85 5.23
C GLN A 959 -47.64 36.19 5.23
N LYS A 960 -46.58 36.97 5.40
CA LYS A 960 -45.23 36.41 5.37
C LYS A 960 -44.98 35.47 6.55
N TYR A 961 -45.50 35.83 7.72
CA TYR A 961 -45.27 35.00 8.90
C TYR A 961 -45.89 33.62 8.72
N ALA A 962 -47.10 33.56 8.17
CA ALA A 962 -47.75 32.27 7.96
C ALA A 962 -47.01 31.42 6.94
N MET A 963 -46.45 32.04 5.90
CA MET A 963 -45.74 31.29 4.88
C MET A 963 -44.45 30.68 5.42
N VAL A 964 -43.78 31.38 6.33
CA VAL A 964 -42.61 30.81 6.99
C VAL A 964 -43.03 29.72 7.97
N LYS A 965 -44.12 29.95 8.69
CA LYS A 965 -44.60 28.97 9.66
C LYS A 965 -45.00 27.67 8.97
N THR A 966 -45.70 27.76 7.85
CA THR A 966 -46.10 26.57 7.12
C THR A 966 -44.93 25.88 6.44
N PHE A 967 -43.94 26.66 5.99
CA PHE A 967 -42.76 26.05 5.38
C PHE A 967 -41.99 25.21 6.38
N CYS A 968 -41.85 25.70 7.61
CA CYS A 968 -41.15 24.93 8.64
C CYS A 968 -41.94 23.70 9.05
N LYS A 969 -43.27 23.81 9.05
CA LYS A 969 -44.11 22.68 9.44
C LYS A 969 -44.00 21.55 8.42
N ASN A 970 -43.91 21.87 7.14
CA ASN A 970 -43.82 20.88 6.07
C ASN A 970 -42.39 20.54 5.70
N LEU A 971 -41.42 21.09 6.42
CA LEU A 971 -40.02 20.86 6.05
C LEU A 971 -39.63 19.39 6.06
N PRO A 972 -40.03 18.54 7.01
CA PRO A 972 -39.60 17.14 6.97
C PRO A 972 -40.07 16.36 5.76
N TYR A 973 -41.00 16.88 4.96
CA TYR A 973 -41.40 16.24 3.72
C TYR A 973 -40.32 16.32 2.65
N VAL A 974 -39.26 17.09 2.89
CA VAL A 974 -38.07 17.00 2.05
C VAL A 974 -37.53 15.58 2.03
N PHE A 975 -37.70 14.87 3.15
CA PHE A 975 -37.21 13.51 3.27
C PHE A 975 -38.16 12.47 2.69
N ILE A 976 -39.36 12.85 2.26
CA ILE A 976 -40.25 11.85 1.70
C ILE A 976 -40.50 12.10 0.22
N ASN A 977 -41.40 13.04 -0.10
CA ASN A 977 -41.65 13.49 -1.47
C ASN A 977 -42.79 14.50 -1.45
N ASN A 978 -43.11 15.09 -2.60
CA ASN A 978 -44.16 16.09 -2.66
C ASN A 978 -45.57 15.48 -2.75
N ILE A 979 -45.66 14.18 -3.02
CA ILE A 979 -46.98 13.53 -3.02
C ILE A 979 -47.52 13.45 -1.60
N GLN A 980 -46.69 13.00 -0.67
CA GLN A 980 -47.12 12.88 0.71
C GLN A 980 -47.27 14.24 1.39
N GLU A 981 -46.56 15.26 0.90
CA GLU A 981 -46.73 16.60 1.43
C GLU A 981 -48.08 17.19 1.05
N ARG A 982 -48.53 16.94 -0.18
CA ARG A 982 -49.85 17.39 -0.59
C ARG A 982 -50.94 16.70 0.22
N LEU A 983 -50.80 15.40 0.44
CA LEU A 983 -51.80 14.64 1.19
C LEU A 983 -51.67 14.86 2.69
N GLN A 984 -50.55 15.43 3.15
CA GLN A 984 -50.30 15.68 4.57
C GLN A 984 -50.44 14.42 5.40
N THR A 985 -49.82 13.35 4.94
CA THR A 985 -49.77 12.12 5.71
C THR A 985 -48.83 12.31 6.89
N PRO A 986 -48.99 11.51 7.95
CA PRO A 986 -48.15 11.69 9.13
C PRO A 986 -46.67 11.51 8.84
N ILE A 987 -45.85 12.31 9.52
CA ILE A 987 -44.40 12.26 9.38
C ILE A 987 -43.82 11.38 10.48
N PRO A 988 -42.88 10.48 10.16
CA PRO A 988 -42.21 9.72 11.21
C PRO A 988 -41.44 10.62 12.15
N VAL A 989 -41.33 10.19 13.40
CA VAL A 989 -40.70 11.00 14.43
C VAL A 989 -39.23 11.24 14.11
N TYR A 990 -38.55 10.26 13.53
CA TYR A 990 -37.13 10.44 13.24
C TYR A 990 -36.91 11.39 12.07
N LEU A 991 -37.92 11.60 11.23
CA LEU A 991 -37.80 12.62 10.18
C LEU A 991 -38.15 14.00 10.68
N LYS A 992 -38.99 14.08 11.73
CA LYS A 992 -39.20 15.37 12.39
C LYS A 992 -37.93 15.86 13.05
N ARG A 993 -37.19 14.97 13.69
CA ARG A 993 -35.95 15.35 14.37
C ARG A 993 -34.84 15.72 13.40
N ALA A 994 -34.87 15.20 12.17
CA ALA A 994 -33.79 15.47 11.24
C ALA A 994 -33.84 16.89 10.71
N ALA A 995 -35.02 17.49 10.69
CA ALA A 995 -35.20 18.85 10.21
C ALA A 995 -35.17 19.88 11.33
N SER A 996 -34.64 19.51 12.50
CA SER A 996 -34.69 20.41 13.64
C SER A 996 -33.69 21.55 13.53
N LEU A 997 -32.46 21.28 13.09
CA LEU A 997 -31.50 22.36 12.91
C LEU A 997 -31.95 23.33 11.82
N MET A 998 -32.45 22.80 10.70
CA MET A 998 -32.87 23.66 9.61
C MET A 998 -34.13 24.43 9.95
N ARG A 999 -35.04 23.83 10.72
CA ARG A 999 -36.20 24.57 11.22
C ARG A 999 -35.76 25.71 12.13
N MET A 1000 -34.80 25.43 13.00
CA MET A 1000 -34.28 26.46 13.89
C MET A 1000 -33.64 27.59 13.10
N LEU A 1001 -32.83 27.26 12.09
CA LEU A 1001 -32.14 28.27 11.31
C LEU A 1001 -33.09 29.11 10.50
N ILE A 1002 -34.10 28.49 9.89
CA ILE A 1002 -35.05 29.25 9.09
C ILE A 1002 -35.82 30.24 9.96
N ARG A 1003 -36.23 29.82 11.15
CA ARG A 1003 -36.97 30.72 12.04
C ARG A 1003 -36.10 31.85 12.57
N ILE A 1004 -34.78 31.66 12.63
CA ILE A 1004 -33.89 32.75 13.02
C ILE A 1004 -33.74 33.73 11.87
N GLU A 1005 -33.28 33.26 10.72
CA GLU A 1005 -32.93 34.13 9.61
C GLU A 1005 -34.15 34.65 8.87
N LEU A 1006 -35.31 34.04 9.03
CA LEU A 1006 -36.53 34.53 8.42
C LEU A 1006 -37.49 35.10 9.46
N ALA A 1007 -36.93 35.61 10.56
CA ALA A 1007 -37.75 36.22 11.59
C ALA A 1007 -38.34 37.53 11.07
N THR A 1008 -39.43 37.96 11.69
CA THR A 1008 -40.12 39.16 11.23
C THR A 1008 -39.23 40.39 11.31
N VAL A 1009 -38.36 40.46 12.31
CA VAL A 1009 -37.43 41.58 12.43
C VAL A 1009 -36.37 41.57 11.35
N LYS A 1010 -36.26 40.50 10.57
CA LYS A 1010 -35.25 40.40 9.52
C LYS A 1010 -35.83 40.39 8.12
N THR A 1011 -37.13 40.18 7.98
CA THR A 1011 -37.74 40.15 6.66
C THR A 1011 -38.80 41.23 6.53
N LEU A 1012 -38.51 42.42 7.05
CA LEU A 1012 -39.46 43.53 6.94
C LEU A 1012 -39.55 44.04 5.50
N ASN A 1013 -38.40 44.20 4.84
CA ASN A 1013 -38.34 44.76 3.51
C ASN A 1013 -38.65 43.76 2.41
N ILE A 1014 -38.66 42.47 2.74
CA ILE A 1014 -38.87 41.42 1.76
C ILE A 1014 -40.36 41.33 1.45
N THR A 1015 -40.69 41.35 0.17
CA THR A 1015 -42.09 41.24 -0.26
C THR A 1015 -42.59 39.80 -0.09
N CYS A 1016 -43.91 39.66 -0.11
CA CYS A 1016 -44.51 38.32 -0.09
C CYS A 1016 -44.13 37.54 -1.33
N GLU A 1017 -44.01 38.22 -2.46
CA GLU A 1017 -43.57 37.54 -3.68
C GLU A 1017 -42.10 37.16 -3.61
N GLN A 1018 -41.29 37.97 -2.92
CA GLN A 1018 -39.90 37.62 -2.73
C GLN A 1018 -39.73 36.55 -1.67
N MET A 1019 -40.68 36.44 -0.74
CA MET A 1019 -40.57 35.39 0.27
C MET A 1019 -40.81 34.01 -0.34
N SER A 1020 -41.81 33.88 -1.20
CA SER A 1020 -42.05 32.60 -1.85
C SER A 1020 -40.87 32.20 -2.73
N ALA A 1021 -40.13 33.19 -3.24
CA ALA A 1021 -38.90 32.89 -3.96
C ALA A 1021 -37.82 32.36 -3.04
N ILE A 1022 -37.72 32.94 -1.83
CA ILE A 1022 -36.71 32.48 -0.88
C ILE A 1022 -37.04 31.08 -0.40
N LEU A 1023 -38.30 30.83 -0.07
CA LEU A 1023 -38.68 29.51 0.45
C LEU A 1023 -38.45 28.43 -0.60
N ASP A 1024 -38.79 28.70 -1.85
CA ASP A 1024 -38.57 27.73 -2.92
C ASP A 1024 -37.10 27.43 -3.09
N LEU A 1025 -36.25 28.43 -2.96
CA LEU A 1025 -34.82 28.22 -3.10
C LEU A 1025 -34.21 27.54 -1.90
N ILE A 1026 -34.79 27.73 -0.71
CA ILE A 1026 -34.34 26.98 0.46
C ILE A 1026 -34.68 25.51 0.30
N ARG A 1027 -35.90 25.22 -0.14
CA ARG A 1027 -36.32 23.83 -0.30
C ARG A 1027 -35.58 23.15 -1.44
N LEU A 1028 -35.24 23.89 -2.49
CA LEU A 1028 -34.48 23.30 -3.59
C LEU A 1028 -33.08 22.92 -3.15
N GLN A 1029 -32.38 23.83 -2.49
CA GLN A 1029 -31.02 23.54 -2.05
C GLN A 1029 -30.98 22.47 -0.98
N TYR A 1030 -32.06 22.30 -0.22
CA TYR A 1030 -32.14 21.26 0.78
C TYR A 1030 -32.35 19.90 0.15
N THR A 1031 -33.16 19.83 -0.91
CA THR A 1031 -33.32 18.59 -1.65
C THR A 1031 -32.02 18.17 -2.32
N GLN A 1032 -31.26 19.13 -2.84
CA GLN A 1032 -30.01 18.82 -3.53
C GLN A 1032 -28.90 18.38 -2.59
N SER A 1033 -29.08 18.54 -1.29
CA SER A 1033 -28.04 18.20 -0.32
C SER A 1033 -28.27 16.85 0.35
N LEU A 1034 -29.31 16.13 -0.02
CA LEU A 1034 -29.61 14.84 0.59
C LEU A 1034 -28.74 13.74 -0.01
N ILE A 1035 -28.45 12.72 0.79
CA ILE A 1035 -27.62 11.62 0.33
C ILE A 1035 -28.39 10.76 -0.67
N ASN A 1036 -27.66 10.18 -1.62
CA ASN A 1036 -28.30 9.42 -2.68
C ASN A 1036 -28.65 8.02 -2.23
N TYR A 1037 -29.74 7.49 -2.79
CA TYR A 1037 -30.08 6.10 -2.60
C TYR A 1037 -28.99 5.22 -3.18
N GLY A 1038 -28.56 4.22 -2.43
CA GLY A 1038 -27.59 3.29 -2.93
C GLY A 1038 -26.17 3.77 -2.94
N GLU A 1039 -25.83 4.73 -2.09
CA GLU A 1039 -24.48 5.22 -1.96
C GLU A 1039 -23.72 4.37 -0.95
N ALA A 1040 -22.53 3.91 -1.33
CA ALA A 1040 -21.68 3.11 -0.46
C ALA A 1040 -21.03 4.03 0.56
N VAL A 1041 -21.80 4.38 1.59
CA VAL A 1041 -21.34 5.32 2.60
C VAL A 1041 -20.42 4.70 3.64
N GLY A 1042 -20.36 3.37 3.71
CA GLY A 1042 -19.39 2.74 4.59
C GLY A 1042 -17.99 2.81 4.03
N ILE A 1043 -17.84 2.75 2.71
CA ILE A 1043 -16.55 2.97 2.10
C ILE A 1043 -16.11 4.42 2.25
N LEU A 1044 -17.07 5.35 2.15
CA LEU A 1044 -16.75 6.76 2.33
C LEU A 1044 -16.24 7.03 3.73
N ALA A 1045 -16.84 6.40 4.74
CA ALA A 1045 -16.39 6.59 6.11
C ALA A 1045 -15.02 5.99 6.32
N ALA A 1046 -14.76 4.80 5.77
CA ALA A 1046 -13.47 4.15 5.95
C ALA A 1046 -12.36 4.96 5.29
N GLN A 1047 -12.63 5.53 4.12
CA GLN A 1047 -11.65 6.38 3.46
C GLN A 1047 -11.40 7.66 4.25
N SER A 1048 -12.47 8.25 4.79
CA SER A 1048 -12.38 9.55 5.43
C SER A 1048 -11.74 9.49 6.81
N VAL A 1049 -11.85 8.37 7.51
CA VAL A 1049 -11.26 8.25 8.84
C VAL A 1049 -9.85 7.68 8.77
N SER A 1050 -9.54 6.88 7.76
CA SER A 1050 -8.20 6.33 7.63
C SER A 1050 -7.18 7.36 7.15
N GLU A 1051 -7.62 8.49 6.63
CA GLU A 1051 -6.72 9.53 6.15
C GLU A 1051 -6.13 10.34 7.30
N PRO A 1052 -6.90 10.77 8.29
CA PRO A 1052 -6.30 11.45 9.45
C PRO A 1052 -5.48 10.54 10.36
N LEU A 1053 -5.56 9.22 10.20
CA LEU A 1053 -4.66 8.33 10.92
C LEU A 1053 -3.24 8.37 10.37
N THR A 1054 -3.06 8.84 9.13
CA THR A 1054 -1.70 8.98 8.60
C THR A 1054 -0.90 9.97 9.42
N GLN A 1055 -1.50 11.12 9.75
CA GLN A 1055 -0.85 12.11 10.57
C GLN A 1055 -0.94 11.80 12.05
N TYR A 1056 -1.23 10.56 12.41
CA TYR A 1056 -1.31 10.16 13.81
C TYR A 1056 -0.31 9.06 14.11
N GLY A 1073 -1.52 5.31 13.62
CA GLY A 1073 -1.95 3.94 13.88
C GLY A 1073 -1.35 3.37 15.15
N ILE A 1074 -1.13 4.24 16.13
CA ILE A 1074 -0.53 3.85 17.40
C ILE A 1074 -1.56 3.06 18.21
N VAL A 1075 -1.14 2.53 19.35
CA VAL A 1075 -1.94 1.67 20.21
C VAL A 1075 -3.39 2.13 20.36
N ARG A 1076 -3.60 3.44 20.56
CA ARG A 1076 -4.94 3.91 20.90
C ARG A 1076 -5.95 3.66 19.78
N PRO A 1077 -5.65 3.96 18.50
CA PRO A 1077 -6.55 3.51 17.43
C PRO A 1077 -6.77 2.00 17.43
N GLN A 1078 -5.74 1.22 17.68
CA GLN A 1078 -5.88 -0.23 17.69
C GLN A 1078 -6.66 -0.74 18.89
N GLU A 1079 -6.92 0.09 19.89
CA GLU A 1079 -7.78 -0.29 21.01
C GLU A 1079 -9.23 0.06 20.77
N ILE A 1080 -9.50 1.16 20.08
CA ILE A 1080 -10.88 1.52 19.74
C ILE A 1080 -11.46 0.53 18.74
N PHE A 1081 -10.72 0.25 17.67
CA PHE A 1081 -11.24 -0.54 16.57
C PHE A 1081 -11.22 -2.03 16.84
N SER A 1082 -10.47 -2.48 17.83
CA SER A 1082 -10.43 -3.88 18.21
C SER A 1082 -11.37 -4.21 19.35
N ALA A 1083 -12.07 -3.22 19.89
CA ALA A 1083 -12.98 -3.40 21.02
C ALA A 1083 -12.27 -4.09 22.19
N LYS A 1084 -11.05 -3.62 22.48
CA LYS A 1084 -10.27 -4.24 23.54
C LYS A 1084 -10.90 -3.95 24.90
N PRO A 1085 -10.87 -4.92 25.82
CA PRO A 1085 -11.48 -4.70 27.13
C PRO A 1085 -10.71 -3.69 27.98
N VAL A 1086 -11.19 -3.43 29.20
CA VAL A 1086 -10.56 -2.42 30.04
C VAL A 1086 -9.15 -2.83 30.42
N GLU A 1087 -8.95 -4.09 30.80
CA GLU A 1087 -7.64 -4.53 31.27
C GLU A 1087 -6.57 -4.51 30.18
N ALA A 1088 -6.98 -4.48 28.91
CA ALA A 1088 -6.03 -4.47 27.80
C ALA A 1088 -5.63 -3.07 27.39
N GLU A 1089 -6.11 -2.05 28.07
CA GLU A 1089 -5.84 -0.67 27.69
C GLU A 1089 -4.49 -0.21 28.24
N GLN A 1090 -3.92 0.77 27.58
CA GLN A 1090 -2.60 1.31 27.94
C GLN A 1090 -2.64 2.77 28.36
N SER A 1091 -3.72 3.48 28.05
CA SER A 1091 -3.79 4.92 28.25
C SER A 1091 -5.15 5.31 28.83
N SER A 1092 -5.66 4.51 29.76
CA SER A 1092 -6.97 4.75 30.33
C SER A 1092 -6.95 5.98 31.23
N GLU A 1093 -8.02 6.77 31.18
CA GLU A 1093 -8.13 8.01 31.93
C GLU A 1093 -9.54 8.14 32.47
N MET A 1094 -9.76 9.25 33.17
CA MET A 1094 -11.07 9.55 33.73
C MET A 1094 -11.09 11.04 34.08
N LEU A 1095 -12.28 11.62 34.12
CA LEU A 1095 -12.42 13.06 34.39
C LEU A 1095 -13.55 13.24 35.39
N LEU A 1096 -13.20 13.38 36.66
CA LEU A 1096 -14.16 13.46 37.75
C LEU A 1096 -14.46 14.91 38.07
N ARG A 1097 -15.73 15.28 38.03
CA ARG A 1097 -16.13 16.60 38.46
C ARG A 1097 -16.31 16.63 39.97
N LEU A 1098 -16.25 17.82 40.55
CA LEU A 1098 -16.39 17.98 41.99
C LEU A 1098 -17.86 18.01 42.36
N LYS A 1099 -18.13 17.75 43.64
CA LYS A 1099 -19.47 17.49 44.12
C LYS A 1099 -20.39 18.71 44.06
N ASN A 1100 -19.85 19.90 43.82
CA ASN A 1100 -20.63 21.11 44.01
C ASN A 1100 -20.14 22.21 43.08
N PRO A 1101 -21.02 22.89 42.35
CA PRO A 1101 -20.59 24.02 41.51
C PRO A 1101 -20.00 25.17 42.30
N GLU A 1102 -20.31 25.32 43.58
CA GLU A 1102 -19.70 26.36 44.40
C GLU A 1102 -18.28 26.02 44.82
N VAL A 1103 -17.99 24.75 45.09
CA VAL A 1103 -16.69 24.33 45.59
C VAL A 1103 -15.72 24.03 44.47
N GLU A 1104 -16.14 24.15 43.22
CA GLU A 1104 -15.26 23.90 42.09
C GLU A 1104 -14.18 24.97 41.95
N THR A 1105 -14.39 26.14 42.54
CA THR A 1105 -13.48 27.26 42.34
C THR A 1105 -12.18 27.09 43.10
N ASN A 1106 -12.22 26.49 44.28
CA ASN A 1106 -11.05 26.41 45.14
C ASN A 1106 -10.10 25.33 44.62
N LYS A 1107 -8.92 25.74 44.16
CA LYS A 1107 -7.92 24.76 43.74
C LYS A 1107 -7.42 23.92 44.91
N THR A 1108 -7.28 24.53 46.08
CA THR A 1108 -6.82 23.80 47.25
C THR A 1108 -7.79 22.70 47.64
N TYR A 1109 -9.09 22.98 47.56
CA TYR A 1109 -10.09 21.96 47.85
C TYR A 1109 -10.00 20.81 46.85
N ALA A 1110 -9.74 21.13 45.58
CA ALA A 1110 -9.59 20.09 44.57
C ALA A 1110 -8.39 19.21 44.87
N GLN A 1111 -7.31 19.79 45.38
CA GLN A 1111 -6.14 19.00 45.73
C GLN A 1111 -6.41 18.07 46.90
N GLU A 1112 -7.27 18.49 47.84
CA GLU A 1112 -7.62 17.62 48.97
C GLU A 1112 -8.28 16.34 48.48
N ILE A 1113 -9.25 16.48 47.58
CA ILE A 1113 -9.98 15.32 47.08
C ILE A 1113 -9.14 14.51 46.11
N ALA A 1114 -8.33 15.17 45.29
CA ALA A 1114 -7.49 14.47 44.32
C ALA A 1114 -6.49 13.53 44.97
N ASN A 1115 -6.11 13.79 46.22
CA ASN A 1115 -5.20 12.91 46.95
C ASN A 1115 -5.93 11.75 47.61
N SER A 1116 -7.19 11.98 47.99
CA SER A 1116 -7.97 10.94 48.67
C SER A 1116 -8.24 9.76 47.76
N ILE A 1117 -8.60 10.02 46.50
CA ILE A 1117 -9.15 8.95 45.65
C ILE A 1117 -8.04 8.06 45.10
N GLU A 1118 -6.81 8.58 45.05
CA GLU A 1118 -5.72 7.83 44.43
C GLU A 1118 -5.42 6.55 45.21
N LEU A 1119 -4.93 5.52 44.53
CA LEU A 1119 -4.70 4.22 45.14
C LEU A 1119 -3.37 4.23 45.90
N ILE A 1120 -3.45 4.42 47.21
CA ILE A 1120 -2.33 4.18 48.10
C ILE A 1120 -2.54 2.81 48.76
N THR A 1121 -2.03 1.77 48.12
CA THR A 1121 -2.24 0.40 48.60
C THR A 1121 -1.27 0.12 49.75
N PHE A 1122 -1.24 -1.12 50.20
CA PHE A 1122 -0.43 -1.48 51.35
C PHE A 1122 1.04 -1.72 51.02
N GLU A 1123 1.36 -2.04 49.77
CA GLU A 1123 2.74 -2.30 49.39
C GLU A 1123 3.61 -1.06 49.56
N ARG A 1124 3.18 0.07 48.99
CA ARG A 1124 3.99 1.27 48.96
C ARG A 1124 4.17 1.91 50.32
N LEU A 1125 3.31 1.59 51.29
CA LEU A 1125 3.52 2.10 52.64
C LEU A 1125 4.65 1.34 53.34
N ILE A 1126 4.85 0.07 52.96
CA ILE A 1126 5.86 -0.75 53.61
C ILE A 1126 7.21 -0.49 52.97
N LEU A 1127 8.19 -0.10 53.80
CA LEU A 1127 9.57 0.06 53.36
C LEU A 1127 10.33 -1.26 53.46
N GLN A 1128 10.19 -1.96 54.58
CA GLN A 1128 10.81 -3.25 54.80
C GLN A 1128 9.78 -4.23 55.36
N TRP A 1129 9.88 -5.48 54.94
CA TRP A 1129 8.96 -6.50 55.43
C TRP A 1129 9.64 -7.87 55.40
N HIS A 1130 9.31 -8.70 56.38
CA HIS A 1130 9.91 -10.01 56.56
C HIS A 1130 8.82 -11.05 56.71
N LEU A 1131 8.86 -12.10 55.89
CA LEU A 1131 7.91 -13.19 55.98
C LEU A 1131 8.53 -14.32 56.80
N LEU A 1132 7.80 -14.80 57.80
CA LEU A 1132 8.31 -15.83 58.69
C LEU A 1132 7.19 -16.73 59.18
N VAL A 1143 12.67 -18.37 71.95
CA VAL A 1143 13.72 -17.45 71.53
C VAL A 1143 13.74 -17.37 70.02
N MET A 1144 13.05 -16.38 69.47
CA MET A 1144 12.79 -16.30 68.04
C MET A 1144 13.97 -15.64 67.32
N TYR A 1145 13.78 -15.27 66.06
CA TYR A 1145 14.80 -14.72 65.18
C TYR A 1145 15.49 -13.52 65.80
N PRO A 1146 16.73 -13.22 65.40
CA PRO A 1146 17.44 -12.08 65.99
C PRO A 1146 16.81 -10.75 65.60
N ASP A 1147 17.19 -9.72 66.34
CA ASP A 1147 16.67 -8.37 66.17
C ASP A 1147 15.17 -8.27 66.42
N PHE A 1148 14.60 -9.28 67.08
CA PHE A 1148 13.19 -9.29 67.44
C PHE A 1148 12.96 -9.00 68.92
N ALA A 1149 14.02 -8.63 69.65
CA ALA A 1149 13.85 -8.27 71.05
C ALA A 1149 12.92 -7.08 71.20
N SER A 1150 12.88 -6.20 70.21
CA SER A 1150 11.86 -5.16 70.17
C SER A 1150 10.47 -5.77 70.00
N ASP A 1151 10.34 -6.80 69.17
CA ASP A 1151 9.06 -7.46 68.95
C ASP A 1151 8.52 -8.11 70.23
N VAL A 1152 9.37 -8.81 70.98
CA VAL A 1152 8.93 -9.34 72.26
C VAL A 1152 8.72 -8.19 73.25
N GLU A 1153 9.49 -7.11 73.11
CA GLU A 1153 9.16 -5.88 73.84
C GLU A 1153 7.88 -5.26 73.30
N TRP A 1154 7.65 -5.36 71.98
CA TRP A 1154 6.37 -4.94 71.42
C TRP A 1154 5.25 -5.85 71.91
N MET A 1155 5.55 -7.13 72.13
CA MET A 1155 4.58 -8.04 72.73
C MET A 1155 4.22 -7.59 74.15
N THR A 1156 5.20 -7.01 74.85
CA THR A 1156 4.98 -6.61 76.23
C THR A 1156 4.08 -5.38 76.33
N ASP A 1157 4.51 -4.27 75.74
CA ASP A 1157 3.80 -3.01 75.87
C ASP A 1157 2.48 -2.98 75.13
N PHE A 1158 2.31 -3.75 74.06
CA PHE A 1158 1.05 -3.76 73.34
C PHE A 1158 -0.05 -4.43 74.15
N LEU A 1159 0.30 -5.49 74.87
CA LEU A 1159 -0.70 -6.22 75.64
C LEU A 1159 -1.22 -5.42 76.82
N GLU A 1160 -0.39 -4.56 77.41
CA GLU A 1160 -0.83 -3.78 78.57
C GLU A 1160 -1.64 -2.56 78.16
N ASN A 1161 -1.59 -2.16 76.88
CA ASN A 1161 -2.33 -0.99 76.43
C ASN A 1161 -3.83 -1.21 76.59
N HIS A 1162 -4.33 -2.34 76.12
CA HIS A 1162 -5.73 -2.70 76.22
C HIS A 1162 -5.85 -4.21 76.37
N PRO A 1163 -6.51 -4.70 77.42
CA PRO A 1163 -6.65 -6.15 77.60
C PRO A 1163 -7.85 -6.72 76.87
N LEU A 1164 -8.47 -5.92 75.99
CA LEU A 1164 -9.61 -6.41 75.22
C LEU A 1164 -9.21 -7.57 74.32
N LEU A 1165 -8.09 -7.43 73.62
CA LEU A 1165 -7.66 -8.39 72.61
C LEU A 1165 -6.24 -8.82 72.86
N GLN A 1166 -5.95 -10.08 72.57
CA GLN A 1166 -4.66 -10.72 72.77
C GLN A 1166 -4.45 -11.69 71.61
N PRO A 1167 -3.29 -12.32 71.48
CA PRO A 1167 -3.14 -13.40 70.50
C PRO A 1167 -4.20 -14.45 70.71
N PRO A 1168 -5.17 -14.57 69.80
CA PRO A 1168 -6.39 -15.33 70.12
C PRO A 1168 -6.18 -16.84 70.16
N GLU A 1169 -7.25 -17.59 70.36
CA GLU A 1169 -7.13 -19.04 70.50
C GLU A 1169 -6.61 -19.70 69.24
N ASP A 1170 -6.73 -19.05 68.09
CA ASP A 1170 -6.27 -19.60 66.82
C ASP A 1170 -5.09 -18.76 66.31
N ILE A 1171 -3.88 -19.20 66.63
CA ILE A 1171 -2.66 -18.62 66.09
C ILE A 1171 -1.61 -19.72 66.03
N ALA A 1172 -1.17 -20.09 64.82
CA ALA A 1172 -0.39 -21.33 64.76
C ALA A 1172 1.13 -21.17 64.76
N ASN A 1173 1.72 -20.70 63.66
CA ASN A 1173 3.19 -20.76 63.60
C ASN A 1173 3.86 -19.67 62.77
N TRP A 1174 3.17 -18.62 62.33
CA TRP A 1174 3.76 -17.69 61.38
C TRP A 1174 3.85 -16.28 61.97
N CYS A 1175 4.89 -15.56 61.56
CA CYS A 1175 5.18 -14.21 62.06
C CYS A 1175 5.49 -13.30 60.87
N ILE A 1176 4.47 -12.66 60.32
CA ILE A 1176 4.64 -11.79 59.15
C ILE A 1176 4.88 -10.38 59.70
N ARG A 1177 6.14 -10.10 60.01
CA ARG A 1177 6.52 -8.79 60.55
C ARG A 1177 6.84 -7.82 59.43
N LEU A 1178 6.32 -6.61 59.57
CA LEU A 1178 6.57 -5.54 58.62
C LEU A 1178 6.97 -4.29 59.36
N GLU A 1179 7.50 -3.32 58.64
CA GLU A 1179 7.73 -1.99 59.17
C GLU A 1179 7.29 -0.96 58.13
N LEU A 1180 6.78 0.16 58.62
CA LEU A 1180 6.12 1.15 57.78
C LEU A 1180 7.02 2.36 57.62
N ASN A 1181 7.29 2.73 56.36
CA ASN A 1181 7.97 3.98 56.08
C ASN A 1181 7.15 5.14 56.66
N LYS A 1182 7.82 6.02 57.39
CA LYS A 1182 7.13 7.13 58.02
C LYS A 1182 7.10 8.38 57.17
N THR A 1183 8.02 8.52 56.22
CA THR A 1183 8.02 9.68 55.34
C THR A 1183 6.77 9.73 54.49
N THR A 1184 6.39 8.60 53.89
CA THR A 1184 5.18 8.53 53.07
C THR A 1184 3.93 8.72 53.91
N MET A 1185 3.92 8.19 55.14
CA MET A 1185 2.79 8.38 56.04
C MET A 1185 2.56 9.85 56.32
N ILE A 1186 3.64 10.60 56.56
CA ILE A 1186 3.51 12.06 56.67
C ILE A 1186 3.22 12.68 55.31
N LEU A 1187 3.73 12.09 54.22
CA LEU A 1187 3.61 12.68 52.91
C LEU A 1187 2.15 12.81 52.48
N LYS A 1188 1.36 11.75 52.67
CA LYS A 1188 -0.05 11.73 52.29
C LYS A 1188 -0.97 11.69 53.49
N SER A 1189 -0.45 12.05 54.67
CA SER A 1189 -1.24 12.22 55.89
C SER A 1189 -2.00 10.94 56.26
N ILE A 1190 -1.37 9.80 56.03
CA ILE A 1190 -1.92 8.54 56.52
C ILE A 1190 -1.82 8.52 58.04
N SER A 1191 -2.69 7.74 58.67
CA SER A 1191 -2.68 7.56 60.12
C SER A 1191 -2.55 6.07 60.45
N LEU A 1192 -1.92 5.79 61.59
CA LEU A 1192 -1.78 4.41 62.04
C LEU A 1192 -3.13 3.81 62.43
N GLU A 1193 -4.04 4.62 62.97
CA GLU A 1193 -5.39 4.15 63.23
C GLU A 1193 -6.09 3.74 61.96
N SER A 1194 -5.90 4.50 60.88
CA SER A 1194 -6.51 4.16 59.60
C SER A 1194 -5.98 2.83 59.08
N ILE A 1195 -4.66 2.63 59.13
CA ILE A 1195 -4.06 1.42 58.58
C ILE A 1195 -4.58 0.18 59.31
N ILE A 1196 -4.63 0.23 60.64
CA ILE A 1196 -4.99 -0.93 61.43
C ILE A 1196 -6.46 -1.28 61.21
N ASN A 1197 -7.33 -0.28 61.28
CA ASN A 1197 -8.75 -0.52 61.12
C ASN A 1197 -9.07 -1.01 59.72
N SER A 1198 -8.29 -0.58 58.72
CA SER A 1198 -8.48 -1.08 57.37
C SER A 1198 -8.12 -2.55 57.26
N LEU A 1199 -7.03 -2.96 57.92
CA LEU A 1199 -6.53 -4.31 57.79
C LEU A 1199 -7.45 -5.36 58.43
N ARG A 1200 -8.16 -5.00 59.50
CA ARG A 1200 -9.02 -5.98 60.16
C ARG A 1200 -10.49 -5.69 59.91
N ALA A 1201 -10.79 -5.03 58.79
CA ALA A 1201 -12.17 -4.85 58.33
C ALA A 1201 -12.38 -5.49 56.96
N LYS A 1202 -11.35 -6.13 56.41
CA LYS A 1202 -11.43 -6.81 55.13
C LYS A 1202 -10.84 -8.20 55.24
N HIS A 1203 -9.95 -8.39 56.21
CA HIS A 1203 -9.24 -9.65 56.41
C HIS A 1203 -9.37 -10.07 57.87
N PRO A 1204 -10.53 -10.61 58.25
CA PRO A 1204 -10.72 -11.09 59.64
C PRO A 1204 -10.11 -12.47 59.86
N ASN A 1205 -8.87 -12.64 59.39
CA ASN A 1205 -8.11 -13.87 59.55
C ASN A 1205 -6.82 -13.60 60.31
N THR A 1206 -6.69 -12.41 60.88
CA THR A 1206 -5.42 -11.95 61.43
C THR A 1206 -5.69 -11.16 62.71
N TYR A 1207 -4.66 -11.08 63.55
CA TYR A 1207 -4.60 -10.12 64.64
C TYR A 1207 -3.28 -9.37 64.52
N ILE A 1208 -3.37 -8.04 64.55
CA ILE A 1208 -2.29 -7.21 64.01
C ILE A 1208 -1.21 -6.84 65.01
N MET A 1209 -1.56 -6.51 66.26
CA MET A 1209 -0.57 -6.07 67.24
C MET A 1209 0.20 -4.87 66.70
N HIS A 1210 -0.50 -3.75 66.52
CA HIS A 1210 0.03 -2.59 65.80
C HIS A 1210 1.24 -1.94 66.48
N SER A 1211 1.47 -2.22 67.75
CA SER A 1211 2.56 -1.59 68.52
C SER A 1211 2.31 -0.08 68.56
N VAL A 1212 3.37 0.71 68.69
CA VAL A 1212 3.23 2.16 68.82
C VAL A 1212 4.29 2.87 68.00
N ILE A 1221 8.06 2.91 62.85
CA ILE A 1221 6.81 2.21 63.10
C ILE A 1221 6.95 0.75 62.66
N ILE A 1222 6.37 -0.16 63.45
CA ILE A 1222 6.44 -1.58 63.16
C ILE A 1222 5.04 -2.17 63.20
N ILE A 1223 4.86 -3.25 62.46
CA ILE A 1223 3.59 -4.00 62.43
C ILE A 1223 3.93 -5.46 62.22
N ARG A 1224 3.20 -6.35 62.91
CA ARG A 1224 3.51 -7.78 62.91
C ARG A 1224 2.21 -8.55 62.80
N ILE A 1225 1.90 -9.00 61.58
CA ILE A 1225 0.64 -9.68 61.28
C ILE A 1225 0.80 -11.16 61.58
N TYR A 1226 -0.10 -11.69 62.40
CA TYR A 1226 -0.21 -13.12 62.69
C TYR A 1226 -1.50 -13.65 62.08
N LEU A 1227 -1.59 -14.98 61.97
CA LEU A 1227 -2.74 -15.57 61.31
C LEU A 1227 -3.41 -16.67 62.12
N ARG A 1228 -4.33 -17.40 61.49
CA ARG A 1228 -5.12 -18.44 62.13
C ARG A 1228 -5.04 -19.73 61.32
N GLU A 1229 -5.27 -20.85 62.01
CA GLU A 1229 -5.34 -22.13 61.31
C GLU A 1229 -6.60 -22.24 60.47
N SER A 1230 -7.64 -21.46 60.81
CA SER A 1230 -8.90 -21.49 60.08
C SER A 1230 -8.78 -20.95 58.66
N ALA A 1231 -7.68 -20.27 58.34
CA ALA A 1231 -7.54 -19.68 57.01
C ALA A 1231 -7.02 -20.68 55.98
N PHE A 1232 -6.62 -21.87 56.41
CA PHE A 1232 -5.94 -22.80 55.53
C PHE A 1232 -6.80 -23.98 55.09
N ARG A 1233 -7.86 -24.31 55.82
CA ARG A 1233 -8.53 -25.58 55.60
C ARG A 1233 -9.72 -25.47 54.65
N ARG A 1234 -10.11 -24.26 54.28
CA ARG A 1234 -11.16 -24.09 53.26
C ARG A 1234 -10.58 -23.98 51.87
N SER A 1235 -9.40 -24.58 51.68
CA SER A 1235 -8.77 -24.73 50.37
C SER A 1235 -8.99 -26.13 49.81
N THR A 1236 -10.18 -26.69 50.03
CA THR A 1236 -10.48 -28.04 49.58
C THR A 1236 -10.36 -28.20 48.07
N ASN A 1237 -10.47 -27.11 47.32
CA ASN A 1237 -10.32 -27.12 45.87
C ASN A 1237 -8.85 -27.17 45.46
N THR A 1238 -7.96 -27.41 46.40
CA THR A 1238 -6.52 -27.41 46.19
C THR A 1238 -5.92 -28.54 47.01
N ARG A 1239 -5.24 -29.47 46.33
CA ARG A 1239 -4.72 -30.65 47.00
C ARG A 1239 -3.20 -30.73 47.02
N MET A 1240 -2.50 -29.65 46.66
CA MET A 1240 -1.09 -29.50 46.96
C MET A 1240 -0.84 -28.38 47.96
N ALA A 1241 -1.87 -28.01 48.72
CA ALA A 1241 -1.86 -26.82 49.58
C ALA A 1241 -0.90 -27.05 50.73
N THR A 1242 0.30 -26.50 50.62
CA THR A 1242 1.31 -26.55 51.66
C THR A 1242 1.16 -25.35 52.58
N ASP A 1243 2.17 -25.13 53.43
CA ASP A 1243 2.20 -23.96 54.29
C ASP A 1243 2.96 -22.80 53.69
N GLU A 1244 3.99 -23.08 52.88
CA GLU A 1244 4.80 -22.02 52.30
C GLU A 1244 4.02 -21.18 51.31
N LYS A 1245 3.36 -21.84 50.35
CA LYS A 1245 2.65 -21.11 49.31
C LYS A 1245 1.44 -20.36 49.86
N ILE A 1246 0.60 -21.04 50.65
CA ILE A 1246 -0.62 -20.42 51.15
C ILE A 1246 -0.32 -19.26 52.08
N ALA A 1247 0.83 -19.27 52.75
CA ALA A 1247 1.21 -18.13 53.58
C ALA A 1247 1.61 -16.94 52.72
N VAL A 1248 2.29 -17.19 51.60
CA VAL A 1248 2.56 -16.10 50.66
C VAL A 1248 1.28 -15.70 49.94
N ASN A 1249 0.39 -16.65 49.67
CA ASN A 1249 -0.86 -16.34 49.00
C ASN A 1249 -1.71 -15.39 49.84
N VAL A 1250 -1.82 -15.64 51.14
CA VAL A 1250 -2.57 -14.73 52.00
C VAL A 1250 -1.82 -13.41 52.20
N VAL A 1251 -0.49 -13.43 52.17
CA VAL A 1251 0.27 -12.18 52.12
C VAL A 1251 -0.04 -11.43 50.82
N ASP A 1252 -0.09 -12.16 49.70
CA ASP A 1252 -0.44 -11.55 48.43
C ASP A 1252 -1.84 -10.98 48.44
N LYS A 1253 -2.78 -11.68 49.08
CA LYS A 1253 -4.13 -11.17 49.23
C LYS A 1253 -4.25 -10.09 50.30
N LEU A 1254 -3.27 -10.02 51.22
CA LEU A 1254 -3.24 -8.96 52.22
C LEU A 1254 -2.47 -7.74 51.75
N LEU A 1255 -1.37 -7.94 51.00
CA LEU A 1255 -0.58 -6.81 50.54
C LEU A 1255 -1.36 -5.94 49.55
N ASN A 1256 -2.27 -6.55 48.79
CA ASN A 1256 -3.07 -5.81 47.81
C ASN A 1256 -4.26 -5.10 48.44
N SER A 1257 -4.39 -5.14 49.76
CA SER A 1257 -5.52 -4.51 50.42
C SER A 1257 -5.43 -3.00 50.28
N THR A 1258 -6.53 -2.38 49.88
CA THR A 1258 -6.57 -0.94 49.67
C THR A 1258 -6.57 -0.24 51.02
N ILE A 1259 -5.57 0.62 51.23
CA ILE A 1259 -5.50 1.39 52.46
C ILE A 1259 -6.38 2.62 52.37
N ARG A 1260 -6.30 3.33 51.25
CA ARG A 1260 -7.14 4.49 51.03
C ARG A 1260 -7.13 4.83 49.55
N GLY A 1261 -8.32 4.97 48.96
CA GLY A 1261 -8.47 5.38 47.58
C GLY A 1261 -9.40 4.45 46.84
N ILE A 1262 -9.44 4.63 45.52
CA ILE A 1262 -10.32 3.89 44.64
C ILE A 1262 -9.46 2.94 43.81
N PRO A 1263 -9.78 1.65 43.76
CA PRO A 1263 -8.96 0.71 42.97
C PRO A 1263 -8.92 1.12 41.50
N GLY A 1264 -7.75 0.97 40.89
CA GLY A 1264 -7.53 1.29 39.51
C GLY A 1264 -7.10 2.72 39.26
N ILE A 1265 -7.29 3.61 40.23
CA ILE A 1265 -6.88 5.00 40.09
C ILE A 1265 -5.43 5.11 40.55
N LYS A 1266 -4.50 4.96 39.60
CA LYS A 1266 -3.08 4.95 39.95
C LYS A 1266 -2.59 6.32 40.37
N ASN A 1267 -2.93 7.36 39.61
CA ASN A 1267 -2.58 8.74 39.91
C ASN A 1267 -3.85 9.57 39.92
N ALA A 1268 -3.70 10.86 40.16
CA ALA A 1268 -4.80 11.80 40.02
C ALA A 1268 -4.25 13.21 40.09
N ASN A 1269 -4.55 14.02 39.08
CA ASN A 1269 -4.11 15.39 39.01
C ASN A 1269 -5.32 16.30 39.01
N VAL A 1270 -5.09 17.57 39.30
CA VAL A 1270 -6.15 18.58 39.26
C VAL A 1270 -5.94 19.39 38.00
N VAL A 1271 -7.00 19.49 37.19
CA VAL A 1271 -6.95 20.18 35.91
C VAL A 1271 -8.02 21.27 35.90
N LYS A 1272 -7.80 22.26 35.05
CA LYS A 1272 -8.68 23.41 34.93
C LYS A 1272 -9.55 23.23 33.69
N LEU A 1273 -10.87 23.31 33.86
CA LEU A 1273 -11.82 22.99 32.81
C LEU A 1273 -12.46 24.25 32.26
N MET A 1274 -12.78 24.21 30.99
CA MET A 1274 -13.51 25.27 30.31
C MET A 1274 -14.94 24.76 30.11
N ARG A 1275 -15.92 25.42 30.72
CA ARG A 1275 -17.28 24.95 30.63
C ARG A 1275 -18.24 26.13 30.52
N HIS A 1276 -19.40 25.89 29.92
CA HIS A 1276 -20.44 26.91 29.78
C HIS A 1276 -21.49 26.75 30.87
N ARG A 1277 -22.26 27.82 31.07
CA ARG A 1277 -23.33 27.81 32.05
C ARG A 1277 -24.23 29.01 31.79
N VAL A 1278 -25.51 28.86 32.11
CA VAL A 1278 -26.49 29.92 31.88
C VAL A 1278 -26.60 30.77 33.12
N ASP A 1279 -26.41 32.08 32.96
CA ASP A 1279 -26.49 33.00 34.08
C ASP A 1279 -27.93 33.18 34.53
N ALA A 1280 -28.11 34.00 35.56
CA ALA A 1280 -29.45 34.35 36.02
C ALA A 1280 -30.17 35.26 35.05
N GLN A 1281 -29.45 35.89 34.14
CA GLN A 1281 -30.02 36.72 33.09
C GLN A 1281 -30.27 35.95 31.80
N GLY A 1282 -30.01 34.64 31.80
CA GLY A 1282 -30.21 33.82 30.63
C GLY A 1282 -29.07 33.83 29.65
N LYS A 1283 -27.96 34.50 29.97
CA LYS A 1283 -26.81 34.54 29.09
C LYS A 1283 -25.95 33.31 29.30
N LEU A 1284 -25.41 32.77 28.21
CA LEU A 1284 -24.54 31.60 28.29
C LEU A 1284 -23.09 32.07 28.32
N VAL A 1285 -22.44 31.91 29.46
CA VAL A 1285 -21.07 32.35 29.65
C VAL A 1285 -20.18 31.13 29.77
N ARG A 1286 -18.94 31.28 29.34
CA ARG A 1286 -17.94 30.21 29.40
C ARG A 1286 -17.08 30.43 30.64
N LEU A 1287 -17.29 29.60 31.65
CA LEU A 1287 -16.55 29.74 32.89
C LEU A 1287 -15.19 29.03 32.78
N ASP A 1288 -14.13 29.75 33.12
CA ASP A 1288 -12.78 29.24 33.02
C ASP A 1288 -12.23 28.74 34.35
N ASN A 1289 -12.83 29.15 35.46
CA ASN A 1289 -12.31 28.88 36.80
C ASN A 1289 -12.96 27.65 37.40
N ILE A 1290 -12.80 26.51 36.74
CA ILE A 1290 -13.39 25.26 37.18
C ILE A 1290 -12.28 24.23 37.32
N TYR A 1291 -12.27 23.53 38.45
CA TYR A 1291 -11.26 22.53 38.75
C TYR A 1291 -11.90 21.16 38.82
N ALA A 1292 -11.14 20.15 38.40
CA ALA A 1292 -11.61 18.78 38.44
C ALA A 1292 -10.41 17.87 38.58
N ILE A 1293 -10.65 16.56 38.49
CA ILE A 1293 -9.62 15.54 38.68
C ILE A 1293 -9.51 14.73 37.41
N LYS A 1294 -8.29 14.51 36.95
CA LYS A 1294 -8.03 13.64 35.80
C LYS A 1294 -7.19 12.46 36.29
N THR A 1295 -7.84 11.35 36.56
CA THR A 1295 -7.16 10.19 37.12
C THR A 1295 -6.33 9.49 36.06
N ASN A 1296 -5.51 8.54 36.50
CA ASN A 1296 -4.74 7.69 35.61
C ASN A 1296 -5.25 6.27 35.81
N GLY A 1297 -6.22 5.88 34.99
CA GLY A 1297 -6.90 4.61 35.14
C GLY A 1297 -8.38 4.86 35.34
N THR A 1298 -9.19 3.94 34.86
CA THR A 1298 -10.64 4.10 34.89
C THR A 1298 -11.27 3.13 35.88
N ASN A 1299 -12.15 3.67 36.73
CA ASN A 1299 -13.05 2.86 37.54
C ASN A 1299 -14.29 3.73 37.74
N ILE A 1300 -15.27 3.55 36.85
CA ILE A 1300 -16.46 4.38 36.95
C ILE A 1300 -17.26 4.03 38.19
N PHE A 1301 -17.42 2.73 38.46
CA PHE A 1301 -18.20 2.32 39.63
C PHE A 1301 -17.51 2.73 40.93
N GLY A 1302 -16.18 2.73 40.95
CA GLY A 1302 -15.48 3.23 42.13
C GLY A 1302 -15.72 4.69 42.40
N ALA A 1303 -15.85 5.50 41.35
CA ALA A 1303 -16.10 6.92 41.52
C ALA A 1303 -17.53 7.24 41.94
N MET A 1304 -18.49 6.37 41.65
CA MET A 1304 -19.85 6.60 42.16
C MET A 1304 -19.98 6.27 43.64
N LEU A 1305 -19.18 5.34 44.15
CA LEU A 1305 -19.17 5.04 45.57
C LEU A 1305 -18.32 6.04 46.35
N ASP A 1306 -18.62 7.33 46.14
CA ASP A 1306 -17.77 8.41 46.63
C ASP A 1306 -18.53 9.73 46.58
N ASP A 1307 -18.62 10.41 47.71
CA ASP A 1307 -19.44 11.61 47.83
C ASP A 1307 -18.71 12.88 47.44
N ASN A 1308 -17.40 12.82 47.24
CA ASN A 1308 -16.64 13.99 46.83
C ASN A 1308 -16.67 14.21 45.33
N ILE A 1309 -17.22 13.28 44.58
CA ILE A 1309 -17.24 13.32 43.12
C ILE A 1309 -18.69 13.34 42.66
N ASP A 1310 -19.00 14.21 41.70
CA ASP A 1310 -20.34 14.23 41.14
C ASP A 1310 -20.55 12.97 40.33
N PRO A 1311 -21.53 12.12 40.67
CA PRO A 1311 -21.64 10.81 40.02
C PRO A 1311 -22.31 10.84 38.66
N TYR A 1312 -22.95 11.95 38.29
CA TYR A 1312 -23.71 12.03 37.06
C TYR A 1312 -22.90 12.57 35.89
N THR A 1313 -21.63 12.90 36.09
CA THR A 1313 -20.79 13.45 35.02
C THR A 1313 -19.41 12.81 35.02
N ILE A 1314 -19.35 11.51 35.30
CA ILE A 1314 -18.08 10.79 35.29
C ILE A 1314 -17.74 10.43 33.86
N VAL A 1315 -16.60 10.90 33.37
CA VAL A 1315 -16.20 10.71 31.99
C VAL A 1315 -14.98 9.83 31.98
N SER A 1316 -15.10 8.66 31.37
CA SER A 1316 -13.99 7.75 31.19
C SER A 1316 -13.60 7.71 29.72
N SER A 1317 -12.33 7.43 29.45
CA SER A 1317 -11.87 7.23 28.09
C SER A 1317 -11.98 5.77 27.67
N SER A 1318 -12.52 4.92 28.52
CA SER A 1318 -12.66 3.51 28.23
C SER A 1318 -14.03 3.24 27.63
N ILE A 1319 -14.04 2.63 26.44
CA ILE A 1319 -15.30 2.22 25.83
C ILE A 1319 -15.88 1.03 26.58
N GLY A 1320 -15.05 0.09 26.98
CA GLY A 1320 -15.54 -1.09 27.68
C GLY A 1320 -16.10 -0.78 29.05
N ASP A 1321 -15.46 0.14 29.77
CA ASP A 1321 -15.97 0.53 31.08
C ASP A 1321 -17.27 1.31 30.96
N THR A 1322 -17.40 2.13 29.91
CA THR A 1322 -18.64 2.86 29.68
C THR A 1322 -19.77 1.92 29.27
N MET A 1323 -19.47 0.93 28.43
CA MET A 1323 -20.48 -0.04 28.02
C MET A 1323 -20.94 -0.87 29.20
N GLU A 1324 -20.01 -1.31 30.05
CA GLU A 1324 -20.35 -2.18 31.17
C GLU A 1324 -21.24 -1.46 32.18
N LEU A 1325 -21.01 -0.17 32.39
CA LEU A 1325 -21.70 0.62 33.40
C LEU A 1325 -22.95 1.31 32.88
N TYR A 1326 -22.92 1.84 31.66
CA TYR A 1326 -23.93 2.77 31.18
C TYR A 1326 -24.82 2.20 30.09
N GLY A 1327 -24.29 1.34 29.22
CA GLY A 1327 -25.09 0.73 28.18
C GLY A 1327 -24.47 0.90 26.82
N ILE A 1328 -25.19 0.48 25.79
CA ILE A 1328 -24.68 0.53 24.43
C ILE A 1328 -24.82 1.92 23.81
N GLU A 1329 -25.82 2.69 24.24
CA GLU A 1329 -25.99 4.03 23.67
C GLU A 1329 -24.93 4.99 24.21
N ALA A 1330 -24.52 4.82 25.47
CA ALA A 1330 -23.41 5.60 26.00
C ALA A 1330 -22.07 5.11 25.44
N ALA A 1331 -21.96 3.82 25.11
CA ALA A 1331 -20.76 3.33 24.45
C ALA A 1331 -20.69 3.79 23.00
N ARG A 1332 -21.84 4.03 22.37
CA ARG A 1332 -21.84 4.57 21.01
C ARG A 1332 -21.29 5.99 21.00
N GLN A 1333 -21.72 6.82 21.95
CA GLN A 1333 -21.18 8.16 22.05
C GLN A 1333 -19.70 8.15 22.42
N LYS A 1334 -19.28 7.18 23.24
CA LYS A 1334 -17.89 7.09 23.64
C LYS A 1334 -17.00 6.74 22.47
N ILE A 1335 -17.46 5.87 21.57
CA ILE A 1335 -16.67 5.51 20.39
C ILE A 1335 -16.47 6.73 19.51
N ILE A 1336 -17.50 7.56 19.36
CA ILE A 1336 -17.37 8.77 18.56
C ILE A 1336 -16.35 9.72 19.17
N SER A 1337 -16.42 9.92 20.48
CA SER A 1337 -15.49 10.80 21.17
C SER A 1337 -14.08 10.25 21.13
N GLU A 1338 -13.91 8.94 21.30
CA GLU A 1338 -12.57 8.38 21.34
C GLU A 1338 -11.93 8.32 19.97
N ILE A 1339 -12.71 8.16 18.91
CA ILE A 1339 -12.16 8.29 17.56
C ILE A 1339 -11.84 9.75 17.26
N ARG A 1340 -12.67 10.67 17.75
CA ARG A 1340 -12.48 12.09 17.42
C ARG A 1340 -11.16 12.61 17.96
N THR A 1341 -10.77 12.20 19.16
CA THR A 1341 -9.49 12.65 19.70
C THR A 1341 -8.32 12.14 18.88
N VAL A 1342 -8.39 10.87 18.46
CA VAL A 1342 -7.33 10.29 17.64
C VAL A 1342 -7.23 10.98 16.29
N MET A 1343 -8.35 11.45 15.75
CA MET A 1343 -8.32 12.13 14.46
C MET A 1343 -7.48 13.40 14.51
N GLY A 1344 -7.60 14.17 15.59
CA GLY A 1344 -6.84 15.39 15.72
C GLY A 1344 -7.66 16.63 15.42
N ASP A 1345 -7.03 17.60 14.76
CA ASP A 1345 -7.67 18.87 14.44
C ASP A 1345 -8.25 18.90 13.03
N LYS A 1346 -7.65 18.17 12.10
CA LYS A 1346 -8.20 18.03 10.74
C LYS A 1346 -8.88 16.69 10.54
N GLY A 1347 -9.59 16.21 11.55
CA GLY A 1347 -10.34 14.97 11.43
C GLY A 1347 -11.50 15.13 10.48
N PRO A 1348 -12.12 14.01 10.10
CA PRO A 1348 -13.15 14.05 9.06
C PRO A 1348 -14.43 14.67 9.54
N ASN A 1349 -15.44 14.68 8.67
CA ASN A 1349 -16.76 15.15 9.08
C ASN A 1349 -17.30 14.24 10.18
N HIS A 1350 -18.31 14.74 10.89
CA HIS A 1350 -18.83 14.00 12.02
C HIS A 1350 -19.62 12.78 11.58
N ARG A 1351 -20.19 12.79 10.37
CA ARG A 1351 -20.99 11.65 9.93
C ARG A 1351 -20.16 10.44 9.60
N HIS A 1352 -18.87 10.61 9.35
CA HIS A 1352 -18.01 9.46 9.14
C HIS A 1352 -17.60 8.80 10.44
N LEU A 1353 -17.75 9.49 11.56
CA LEU A 1353 -17.51 8.92 12.88
C LEU A 1353 -18.76 8.22 13.41
N LEU A 1354 -19.94 8.75 13.11
CA LEU A 1354 -21.17 8.05 13.43
C LEU A 1354 -21.27 6.74 12.67
N MET A 1355 -20.56 6.61 11.56
CA MET A 1355 -20.60 5.39 10.78
C MET A 1355 -19.82 4.27 11.44
N TYR A 1356 -18.65 4.59 12.01
CA TYR A 1356 -17.93 3.59 12.79
C TYR A 1356 -18.70 3.21 14.04
N ALA A 1357 -19.27 4.18 14.75
CA ALA A 1357 -19.92 3.91 16.02
C ALA A 1357 -21.22 3.15 15.84
N ASP A 1358 -22.01 3.49 14.82
CA ASP A 1358 -23.28 2.82 14.62
C ASP A 1358 -23.11 1.40 14.11
N LEU A 1359 -22.03 1.13 13.37
CA LEU A 1359 -21.75 -0.23 12.93
C LEU A 1359 -21.24 -1.09 14.09
N MET A 1360 -20.31 -0.55 14.87
CA MET A 1360 -19.68 -1.31 15.94
C MET A 1360 -20.61 -1.58 17.10
N THR A 1361 -21.79 -0.95 17.15
CA THR A 1361 -22.71 -1.13 18.26
C THR A 1361 -24.09 -1.56 17.79
N ARG A 1362 -24.23 -2.01 16.55
CA ARG A 1362 -25.56 -2.29 16.00
C ARG A 1362 -26.19 -3.54 16.58
N THR A 1363 -25.38 -4.46 17.12
CA THR A 1363 -25.86 -5.72 17.63
C THR A 1363 -26.24 -5.66 19.10
N GLY A 1364 -26.02 -4.53 19.76
CA GLY A 1364 -26.25 -4.40 21.18
C GLY A 1364 -25.00 -4.50 22.00
N GLN A 1365 -23.91 -4.98 21.43
CA GLN A 1365 -22.61 -5.08 22.05
C GLN A 1365 -21.58 -4.44 21.15
N VAL A 1366 -20.48 -3.98 21.74
CA VAL A 1366 -19.44 -3.32 20.97
C VAL A 1366 -18.61 -4.39 20.28
N THR A 1367 -18.77 -4.52 18.97
CA THR A 1367 -17.96 -5.42 18.15
C THR A 1367 -16.83 -4.66 17.50
N SER A 1368 -15.82 -5.39 17.05
CA SER A 1368 -14.61 -4.81 16.52
C SER A 1368 -14.66 -4.69 15.01
N LEU A 1369 -13.63 -4.07 14.44
CA LEU A 1369 -13.42 -4.05 13.00
C LEU A 1369 -12.46 -5.15 12.55
N GLU A 1370 -12.27 -6.18 13.36
CA GLU A 1370 -11.44 -7.31 13.02
C GLU A 1370 -12.30 -8.45 12.49
N LYS A 1371 -11.68 -9.59 12.22
CA LYS A 1371 -12.43 -10.74 11.75
C LYS A 1371 -13.44 -11.21 12.78
N ALA A 1372 -13.15 -11.05 14.07
CA ALA A 1372 -14.13 -11.41 15.08
C ALA A 1372 -15.39 -10.57 14.96
N GLY A 1373 -15.24 -9.27 14.71
CA GLY A 1373 -16.40 -8.41 14.57
C GLY A 1373 -17.20 -8.68 13.32
N LEU A 1374 -16.52 -8.96 12.20
CA LEU A 1374 -17.22 -9.28 10.97
C LEU A 1374 -18.00 -10.58 11.11
N ASN A 1375 -17.43 -11.54 11.82
CA ASN A 1375 -18.12 -12.82 12.07
C ASN A 1375 -19.40 -12.60 12.87
N ALA A 1376 -19.37 -11.69 13.84
CA ALA A 1376 -20.56 -11.41 14.64
C ALA A 1376 -21.61 -10.63 13.86
N ARG A 1377 -21.20 -9.60 13.12
CA ARG A 1377 -22.16 -8.74 12.43
C ARG A 1377 -22.75 -9.41 11.19
N GLU A 1378 -21.92 -10.07 10.39
CA GLU A 1378 -22.33 -10.71 9.15
C GLU A 1378 -21.79 -12.13 9.14
N PRO A 1379 -22.41 -13.04 9.89
CA PRO A 1379 -21.90 -14.42 9.93
C PRO A 1379 -22.20 -15.18 8.65
N SER A 1380 -23.33 -14.88 8.03
CA SER A 1380 -23.78 -15.60 6.85
C SER A 1380 -23.03 -15.19 5.59
N ASN A 1381 -22.40 -14.02 5.58
CA ASN A 1381 -21.64 -13.59 4.42
C ASN A 1381 -20.28 -14.26 4.45
N VAL A 1382 -20.23 -15.47 3.91
CA VAL A 1382 -18.99 -16.24 3.88
C VAL A 1382 -17.99 -15.60 2.93
N LEU A 1383 -18.47 -15.13 1.77
CA LEU A 1383 -17.57 -14.63 0.74
C LEU A 1383 -16.89 -13.34 1.16
N LEU A 1384 -17.59 -12.49 1.93
CA LEU A 1384 -16.94 -11.32 2.51
C LEU A 1384 -15.87 -11.71 3.52
N ARG A 1385 -16.17 -12.72 4.34
CA ARG A 1385 -15.24 -13.10 5.40
C ARG A 1385 -14.04 -13.85 4.85
N MET A 1386 -14.20 -14.58 3.74
CA MET A 1386 -13.05 -15.20 3.09
C MET A 1386 -12.14 -14.14 2.49
N ALA A 1387 -12.71 -13.09 1.92
CA ALA A 1387 -11.91 -12.07 1.27
C ALA A 1387 -11.03 -11.32 2.26
N LEU A 1388 -11.47 -11.17 3.50
CA LEU A 1388 -10.72 -10.42 4.49
C LEU A 1388 -9.38 -11.05 4.87
N SER A 1389 -9.39 -12.19 5.57
CA SER A 1389 -8.17 -12.66 6.20
C SER A 1389 -7.73 -14.05 5.77
N SER A 1390 -8.57 -15.07 5.91
CA SER A 1390 -8.10 -16.45 5.78
C SER A 1390 -9.20 -17.30 5.16
N PRO A 1391 -9.21 -17.42 3.83
CA PRO A 1391 -10.31 -18.14 3.16
C PRO A 1391 -10.44 -19.60 3.54
N VAL A 1392 -9.34 -20.32 3.78
CA VAL A 1392 -9.42 -21.77 3.94
C VAL A 1392 -10.19 -22.14 5.19
N GLN A 1393 -9.94 -21.44 6.30
CA GLN A 1393 -10.67 -21.72 7.53
C GLN A 1393 -12.11 -21.25 7.44
N VAL A 1394 -12.36 -20.13 6.78
CA VAL A 1394 -13.73 -19.63 6.62
C VAL A 1394 -14.54 -20.57 5.72
N LEU A 1395 -13.95 -21.02 4.62
CA LEU A 1395 -14.65 -21.91 3.71
C LEU A 1395 -14.92 -23.26 4.37
N THR A 1396 -13.97 -23.75 5.17
CA THR A 1396 -14.14 -25.03 5.84
C THR A 1396 -15.30 -24.98 6.83
N ASP A 1397 -15.40 -23.89 7.60
CA ASP A 1397 -16.53 -23.75 8.53
C ASP A 1397 -17.85 -23.65 7.77
N ALA A 1398 -17.86 -22.94 6.65
CA ALA A 1398 -19.08 -22.76 5.88
C ALA A 1398 -19.57 -24.07 5.26
N ALA A 1399 -18.65 -24.94 4.89
CA ALA A 1399 -19.05 -26.20 4.27
C ALA A 1399 -19.73 -27.12 5.27
N VAL A 1400 -19.21 -27.19 6.51
CA VAL A 1400 -19.81 -28.07 7.51
C VAL A 1400 -21.09 -27.50 8.10
N ASP A 1401 -21.35 -26.21 7.90
CA ASP A 1401 -22.55 -25.57 8.41
C ASP A 1401 -23.66 -25.48 7.38
N SER A 1402 -23.42 -25.92 6.14
CA SER A 1402 -24.36 -25.74 5.05
C SER A 1402 -24.78 -24.27 4.92
N ALA A 1403 -23.78 -23.40 4.94
CA ALA A 1403 -24.01 -21.97 5.02
C ALA A 1403 -24.61 -21.44 3.72
N VAL A 1404 -25.74 -20.76 3.82
CA VAL A 1404 -26.32 -20.04 2.70
C VAL A 1404 -25.84 -18.60 2.75
N ASN A 1405 -25.29 -18.11 1.65
CA ASN A 1405 -24.68 -16.79 1.59
C ASN A 1405 -25.44 -15.92 0.60
N PRO A 1406 -26.38 -15.09 1.04
CA PRO A 1406 -27.03 -14.17 0.09
C PRO A 1406 -26.03 -13.18 -0.47
N ILE A 1407 -26.25 -12.78 -1.72
CA ILE A 1407 -25.33 -11.91 -2.43
C ILE A 1407 -25.77 -10.47 -2.17
N TYR A 1408 -24.92 -9.71 -1.48
CA TYR A 1408 -25.15 -8.31 -1.19
C TYR A 1408 -23.81 -7.67 -0.89
N GLY A 1409 -23.80 -6.34 -0.83
CA GLY A 1409 -22.60 -5.62 -0.47
C GLY A 1409 -21.68 -5.40 -1.64
N ILE A 1410 -20.37 -5.51 -1.42
CA ILE A 1410 -19.37 -5.36 -2.46
C ILE A 1410 -18.63 -6.67 -2.71
N ALA A 1411 -18.07 -7.25 -1.66
CA ALA A 1411 -17.15 -8.38 -1.82
C ALA A 1411 -17.87 -9.67 -2.24
N ALA A 1412 -19.08 -9.90 -1.75
CA ALA A 1412 -19.79 -11.11 -2.16
C ALA A 1412 -20.07 -11.11 -3.66
N PRO A 1413 -20.63 -10.03 -4.25
CA PRO A 1413 -20.80 -10.03 -5.71
C PRO A 1413 -19.50 -9.99 -6.48
N THR A 1414 -18.44 -9.40 -5.93
CA THR A 1414 -17.18 -9.31 -6.65
C THR A 1414 -16.51 -10.67 -6.76
N LEU A 1415 -16.57 -11.49 -5.71
CA LEU A 1415 -15.97 -12.81 -5.75
C LEU A 1415 -16.76 -13.75 -6.65
N MET A 1416 -18.04 -13.51 -6.83
CA MET A 1416 -18.88 -14.31 -7.72
C MET A 1416 -18.84 -13.82 -9.15
N GLY A 1417 -17.98 -12.86 -9.47
CA GLY A 1417 -17.83 -12.36 -10.82
C GLY A 1417 -18.85 -11.35 -11.25
N SER A 1418 -19.76 -10.94 -10.37
CA SER A 1418 -20.80 -9.99 -10.71
C SER A 1418 -20.39 -8.60 -10.24
N VAL A 1419 -21.30 -7.64 -10.33
CA VAL A 1419 -21.03 -6.27 -9.87
C VAL A 1419 -21.96 -5.94 -8.71
N PRO A 1420 -21.51 -5.14 -7.75
CA PRO A 1420 -22.39 -4.77 -6.64
C PRO A 1420 -23.60 -3.98 -7.10
N ARG A 1421 -24.73 -4.22 -6.44
CA ARG A 1421 -25.96 -3.46 -6.66
C ARG A 1421 -25.85 -2.18 -5.83
N ILE A 1422 -25.22 -1.18 -6.43
CA ILE A 1422 -24.73 -0.01 -5.72
C ILE A 1422 -24.62 1.14 -6.71
N GLY A 1423 -24.89 2.35 -6.26
CA GLY A 1423 -24.69 3.50 -7.11
C GLY A 1423 -25.63 3.50 -8.30
N THR A 1424 -25.06 3.43 -9.51
CA THR A 1424 -25.87 3.46 -10.71
C THR A 1424 -26.69 2.20 -10.89
N MET A 1425 -26.37 1.12 -10.19
CA MET A 1425 -27.08 -0.14 -10.31
C MET A 1425 -27.99 -0.41 -9.13
N TYR A 1426 -28.22 0.57 -8.27
CA TYR A 1426 -29.09 0.35 -7.13
C TYR A 1426 -30.54 0.26 -7.58
N SER A 1427 -30.97 1.15 -8.47
CA SER A 1427 -32.33 1.14 -8.98
C SER A 1427 -32.38 0.42 -10.32
N ASP A 1428 -33.45 -0.34 -10.52
CA ASP A 1428 -33.66 -1.08 -11.75
C ASP A 1428 -34.39 -0.21 -12.77
N ILE A 1429 -34.00 -0.33 -14.02
CA ILE A 1429 -34.64 0.39 -15.12
C ILE A 1429 -35.52 -0.60 -15.87
N ILE A 1430 -36.75 -0.19 -16.17
CA ILE A 1430 -37.65 -0.95 -17.02
C ILE A 1430 -38.08 -0.05 -18.16
N MET A 1431 -38.51 -0.67 -19.26
CA MET A 1431 -38.86 0.07 -20.46
C MET A 1431 -40.30 0.54 -20.36
N ASP A 1432 -40.54 1.82 -20.67
CA ASP A 1432 -41.87 2.39 -20.60
C ASP A 1432 -42.68 1.95 -21.82
N GLU A 1433 -43.45 0.87 -21.65
CA GLU A 1433 -44.23 0.34 -22.77
C GLU A 1433 -45.34 1.31 -23.16
N LYS A 1434 -46.05 1.85 -22.18
CA LYS A 1434 -47.21 2.70 -22.45
C LYS A 1434 -46.84 3.98 -23.18
N TYR A 1435 -45.59 4.41 -23.07
CA TYR A 1435 -45.10 5.59 -23.77
C TYR A 1435 -44.55 5.27 -25.15
N ILE A 1436 -44.05 4.05 -25.35
CA ILE A 1436 -43.44 3.69 -26.63
C ILE A 1436 -44.50 3.25 -27.63
N THR A 1437 -45.52 2.53 -27.19
CA THR A 1437 -46.58 2.12 -28.10
C THR A 1437 -47.37 3.31 -28.64
N GLU A 1438 -47.36 4.44 -27.93
CA GLU A 1438 -48.10 5.61 -28.36
C GLU A 1438 -47.22 6.71 -28.94
N ASN A 1439 -45.92 6.47 -29.07
CA ASN A 1439 -45.03 7.46 -29.64
C ASN A 1439 -44.06 6.92 -30.68
N TYR A 1440 -43.78 5.61 -30.68
CA TYR A 1440 -42.84 5.02 -31.62
C TYR A 1440 -43.59 4.04 -32.53
N LYS A 1441 -42.93 3.62 -33.60
CA LYS A 1441 -43.48 2.65 -34.53
C LYS A 1441 -42.41 1.61 -34.84
N SER A 1442 -42.87 0.41 -35.20
CA SER A 1442 -41.96 -0.68 -35.50
C SER A 1442 -41.23 -0.44 -36.83
N SER B 42 -25.43 -39.55 1.44
CA SER B 42 -26.02 -40.53 0.54
C SER B 42 -26.59 -39.90 -0.76
N PRO B 43 -27.35 -38.80 -0.65
CA PRO B 43 -27.78 -38.12 -1.88
C PRO B 43 -26.79 -37.06 -2.34
N SER B 44 -27.13 -36.36 -3.42
CA SER B 44 -26.38 -35.19 -3.85
C SER B 44 -27.02 -33.93 -3.26
N ILE B 45 -26.24 -32.85 -3.23
CA ILE B 45 -26.81 -31.58 -2.75
C ILE B 45 -27.94 -31.13 -3.65
N CYS B 46 -27.84 -31.37 -4.96
CA CYS B 46 -28.88 -30.96 -5.89
C CYS B 46 -30.22 -31.66 -5.62
N GLU B 47 -30.22 -32.75 -4.88
CA GLU B 47 -31.45 -33.47 -4.56
C GLU B 47 -32.39 -32.60 -3.75
N GLY B 48 -31.95 -32.19 -2.57
CA GLY B 48 -32.76 -31.36 -1.70
C GLY B 48 -32.82 -29.90 -2.10
N PHE B 49 -32.05 -29.50 -3.12
CA PHE B 49 -32.09 -28.13 -3.59
C PHE B 49 -33.42 -27.88 -4.27
N VAL B 50 -34.13 -26.85 -3.83
CA VAL B 50 -35.32 -26.36 -4.50
C VAL B 50 -35.05 -24.93 -4.93
N GLN B 51 -35.26 -24.63 -6.21
CA GLN B 51 -34.98 -23.31 -6.73
C GLN B 51 -35.91 -22.29 -6.09
N ALA B 52 -35.42 -21.05 -6.00
CA ALA B 52 -36.22 -19.98 -5.42
C ALA B 52 -37.52 -19.83 -6.20
N SER B 53 -38.64 -19.84 -5.49
CA SER B 53 -39.94 -19.78 -6.14
C SER B 53 -40.11 -18.43 -6.84
N SER B 54 -40.86 -18.45 -7.94
CA SER B 54 -41.11 -17.24 -8.69
C SER B 54 -41.90 -16.24 -7.84
N GLN B 55 -41.73 -14.97 -8.16
CA GLN B 55 -42.30 -13.89 -7.38
C GLN B 55 -43.39 -13.16 -8.16
N THR B 56 -44.28 -12.51 -7.41
CA THR B 56 -45.28 -11.63 -7.97
C THR B 56 -44.82 -10.19 -7.75
N LEU B 57 -44.91 -9.38 -8.79
CA LEU B 57 -44.51 -7.98 -8.71
C LEU B 57 -45.66 -7.16 -8.15
N VAL B 58 -45.53 -6.72 -6.90
CA VAL B 58 -46.50 -5.83 -6.29
C VAL B 58 -46.04 -4.40 -6.51
N ILE B 59 -46.92 -3.57 -7.05
CA ILE B 59 -46.60 -2.19 -7.40
C ILE B 59 -47.36 -1.29 -6.44
N ILE B 60 -46.61 -0.51 -5.66
CA ILE B 60 -47.23 0.41 -4.71
C ILE B 60 -48.02 1.47 -5.48
N PRO B 61 -49.28 1.72 -5.14
CA PRO B 61 -50.04 2.75 -5.84
C PRO B 61 -49.41 4.12 -5.69
N ASP B 62 -49.70 4.98 -6.65
CA ASP B 62 -48.96 6.24 -6.78
C ASP B 62 -49.07 7.12 -5.55
N ASN B 63 -50.21 7.10 -4.87
CA ASN B 63 -50.41 7.99 -3.73
C ASN B 63 -49.77 7.46 -2.45
N GLU B 64 -49.27 6.23 -2.43
CA GLU B 64 -48.62 5.69 -1.24
C GLU B 64 -47.12 5.51 -1.44
N ARG B 65 -46.54 6.16 -2.44
CA ARG B 65 -45.10 6.09 -2.65
C ARG B 65 -44.39 7.00 -1.66
N ILE B 66 -43.30 6.49 -1.10
CA ILE B 66 -42.57 7.17 -0.05
C ILE B 66 -41.25 7.76 -0.52
N THR B 67 -40.63 7.21 -1.56
CA THR B 67 -39.35 7.68 -2.04
C THR B 67 -39.49 9.04 -2.71
N SER B 68 -38.35 9.67 -2.96
CA SER B 68 -38.33 11.05 -3.44
C SER B 68 -38.75 11.12 -4.89
N ASN B 69 -39.45 12.21 -5.21
CA ASN B 69 -39.85 12.51 -6.58
C ASN B 69 -38.75 13.22 -7.34
N VAL B 70 -37.52 13.16 -6.85
CA VAL B 70 -36.35 13.72 -7.53
C VAL B 70 -35.42 12.56 -7.84
N LEU B 71 -35.00 12.47 -9.11
CA LEU B 71 -34.00 11.48 -9.48
C LEU B 71 -32.74 11.68 -8.66
N THR B 72 -32.16 10.58 -8.19
CA THR B 72 -30.83 10.73 -7.65
C THR B 72 -29.84 10.88 -8.81
N THR B 73 -28.64 11.34 -8.48
CA THR B 73 -27.62 11.47 -9.51
C THR B 73 -27.28 10.11 -10.11
N PHE B 74 -27.30 9.06 -9.29
CA PHE B 74 -27.11 7.70 -9.77
C PHE B 74 -28.20 7.30 -10.76
N GLU B 75 -29.46 7.61 -10.44
CA GLU B 75 -30.58 7.20 -11.29
C GLU B 75 -30.58 7.96 -12.61
N ALA B 76 -30.31 9.27 -12.58
CA ALA B 76 -30.23 10.03 -13.80
C ALA B 76 -29.06 9.56 -14.66
N THR B 77 -27.91 9.31 -14.04
CA THR B 77 -26.76 8.80 -14.78
C THR B 77 -27.08 7.48 -15.45
N ARG B 78 -27.75 6.58 -14.72
CA ARG B 78 -28.11 5.27 -15.27
C ARG B 78 -29.13 5.39 -16.39
N LEU B 79 -30.14 6.26 -16.23
CA LEU B 79 -31.11 6.45 -17.30
C LEU B 79 -30.44 6.96 -18.56
N VAL B 80 -29.57 7.96 -18.43
CA VAL B 80 -28.90 8.49 -19.61
C VAL B 80 -27.97 7.46 -20.23
N ALA B 81 -27.28 6.66 -19.43
CA ALA B 81 -26.39 5.64 -19.98
C ALA B 81 -27.17 4.57 -20.74
N VAL B 82 -28.26 4.07 -20.13
CA VAL B 82 -29.06 3.05 -20.79
C VAL B 82 -29.67 3.59 -22.07
N ARG B 83 -30.23 4.79 -22.02
CA ARG B 83 -30.83 5.37 -23.21
C ARG B 83 -29.80 5.64 -24.29
N ALA B 84 -28.60 6.07 -23.93
CA ALA B 84 -27.56 6.29 -24.92
C ALA B 84 -27.15 5.00 -25.60
N GLN B 85 -26.99 3.91 -24.84
CA GLN B 85 -26.66 2.64 -25.47
C GLN B 85 -27.79 2.15 -26.38
N GLN B 86 -29.03 2.31 -25.93
CA GLN B 86 -30.16 1.88 -26.77
C GLN B 86 -30.33 2.77 -27.99
N LEU B 87 -29.87 4.02 -27.95
CA LEU B 87 -29.80 4.83 -29.15
C LEU B 87 -28.67 4.40 -30.05
N ALA B 88 -27.56 3.92 -29.48
CA ALA B 88 -26.53 3.28 -30.28
C ALA B 88 -27.05 2.03 -30.96
N ILE B 89 -28.09 1.40 -30.42
CA ILE B 89 -28.69 0.24 -31.07
C ILE B 89 -29.68 0.68 -32.15
N ASN B 90 -30.71 1.43 -31.78
CA ASN B 90 -31.77 1.81 -32.74
C ASN B 90 -31.51 3.16 -33.40
N GLY B 91 -31.49 4.23 -32.60
CA GLY B 91 -31.43 5.57 -33.14
C GLY B 91 -32.78 6.25 -33.29
N SER B 92 -33.88 5.60 -32.93
CA SER B 92 -35.20 6.19 -33.04
C SER B 92 -35.50 7.01 -31.79
N THR B 93 -35.78 8.29 -31.97
CA THR B 93 -36.01 9.20 -30.86
C THR B 93 -37.03 10.26 -31.26
N MET B 94 -37.72 10.79 -30.25
CA MET B 94 -38.70 11.85 -30.46
C MET B 94 -38.13 13.23 -30.19
N LEU B 95 -36.84 13.32 -29.88
CA LEU B 95 -36.20 14.61 -29.69
C LEU B 95 -36.25 15.42 -30.98
N LYS B 96 -36.69 16.68 -30.87
CA LYS B 96 -36.91 17.48 -32.08
C LYS B 96 -35.62 17.94 -32.73
N LYS B 97 -34.59 18.25 -31.96
CA LYS B 97 -33.33 18.74 -32.50
C LYS B 97 -32.40 17.58 -32.81
N LYS B 98 -31.51 17.79 -33.78
CA LYS B 98 -30.63 16.74 -34.26
C LYS B 98 -29.26 16.85 -33.59
N TYR B 99 -28.75 15.71 -33.13
CA TYR B 99 -27.45 15.59 -32.51
C TYR B 99 -26.69 14.45 -33.17
N SER B 100 -25.37 14.48 -33.05
CA SER B 100 -24.52 13.50 -33.70
C SER B 100 -23.94 12.47 -32.74
N SER B 101 -24.45 12.42 -31.51
CA SER B 101 -23.96 11.50 -30.51
C SER B 101 -25.15 10.88 -29.79
N PRO B 102 -25.06 9.61 -29.39
CA PRO B 102 -26.12 9.05 -28.55
C PRO B 102 -26.19 9.72 -27.19
N ILE B 103 -25.05 10.14 -26.65
CA ILE B 103 -25.02 10.70 -25.30
C ILE B 103 -25.71 12.06 -25.26
N ASP B 104 -25.47 12.89 -26.28
CA ASP B 104 -26.15 14.17 -26.33
C ASP B 104 -27.66 14.00 -26.51
N ILE B 105 -28.06 13.07 -27.37
CA ILE B 105 -29.48 12.80 -27.55
C ILE B 105 -30.11 12.33 -26.25
N ALA B 106 -29.45 11.42 -25.54
CA ALA B 106 -30.00 10.90 -24.29
C ALA B 106 -30.08 11.99 -23.23
N LYS B 107 -29.05 12.83 -23.13
CA LYS B 107 -29.07 13.91 -22.16
C LYS B 107 -30.20 14.89 -22.45
N GLN B 108 -30.39 15.25 -23.71
CA GLN B 108 -31.48 16.17 -24.03
C GLN B 108 -32.84 15.52 -23.88
N GLU B 109 -32.93 14.21 -24.08
CA GLU B 109 -34.19 13.51 -23.85
C GLU B 109 -34.54 13.47 -22.37
N LEU B 110 -33.55 13.29 -21.50
CA LEU B 110 -33.80 13.40 -20.07
C LEU B 110 -34.20 14.82 -19.69
N PHE B 111 -33.45 15.81 -20.16
CA PHE B 111 -33.70 17.20 -19.78
C PHE B 111 -35.06 17.68 -20.29
N ASN B 112 -35.41 17.30 -21.52
CA ASN B 112 -36.66 17.75 -22.14
C ASN B 112 -37.82 16.79 -21.89
N ARG B 113 -37.61 15.78 -21.03
CA ARG B 113 -38.67 14.89 -20.56
C ARG B 113 -39.30 14.12 -21.73
N LYS B 114 -38.45 13.38 -22.43
CA LYS B 114 -38.90 12.54 -23.53
C LYS B 114 -38.31 11.13 -23.45
N ILE B 115 -37.63 10.79 -22.36
CA ILE B 115 -36.90 9.53 -22.24
C ILE B 115 -37.89 8.40 -21.97
N PRO B 116 -37.91 7.35 -22.79
CA PRO B 116 -38.94 6.31 -22.68
C PRO B 116 -38.58 5.18 -21.72
N LEU B 117 -38.23 5.54 -20.49
CA LEU B 117 -37.83 4.58 -19.49
C LEU B 117 -38.56 4.86 -18.19
N LEU B 118 -38.62 3.87 -17.32
CA LEU B 118 -39.19 4.00 -15.99
C LEU B 118 -38.18 3.52 -14.97
N VAL B 119 -38.29 4.04 -13.75
CA VAL B 119 -37.37 3.71 -12.67
C VAL B 119 -38.12 2.83 -11.69
N MET B 120 -37.61 1.61 -11.49
CA MET B 120 -38.18 0.66 -10.53
C MET B 120 -37.33 0.66 -9.27
N ARG B 121 -37.94 1.03 -8.15
CA ARG B 121 -37.28 1.07 -6.86
C ARG B 121 -37.78 -0.11 -6.04
N CYS B 122 -36.94 -1.12 -5.84
CA CYS B 122 -37.34 -2.34 -5.16
C CYS B 122 -37.36 -2.10 -3.66
N ILE B 123 -38.56 -2.04 -3.09
CA ILE B 123 -38.70 -1.72 -1.67
C ILE B 123 -38.49 -2.95 -0.80
N LYS B 124 -39.19 -4.04 -1.09
CA LYS B 124 -39.05 -5.21 -0.24
C LYS B 124 -39.34 -6.50 -1.01
N VAL B 125 -38.77 -7.60 -0.53
CA VAL B 125 -39.12 -8.94 -0.99
C VAL B 125 -39.71 -9.70 0.19
N THR B 126 -41.03 -9.83 0.22
CA THR B 126 -41.77 -10.58 1.21
C THR B 126 -41.40 -12.05 1.15
N PRO B 127 -41.31 -12.75 2.29
CA PRO B 127 -41.03 -14.19 2.22
C PRO B 127 -42.24 -15.03 1.84
N GLU B 128 -43.41 -14.41 1.68
CA GLU B 128 -44.53 -15.11 1.07
C GLU B 128 -44.44 -15.15 -0.45
N GLY B 129 -43.47 -14.46 -1.04
CA GLY B 129 -43.21 -14.53 -2.45
C GLY B 129 -43.56 -13.31 -3.26
N GLN B 130 -43.57 -12.12 -2.68
CA GLN B 130 -43.88 -10.90 -3.39
C GLN B 130 -42.67 -9.99 -3.49
N LYS B 131 -42.71 -9.07 -4.44
CA LYS B 131 -41.66 -8.08 -4.65
C LYS B 131 -42.35 -6.74 -4.71
N ILE B 132 -42.35 -6.01 -3.59
CA ILE B 132 -42.98 -4.70 -3.51
C ILE B 132 -42.00 -3.66 -4.05
N VAL B 133 -42.43 -2.94 -5.09
CA VAL B 133 -41.61 -1.96 -5.78
C VAL B 133 -42.40 -0.69 -5.98
N GLU B 134 -41.67 0.38 -6.29
CA GLU B 134 -42.27 1.67 -6.65
C GLU B 134 -41.84 2.00 -8.07
N ILE B 135 -42.80 2.33 -8.92
CA ILE B 135 -42.54 2.71 -10.30
C ILE B 135 -42.54 4.23 -10.38
N TRP B 136 -41.43 4.80 -10.82
CA TRP B 136 -41.26 6.24 -10.90
C TRP B 136 -41.02 6.63 -12.35
N ASN B 137 -41.74 7.65 -12.81
CA ASN B 137 -41.67 8.07 -14.19
C ASN B 137 -40.74 9.27 -14.32
N PRO B 138 -39.55 9.11 -14.90
CA PRO B 138 -38.59 10.23 -14.96
C PRO B 138 -39.08 11.42 -15.76
N ARG B 139 -40.09 11.25 -16.62
CA ARG B 139 -40.69 12.39 -17.28
C ARG B 139 -41.39 13.32 -16.30
N GLU B 140 -41.73 12.84 -15.11
CA GLU B 140 -42.50 13.61 -14.16
C GLU B 140 -41.77 13.85 -12.85
N MET B 141 -40.45 13.72 -12.84
CA MET B 141 -39.69 13.88 -11.61
C MET B 141 -38.69 15.01 -11.75
N GLY B 142 -38.15 15.45 -10.62
CA GLY B 142 -37.10 16.44 -10.63
C GLY B 142 -35.80 15.83 -11.10
N ILE B 143 -35.07 16.58 -11.91
CA ILE B 143 -33.81 16.12 -12.48
C ILE B 143 -32.68 16.80 -11.73
N PRO B 144 -31.72 16.05 -11.18
CA PRO B 144 -30.65 16.67 -10.41
C PRO B 144 -29.75 17.54 -11.28
N LEU B 145 -28.85 18.24 -10.61
CA LEU B 145 -27.85 19.06 -11.30
C LEU B 145 -26.78 18.15 -11.87
N LEU B 146 -26.82 17.95 -13.18
CA LEU B 146 -25.81 17.20 -13.90
C LEU B 146 -25.11 18.20 -14.82
N ASP B 147 -24.12 18.90 -14.29
CA ASP B 147 -23.49 20.01 -15.01
C ASP B 147 -22.91 19.57 -16.34
N ILE C 8 59.37 6.06 22.82
CA ILE C 8 59.76 7.29 22.13
C ILE C 8 59.39 8.49 22.99
N THR C 9 60.32 9.44 23.12
CA THR C 9 60.10 10.65 23.90
C THR C 9 59.87 11.79 22.93
N TYR C 10 58.62 12.20 22.77
CA TYR C 10 58.27 13.26 21.84
C TYR C 10 58.64 14.62 22.41
N GLY C 11 58.71 15.61 21.53
CA GLY C 11 59.09 16.95 21.92
C GLY C 11 58.04 17.59 22.80
N PRO C 12 58.41 18.69 23.45
CA PRO C 12 57.44 19.38 24.32
C PRO C 12 56.28 19.93 23.52
N ILE C 13 55.08 19.77 24.08
CA ILE C 13 53.88 20.19 23.37
C ILE C 13 53.70 21.71 23.39
N GLU C 14 54.34 22.41 24.32
CA GLU C 14 54.17 23.85 24.45
C GLU C 14 54.93 24.63 23.40
N THR C 15 55.75 23.97 22.59
CA THR C 15 56.56 24.63 21.57
C THR C 15 56.25 24.09 20.16
N VAL C 16 54.97 23.88 19.87
CA VAL C 16 54.52 23.49 18.53
C VAL C 16 53.81 24.69 17.92
N ASP C 17 54.14 25.01 16.67
CA ASP C 17 53.53 26.14 15.97
C ASP C 17 52.35 25.63 15.15
N ASN C 18 51.14 25.91 15.62
CA ASN C 18 49.93 25.54 14.91
C ASN C 18 48.93 26.67 14.81
N GLU C 19 49.25 27.85 15.31
CA GLU C 19 48.31 28.96 15.33
C GLU C 19 47.91 29.43 13.94
N GLU C 20 48.62 29.02 12.90
CA GLU C 20 48.27 29.36 11.53
C GLU C 20 47.65 28.20 10.78
N LEU C 21 47.33 27.09 11.45
CA LEU C 21 46.65 25.98 10.80
C LEU C 21 45.23 26.39 10.42
N THR C 22 45.01 26.68 9.15
CA THR C 22 43.66 26.96 8.72
C THR C 22 42.86 25.68 8.62
N GLU C 23 41.54 25.83 8.61
CA GLU C 23 40.66 24.69 8.44
C GLU C 23 40.76 24.06 7.06
N ALA C 24 41.37 24.76 6.11
CA ALA C 24 41.72 24.18 4.82
C ALA C 24 43.02 23.41 4.86
N ASP C 25 43.93 23.75 5.77
CA ASP C 25 45.12 22.93 6.00
C ASP C 25 44.75 21.56 6.53
N MET C 26 43.61 21.44 7.21
CA MET C 26 43.20 20.20 7.84
C MET C 26 42.59 19.22 6.85
N LEU C 27 42.25 19.66 5.64
CA LEU C 27 41.76 18.76 4.61
C LEU C 27 42.86 17.92 4.00
N SER C 28 44.11 18.32 4.17
CA SER C 28 45.22 17.47 3.73
C SER C 28 45.29 16.19 4.54
N PHE C 29 44.86 16.23 5.79
CA PHE C 29 44.78 14.99 6.57
C PHE C 29 43.76 14.04 5.96
N ILE C 30 42.63 14.55 5.51
CA ILE C 30 41.65 13.71 4.84
C ILE C 30 42.19 13.21 3.51
N SER C 31 42.96 14.05 2.80
CA SER C 31 43.61 13.58 1.58
C SER C 31 44.53 12.42 1.86
N ALA C 32 45.37 12.53 2.89
CA ALA C 32 46.29 11.46 3.25
C ALA C 32 45.56 10.20 3.68
N ALA C 33 44.50 10.35 4.48
CA ALA C 33 43.74 9.20 4.93
C ALA C 33 43.10 8.46 3.76
N VAL C 34 42.52 9.20 2.82
CA VAL C 34 41.93 8.54 1.67
C VAL C 34 43.00 7.93 0.76
N ASN C 35 44.15 8.59 0.62
CA ASN C 35 45.19 8.06 -0.25
C ASN C 35 45.77 6.77 0.29
N SER C 36 46.07 6.72 1.59
CA SER C 36 46.58 5.48 2.17
C SER C 36 45.51 4.41 2.22
N THR C 37 44.32 4.77 2.70
CA THR C 37 43.23 3.81 2.77
C THR C 37 42.83 3.35 1.38
N GLY C 38 42.81 4.25 0.42
CA GLY C 38 42.18 3.94 -0.85
C GLY C 38 40.67 3.95 -0.73
N LEU C 39 40.00 4.42 -1.79
CA LEU C 39 38.55 4.47 -1.75
C LEU C 39 37.97 3.09 -1.51
N ILE C 40 38.44 2.10 -2.26
CA ILE C 40 38.09 0.70 -2.04
C ILE C 40 39.40 0.02 -1.63
N GLY C 41 39.70 0.03 -0.33
CA GLY C 41 40.97 -0.52 0.09
C GLY C 41 40.92 -1.88 0.74
N TYR C 42 39.96 -2.06 1.65
CA TYR C 42 39.86 -3.32 2.40
C TYR C 42 39.28 -4.44 1.56
N ASN C 43 38.44 -4.13 0.59
CA ASN C 43 37.79 -5.19 -0.18
C ASN C 43 38.80 -6.05 -0.91
N ILE C 44 39.93 -5.48 -1.31
CA ILE C 44 40.97 -6.26 -1.98
C ILE C 44 41.95 -6.88 -0.98
N LYS C 45 42.20 -6.22 0.15
CA LYS C 45 43.06 -6.83 1.17
C LYS C 45 42.42 -8.11 1.71
N SER C 46 41.10 -8.10 1.90
CA SER C 46 40.39 -9.29 2.35
C SER C 46 40.54 -10.43 1.36
N PHE C 47 40.38 -10.14 0.07
CA PHE C 47 40.51 -11.19 -0.93
C PHE C 47 41.94 -11.70 -1.04
N ASP C 48 42.93 -10.81 -0.89
CA ASP C 48 44.32 -11.25 -0.92
C ASP C 48 44.63 -12.16 0.27
N ASP C 49 44.13 -11.83 1.47
CA ASP C 49 44.32 -12.74 2.58
C ASP C 49 43.56 -14.05 2.37
N LEU C 50 42.41 -13.99 1.70
CA LEU C 50 41.67 -15.21 1.40
C LEU C 50 42.44 -16.11 0.45
N MET C 51 43.12 -15.54 -0.54
CA MET C 51 43.89 -16.31 -1.51
C MET C 51 45.33 -16.58 -1.08
N ASP C 52 45.76 -16.05 0.06
CA ASP C 52 47.09 -16.32 0.57
C ASP C 52 47.07 -17.11 1.87
N ASN C 53 46.38 -16.62 2.89
CA ASN C 53 46.33 -17.28 4.18
C ASN C 53 44.99 -17.94 4.48
N GLY C 54 43.95 -17.64 3.71
CA GLY C 54 42.64 -18.13 4.04
C GLY C 54 42.27 -19.50 3.51
N ILE C 55 42.29 -19.64 2.18
CA ILE C 55 41.82 -20.87 1.53
C ILE C 55 42.64 -22.10 1.92
N PRO C 56 43.99 -22.06 1.98
CA PRO C 56 44.71 -23.29 2.30
C PRO C 56 44.45 -23.76 3.72
N GLN C 57 44.38 -22.84 4.69
CA GLN C 57 44.11 -23.24 6.06
C GLN C 57 42.71 -23.82 6.22
N ILE C 58 41.71 -23.18 5.62
CA ILE C 58 40.35 -23.70 5.71
C ILE C 58 40.20 -25.04 5.00
N VAL C 59 40.94 -25.28 3.92
CA VAL C 59 40.85 -26.58 3.25
C VAL C 59 41.56 -27.66 4.07
N LYS C 60 42.76 -27.36 4.56
CA LYS C 60 43.58 -28.39 5.20
C LYS C 60 43.17 -28.63 6.65
N GLN C 61 43.18 -27.58 7.47
CA GLN C 61 42.99 -27.70 8.91
C GLN C 61 41.53 -27.72 9.33
N MET C 62 40.61 -28.05 8.43
CA MET C 62 39.18 -28.08 8.78
C MET C 62 38.49 -29.38 8.40
N PHE C 63 39.05 -30.18 7.50
CA PHE C 63 38.37 -31.38 7.03
C PHE C 63 39.32 -32.57 6.98
N ASN C 64 40.01 -32.82 8.09
CA ASN C 64 40.70 -34.10 8.30
C ASN C 64 39.64 -35.11 8.72
N VAL C 65 39.00 -35.74 7.74
CA VAL C 65 37.82 -36.57 7.96
C VAL C 65 38.24 -37.90 8.56
N ASP C 66 37.49 -38.35 9.57
CA ASP C 66 37.75 -39.62 10.25
C ASP C 66 36.42 -40.12 10.82
N ILE C 67 35.92 -41.23 10.27
CA ILE C 67 34.63 -41.81 10.65
C ILE C 67 34.74 -43.33 10.52
N THR C 68 33.64 -44.04 10.81
CA THR C 68 33.59 -45.49 10.64
C THR C 68 32.25 -45.90 10.06
N TYR C 69 32.26 -46.79 9.07
CA TYR C 69 31.06 -47.26 8.41
C TYR C 69 30.97 -48.78 8.46
N LYS C 70 29.77 -49.27 8.76
CA LYS C 70 29.52 -50.71 8.84
C LYS C 70 29.46 -51.33 7.44
N ASP C 71 30.20 -52.42 7.24
CA ASP C 71 30.27 -53.08 5.95
C ASP C 71 29.34 -54.28 5.91
N GLN C 72 28.77 -54.54 4.73
CA GLN C 72 27.73 -55.55 4.58
C GLN C 72 27.97 -56.40 3.31
N ARG C 73 29.20 -56.89 3.16
CA ARG C 73 29.53 -57.85 2.10
C ARG C 73 29.66 -59.23 2.73
N ASP C 74 28.87 -60.18 2.25
CA ASP C 74 28.67 -61.46 2.93
C ASP C 74 28.75 -62.63 1.94
N HIS C 75 29.77 -62.65 1.10
CA HIS C 75 29.93 -63.72 0.12
C HIS C 75 30.95 -64.76 0.52
N THR C 76 32.14 -64.34 0.92
CA THR C 76 33.19 -65.27 1.33
C THR C 76 33.29 -65.37 2.85
N GLU C 77 34.01 -66.38 3.30
CA GLU C 77 34.29 -66.50 4.73
C GLU C 77 35.13 -65.33 5.21
N ILE C 78 36.12 -64.92 4.41
CA ILE C 78 36.96 -63.78 4.76
C ILE C 78 36.13 -62.51 4.88
N ASP C 79 35.04 -62.41 4.12
CA ASP C 79 34.12 -61.29 4.30
C ASP C 79 33.37 -61.37 5.62
N LYS C 80 33.08 -62.58 6.09
CA LYS C 80 32.39 -62.77 7.35
C LYS C 80 33.28 -62.57 8.56
N LEU C 81 34.55 -62.24 8.34
CA LEU C 81 35.52 -62.00 9.40
C LEU C 81 35.66 -60.52 9.75
N ARG C 82 34.92 -59.64 9.09
CA ARG C 82 35.12 -58.20 9.18
C ARG C 82 33.93 -57.53 9.85
N GLU C 83 34.17 -56.38 10.49
CA GLU C 83 33.14 -55.63 11.17
C GLU C 83 32.77 -54.35 10.45
N SER C 84 33.75 -53.48 10.19
CA SER C 84 33.48 -52.17 9.59
C SER C 84 34.76 -51.67 8.93
N VAL C 85 34.68 -50.48 8.36
CA VAL C 85 35.81 -49.81 7.73
C VAL C 85 35.93 -48.41 8.34
N GLN C 86 37.13 -48.07 8.81
CA GLN C 86 37.41 -46.77 9.39
C GLN C 86 37.96 -45.87 8.30
N ILE C 87 37.15 -44.88 7.90
CA ILE C 87 37.50 -43.92 6.86
C ILE C 87 38.32 -42.80 7.47
N GLN C 88 39.43 -42.45 6.81
CA GLN C 88 40.23 -41.30 7.22
C GLN C 88 40.95 -40.72 6.01
N PHE C 89 40.86 -39.41 5.84
CA PHE C 89 41.56 -38.76 4.73
C PHE C 89 41.70 -37.26 5.03
N ASN C 90 42.69 -36.65 4.37
CA ASN C 90 42.94 -35.23 4.51
C ASN C 90 43.50 -34.70 3.19
N PHE C 91 43.70 -33.38 3.14
CA PHE C 91 44.20 -32.71 1.95
C PHE C 91 45.58 -32.13 2.21
N THR C 92 46.45 -32.21 1.20
CA THR C 92 47.90 -32.05 1.37
C THR C 92 48.41 -30.69 0.94
N ASP C 93 48.18 -30.28 -0.31
CA ASP C 93 48.69 -29.02 -0.82
C ASP C 93 47.58 -28.34 -1.62
N VAL C 94 47.32 -27.07 -1.30
CA VAL C 94 46.24 -26.31 -1.91
C VAL C 94 46.83 -25.06 -2.52
N ASN C 95 46.52 -24.82 -3.79
CA ASN C 95 47.01 -23.63 -4.48
C ASN C 95 45.94 -23.15 -5.46
N ILE C 96 46.05 -21.88 -5.85
CA ILE C 96 45.08 -21.24 -6.73
C ILE C 96 45.82 -20.57 -7.87
N GLU C 97 45.42 -20.88 -9.10
CA GLU C 97 45.98 -20.26 -10.29
C GLU C 97 44.96 -19.34 -10.94
N ARG C 98 45.44 -18.52 -11.88
CA ARG C 98 44.63 -17.49 -12.49
C ARG C 98 43.58 -18.09 -13.43
N PRO C 99 42.53 -17.34 -13.76
CA PRO C 99 41.50 -17.87 -14.66
C PRO C 99 42.07 -18.22 -16.02
N GLN C 100 41.49 -19.27 -16.62
CA GLN C 100 42.01 -19.85 -17.85
C GLN C 100 40.86 -20.17 -18.79
N HIS C 101 41.21 -20.45 -20.05
CA HIS C 101 40.22 -20.74 -21.08
C HIS C 101 40.81 -21.74 -22.08
N ARG C 102 39.92 -22.34 -22.87
CA ARG C 102 40.26 -23.50 -23.68
C ARG C 102 40.56 -23.19 -25.14
N ASN C 103 39.84 -22.25 -25.75
CA ASN C 103 40.01 -21.83 -27.15
C ASN C 103 39.60 -22.92 -28.14
N TYR C 104 39.24 -24.11 -27.66
CA TYR C 104 38.70 -25.19 -28.48
C TYR C 104 39.67 -25.56 -29.61
N SER C 105 40.83 -26.09 -29.20
CA SER C 105 41.75 -26.68 -30.17
C SER C 105 42.42 -27.94 -29.64
N GLN C 106 41.89 -28.55 -28.59
CA GLN C 106 42.50 -29.72 -27.94
C GLN C 106 43.94 -29.42 -27.53
N GLY C 107 44.05 -28.46 -26.59
CA GLY C 107 45.33 -28.01 -26.10
C GLY C 107 45.31 -27.80 -24.60
N ASN C 108 46.05 -26.77 -24.17
CA ASN C 108 46.18 -26.41 -22.77
C ASN C 108 45.13 -25.35 -22.41
N LYS C 109 45.28 -24.74 -21.24
CA LYS C 109 44.40 -23.67 -20.79
C LYS C 109 45.10 -22.33 -20.98
N ILE C 110 44.44 -21.40 -21.67
CA ILE C 110 44.98 -20.08 -21.96
C ILE C 110 44.27 -19.05 -21.09
N ASN C 111 44.94 -17.92 -20.87
CA ASN C 111 44.47 -16.91 -19.93
C ASN C 111 43.12 -16.36 -20.35
N LEU C 112 42.20 -16.26 -19.39
CA LEU C 112 40.88 -15.70 -19.62
C LEU C 112 40.86 -14.27 -19.14
N LEU C 113 40.76 -13.32 -20.06
CA LEU C 113 40.74 -11.90 -19.72
C LEU C 113 39.33 -11.49 -19.28
N PRO C 114 39.24 -10.48 -18.40
CA PRO C 114 37.91 -10.16 -17.82
C PRO C 114 36.87 -9.75 -18.84
N ASN C 115 37.25 -8.96 -19.85
CA ASN C 115 36.26 -8.52 -20.84
C ASN C 115 35.75 -9.69 -21.68
N LYS C 116 36.61 -10.69 -21.92
CA LYS C 116 36.15 -11.89 -22.62
C LYS C 116 35.07 -12.61 -21.84
N ALA C 117 35.24 -12.74 -20.52
CA ALA C 117 34.20 -13.35 -19.69
C ALA C 117 32.95 -12.48 -19.65
N ARG C 118 33.10 -11.16 -19.66
CA ARG C 118 31.93 -10.28 -19.69
C ARG C 118 31.14 -10.47 -20.98
N LEU C 119 31.83 -10.56 -22.12
CA LEU C 119 31.16 -10.64 -23.41
C LEU C 119 30.57 -12.02 -23.66
N CYS C 120 31.31 -13.08 -23.35
CA CYS C 120 30.89 -14.44 -23.69
C CYS C 120 29.97 -15.06 -22.66
N GLY C 121 29.68 -14.37 -21.56
CA GLY C 121 28.86 -14.98 -20.53
C GLY C 121 29.55 -16.05 -19.73
N LEU C 122 30.87 -15.99 -19.64
CA LEU C 122 31.65 -16.97 -18.91
C LEU C 122 31.73 -16.57 -17.44
N SER C 123 32.60 -17.24 -16.68
CA SER C 123 32.89 -16.88 -15.30
C SER C 123 34.38 -16.62 -15.16
N TYR C 124 34.72 -15.54 -14.45
CA TYR C 124 36.11 -15.16 -14.23
C TYR C 124 36.63 -15.93 -13.01
N SER C 125 36.75 -17.24 -13.20
CA SER C 125 37.10 -18.16 -12.13
C SER C 125 38.43 -18.84 -12.44
N GLY C 126 39.26 -18.99 -11.42
CA GLY C 126 40.52 -19.67 -11.56
C GLY C 126 40.48 -21.06 -10.95
N PRO C 127 41.06 -22.03 -11.63
CA PRO C 127 41.04 -23.41 -11.10
C PRO C 127 41.87 -23.53 -9.83
N VAL C 128 41.45 -24.44 -8.96
CA VAL C 128 42.13 -24.70 -7.71
C VAL C 128 42.74 -26.09 -7.76
N ASN C 129 43.95 -26.22 -7.20
CA ASN C 129 44.70 -27.47 -7.26
C ASN C 129 44.89 -27.99 -5.85
N LEU C 130 44.49 -29.23 -5.62
CA LEU C 130 44.54 -29.87 -4.32
C LEU C 130 45.31 -31.19 -4.39
N ALA C 131 45.97 -31.54 -3.30
CA ALA C 131 46.56 -32.86 -3.08
C ALA C 131 45.98 -33.45 -1.81
N ALA C 132 45.99 -34.78 -1.72
CA ALA C 132 45.29 -35.45 -0.63
C ALA C 132 46.02 -36.72 -0.22
N GLU C 133 45.71 -37.17 0.99
CA GLU C 133 46.18 -38.45 1.53
C GLU C 133 44.97 -39.20 2.07
N VAL C 134 44.81 -40.45 1.65
CA VAL C 134 43.69 -41.28 2.09
C VAL C 134 44.27 -42.50 2.80
N ILE C 135 44.01 -42.62 4.10
CA ILE C 135 44.52 -43.70 4.92
C ILE C 135 43.34 -44.37 5.60
N LEU C 136 43.11 -45.65 5.29
CA LEU C 136 41.95 -46.38 5.75
C LEU C 136 42.36 -47.49 6.71
N THR C 137 41.44 -47.83 7.62
CA THR C 137 41.63 -48.91 8.58
C THR C 137 40.55 -49.97 8.38
N ALA C 138 40.93 -51.24 8.56
CA ALA C 138 40.02 -52.36 8.46
C ALA C 138 39.98 -53.08 9.79
N HIS C 139 38.78 -53.28 10.33
CA HIS C 139 38.56 -53.94 11.61
C HIS C 139 37.95 -55.31 11.38
N TYR C 140 38.53 -56.32 12.02
CA TYR C 140 38.03 -57.69 11.96
C TYR C 140 37.16 -57.97 13.18
N SER C 141 36.71 -59.23 13.28
CA SER C 141 35.87 -59.60 14.41
C SER C 141 36.67 -59.75 15.70
N ASN C 142 37.89 -60.30 15.63
CA ASN C 142 38.67 -60.51 16.84
C ASN C 142 39.15 -59.21 17.44
N GLY C 143 39.62 -58.27 16.62
CA GLY C 143 40.16 -57.03 17.10
C GLY C 143 41.46 -56.65 16.43
N ARG C 144 41.85 -57.36 15.37
CA ARG C 144 43.04 -56.99 14.61
C ARG C 144 42.66 -56.04 13.48
N GLN C 145 43.66 -55.28 13.03
CA GLN C 145 43.44 -54.19 12.09
C GLN C 145 44.37 -54.28 10.90
N GLU C 146 43.90 -53.77 9.78
CA GLU C 146 44.67 -53.74 8.53
C GLU C 146 44.63 -52.32 7.98
N VAL C 147 45.79 -51.68 7.91
CA VAL C 147 45.88 -50.25 7.57
C VAL C 147 46.45 -50.11 6.17
N LYS C 148 45.75 -49.34 5.33
CA LYS C 148 46.21 -49.04 3.98
C LYS C 148 46.35 -47.54 3.82
N ARG C 149 47.28 -47.13 2.94
CA ARG C 149 47.58 -45.73 2.69
C ARG C 149 47.64 -45.47 1.19
N ALA C 150 47.30 -44.24 0.79
CA ALA C 150 47.33 -43.86 -0.61
C ALA C 150 47.57 -42.36 -0.71
N SER C 151 48.39 -41.96 -1.68
CA SER C 151 48.78 -40.58 -1.90
C SER C 151 48.23 -40.10 -3.23
N ILE C 152 47.66 -38.91 -3.25
CA ILE C 152 47.04 -38.34 -4.44
C ILE C 152 47.84 -37.12 -4.87
N PRO C 153 48.30 -37.04 -6.11
CA PRO C 153 49.12 -35.89 -6.55
C PRO C 153 48.27 -34.64 -6.66
N PRO C 154 48.88 -33.49 -6.98
CA PRO C 154 48.08 -32.27 -7.22
C PRO C 154 46.96 -32.51 -8.22
N PHE C 155 45.77 -32.02 -7.89
CA PHE C 155 44.54 -32.43 -8.55
C PHE C 155 43.54 -31.28 -8.64
N GLN C 156 43.12 -30.95 -9.87
CA GLN C 156 42.24 -29.81 -10.12
C GLN C 156 40.84 -30.14 -9.60
N VAL C 157 40.48 -29.52 -8.47
CA VAL C 157 39.21 -29.82 -7.82
C VAL C 157 38.07 -29.08 -8.51
N SER C 158 38.13 -27.74 -8.52
CA SER C 158 37.09 -26.93 -9.14
C SER C 158 37.64 -25.51 -9.31
N THR C 159 36.84 -24.68 -9.98
CA THR C 159 37.18 -23.29 -10.24
C THR C 159 36.53 -22.38 -9.21
N PHE C 160 37.33 -21.49 -8.63
CA PHE C 160 36.86 -20.53 -7.65
C PHE C 160 36.83 -19.13 -8.25
N PRO C 161 35.75 -18.37 -8.04
CA PRO C 161 35.65 -17.03 -8.65
C PRO C 161 36.78 -16.12 -8.19
N ILE C 162 37.21 -15.27 -9.10
CA ILE C 162 38.34 -14.36 -8.88
C ILE C 162 37.82 -12.93 -8.88
N MET C 163 38.21 -12.16 -7.86
CA MET C 163 37.81 -10.77 -7.78
C MET C 163 38.64 -9.91 -8.71
N ARG C 164 38.01 -8.90 -9.30
CA ARG C 164 38.70 -8.01 -10.23
C ARG C 164 39.72 -7.14 -9.50
N GLY C 165 40.89 -6.97 -10.11
CA GLY C 165 41.91 -6.09 -9.57
C GLY C 165 42.72 -6.66 -8.42
N SER C 166 42.54 -7.93 -8.11
CA SER C 166 43.22 -8.55 -6.96
C SER C 166 44.54 -9.16 -7.43
N ASN C 167 45.17 -9.98 -6.58
CA ASN C 167 46.42 -10.62 -6.95
C ASN C 167 46.21 -11.71 -8.01
N ARG C 168 45.06 -12.38 -7.98
CA ARG C 168 44.76 -13.44 -8.93
C ARG C 168 44.21 -12.92 -10.25
N CYS C 169 44.10 -11.60 -10.40
CA CYS C 169 43.54 -11.00 -11.60
C CYS C 169 44.64 -10.72 -12.62
N HIS C 170 44.29 -10.84 -13.90
CA HIS C 170 45.25 -10.56 -14.96
C HIS C 170 45.61 -9.08 -15.03
N THR C 171 44.68 -8.19 -14.66
CA THR C 171 44.97 -6.76 -14.65
C THR C 171 45.57 -6.34 -13.31
N HIS C 172 46.60 -7.07 -12.89
CA HIS C 172 47.46 -6.72 -11.77
C HIS C 172 48.88 -6.45 -12.23
N HIS C 173 49.38 -7.24 -13.18
CA HIS C 173 50.64 -6.96 -13.85
C HIS C 173 50.48 -5.94 -14.97
N LEU C 174 49.25 -5.56 -15.30
CA LEU C 174 48.96 -4.66 -16.40
C LEU C 174 48.77 -3.25 -15.87
N SER C 175 49.43 -2.28 -16.50
CA SER C 175 49.39 -0.90 -16.05
C SER C 175 48.19 -0.17 -16.67
N LYS C 176 48.14 1.15 -16.49
CA LYS C 176 47.03 1.94 -17.00
C LYS C 176 46.94 1.85 -18.52
N THR C 177 48.08 1.97 -19.20
CA THR C 177 48.09 1.81 -20.65
C THR C 177 47.66 0.40 -21.05
N ALA C 178 48.19 -0.62 -20.37
CA ALA C 178 47.86 -2.00 -20.71
C ALA C 178 46.40 -2.31 -20.46
N LYS C 179 45.84 -1.82 -19.34
CA LYS C 179 44.42 -2.00 -19.09
C LYS C 179 43.58 -1.29 -20.15
N LYS C 180 44.00 -0.08 -20.53
CA LYS C 180 43.27 0.68 -21.53
C LYS C 180 43.31 0.01 -22.90
N GLU C 181 44.43 -0.64 -23.23
CA GLU C 181 44.62 -1.20 -24.57
C GLU C 181 43.72 -2.40 -24.84
N ILE C 182 43.48 -3.25 -23.84
CA ILE C 182 42.82 -4.53 -24.07
C ILE C 182 41.30 -4.45 -23.96
N GLY C 183 40.76 -3.37 -23.40
CA GLY C 183 39.32 -3.26 -23.25
C GLY C 183 38.85 -3.19 -21.81
N GLU C 184 39.70 -2.67 -20.94
CA GLU C 184 39.37 -2.47 -19.54
C GLU C 184 39.32 -0.98 -19.22
N ASP C 185 38.71 -0.67 -18.09
CA ASP C 185 38.65 0.70 -17.61
C ASP C 185 39.96 1.02 -16.89
N PRO C 186 40.76 1.95 -17.44
CA PRO C 186 42.07 2.23 -16.85
C PRO C 186 42.01 2.96 -15.52
N ASN C 187 40.86 3.50 -15.13
CA ASN C 187 40.72 4.24 -13.88
C ASN C 187 39.82 3.51 -12.88
N GLU C 188 39.33 2.33 -13.22
CA GLU C 188 38.45 1.60 -12.31
C GLU C 188 39.26 0.95 -11.19
N PRO C 189 38.87 1.11 -9.93
CA PRO C 189 39.59 0.42 -8.85
C PRO C 189 39.45 -1.08 -8.89
N GLY C 190 38.38 -1.61 -9.48
CA GLY C 190 38.15 -3.04 -9.50
C GLY C 190 37.34 -3.51 -8.30
N GLY C 191 37.78 -4.60 -7.68
CA GLY C 191 37.13 -5.10 -6.49
C GLY C 191 35.74 -5.66 -6.70
N TYR C 192 35.52 -6.40 -7.78
CA TYR C 192 34.23 -7.03 -8.03
C TYR C 192 34.46 -8.35 -8.75
N PHE C 193 33.39 -9.14 -8.85
CA PHE C 193 33.44 -10.47 -9.43
C PHE C 193 32.68 -10.49 -10.76
N ILE C 194 33.11 -11.36 -11.66
CA ILE C 194 32.43 -11.59 -12.93
C ILE C 194 31.89 -13.02 -12.89
N ALA C 195 30.58 -13.16 -12.92
CA ALA C 195 29.94 -14.46 -12.93
C ALA C 195 28.81 -14.46 -13.95
N ARG C 196 28.79 -15.50 -14.78
CA ARG C 196 27.80 -15.64 -15.87
C ARG C 196 27.78 -14.41 -16.77
N GLY C 197 28.95 -13.81 -16.99
CA GLY C 197 29.06 -12.63 -17.81
C GLY C 197 28.64 -11.34 -17.14
N GLY C 198 28.04 -11.42 -15.95
CA GLY C 198 27.59 -10.25 -15.22
C GLY C 198 28.58 -9.87 -14.14
N GLU C 199 28.41 -8.65 -13.64
CA GLU C 199 29.28 -8.10 -12.62
C GLU C 199 28.54 -8.07 -11.29
N TRP C 200 29.16 -8.65 -10.26
CA TRP C 200 28.54 -8.81 -8.96
C TRP C 200 29.49 -8.30 -7.89
N VAL C 201 28.90 -7.79 -6.81
CA VAL C 201 29.66 -7.33 -5.65
C VAL C 201 29.12 -8.06 -4.43
N VAL C 202 30.02 -8.54 -3.59
CA VAL C 202 29.63 -9.15 -2.31
C VAL C 202 29.43 -8.05 -1.29
N ASP C 203 28.23 -8.00 -0.72
CA ASP C 203 27.87 -6.93 0.19
C ASP C 203 28.68 -7.02 1.48
N LEU C 204 29.14 -5.86 1.97
CA LEU C 204 29.69 -5.77 3.31
C LEU C 204 28.57 -5.99 4.31
N LEU C 205 28.62 -7.09 5.06
CA LEU C 205 27.52 -7.49 5.91
C LEU C 205 27.73 -6.99 7.33
N GLU C 206 26.70 -6.36 7.88
CA GLU C 206 26.74 -5.84 9.24
C GLU C 206 26.41 -6.97 10.20
N ASN C 207 27.44 -7.71 10.61
CA ASN C 207 27.28 -8.83 11.51
C ASN C 207 27.53 -8.35 12.95
N ILE C 208 27.18 -9.20 13.89
CA ILE C 208 27.38 -8.88 15.30
C ILE C 208 28.76 -9.35 15.72
N ARG C 209 29.38 -8.60 16.63
CA ARG C 209 30.70 -8.97 17.14
C ARG C 209 30.64 -10.33 17.82
N PHE C 210 31.67 -11.14 17.60
CA PHE C 210 31.77 -12.47 18.20
C PHE C 210 32.53 -12.40 19.52
N ASN C 211 32.44 -13.50 20.28
CA ASN C 211 33.11 -13.65 21.57
C ASN C 211 32.66 -12.60 22.58
N THR C 212 31.44 -12.09 22.43
CA THR C 212 30.91 -11.10 23.35
C THR C 212 29.49 -11.46 23.74
N LEU C 213 29.15 -11.11 24.98
CA LEU C 213 27.87 -11.45 25.58
C LEU C 213 26.89 -10.33 25.29
N HIS C 214 25.79 -10.66 24.61
CA HIS C 214 24.76 -9.70 24.26
C HIS C 214 23.51 -10.01 25.07
N ILE C 215 22.99 -9.00 25.76
CA ILE C 215 21.88 -9.16 26.70
C ILE C 215 20.67 -8.41 26.18
N HIS C 216 19.53 -9.10 26.12
CA HIS C 216 18.29 -8.54 25.60
C HIS C 216 17.14 -8.98 26.51
N TYR C 217 15.97 -8.42 26.25
CA TYR C 217 14.78 -8.76 27.02
C TYR C 217 13.82 -9.60 26.19
N ASN C 225 7.31 -15.90 30.63
CA ASN C 225 8.18 -17.07 30.71
C ASN C 225 9.64 -16.64 30.79
N GLU C 226 10.31 -16.64 29.63
CA GLU C 226 11.67 -16.14 29.52
C GLU C 226 11.64 -14.62 29.55
N ILE C 227 12.27 -14.02 30.56
CA ILE C 227 12.22 -12.58 30.72
C ILE C 227 13.49 -11.88 30.27
N ILE C 228 14.65 -12.53 30.34
CA ILE C 228 15.89 -11.98 29.83
C ILE C 228 16.56 -13.05 28.97
N ARG C 229 17.52 -12.61 28.15
CA ARG C 229 18.24 -13.54 27.30
C ARG C 229 19.66 -13.04 27.12
N GLY C 230 20.63 -13.85 27.51
CA GLY C 230 22.01 -13.49 27.28
C GLY C 230 22.70 -14.47 26.35
N GLU C 231 23.03 -14.03 25.15
CA GLU C 231 23.61 -14.91 24.14
C GLU C 231 25.08 -14.61 23.93
N PHE C 232 25.77 -15.58 23.35
CA PHE C 232 27.22 -15.55 23.22
C PHE C 232 27.58 -16.48 22.06
N ILE C 233 28.33 -15.97 21.09
CA ILE C 233 28.70 -16.74 19.91
C ILE C 233 30.21 -16.83 19.91
N SER C 234 30.76 -17.87 20.52
CA SER C 234 32.20 -18.02 20.66
C SER C 234 32.81 -18.55 19.37
N GLN C 235 34.04 -18.12 19.09
CA GLN C 235 34.78 -18.56 17.93
C GLN C 235 36.21 -18.83 18.37
N PRO C 236 36.73 -20.04 18.13
CA PRO C 236 37.94 -20.50 18.83
C PRO C 236 39.24 -19.89 18.35
N GLY C 237 39.22 -18.80 17.58
CA GLY C 237 40.46 -18.18 17.16
C GLY C 237 40.66 -18.21 15.66
N GLY C 238 40.54 -17.04 15.04
CA GLY C 238 40.51 -16.92 13.60
C GLY C 238 39.13 -16.53 13.10
N ALA C 239 39.09 -16.07 11.85
CA ALA C 239 37.86 -15.56 11.27
C ALA C 239 37.07 -16.61 10.51
N PHE C 240 37.61 -17.81 10.34
CA PHE C 240 36.99 -18.85 9.53
C PHE C 240 36.56 -20.07 10.33
N GLU C 241 36.89 -20.13 11.62
CA GLU C 241 36.54 -21.28 12.44
C GLU C 241 35.02 -21.34 12.63
N ASN C 242 34.53 -22.53 12.98
CA ASN C 242 33.12 -22.72 13.26
C ASN C 242 32.77 -22.09 14.60
N SER C 243 31.56 -21.54 14.71
CA SER C 243 31.14 -20.84 15.93
C SER C 243 29.98 -21.57 16.59
N SER C 244 30.09 -21.71 17.91
CA SER C 244 29.07 -22.38 18.72
C SER C 244 28.39 -21.36 19.62
N GLN C 245 27.08 -21.23 19.47
CA GLN C 245 26.30 -20.23 20.19
C GLN C 245 25.84 -20.81 21.52
N ILE C 246 25.84 -19.99 22.56
CA ILE C 246 25.35 -20.40 23.87
C ILE C 246 24.46 -19.30 24.42
N ILE C 247 23.31 -19.70 24.95
CA ILE C 247 22.29 -18.77 25.43
C ILE C 247 22.03 -19.06 26.90
N ILE C 248 22.12 -18.05 27.74
CA ILE C 248 21.81 -18.18 29.15
C ILE C 248 20.52 -17.41 29.42
N ARG C 249 19.47 -18.13 29.75
CA ARG C 249 18.13 -17.58 29.90
C ARG C 249 17.72 -17.55 31.37
N TYR C 250 16.91 -16.55 31.71
CA TYR C 250 16.30 -16.42 33.02
C TYR C 250 14.80 -16.30 32.84
N MET C 251 14.04 -17.04 33.64
CA MET C 251 12.61 -17.20 33.46
C MET C 251 11.83 -16.51 34.57
N THR C 252 10.50 -16.47 34.39
CA THR C 252 9.63 -15.91 35.42
C THR C 252 9.67 -16.72 36.70
N THR C 253 9.71 -18.05 36.61
CA THR C 253 9.78 -18.86 37.81
C THR C 253 11.05 -18.59 38.60
N GLY C 254 12.19 -18.48 37.92
CA GLY C 254 13.47 -18.28 38.57
C GLY C 254 14.58 -19.18 38.07
N ALA C 255 14.30 -20.10 37.15
CA ALA C 255 15.34 -20.99 36.64
C ALA C 255 16.32 -20.25 35.76
N ILE C 256 17.60 -20.60 35.87
CA ILE C 256 18.65 -20.07 35.01
C ILE C 256 19.13 -21.23 34.15
N THR C 257 18.90 -21.15 32.85
CA THR C 257 19.16 -22.26 31.95
C THR C 257 20.17 -21.88 30.88
N ILE C 258 20.75 -22.89 30.24
CA ILE C 258 21.79 -22.72 29.22
C ILE C 258 21.45 -23.61 28.04
N GLU C 259 21.40 -23.02 26.85
CA GLU C 259 21.23 -23.75 25.60
C GLU C 259 22.51 -23.63 24.79
N ILE C 260 22.92 -24.72 24.15
CA ILE C 260 24.16 -24.74 23.38
C ILE C 260 23.78 -25.05 21.93
N ASN C 261 23.53 -23.99 21.15
CA ASN C 261 23.24 -24.15 19.74
C ASN C 261 24.52 -24.45 18.97
N SER C 262 24.49 -25.53 18.21
CA SER C 262 25.65 -26.05 17.47
C SER C 262 25.12 -27.11 16.51
N THR C 263 26.04 -27.73 15.77
CA THR C 263 25.63 -28.75 14.79
C THR C 263 25.19 -30.03 15.47
N LYS C 264 25.95 -30.50 16.46
CA LYS C 264 25.71 -31.82 17.04
C LYS C 264 24.40 -31.87 17.83
N PHE C 265 24.10 -30.84 18.59
CA PHE C 265 22.92 -30.82 19.47
C PHE C 265 21.81 -30.00 18.82
N SER C 266 20.67 -29.95 19.51
CA SER C 266 19.50 -29.24 18.97
C SER C 266 18.72 -28.63 20.15
N LYS C 267 19.02 -27.37 20.45
CA LYS C 267 18.22 -26.50 21.31
C LYS C 267 17.78 -27.17 22.63
N LEU C 268 18.71 -27.87 23.28
CA LEU C 268 18.41 -28.39 24.61
C LEU C 268 18.84 -27.38 25.67
N ARG C 269 17.97 -27.18 26.66
CA ARG C 269 18.20 -26.20 27.72
C ARG C 269 18.43 -26.92 29.03
N ILE C 270 19.58 -26.67 29.64
CA ILE C 270 20.05 -27.39 30.81
C ILE C 270 20.20 -26.38 31.93
N PRO C 271 19.73 -26.67 33.14
CA PRO C 271 19.85 -25.69 34.22
C PRO C 271 21.30 -25.38 34.55
N TRP C 272 21.51 -24.18 35.11
CA TRP C 272 22.85 -23.60 35.24
C TRP C 272 23.74 -24.33 36.23
N TYR C 273 23.21 -25.26 37.02
CA TYR C 273 24.04 -26.01 37.96
C TYR C 273 24.67 -27.24 37.31
N LEU C 274 23.94 -27.92 36.43
CA LEU C 274 24.41 -29.20 35.89
C LEU C 274 25.68 -29.01 35.06
N ILE C 275 25.73 -27.96 34.25
CA ILE C 275 26.92 -27.68 33.45
C ILE C 275 28.12 -27.50 34.36
N PHE C 276 27.92 -26.84 35.50
CA PHE C 276 29.00 -26.65 36.46
C PHE C 276 29.38 -27.94 37.17
N ARG C 277 28.41 -28.84 37.41
CA ARG C 277 28.69 -30.07 38.14
C ARG C 277 29.40 -31.11 37.30
N MET C 278 29.11 -31.19 35.99
CA MET C 278 29.81 -32.17 35.16
C MET C 278 31.30 -31.89 35.09
N PHE C 279 31.72 -30.65 35.35
CA PHE C 279 33.10 -30.25 35.15
C PHE C 279 33.94 -30.36 36.42
N GLY C 280 33.40 -30.96 37.47
CA GLY C 280 34.15 -31.24 38.67
C GLY C 280 33.94 -30.30 39.84
N MET C 281 33.03 -29.33 39.71
CA MET C 281 32.75 -28.38 40.78
C MET C 281 31.32 -28.62 41.23
N THR C 282 31.17 -29.24 42.41
CA THR C 282 29.86 -29.67 42.89
C THR C 282 29.39 -28.90 44.13
N GLY C 283 30.32 -28.49 45.00
CA GLY C 283 29.91 -27.80 46.21
C GLY C 283 29.19 -26.50 45.92
N ASP C 284 28.08 -26.28 46.64
CA ASP C 284 27.24 -25.12 46.39
C ASP C 284 27.93 -23.80 46.73
N ASP C 285 28.75 -23.79 47.78
CA ASP C 285 29.49 -22.57 48.11
C ASP C 285 30.46 -22.19 47.00
N SER C 286 31.18 -23.17 46.46
CA SER C 286 32.09 -22.89 45.35
C SER C 286 31.34 -22.38 44.13
N ILE C 287 30.19 -23.00 43.83
CA ILE C 287 29.40 -22.59 42.68
C ILE C 287 28.84 -21.19 42.83
N ILE C 288 28.33 -20.85 44.01
CA ILE C 288 27.88 -19.47 44.23
C ILE C 288 29.06 -18.50 44.24
N GLU C 289 30.28 -18.98 44.50
CA GLU C 289 31.44 -18.15 44.26
C GLU C 289 31.89 -18.17 42.81
N GLN C 290 31.27 -19.01 41.97
CA GLN C 290 31.54 -18.97 40.53
C GLN C 290 30.72 -17.91 39.81
N VAL C 291 29.70 -17.35 40.46
CA VAL C 291 28.85 -16.34 39.83
C VAL C 291 28.93 -15.04 40.62
N VAL C 292 28.81 -15.13 41.94
CA VAL C 292 28.91 -13.93 42.78
C VAL C 292 30.33 -13.60 43.17
N PHE C 293 31.27 -14.53 42.98
CA PHE C 293 32.70 -14.40 43.24
C PHE C 293 33.04 -14.19 44.71
N ASP C 294 32.05 -14.15 45.60
CA ASP C 294 32.33 -13.96 47.01
C ASP C 294 31.15 -14.45 47.84
N LEU C 295 31.46 -14.83 49.08
CA LEU C 295 30.45 -15.22 50.06
C LEU C 295 30.55 -14.41 51.35
N GLU C 296 31.36 -13.36 51.37
CA GLU C 296 31.61 -12.59 52.59
C GLU C 296 31.27 -11.12 52.44
N SER C 297 30.64 -10.72 51.34
CA SER C 297 30.19 -9.36 51.14
C SER C 297 28.67 -9.32 51.22
N ASN C 298 28.14 -8.53 52.15
CA ASN C 298 26.73 -8.53 52.49
C ASN C 298 26.02 -7.26 52.02
N SER C 299 26.38 -6.79 50.84
CA SER C 299 25.78 -5.58 50.30
C SER C 299 24.50 -5.94 49.54
N LEU C 300 23.78 -4.93 49.07
CA LEU C 300 22.50 -5.17 48.41
C LEU C 300 22.68 -6.05 47.16
N VAL C 301 23.72 -5.75 46.37
CA VAL C 301 23.94 -6.50 45.13
C VAL C 301 24.21 -7.97 45.45
N ASN C 302 25.12 -8.25 46.37
CA ASN C 302 25.45 -9.65 46.64
C ASN C 302 24.31 -10.38 47.33
N THR C 303 23.60 -9.72 48.25
CA THR C 303 22.46 -10.38 48.88
C THR C 303 21.40 -10.75 47.86
N PHE C 304 21.05 -9.82 46.97
CA PHE C 304 20.06 -10.12 45.94
C PHE C 304 20.56 -11.14 44.95
N MET C 305 21.87 -11.16 44.69
CA MET C 305 22.45 -12.15 43.79
C MET C 305 22.31 -13.55 44.37
N ILE C 306 22.74 -13.76 45.62
CA ILE C 306 22.58 -15.08 46.22
C ILE C 306 21.11 -15.43 46.35
N GLU C 307 20.24 -14.44 46.58
CA GLU C 307 18.81 -14.72 46.61
C GLU C 307 18.35 -15.33 45.30
N ILE C 308 18.64 -14.65 44.18
CA ILE C 308 18.16 -15.12 42.88
C ILE C 308 18.77 -16.48 42.55
N LEU C 309 20.07 -16.66 42.80
CA LEU C 309 20.72 -17.91 42.42
C LEU C 309 20.30 -19.07 43.31
N GLU C 310 20.09 -18.83 44.60
CA GLU C 310 19.58 -19.88 45.48
C GLU C 310 18.17 -20.28 45.09
N LYS C 311 17.32 -19.31 44.76
CA LYS C 311 16.00 -19.64 44.27
C LYS C 311 16.05 -20.37 42.92
N SER C 312 17.06 -20.09 42.10
CA SER C 312 17.17 -20.70 40.78
C SER C 312 17.38 -22.21 40.85
N ILE C 313 18.21 -22.68 41.78
CA ILE C 313 18.61 -24.10 41.80
C ILE C 313 17.55 -25.01 42.41
N HIS C 314 16.38 -24.48 42.76
CA HIS C 314 15.34 -25.24 43.41
C HIS C 314 14.05 -25.24 42.59
N VAL C 315 14.19 -25.45 41.29
CA VAL C 315 13.06 -25.64 40.39
C VAL C 315 13.16 -27.03 39.79
N LEU C 316 12.02 -27.66 39.57
CA LEU C 316 11.97 -29.03 39.07
C LEU C 316 11.68 -29.01 37.57
N ASP C 317 12.74 -29.02 36.78
CA ASP C 317 12.59 -29.13 35.34
C ASP C 317 12.14 -30.56 34.96
N PRO C 318 11.19 -30.70 34.04
CA PRO C 318 10.72 -32.04 33.66
C PRO C 318 11.80 -32.92 33.05
N ILE C 319 12.87 -32.34 32.50
CA ILE C 319 13.90 -33.15 31.88
C ILE C 319 15.00 -33.56 32.86
N PHE C 320 15.26 -32.75 33.89
CA PHE C 320 16.39 -33.01 34.77
C PHE C 320 15.93 -33.24 36.21
N GLN C 321 14.87 -34.02 36.39
CA GLN C 321 14.36 -34.38 37.70
C GLN C 321 15.28 -35.39 38.39
N PRO C 322 15.54 -36.57 37.81
CA PRO C 322 16.36 -37.56 38.52
C PRO C 322 17.83 -37.22 38.58
N VAL C 323 18.24 -36.10 37.96
CA VAL C 323 19.62 -35.65 37.95
C VAL C 323 19.66 -34.25 38.56
N GLN C 324 18.75 -34.00 39.50
CA GLN C 324 18.65 -32.68 40.12
C GLN C 324 19.65 -32.51 41.27
N HIS C 325 19.70 -33.47 42.19
CA HIS C 325 20.62 -33.43 43.33
C HIS C 325 21.72 -34.47 43.19
N GLU C 326 21.99 -34.92 41.97
CA GLU C 326 23.03 -35.92 41.75
C GLU C 326 24.39 -35.40 42.18
N LEU C 327 25.24 -36.32 42.65
CA LEU C 327 26.44 -35.96 43.39
C LEU C 327 27.72 -36.03 42.58
N ASN C 328 27.80 -36.86 41.53
CA ASN C 328 29.05 -37.03 40.80
C ASN C 328 28.82 -36.82 39.31
N ARG C 329 29.91 -36.88 38.54
CA ARG C 329 29.92 -36.41 37.16
C ARG C 329 29.52 -37.49 36.18
N GLU C 330 30.04 -38.70 36.37
CA GLU C 330 29.97 -39.73 35.33
C GLU C 330 28.54 -40.11 35.00
N LYS C 331 27.68 -40.28 36.00
CA LYS C 331 26.31 -40.68 35.69
C LYS C 331 25.49 -39.51 35.15
N ILE C 332 25.86 -38.27 35.49
CA ILE C 332 25.25 -37.11 34.83
C ILE C 332 25.56 -37.14 33.35
N ILE C 333 26.82 -37.42 33.00
CA ILE C 333 27.17 -37.56 31.59
C ILE C 333 26.46 -38.76 30.98
N GLN C 334 26.25 -39.82 31.75
CA GLN C 334 25.51 -40.98 31.27
C GLN C 334 24.08 -40.60 30.90
N PHE C 335 23.41 -39.83 31.75
CA PHE C 335 22.06 -39.36 31.41
C PHE C 335 22.08 -38.39 30.24
N LEU C 336 23.13 -37.57 30.14
CA LEU C 336 23.28 -36.72 28.95
C LEU C 336 23.31 -37.56 27.68
N SER C 337 24.07 -38.65 27.70
CA SER C 337 24.09 -39.56 26.56
C SER C 337 22.72 -40.19 26.33
N GLU C 338 22.03 -40.58 27.40
CA GLU C 338 20.67 -41.10 27.28
C GLU C 338 19.76 -40.13 26.54
N LYS C 339 19.92 -38.82 26.79
CA LYS C 339 19.06 -37.82 26.16
C LYS C 339 19.48 -37.52 24.73
N VAL C 340 20.73 -37.12 24.53
CA VAL C 340 21.11 -36.48 23.27
C VAL C 340 21.53 -37.46 22.18
N SER C 341 21.90 -38.69 22.52
CA SER C 341 22.40 -39.63 21.52
C SER C 341 21.26 -40.01 20.58
N LYS C 342 21.30 -39.48 19.36
CA LYS C 342 20.25 -39.75 18.38
C LYS C 342 20.29 -41.19 17.89
N PHE C 343 21.49 -41.73 17.65
CA PHE C 343 21.61 -43.10 17.17
C PHE C 343 21.35 -44.14 18.25
N VAL C 344 21.24 -43.73 19.51
CA VAL C 344 20.87 -44.63 20.59
C VAL C 344 19.37 -44.46 20.84
N SER C 345 18.60 -45.46 20.44
CA SER C 345 17.16 -45.50 20.68
C SER C 345 16.72 -46.79 21.37
N ASN C 346 17.67 -47.55 21.89
CA ASN C 346 17.40 -48.85 22.52
C ASN C 346 18.01 -48.85 23.90
N PRO C 347 17.35 -48.23 24.89
CA PRO C 347 17.94 -48.13 26.23
C PRO C 347 17.96 -49.48 26.94
N SER C 348 18.61 -49.48 28.10
CA SER C 348 18.71 -50.62 29.01
C SER C 348 19.47 -51.79 28.42
N ALA C 349 20.11 -51.61 27.26
CA ALA C 349 20.87 -52.67 26.60
C ALA C 349 22.36 -52.39 26.58
N TYR C 350 22.78 -51.22 26.12
CA TYR C 350 24.20 -50.86 26.15
C TYR C 350 24.71 -50.71 27.57
N LYS C 351 23.80 -50.59 28.55
CA LYS C 351 24.16 -50.51 29.96
C LYS C 351 24.50 -51.88 30.55
N SER C 352 24.20 -52.96 29.83
CA SER C 352 24.56 -54.30 30.27
C SER C 352 26.03 -54.63 30.03
N ASP C 353 26.76 -53.76 29.34
CA ASP C 353 28.18 -53.94 29.06
C ASP C 353 28.95 -52.77 29.63
N GLU C 354 30.28 -52.92 29.70
CA GLU C 354 31.13 -51.94 30.35
C GLU C 354 31.75 -50.94 29.39
N ASN C 355 32.14 -51.37 28.20
CA ASN C 355 32.87 -50.50 27.28
C ASN C 355 32.01 -49.34 26.76
N ALA C 356 30.73 -49.58 26.51
CA ALA C 356 29.88 -48.53 25.94
C ALA C 356 29.76 -47.34 26.87
N VAL C 357 29.69 -47.59 28.18
CA VAL C 357 29.57 -46.49 29.14
C VAL C 357 30.78 -45.58 29.05
N GLN C 358 31.98 -46.16 29.04
CA GLN C 358 33.20 -45.37 28.92
C GLN C 358 33.28 -44.66 27.59
N TYR C 359 32.86 -45.32 26.50
CA TYR C 359 32.91 -44.70 25.18
C TYR C 359 32.00 -43.47 25.12
N LEU C 360 30.76 -43.62 25.59
CA LEU C 360 29.84 -42.49 25.60
C LEU C 360 30.34 -41.38 26.52
N ASN C 361 30.88 -41.74 27.68
CA ASN C 361 31.39 -40.73 28.61
C ASN C 361 32.54 -39.96 27.99
N GLU C 362 33.47 -40.64 27.33
CA GLU C 362 34.59 -39.97 26.68
C GLU C 362 34.10 -39.08 25.54
N ARG C 363 33.15 -39.57 24.74
CA ARG C 363 32.65 -38.77 23.63
C ARG C 363 31.97 -37.50 24.12
N GLN C 364 31.10 -37.62 25.13
CA GLN C 364 30.38 -36.48 25.67
C GLN C 364 31.29 -35.56 26.47
N LEU C 365 32.37 -36.08 27.03
CA LEU C 365 33.39 -35.24 27.64
C LEU C 365 34.14 -34.41 26.61
N THR C 366 34.60 -35.04 25.53
CA THR C 366 35.38 -34.28 24.55
C THR C 366 34.52 -33.32 23.74
N ILE C 367 33.27 -33.69 23.41
CA ILE C 367 32.43 -32.78 22.64
C ILE C 367 32.14 -31.52 23.45
N LEU C 368 31.69 -31.67 24.69
CA LEU C 368 31.45 -30.52 25.56
C LEU C 368 32.75 -29.85 26.00
N ASP C 369 33.88 -30.52 25.83
CA ASP C 369 35.17 -29.86 26.01
C ASP C 369 35.48 -28.95 24.85
N LYS C 370 34.94 -29.24 23.66
CA LYS C 370 35.13 -28.37 22.52
C LYS C 370 33.89 -27.57 22.14
N ILE C 371 32.69 -28.05 22.49
CA ILE C 371 31.46 -27.38 22.07
C ILE C 371 31.01 -26.28 23.02
N LEU C 372 31.59 -26.20 24.22
CA LEU C 372 31.27 -25.14 25.17
C LEU C 372 32.45 -24.19 25.26
N LEU C 373 32.21 -22.92 24.95
CA LEU C 373 33.23 -21.87 25.01
C LEU C 373 34.51 -22.26 24.27
N PRO C 374 34.42 -22.59 22.98
CA PRO C 374 35.62 -23.05 22.25
C PRO C 374 36.73 -22.02 22.18
N HIS C 375 36.43 -20.73 22.32
CA HIS C 375 37.48 -19.71 22.26
C HIS C 375 38.40 -19.76 23.47
N MET C 376 38.02 -20.48 24.53
CA MET C 376 38.90 -20.66 25.66
C MET C 376 39.81 -21.87 25.53
N GLY C 377 39.60 -22.71 24.53
CA GLY C 377 40.39 -23.91 24.36
C GLY C 377 39.51 -25.11 24.03
N GLN C 378 40.19 -26.25 23.81
CA GLN C 378 39.51 -27.48 23.47
C GLN C 378 40.07 -28.69 24.21
N THR C 379 40.91 -28.49 25.22
CA THR C 379 41.45 -29.57 26.03
C THR C 379 40.88 -29.48 27.45
N ALA C 380 41.16 -30.51 28.26
CA ALA C 380 40.57 -30.60 29.58
C ALA C 380 41.09 -29.53 30.53
N ASP C 381 42.34 -29.10 30.37
CA ASP C 381 42.90 -28.11 31.29
C ASP C 381 42.19 -26.77 31.21
N THR C 382 41.47 -26.50 30.12
CA THR C 382 40.73 -25.25 29.99
C THR C 382 39.29 -25.36 30.48
N ARG C 383 38.85 -26.55 30.90
CA ARG C 383 37.48 -26.73 31.39
C ARG C 383 37.23 -25.95 32.67
N VAL C 384 38.22 -25.95 33.58
CA VAL C 384 38.05 -25.30 34.88
C VAL C 384 37.81 -23.81 34.71
N ARG C 385 38.60 -23.16 33.85
CA ARG C 385 38.40 -21.73 33.59
C ARG C 385 37.18 -21.47 32.71
N LYS C 386 36.75 -22.43 31.90
CA LYS C 386 35.45 -22.30 31.25
C LYS C 386 34.34 -22.20 32.27
N LEU C 387 34.48 -22.91 33.40
CA LEU C 387 33.54 -22.72 34.51
C LEU C 387 33.50 -21.28 34.98
N ARG C 388 34.68 -20.69 35.23
CA ARG C 388 34.75 -19.32 35.70
C ARG C 388 34.16 -18.34 34.70
N PHE C 389 34.45 -18.49 33.42
CA PHE C 389 33.94 -17.59 32.40
C PHE C 389 32.44 -17.73 32.20
N LEU C 390 31.90 -18.95 32.24
CA LEU C 390 30.46 -19.11 32.18
C LEU C 390 29.78 -18.49 33.39
N GLY C 391 30.42 -18.63 34.56
CA GLY C 391 29.93 -17.95 35.74
C GLY C 391 29.92 -16.45 35.58
N LEU C 392 30.95 -15.89 34.94
CA LEU C 392 31.00 -14.45 34.72
C LEU C 392 29.90 -14.00 33.77
N LEU C 393 29.61 -14.80 32.74
CA LEU C 393 28.50 -14.46 31.85
C LEU C 393 27.17 -14.46 32.61
N ILE C 394 26.96 -15.45 33.48
CA ILE C 394 25.74 -15.49 34.28
C ILE C 394 25.67 -14.29 35.20
N HIS C 395 26.80 -13.92 35.81
CA HIS C 395 26.86 -12.75 36.68
C HIS C 395 26.48 -11.48 35.93
N LYS C 396 27.03 -11.30 34.72
CA LYS C 396 26.70 -10.14 33.92
C LYS C 396 25.22 -10.10 33.58
N ILE C 397 24.63 -11.24 33.26
CA ILE C 397 23.19 -11.26 32.97
C ILE C 397 22.37 -10.88 34.20
N LEU C 398 22.72 -11.42 35.36
CA LEU C 398 22.00 -11.08 36.58
C LEU C 398 22.17 -9.61 36.96
N LEU C 399 23.30 -9.00 36.61
CA LEU C 399 23.46 -7.56 36.82
C LEU C 399 22.47 -6.74 35.98
N VAL C 400 22.01 -7.26 34.85
CA VAL C 400 21.04 -6.56 34.03
C VAL C 400 19.65 -6.85 34.56
N ILE C 401 19.44 -8.06 35.08
CA ILE C 401 18.22 -8.31 35.85
C ILE C 401 18.15 -7.36 37.04
N MET C 402 19.31 -6.99 37.60
CA MET C 402 19.37 -6.16 38.80
C MET C 402 18.98 -4.71 38.53
N ASN C 403 18.81 -4.32 37.26
CA ASN C 403 18.58 -2.93 36.88
C ASN C 403 19.75 -2.04 37.27
N VAL C 404 20.95 -2.61 37.27
CA VAL C 404 22.14 -1.84 37.58
C VAL C 404 22.75 -1.24 36.32
N PHE C 405 22.75 -2.00 35.23
CA PHE C 405 23.22 -1.53 33.93
C PHE C 405 22.16 -1.75 32.87
N PRO C 406 22.12 -0.92 31.84
CA PRO C 406 21.18 -1.14 30.73
C PRO C 406 21.56 -2.39 29.96
N PRO C 407 20.62 -2.98 29.24
CA PRO C 407 20.97 -4.09 28.34
C PRO C 407 21.85 -3.64 27.19
N THR C 408 22.24 -4.56 26.31
CA THR C 408 23.13 -4.23 25.21
C THR C 408 22.41 -3.43 24.13
N ASP C 409 23.03 -2.35 23.68
CA ASP C 409 22.48 -1.55 22.60
C ASP C 409 22.70 -2.28 21.28
N ARG C 410 21.60 -2.68 20.64
CA ARG C 410 21.65 -3.50 19.44
C ARG C 410 22.02 -2.71 18.20
N ASP C 411 22.28 -1.42 18.32
CA ASP C 411 22.57 -0.59 17.16
C ASP C 411 23.92 0.10 17.21
N SER C 412 24.54 0.21 18.38
CA SER C 412 25.86 0.82 18.47
C SER C 412 26.87 -0.05 17.74
N TYR C 413 27.90 0.58 17.19
CA TYR C 413 28.89 -0.11 16.39
C TYR C 413 30.11 -0.56 17.17
N ARG C 414 30.14 -0.37 18.48
CA ARG C 414 31.19 -1.02 19.24
C ARG C 414 30.98 -2.51 19.36
N THR C 415 29.82 -3.01 18.95
CA THR C 415 29.50 -4.43 18.96
C THR C 415 28.97 -4.86 17.60
N LYS C 416 29.53 -4.29 16.54
CA LYS C 416 29.23 -4.69 15.17
C LYS C 416 30.53 -4.95 14.44
N ARG C 417 30.46 -5.76 13.40
CA ARG C 417 31.59 -6.03 12.53
C ARG C 417 31.12 -6.02 11.08
N VAL C 418 32.04 -5.71 10.19
CA VAL C 418 31.77 -5.61 8.76
C VAL C 418 32.74 -6.55 8.05
N HIS C 419 32.22 -7.65 7.52
CA HIS C 419 33.11 -8.71 7.05
C HIS C 419 33.44 -8.59 5.56
N GLY C 420 32.45 -8.68 4.69
CA GLY C 420 32.71 -8.47 3.28
C GLY C 420 32.88 -9.72 2.43
N SER C 421 33.65 -9.58 1.35
CA SER C 421 33.70 -10.61 0.32
C SER C 421 34.46 -11.85 0.79
N GLY C 422 35.64 -11.66 1.39
CA GLY C 422 36.48 -12.81 1.71
C GLY C 422 35.84 -13.74 2.72
N VAL C 423 35.37 -13.19 3.84
CA VAL C 423 34.83 -14.01 4.91
C VAL C 423 33.56 -14.72 4.46
N SER C 424 32.65 -13.99 3.80
CA SER C 424 31.41 -14.60 3.36
C SER C 424 31.66 -15.66 2.29
N LEU C 425 32.57 -15.38 1.36
CA LEU C 425 32.93 -16.37 0.35
C LEU C 425 33.51 -17.63 0.99
N ALA C 426 34.36 -17.49 2.00
CA ALA C 426 34.91 -18.67 2.66
C ALA C 426 33.82 -19.46 3.39
N LYS C 427 32.99 -18.77 4.17
CA LYS C 427 31.96 -19.44 4.94
C LYS C 427 30.83 -20.01 4.07
N ALA C 428 30.72 -19.59 2.81
CA ALA C 428 29.82 -20.25 1.88
C ALA C 428 30.50 -21.33 1.06
N PHE C 429 31.80 -21.18 0.79
CA PHE C 429 32.58 -22.23 0.15
C PHE C 429 32.67 -23.45 1.04
N LYS C 430 32.56 -23.27 2.36
CA LYS C 430 32.63 -24.38 3.29
C LYS C 430 31.25 -24.90 3.70
N ALA C 431 30.24 -24.01 3.77
CA ALA C 431 28.90 -24.46 4.15
C ALA C 431 28.26 -25.36 3.09
N ILE C 432 28.71 -25.24 1.85
CA ILE C 432 28.25 -26.11 0.78
C ILE C 432 29.25 -27.23 0.49
N PHE C 433 30.50 -27.06 0.89
CA PHE C 433 31.46 -28.16 0.94
C PHE C 433 30.97 -29.31 1.83
N ASN C 434 30.16 -28.99 2.85
CA ASN C 434 29.66 -30.00 3.77
C ASN C 434 28.75 -31.01 3.07
N THR C 435 27.88 -30.53 2.19
CA THR C 435 26.84 -31.39 1.63
C THR C 435 27.29 -32.13 0.37
N SER C 436 28.07 -31.49 -0.48
CA SER C 436 28.38 -32.03 -1.80
C SER C 436 29.73 -32.73 -1.89
N VAL C 437 30.45 -32.90 -0.79
CA VAL C 437 31.75 -33.55 -0.87
C VAL C 437 31.86 -34.76 0.05
N ILE C 438 31.78 -34.54 1.36
CA ILE C 438 32.02 -35.66 2.28
C ILE C 438 30.85 -36.63 2.32
N ALA C 439 29.61 -36.14 2.22
CA ALA C 439 28.46 -37.04 2.15
C ALA C 439 28.51 -37.89 0.88
N PRO C 440 28.84 -37.32 -0.30
CA PRO C 440 29.08 -38.18 -1.46
C PRO C 440 30.21 -39.18 -1.27
N ILE C 441 31.28 -38.81 -0.56
CA ILE C 441 32.35 -39.77 -0.31
C ILE C 441 31.86 -40.91 0.56
N ILE C 442 31.09 -40.58 1.60
CA ILE C 442 30.50 -41.61 2.46
C ILE C 442 29.64 -42.54 1.65
N ASN C 443 28.77 -41.99 0.79
CA ASN C 443 27.86 -42.83 0.00
C ASN C 443 28.60 -43.66 -1.04
N GLY C 444 29.64 -43.10 -1.66
CA GLY C 444 30.43 -43.87 -2.60
C GLY C 444 31.15 -45.02 -1.95
N PHE C 445 31.71 -44.80 -0.75
CA PHE C 445 32.29 -45.91 -0.01
C PHE C 445 31.23 -46.91 0.41
N LYS C 446 30.02 -46.44 0.74
CA LYS C 446 28.91 -47.34 1.04
C LYS C 446 28.66 -48.30 -0.10
N GLU C 447 28.53 -47.75 -1.31
CA GLU C 447 28.21 -48.58 -2.47
C GLU C 447 29.41 -49.33 -3.02
N LEU C 448 30.64 -48.95 -2.65
CA LEU C 448 31.80 -49.77 -2.98
C LEU C 448 31.90 -50.97 -2.03
N LEU C 449 31.56 -50.77 -0.76
CA LEU C 449 31.56 -51.88 0.18
C LEU C 449 30.40 -52.83 -0.05
N LYS C 450 29.26 -52.31 -0.52
CA LYS C 450 28.08 -53.14 -0.73
C LYS C 450 28.28 -54.14 -1.85
N GLN C 451 29.21 -53.87 -2.77
CA GLN C 451 29.42 -54.71 -3.94
C GLN C 451 30.73 -55.48 -3.93
N THR C 452 31.86 -54.82 -3.66
CA THR C 452 33.17 -55.44 -3.79
C THR C 452 33.74 -55.78 -2.42
N ALA C 453 34.29 -56.99 -2.32
CA ALA C 453 34.83 -57.49 -1.06
C ALA C 453 36.00 -56.62 -0.60
N PHE C 454 35.99 -56.27 0.69
CA PHE C 454 36.98 -55.34 1.21
C PHE C 454 38.35 -55.97 1.44
N GLU C 455 38.41 -57.23 1.88
CA GLU C 455 39.71 -57.88 1.98
C GLU C 455 40.34 -58.10 0.61
N GLU C 456 39.53 -58.10 -0.44
CA GLU C 456 40.02 -58.06 -1.81
C GLU C 456 40.24 -56.64 -2.33
N LEU C 457 39.79 -55.63 -1.59
CA LEU C 457 39.98 -54.25 -2.04
C LEU C 457 41.42 -53.81 -1.79
N THR C 458 42.01 -53.20 -2.81
CA THR C 458 43.39 -52.73 -2.80
C THR C 458 43.43 -51.21 -2.94
N GLN C 459 44.65 -50.68 -3.08
CA GLN C 459 44.81 -49.23 -3.24
C GLN C 459 44.14 -48.73 -4.53
N ARG C 460 44.26 -49.51 -5.61
CA ARG C 460 43.70 -49.12 -6.89
C ARG C 460 42.20 -48.82 -6.79
N ASN C 461 41.45 -49.65 -6.08
CA ASN C 461 40.02 -49.43 -5.91
C ASN C 461 39.71 -48.31 -4.93
N ILE C 462 40.61 -48.03 -3.98
CA ILE C 462 40.44 -46.84 -3.15
C ILE C 462 40.52 -45.58 -4.02
N ILE C 463 41.49 -45.53 -4.93
CA ILE C 463 41.59 -44.42 -5.86
C ILE C 463 40.35 -44.36 -6.75
N GLU C 464 39.89 -45.53 -7.23
CA GLU C 464 38.69 -45.58 -8.06
C GLU C 464 37.49 -45.00 -7.34
N ALA C 465 37.26 -45.43 -6.09
CA ALA C 465 36.10 -44.96 -5.34
C ALA C 465 36.23 -43.47 -4.98
N PHE C 466 37.43 -43.01 -4.65
CA PHE C 466 37.60 -41.59 -4.33
C PHE C 466 37.33 -40.72 -5.54
N SER C 467 37.84 -41.11 -6.72
CA SER C 467 37.57 -40.33 -7.92
C SER C 467 36.17 -40.52 -8.46
N ALA C 468 35.46 -41.58 -8.03
CA ALA C 468 34.07 -41.74 -8.42
C ALA C 468 33.14 -40.91 -7.55
N ALA C 469 33.37 -40.91 -6.23
CA ALA C 469 32.55 -40.12 -5.32
C ALA C 469 32.68 -38.63 -5.58
N LEU C 470 33.77 -38.19 -6.22
CA LEU C 470 33.97 -36.80 -6.56
C LEU C 470 33.73 -36.54 -8.04
N SER C 471 32.74 -37.22 -8.62
CA SER C 471 32.45 -37.10 -10.04
C SER C 471 31.76 -35.76 -10.31
N LYS C 472 31.29 -35.57 -11.54
CA LYS C 472 30.80 -34.27 -11.95
C LYS C 472 29.57 -33.82 -11.15
N ASN C 473 28.81 -34.75 -10.56
CA ASN C 473 27.65 -34.35 -9.79
C ASN C 473 28.04 -33.51 -8.58
N THR C 474 29.08 -33.93 -7.85
CA THR C 474 29.52 -33.20 -6.67
C THR C 474 30.04 -31.81 -7.03
N ALA C 475 30.94 -31.74 -8.03
CA ALA C 475 31.49 -30.47 -8.44
C ALA C 475 30.41 -29.54 -8.98
N SER C 476 29.44 -30.09 -9.72
CA SER C 476 28.35 -29.27 -10.22
C SER C 476 27.49 -28.73 -9.09
N ASP C 477 27.05 -29.61 -8.19
CA ASP C 477 26.16 -29.18 -7.11
C ASP C 477 26.84 -28.17 -6.20
N LEU C 478 28.10 -28.40 -5.85
CA LEU C 478 28.80 -27.51 -4.92
C LEU C 478 28.88 -26.09 -5.48
N ASN C 479 29.40 -25.95 -6.70
CA ASN C 479 29.55 -24.61 -7.28
C ASN C 479 28.20 -23.99 -7.63
N ARG C 480 27.23 -24.78 -8.10
CA ARG C 480 25.91 -24.23 -8.37
C ARG C 480 25.25 -23.70 -7.11
N SER C 481 25.37 -24.44 -6.00
CA SER C 481 24.81 -23.97 -4.74
C SER C 481 25.58 -22.78 -4.20
N MET C 482 26.90 -22.70 -4.43
CA MET C 482 27.66 -21.56 -3.94
C MET C 482 27.30 -20.28 -4.69
N GLU C 483 27.26 -20.34 -6.02
CA GLU C 483 26.77 -19.21 -6.80
C GLU C 483 25.31 -18.89 -6.51
N GLN C 484 24.46 -19.90 -6.34
CA GLN C 484 23.05 -19.64 -6.03
C GLN C 484 22.89 -18.99 -4.67
N SER C 485 23.77 -19.33 -3.73
CA SER C 485 23.79 -18.66 -2.43
C SER C 485 24.25 -17.22 -2.54
N ILE C 486 25.27 -16.94 -3.35
CA ILE C 486 25.71 -15.55 -3.46
C ILE C 486 24.65 -14.71 -4.17
N ILE C 487 23.98 -15.26 -5.18
CA ILE C 487 23.04 -14.45 -5.94
C ILE C 487 21.68 -14.38 -5.27
N SER C 488 21.33 -15.38 -4.47
CA SER C 488 20.02 -15.39 -3.81
C SER C 488 19.92 -14.37 -2.69
N GLY C 489 21.04 -13.89 -2.17
CA GLY C 489 21.03 -12.95 -1.07
C GLY C 489 21.64 -13.51 0.21
N VAL C 504 25.27 -16.12 0.21
CA VAL C 504 25.97 -14.86 0.39
C VAL C 504 25.10 -13.70 -0.06
N SER C 505 25.12 -12.61 0.69
CA SER C 505 24.42 -11.40 0.29
C SER C 505 25.27 -10.67 -0.75
N THR C 506 24.82 -10.67 -2.00
CA THR C 506 25.51 -9.98 -3.08
C THR C 506 24.50 -9.11 -3.82
N GLN C 507 25.03 -8.18 -4.62
CA GLN C 507 24.23 -7.29 -5.43
C GLN C 507 24.84 -7.19 -6.81
N SER C 508 24.04 -6.74 -7.77
CA SER C 508 24.52 -6.49 -9.11
C SER C 508 25.19 -5.12 -9.18
N LEU C 509 26.36 -5.07 -9.80
CA LEU C 509 27.13 -3.83 -9.91
C LEU C 509 26.47 -2.98 -10.99
N GLU C 510 25.49 -2.18 -10.57
CA GLU C 510 24.77 -1.29 -11.47
C GLU C 510 25.57 -0.01 -11.61
N ARG C 511 26.44 0.04 -12.63
CA ARG C 511 27.33 1.17 -12.82
C ARG C 511 26.59 2.29 -13.56
N LYS C 512 25.71 2.96 -12.81
CA LYS C 512 25.04 4.14 -13.34
C LYS C 512 26.04 5.26 -13.62
N ASN C 513 26.97 5.48 -12.70
CA ASN C 513 28.12 6.34 -12.91
C ASN C 513 29.26 5.81 -12.05
N LEU C 514 30.42 6.46 -12.13
CA LEU C 514 31.55 6.03 -11.31
C LEU C 514 31.30 6.25 -9.82
N LEU C 515 30.55 7.30 -9.46
CA LEU C 515 30.22 7.52 -8.06
C LEU C 515 29.37 6.39 -7.51
N ASN C 516 28.38 5.91 -8.28
CA ASN C 516 27.59 4.77 -7.82
C ASN C 516 28.45 3.52 -7.68
N THR C 517 29.40 3.32 -8.60
CA THR C 517 30.31 2.19 -8.51
C THR C 517 31.13 2.25 -7.22
N ILE C 518 31.68 3.42 -6.89
CA ILE C 518 32.48 3.54 -5.68
C ILE C 518 31.60 3.40 -4.44
N SER C 519 30.39 3.95 -4.49
CA SER C 519 29.48 3.89 -3.35
C SER C 519 28.98 2.50 -3.06
N ALA C 520 28.77 1.67 -4.09
CA ALA C 520 28.28 0.31 -3.86
C ALA C 520 29.32 -0.53 -3.14
N LEU C 521 30.61 -0.30 -3.41
CA LEU C 521 31.67 -1.07 -2.78
C LEU C 521 31.96 -0.62 -1.35
N ARG C 522 31.39 0.50 -0.92
CA ARG C 522 31.52 0.96 0.46
C ARG C 522 30.20 0.94 1.20
N THR C 523 29.22 0.19 0.71
CA THR C 523 27.90 0.12 1.30
C THR C 523 27.82 -1.09 2.23
N VAL C 524 27.40 -0.86 3.46
CA VAL C 524 27.24 -1.90 4.46
C VAL C 524 25.75 -2.22 4.58
N ASN C 525 25.42 -3.51 4.59
CA ASN C 525 24.05 -3.97 4.63
C ASN C 525 23.78 -4.76 5.90
N THR C 526 22.55 -4.64 6.41
CA THR C 526 22.16 -5.28 7.65
C THR C 526 22.02 -6.80 7.48
N GLU C 537 8.88 -1.89 16.58
CA GLU C 537 9.69 -0.73 16.87
C GLU C 537 11.15 -0.99 16.59
N ARG C 538 11.54 -2.27 16.67
CA ARG C 538 12.90 -2.66 16.31
C ARG C 538 13.21 -2.27 14.87
N ALA C 539 12.24 -2.51 13.97
CA ALA C 539 12.39 -2.15 12.57
C ALA C 539 12.58 -0.65 12.38
N ASP C 540 12.11 0.15 13.33
CA ASP C 540 12.32 1.59 13.27
C ASP C 540 13.48 2.03 14.15
N MET C 541 13.81 1.24 15.17
CA MET C 541 14.94 1.53 16.03
C MET C 541 16.28 1.32 15.34
N MET C 542 16.39 0.35 14.43
CA MET C 542 17.70 0.15 13.80
C MET C 542 17.91 0.98 12.54
N ARG C 543 16.91 1.76 12.12
CA ARG C 543 17.05 2.66 10.98
C ARG C 543 17.44 4.06 11.41
N ARG C 544 17.82 4.25 12.67
CA ARG C 544 18.11 5.56 13.22
C ARG C 544 19.48 6.03 12.75
N VAL C 545 19.85 7.24 13.18
CA VAL C 545 21.23 7.70 13.13
C VAL C 545 21.77 7.57 14.55
N HIS C 546 22.71 6.65 14.75
CA HIS C 546 23.16 6.35 16.09
C HIS C 546 24.34 7.24 16.47
N ALA C 547 24.49 7.45 17.77
CA ALA C 547 25.55 8.33 18.30
C ALA C 547 26.95 7.79 18.05
N SER C 548 27.09 6.52 17.67
CA SER C 548 28.39 5.94 17.37
C SER C 548 28.75 6.02 15.89
N TYR C 549 27.81 6.42 15.05
CA TYR C 549 28.07 6.56 13.62
C TYR C 549 29.14 7.59 13.26
N PRO C 550 29.18 8.80 13.84
CA PRO C 550 30.08 9.84 13.31
C PRO C 550 31.53 9.39 13.20
N GLY C 551 32.04 9.45 11.97
CA GLY C 551 33.39 9.07 11.65
C GLY C 551 33.49 7.76 10.90
N TYR C 552 32.51 6.88 11.06
CA TYR C 552 32.52 5.55 10.48
C TYR C 552 31.40 5.32 9.48
N ILE C 553 30.19 5.76 9.79
CA ILE C 553 29.06 5.72 8.88
C ILE C 553 28.70 7.16 8.52
N CYS C 554 28.45 7.40 7.24
CA CYS C 554 28.02 8.73 6.81
C CYS C 554 26.70 9.08 7.46
N VAL C 555 26.67 10.20 8.18
CA VAL C 555 25.46 10.60 8.88
C VAL C 555 24.36 10.98 7.93
N ALA C 556 24.71 11.51 6.76
CA ALA C 556 23.70 11.95 5.81
C ALA C 556 23.19 10.81 4.95
N GLN C 557 24.10 9.99 4.41
CA GLN C 557 23.73 9.09 3.32
C GLN C 557 22.88 7.93 3.81
N SER C 558 21.71 7.78 3.19
CA SER C 558 20.80 6.66 3.40
C SER C 558 19.78 6.70 2.28
N ALA C 559 18.75 5.87 2.39
CA ALA C 559 17.63 5.93 1.46
C ALA C 559 16.64 7.01 1.91
N ASP C 560 15.87 7.50 0.94
CA ASP C 560 14.92 8.57 1.18
C ASP C 560 13.47 8.15 1.16
N THR C 561 13.14 7.04 0.50
CA THR C 561 11.77 6.54 0.42
C THR C 561 11.76 5.04 0.67
N GLY C 562 10.59 4.54 1.08
CA GLY C 562 10.39 3.11 1.21
C GLY C 562 11.05 2.50 2.44
N GLU C 563 11.00 1.17 2.47
CA GLU C 563 11.51 0.41 3.60
C GLU C 563 13.03 0.33 3.63
N LYS C 564 13.71 0.83 2.60
CA LYS C 564 15.17 0.77 2.53
C LYS C 564 15.86 1.87 3.32
N VAL C 565 15.10 2.76 3.97
CA VAL C 565 15.69 3.85 4.73
C VAL C 565 16.45 3.29 5.93
N GLY C 566 17.71 3.71 6.08
CA GLY C 566 18.52 3.27 7.19
C GLY C 566 19.05 1.86 7.11
N MET C 567 18.88 1.20 5.95
CA MET C 567 19.31 -0.19 5.79
C MET C 567 20.64 -0.32 5.06
N SER C 568 20.88 0.49 4.04
CA SER C 568 22.15 0.49 3.31
C SER C 568 22.97 1.69 3.76
N LYS C 569 23.95 1.45 4.63
CA LYS C 569 24.78 2.49 5.20
C LYS C 569 26.02 2.68 4.35
N GLN C 570 26.65 3.83 4.47
CA GLN C 570 27.83 4.17 3.69
C GLN C 570 28.98 4.55 4.62
N LEU C 571 30.17 4.07 4.30
CA LEU C 571 31.33 4.43 5.11
C LEU C 571 31.64 5.92 4.98
N ALA C 572 32.20 6.49 6.05
CA ALA C 572 32.67 7.85 6.01
C ALA C 572 33.95 7.94 5.21
N ILE C 573 34.41 9.17 4.96
CA ILE C 573 35.49 9.37 4.01
C ILE C 573 36.80 8.74 4.49
N THR C 574 37.06 8.76 5.79
CA THR C 574 38.30 8.21 6.32
C THR C 574 38.15 6.84 6.93
N ALA C 575 36.94 6.29 6.97
CA ALA C 575 36.72 4.99 7.59
C ALA C 575 37.27 3.86 6.72
N ASN C 576 37.91 2.91 7.37
CA ASN C 576 38.39 1.69 6.75
C ASN C 576 37.89 0.51 7.57
N VAL C 577 38.18 -0.70 7.10
CA VAL C 577 37.87 -1.91 7.84
C VAL C 577 39.17 -2.64 8.12
N CYS C 578 39.37 -3.03 9.38
CA CYS C 578 40.61 -3.68 9.80
C CYS C 578 40.60 -5.16 9.48
N THR C 579 41.77 -5.67 9.13
CA THR C 579 41.99 -7.11 9.00
C THR C 579 42.33 -7.70 10.36
N ALA C 580 42.62 -8.99 10.38
CA ALA C 580 42.96 -9.67 11.62
C ALA C 580 44.45 -9.56 11.90
N GLY C 581 44.79 -9.08 13.09
CA GLY C 581 46.17 -9.01 13.49
C GLY C 581 46.67 -10.31 14.09
N GLU C 582 47.95 -10.33 14.44
CA GLU C 582 48.55 -11.50 15.07
C GLU C 582 48.17 -11.51 16.54
N VAL C 583 47.08 -12.23 16.86
CA VAL C 583 46.62 -12.31 18.23
C VAL C 583 47.63 -13.06 19.10
N LEU C 584 48.30 -14.06 18.55
CA LEU C 584 49.22 -14.87 19.34
C LEU C 584 50.39 -14.07 19.88
N SER C 585 50.95 -13.15 19.07
CA SER C 585 52.06 -12.35 19.55
C SER C 585 51.67 -11.48 20.73
N LEU C 586 50.52 -10.80 20.63
CA LEU C 586 50.08 -9.97 21.75
C LEU C 586 49.71 -10.82 22.95
N LYS C 587 49.12 -12.00 22.74
CA LYS C 587 48.75 -12.85 23.86
C LYS C 587 49.99 -13.35 24.60
N GLN C 588 51.01 -13.79 23.87
CA GLN C 588 52.24 -14.22 24.51
C GLN C 588 53.03 -13.05 25.09
N ARG C 589 52.76 -11.82 24.64
CA ARG C 589 53.32 -10.65 25.30
C ARG C 589 52.59 -10.33 26.60
N LEU C 590 51.27 -10.50 26.62
CA LEU C 590 50.49 -10.18 27.80
C LEU C 590 50.77 -11.16 28.93
N LEU C 591 50.78 -12.46 28.62
CA LEU C 591 51.07 -13.46 29.64
C LEU C 591 52.46 -13.31 30.21
N SER C 592 53.38 -12.69 29.47
CA SER C 592 54.72 -12.42 29.94
C SER C 592 54.83 -11.15 30.77
N ASP C 593 53.77 -10.36 30.82
CA ASP C 593 53.84 -9.06 31.49
C ASP C 593 53.81 -9.25 32.99
N PRO C 594 54.81 -8.80 33.73
CA PRO C 594 54.81 -8.99 35.19
C PRO C 594 53.63 -8.34 35.89
N ALA C 595 53.05 -7.28 35.34
CA ALA C 595 51.93 -6.60 35.95
C ALA C 595 50.59 -7.28 35.68
N ILE C 596 50.61 -8.54 35.27
CA ILE C 596 49.40 -9.33 35.08
C ILE C 596 49.55 -10.62 35.89
N GLN C 597 48.59 -10.88 36.77
CA GLN C 597 48.50 -12.16 37.45
C GLN C 597 47.74 -13.12 36.55
N GLN C 598 48.30 -14.29 36.32
CA GLN C 598 47.71 -15.23 35.39
C GLN C 598 46.41 -15.79 35.94
N LEU C 599 45.55 -16.23 35.02
CA LEU C 599 44.20 -16.65 35.39
C LEU C 599 44.21 -17.84 36.34
N ALA C 600 45.12 -18.79 36.13
CA ALA C 600 45.24 -19.92 37.03
C ALA C 600 46.02 -19.61 38.30
N ASP C 601 46.67 -18.44 38.37
CA ASP C 601 47.46 -18.05 39.53
C ASP C 601 46.70 -17.13 40.47
N VAL C 602 45.40 -16.91 40.24
CA VAL C 602 44.59 -16.06 41.08
C VAL C 602 43.18 -16.61 41.12
N SER C 603 42.47 -16.35 42.21
CA SER C 603 41.14 -16.88 42.45
C SER C 603 40.13 -15.74 42.52
N ASN C 604 38.85 -16.10 42.39
CA ASN C 604 37.78 -15.11 42.41
C ASN C 604 37.76 -14.35 43.72
N LYS C 605 37.98 -15.04 44.84
CA LYS C 605 38.04 -14.35 46.12
C LYS C 605 39.12 -13.29 46.12
N ASP C 606 40.30 -13.61 45.59
CA ASP C 606 41.38 -12.64 45.52
C ASP C 606 41.01 -11.45 44.62
N ILE C 607 40.36 -11.71 43.48
CA ILE C 607 40.07 -10.63 42.55
C ILE C 607 38.91 -9.75 42.98
N VAL C 608 38.09 -10.20 43.94
CA VAL C 608 37.10 -9.29 44.52
C VAL C 608 37.57 -8.65 45.83
N ARG C 609 38.47 -9.30 46.57
CA ARG C 609 39.03 -8.67 47.75
C ARG C 609 39.85 -7.45 47.38
N LYS C 610 40.92 -7.65 46.60
CA LYS C 610 41.75 -6.53 46.17
C LYS C 610 41.13 -5.78 45.00
N GLY C 611 40.07 -6.31 44.41
CA GLY C 611 39.44 -5.65 43.28
C GLY C 611 40.26 -5.65 42.01
N LEU C 612 40.90 -6.78 41.69
CA LEU C 612 41.68 -6.88 40.46
C LEU C 612 40.76 -6.77 39.25
N ALA C 613 41.31 -6.24 38.17
CA ALA C 613 40.57 -5.99 36.95
C ALA C 613 40.98 -7.00 35.88
N ARG C 614 39.99 -7.57 35.20
CA ARG C 614 40.23 -8.68 34.29
C ARG C 614 40.53 -8.20 32.87
N VAL C 615 41.43 -8.92 32.20
CA VAL C 615 41.98 -8.54 30.91
C VAL C 615 41.55 -9.57 29.89
N PHE C 616 40.72 -9.16 28.94
CA PHE C 616 40.31 -9.99 27.83
C PHE C 616 41.15 -9.63 26.62
N ILE C 617 41.45 -10.61 25.78
CA ILE C 617 42.06 -10.36 24.48
C ILE C 617 41.24 -11.06 23.42
N ASN C 618 40.69 -10.29 22.48
CA ASN C 618 39.92 -10.81 21.37
C ASN C 618 38.74 -11.65 21.85
N GLY C 619 38.30 -11.42 23.08
CA GLY C 619 37.12 -12.09 23.59
C GLY C 619 37.33 -12.93 24.84
N GLU C 620 38.49 -13.57 24.95
CA GLU C 620 38.73 -14.54 26.01
C GLU C 620 39.51 -13.91 27.16
N TRP C 621 39.22 -14.38 28.37
CA TRP C 621 39.79 -13.84 29.59
C TRP C 621 41.11 -14.55 29.87
N ILE C 622 42.19 -13.77 30.02
CA ILE C 622 43.54 -14.32 30.06
C ILE C 622 44.32 -13.85 31.27
N GLY C 623 43.66 -13.36 32.30
CA GLY C 623 44.36 -12.97 33.51
C GLY C 623 43.66 -11.79 34.16
N CYS C 624 44.37 -11.19 35.12
CA CYS C 624 43.85 -10.04 35.85
C CYS C 624 44.99 -9.08 36.15
N CYS C 625 44.73 -7.80 35.95
CA CYS C 625 45.68 -6.75 36.29
C CYS C 625 45.21 -6.01 37.52
N THR C 626 46.17 -5.37 38.21
CA THR C 626 45.84 -4.59 39.38
C THR C 626 45.18 -3.27 39.01
N ASN C 627 45.82 -2.51 38.13
CA ASN C 627 45.34 -1.19 37.71
C ASN C 627 44.99 -1.26 36.22
N ALA C 628 43.70 -1.38 35.92
CA ALA C 628 43.28 -1.52 34.53
C ALA C 628 43.64 -0.29 33.69
N PHE C 629 43.42 0.90 34.26
CA PHE C 629 43.72 2.13 33.55
C PHE C 629 45.19 2.20 33.17
N GLU C 630 46.08 1.89 34.10
CA GLU C 630 47.52 1.95 33.83
C GLU C 630 47.92 0.96 32.75
N LEU C 631 47.39 -0.26 32.78
CA LEU C 631 47.72 -1.24 31.76
C LEU C 631 47.23 -0.80 30.39
N ALA C 632 45.97 -0.36 30.30
CA ALA C 632 45.42 0.06 29.03
C ALA C 632 46.20 1.24 28.46
N GLN C 633 46.58 2.20 29.30
CA GLN C 633 47.30 3.36 28.79
C GLN C 633 48.76 3.03 28.46
N ARG C 634 49.38 2.10 29.18
CA ARG C 634 50.74 1.69 28.80
C ARG C 634 50.74 0.96 27.47
N TYR C 635 49.75 0.10 27.22
CA TYR C 635 49.67 -0.55 25.93
C TYR C 635 49.27 0.43 24.84
N ARG C 636 48.50 1.47 25.17
CA ARG C 636 48.23 2.53 24.20
C ARG C 636 49.50 3.28 23.83
N MET C 637 50.35 3.57 24.82
CA MET C 637 51.62 4.21 24.52
C MET C 637 52.53 3.32 23.69
N LEU C 638 52.54 2.01 23.97
CA LEU C 638 53.32 1.09 23.14
C LEU C 638 52.79 1.06 21.71
N ARG C 639 51.47 1.13 21.55
CA ARG C 639 50.88 1.10 20.21
C ARG C 639 51.29 2.32 19.39
N ARG C 640 51.63 3.42 20.04
CA ARG C 640 52.08 4.60 19.32
C ARG C 640 53.49 4.44 18.77
N GLU C 641 54.32 3.63 19.41
CA GLU C 641 55.65 3.34 18.89
C GLU C 641 55.62 2.41 17.68
N GLY C 642 54.62 1.53 17.60
CA GLY C 642 54.39 0.73 16.42
C GLY C 642 55.22 -0.53 16.33
N LYS C 643 56.13 -0.76 17.27
CA LYS C 643 57.00 -1.93 17.23
C LYS C 643 56.51 -3.06 18.12
N VAL C 644 56.04 -2.73 19.33
CA VAL C 644 55.61 -3.75 20.28
C VAL C 644 54.16 -4.14 20.06
N VAL C 645 53.27 -3.16 19.91
CA VAL C 645 51.86 -3.39 19.65
C VAL C 645 51.56 -2.88 18.24
N HIS C 646 50.77 -3.64 17.49
CA HIS C 646 50.43 -3.23 16.15
C HIS C 646 49.48 -2.03 16.19
N PRO C 647 49.65 -1.06 15.27
CA PRO C 647 48.85 0.17 15.33
C PRO C 647 47.35 -0.04 15.17
N HIS C 648 46.90 -1.18 14.65
CA HIS C 648 45.48 -1.44 14.46
C HIS C 648 44.86 -2.22 15.61
N THR C 649 45.50 -2.21 16.78
CA THR C 649 44.99 -2.93 17.94
C THR C 649 43.98 -2.07 18.69
N THR C 650 42.79 -2.60 18.91
CA THR C 650 41.79 -1.93 19.71
C THR C 650 42.09 -2.18 21.19
N ILE C 651 42.21 -1.11 21.96
CA ILE C 651 42.50 -1.21 23.39
C ILE C 651 41.40 -0.46 24.13
N TYR C 652 40.37 -1.17 24.55
CA TYR C 652 39.24 -0.58 25.26
C TYR C 652 39.40 -0.81 26.76
N TRP C 653 38.93 0.14 27.55
CA TRP C 653 38.97 0.05 29.00
C TRP C 653 37.61 0.42 29.55
N ASP C 654 36.88 -0.56 30.08
CA ASP C 654 35.58 -0.33 30.68
C ASP C 654 35.80 0.05 32.13
N SER C 655 35.67 1.35 32.42
CA SER C 655 35.87 1.87 33.76
C SER C 655 34.65 1.63 34.65
N MET C 656 33.50 1.33 34.07
CA MET C 656 32.31 1.07 34.86
C MET C 656 32.36 -0.30 35.52
N VAL C 657 32.83 -1.32 34.79
CA VAL C 657 33.01 -2.65 35.32
C VAL C 657 34.47 -3.01 35.53
N ASP C 658 35.38 -2.10 35.19
CA ASP C 658 36.82 -2.24 35.44
C ASP C 658 37.39 -3.49 34.75
N GLU C 659 37.37 -3.43 33.42
CA GLU C 659 37.99 -4.50 32.64
C GLU C 659 38.73 -3.89 31.47
N VAL C 660 39.71 -4.63 30.95
CA VAL C 660 40.49 -4.21 29.79
C VAL C 660 40.21 -5.19 28.66
N GLU C 661 40.07 -4.68 27.45
CA GLU C 661 39.77 -5.51 26.29
C GLU C 661 40.76 -5.17 25.18
N PHE C 662 41.41 -6.19 24.65
CA PHE C 662 42.22 -6.05 23.44
C PHE C 662 41.52 -6.74 22.29
N TRP C 663 41.47 -6.09 21.14
CA TRP C 663 40.83 -6.66 19.97
C TRP C 663 41.75 -6.52 18.76
N LEU C 664 41.86 -7.59 17.97
CA LEU C 664 42.69 -7.58 16.77
C LEU C 664 42.04 -8.37 15.65
N ASP C 665 40.72 -8.44 15.62
CA ASP C 665 40.04 -9.33 14.69
C ASP C 665 39.53 -8.57 13.47
N VAL C 666 38.79 -9.27 12.63
CA VAL C 666 38.35 -8.78 11.33
C VAL C 666 37.00 -8.09 11.47
N GLY C 667 36.81 -7.01 10.73
CA GLY C 667 35.53 -6.34 10.66
C GLY C 667 35.42 -5.08 11.48
N ARG C 668 36.49 -4.65 12.13
CA ARG C 668 36.46 -3.44 12.94
C ARG C 668 36.61 -2.23 12.04
N LEU C 669 35.61 -1.35 12.04
CA LEU C 669 35.75 -0.06 11.39
C LEU C 669 36.77 0.78 12.15
N THR C 670 37.69 1.39 11.42
CA THR C 670 38.68 2.28 12.00
C THR C 670 38.73 3.58 11.22
N ARG C 671 39.17 4.62 11.91
CA ARG C 671 39.49 5.87 11.24
C ARG C 671 40.68 6.49 11.95
N PRO C 672 41.54 7.19 11.24
CA PRO C 672 42.64 7.90 11.90
C PRO C 672 42.16 9.17 12.58
N LEU C 673 42.70 9.43 13.77
CA LEU C 673 42.42 10.64 14.51
C LEU C 673 43.72 11.25 14.96
N LEU C 674 43.86 12.55 14.79
CA LEU C 674 45.06 13.24 15.25
C LEU C 674 45.10 13.29 16.76
N ILE C 675 46.26 12.99 17.33
CA ILE C 675 46.40 12.81 18.76
C ILE C 675 46.66 14.18 19.41
N VAL C 676 45.92 14.46 20.48
CA VAL C 676 46.11 15.67 21.27
C VAL C 676 46.94 15.35 22.49
N ASP C 677 48.02 16.09 22.70
CA ASP C 677 48.83 15.99 23.90
C ASP C 677 48.64 17.23 24.75
N ASN C 678 49.15 17.17 25.98
CA ASN C 678 49.06 18.28 26.90
C ASN C 678 50.19 18.16 27.92
N ASN C 679 50.22 19.10 28.86
CA ASN C 679 51.25 19.08 29.89
C ASN C 679 50.62 18.96 31.27
N ILE C 680 49.64 18.07 31.42
CA ILE C 680 48.87 18.00 32.65
C ILE C 680 49.76 17.62 33.83
N GLU C 681 50.84 16.88 33.60
CA GLU C 681 51.72 16.52 34.70
C GLU C 681 52.50 17.73 35.20
N LYS C 682 53.02 18.55 34.30
CA LYS C 682 53.68 19.78 34.71
C LYS C 682 52.71 20.74 35.37
N TYR C 683 51.48 20.81 34.86
CA TYR C 683 50.44 21.59 35.51
C TYR C 683 50.21 21.10 36.94
N ASN C 684 50.16 19.78 37.13
CA ASN C 684 49.89 19.22 38.45
C ASN C 684 51.03 19.50 39.42
N GLN C 685 52.28 19.33 38.98
CA GLN C 685 53.38 19.63 39.89
C GLN C 685 53.47 21.12 40.19
N ALA C 686 53.15 21.98 39.22
CA ALA C 686 53.09 23.41 39.49
C ALA C 686 52.02 23.72 40.53
N CYS C 687 50.84 23.10 40.41
CA CYS C 687 49.80 23.29 41.42
C CYS C 687 50.27 22.80 42.79
N TYR C 688 50.98 21.68 42.83
CA TYR C 688 51.44 21.15 44.11
C TYR C 688 52.45 22.09 44.77
N LYS C 689 53.41 22.61 44.01
CA LYS C 689 54.36 23.53 44.62
C LYS C 689 53.72 24.86 44.99
N ALA C 690 52.74 25.31 44.20
CA ALA C 690 51.97 26.49 44.59
C ALA C 690 51.22 26.25 45.89
N ALA C 691 50.67 25.04 46.09
CA ALA C 691 50.02 24.71 47.35
C ALA C 691 51.04 24.70 48.50
N GLU C 692 52.24 24.16 48.24
CA GLU C 692 53.27 24.15 49.26
C GLU C 692 53.61 25.56 49.71
N ALA C 693 53.78 26.48 48.76
CA ALA C 693 53.96 27.89 49.11
C ALA C 693 52.70 28.54 49.67
N ARG C 694 51.53 27.95 49.40
CA ARG C 694 50.27 28.55 49.84
C ARG C 694 50.05 28.32 51.33
N LYS C 695 50.19 27.07 51.79
CA LYS C 695 49.97 26.80 53.20
C LYS C 695 51.12 27.24 54.09
N LYS C 696 52.34 27.31 53.55
CA LYS C 696 53.51 27.68 54.32
C LYS C 696 53.60 29.18 54.58
N GLY C 697 52.93 30.00 53.77
CA GLY C 697 52.85 31.42 54.06
C GLY C 697 53.39 32.36 53.01
N ASP C 698 53.77 31.84 51.84
CA ASP C 698 54.20 32.72 50.75
C ASP C 698 52.99 33.43 50.17
N LYS C 699 53.00 34.76 50.19
CA LYS C 699 51.89 35.52 49.63
C LYS C 699 51.87 35.52 48.11
N ASP C 700 52.96 35.11 47.46
CA ASP C 700 53.03 35.08 46.01
C ASP C 700 53.16 33.64 45.54
N TRP C 701 52.34 32.76 46.11
CA TRP C 701 52.36 31.34 45.75
C TRP C 701 51.90 31.11 44.32
N GLU C 702 50.99 31.95 43.82
CA GLU C 702 50.34 31.68 42.55
C GLU C 702 51.19 32.04 41.34
N LYS C 703 52.38 32.61 41.53
CA LYS C 703 53.28 32.79 40.40
C LYS C 703 54.11 31.54 40.12
N HIS C 704 53.96 30.49 40.93
CA HIS C 704 54.54 29.19 40.64
C HIS C 704 53.65 28.34 39.73
N LYS C 705 52.39 28.72 39.54
CA LYS C 705 51.49 27.97 38.68
C LYS C 705 51.82 28.25 37.22
N ILE C 706 51.61 27.25 36.37
CA ILE C 706 51.90 27.39 34.95
C ILE C 706 50.61 27.26 34.16
N PRO C 707 50.50 27.89 32.99
CA PRO C 707 49.31 27.69 32.16
C PRO C 707 49.23 26.29 31.58
N PHE C 708 48.00 25.82 31.42
CA PHE C 708 47.75 24.53 30.78
C PHE C 708 47.78 24.70 29.28
N ILE C 709 48.39 23.74 28.58
CA ILE C 709 48.51 23.78 27.14
C ILE C 709 48.16 22.41 26.58
N GLN C 710 47.19 22.36 25.69
CA GLN C 710 46.85 21.15 24.94
C GLN C 710 46.88 21.48 23.46
N ASN C 711 47.46 20.58 22.68
CA ASN C 711 47.64 20.85 21.26
C ASN C 711 47.86 19.54 20.53
N THR C 712 47.73 19.59 19.21
CA THR C 712 48.13 18.50 18.35
C THR C 712 49.48 18.81 17.72
N ARG C 713 50.17 17.76 17.29
CA ARG C 713 51.49 17.92 16.69
C ARG C 713 51.44 18.08 15.19
N PHE C 714 50.25 18.08 14.60
CA PHE C 714 50.08 18.33 13.17
C PHE C 714 50.33 19.81 12.89
N THR C 715 51.33 20.10 12.08
CA THR C 715 51.76 21.45 11.76
C THR C 715 51.39 21.80 10.32
N PRO C 716 51.33 23.09 9.98
CA PRO C 716 51.05 23.47 8.59
C PRO C 716 52.06 22.91 7.60
N GLN C 717 53.32 22.76 8.02
CA GLN C 717 54.32 22.16 7.14
C GLN C 717 53.97 20.72 6.79
N MET C 718 53.45 19.97 7.74
CA MET C 718 53.04 18.59 7.46
C MET C 718 51.92 18.56 6.44
N ALA C 719 50.96 19.48 6.54
CA ALA C 719 49.90 19.57 5.55
C ALA C 719 50.47 19.92 4.18
N LYS C 720 51.42 20.85 4.13
CA LYS C 720 52.05 21.20 2.86
C LYS C 720 52.77 20.00 2.24
N ASP C 721 53.46 19.22 3.06
CA ASP C 721 54.15 18.03 2.59
C ASP C 721 53.19 16.93 2.16
N ILE C 722 52.06 16.78 2.83
CA ILE C 722 51.04 15.85 2.36
C ILE C 722 50.55 16.27 0.99
N LEU C 723 50.31 17.57 0.78
CA LEU C 723 49.95 18.04 -0.54
C LEU C 723 51.08 17.86 -1.54
N ALA C 724 52.33 17.93 -1.08
CA ALA C 724 53.49 17.71 -1.92
C ALA C 724 53.86 16.24 -2.06
N GLY C 725 53.11 15.34 -1.41
CA GLY C 725 53.34 13.93 -1.54
C GLY C 725 54.49 13.37 -0.75
N THR C 726 55.18 14.18 0.03
CA THR C 726 56.35 13.72 0.78
C THR C 726 55.99 13.09 2.12
N LEU C 727 54.73 13.17 2.53
CA LEU C 727 54.27 12.60 3.79
C LEU C 727 53.02 11.77 3.54
N THR C 728 52.92 10.64 4.22
CA THR C 728 51.80 9.72 4.08
C THR C 728 51.12 9.51 5.43
N LEU C 729 49.99 8.80 5.41
CA LEU C 729 49.31 8.49 6.66
C LEU C 729 50.12 7.53 7.51
N GLU C 730 50.77 6.54 6.88
CA GLU C 730 51.61 5.62 7.61
C GLU C 730 52.81 6.30 8.24
N ASP C 731 53.27 7.40 7.64
CA ASP C 731 54.33 8.19 8.26
C ASP C 731 53.84 9.05 9.40
N LEU C 732 52.57 9.47 9.37
CA LEU C 732 51.99 10.17 10.51
C LEU C 732 51.75 9.24 11.69
N VAL C 733 51.24 8.03 11.41
CA VAL C 733 51.05 7.04 12.46
C VAL C 733 52.40 6.63 13.04
N ALA C 734 53.42 6.53 12.18
CA ALA C 734 54.72 6.04 12.62
C ALA C 734 55.36 6.93 13.65
N GLN C 735 55.16 8.25 13.57
CA GLN C 735 55.73 9.18 14.53
C GLN C 735 54.70 9.74 15.50
N GLY C 736 53.64 8.98 15.76
CA GLY C 736 52.72 9.28 16.85
C GLY C 736 51.96 10.59 16.73
N ILE C 737 51.54 10.94 15.52
CA ILE C 737 50.74 12.14 15.29
C ILE C 737 49.26 11.81 15.16
N CYS C 738 48.95 10.70 14.51
CA CYS C 738 47.58 10.20 14.46
C CYS C 738 47.58 8.73 14.83
N GLU C 739 46.44 8.26 15.30
CA GLU C 739 46.29 6.85 15.60
C GLU C 739 44.91 6.39 15.15
N PHE C 740 44.81 5.11 14.83
CA PHE C 740 43.55 4.55 14.38
C PHE C 740 42.66 4.24 15.57
N ILE C 741 41.40 4.64 15.47
CA ILE C 741 40.41 4.42 16.52
C ILE C 741 39.20 3.74 15.90
N THR C 742 38.70 2.73 16.57
CA THR C 742 37.54 1.87 16.43
C THR C 742 36.38 2.41 17.24
N PRO C 743 35.14 2.08 16.89
CA PRO C 743 34.02 2.49 17.75
C PRO C 743 34.11 1.93 19.15
N GLU C 744 34.81 0.81 19.35
CA GLU C 744 35.04 0.30 20.70
C GLU C 744 35.92 1.25 21.50
N GLU C 745 37.07 1.62 20.94
CA GLU C 745 38.01 2.49 21.64
C GLU C 745 37.56 3.95 21.63
N ALA C 746 36.70 4.35 20.69
CA ALA C 746 36.20 5.71 20.64
C ALA C 746 35.40 6.08 21.87
N GLU C 747 34.97 5.09 22.64
CA GLU C 747 34.23 5.34 23.86
C GLU C 747 35.14 5.77 24.99
N ASN C 748 36.46 5.68 24.81
CA ASN C 748 37.45 6.22 25.71
C ASN C 748 38.03 7.53 25.21
N CYS C 749 37.47 8.10 24.16
CA CYS C 749 38.02 9.26 23.49
C CYS C 749 37.14 10.48 23.73
N LEU C 750 37.79 11.63 23.91
CA LEU C 750 37.12 12.93 23.92
C LEU C 750 37.71 13.75 22.79
N VAL C 751 36.93 13.92 21.73
CA VAL C 751 37.42 14.41 20.44
C VAL C 751 36.95 15.85 20.26
N ALA C 752 37.89 16.75 19.97
CA ALA C 752 37.54 18.11 19.58
C ALA C 752 37.07 18.11 18.14
N PHE C 753 35.88 18.66 17.89
CA PHE C 753 35.25 18.43 16.59
C PHE C 753 35.99 19.12 15.46
N SER C 754 36.86 20.08 15.77
CA SER C 754 37.67 20.72 14.75
C SER C 754 38.86 21.37 15.42
N ILE C 755 39.85 21.79 14.62
CA ILE C 755 41.01 22.49 15.16
C ILE C 755 40.63 23.84 15.74
N ILE C 756 39.55 24.45 15.26
CA ILE C 756 39.07 25.69 15.85
C ILE C 756 38.62 25.45 17.29
N GLU C 757 37.91 24.36 17.53
CA GLU C 757 37.51 24.00 18.89
C GLU C 757 38.72 23.69 19.78
N LEU C 758 39.75 23.06 19.22
CA LEU C 758 40.95 22.78 20.00
C LEU C 758 41.70 24.07 20.35
N ARG C 759 41.78 25.02 19.41
CA ARG C 759 42.41 26.29 19.73
C ARG C 759 41.60 27.10 20.72
N LYS C 760 40.27 26.97 20.68
CA LYS C 760 39.43 27.66 21.64
C LYS C 760 39.72 27.21 23.06
N HIS C 761 39.88 25.90 23.25
CA HIS C 761 40.13 25.31 24.57
C HIS C 761 41.61 24.98 24.78
N LYS C 762 42.51 25.77 24.20
CA LYS C 762 43.93 25.45 24.29
C LYS C 762 44.44 25.53 25.72
N HIS C 763 43.93 26.48 26.50
CA HIS C 763 44.36 26.68 27.87
C HIS C 763 43.27 26.31 28.87
N ASP C 764 42.44 25.34 28.53
CA ASP C 764 41.29 24.94 29.33
C ASP C 764 41.59 23.59 29.98
N VAL C 765 41.97 23.63 31.25
CA VAL C 765 42.28 22.39 31.96
C VAL C 765 41.03 21.59 32.30
N THR C 766 39.85 22.18 32.20
CA THR C 766 38.61 21.50 32.51
C THR C 766 37.98 20.85 31.30
N ARG C 767 38.64 20.90 30.15
CA ARG C 767 38.15 20.17 28.97
C ARG C 767 39.41 19.73 28.22
N ARG C 768 39.87 18.52 28.52
CA ARG C 768 41.11 17.98 27.98
C ARG C 768 40.76 16.95 26.92
N PHE C 769 41.03 17.28 25.66
CA PHE C 769 40.70 16.38 24.58
C PHE C 769 41.78 15.33 24.41
N THR C 770 41.38 14.15 23.95
CA THR C 770 42.34 13.12 23.62
C THR C 770 42.73 13.17 22.15
N HIS C 771 41.78 13.50 21.27
CA HIS C 771 42.00 13.58 19.85
C HIS C 771 41.35 14.84 19.31
N VAL C 772 41.75 15.22 18.10
CA VAL C 772 41.12 16.32 17.38
C VAL C 772 40.67 15.82 16.03
N ASP C 773 39.48 16.23 15.61
CA ASP C 773 38.85 15.71 14.41
C ASP C 773 38.96 16.71 13.27
N VAL C 774 38.79 16.18 12.06
CA VAL C 774 38.63 17.00 10.85
C VAL C 774 37.17 16.90 10.44
N PRO C 775 36.40 17.99 10.49
CA PRO C 775 34.93 17.86 10.41
C PRO C 775 34.42 17.12 9.20
N GLN C 776 35.03 17.33 8.03
CA GLN C 776 34.55 16.70 6.81
C GLN C 776 34.60 15.18 6.90
N ALA C 777 35.35 14.64 7.86
CA ALA C 777 35.45 13.20 8.05
C ALA C 777 34.14 12.56 8.48
N ILE C 778 33.14 13.34 8.91
CA ILE C 778 31.88 12.73 9.33
C ILE C 778 30.96 12.42 8.17
N LEU C 779 31.36 12.71 6.94
CA LEU C 779 30.52 12.53 5.77
C LEU C 779 31.15 11.51 4.82
N GLY C 780 30.30 10.85 4.05
CA GLY C 780 30.75 9.94 3.02
C GLY C 780 31.23 10.68 1.79
N LEU C 781 31.59 9.90 0.77
CA LEU C 781 32.07 10.50 -0.46
C LEU C 781 30.92 11.07 -1.31
N ALA C 782 29.76 10.44 -1.28
CA ALA C 782 28.63 10.98 -2.02
C ALA C 782 28.09 12.26 -1.39
N ALA C 783 28.09 12.34 -0.06
CA ALA C 783 27.62 13.54 0.62
C ALA C 783 28.61 14.68 0.52
N LEU C 784 29.88 14.40 0.26
CA LEU C 784 30.88 15.43 0.07
C LEU C 784 30.81 16.07 -1.31
N VAL C 785 30.00 15.53 -2.20
CA VAL C 785 29.78 16.16 -3.49
C VAL C 785 29.05 17.48 -3.31
N SER C 786 28.08 17.51 -2.41
CA SER C 786 27.23 18.68 -2.18
C SER C 786 28.03 19.83 -1.60
N PRO C 787 28.02 21.02 -2.20
CA PRO C 787 28.78 22.13 -1.64
C PRO C 787 28.00 22.83 -0.55
N TYR C 788 28.72 23.32 0.45
CA TYR C 788 28.12 24.01 1.59
C TYR C 788 27.00 23.18 2.21
N ALA C 789 27.29 21.89 2.41
CA ALA C 789 26.26 20.96 2.84
C ALA C 789 25.79 21.19 4.26
N ASN C 790 26.58 21.92 5.07
CA ASN C 790 26.13 22.28 6.40
C ASN C 790 25.21 23.48 6.42
N CYS C 791 25.07 24.18 5.31
CA CYS C 791 24.10 25.27 5.17
C CYS C 791 22.75 24.78 4.68
N THR C 792 22.64 23.52 4.31
CA THR C 792 21.39 22.89 3.90
C THR C 792 20.84 22.07 5.05
N GLN C 793 19.52 21.96 5.12
CA GLN C 793 18.95 21.08 6.11
C GLN C 793 19.33 19.64 5.77
N PRO C 794 19.82 18.87 6.74
CA PRO C 794 20.56 17.65 6.43
C PRO C 794 19.74 16.57 5.72
N ALA C 795 18.42 16.57 5.88
CA ALA C 795 17.58 15.63 5.14
C ALA C 795 17.77 15.78 3.64
N ARG C 796 17.94 17.02 3.15
CA ARG C 796 18.21 17.21 1.74
C ARG C 796 19.59 16.71 1.35
N VAL C 797 20.55 16.70 2.29
CA VAL C 797 21.83 16.07 2.01
C VAL C 797 21.65 14.56 1.83
N THR C 798 20.78 13.95 2.63
CA THR C 798 20.43 12.55 2.40
C THR C 798 19.78 12.36 1.03
N TYR C 799 18.87 13.26 0.66
CA TYR C 799 18.23 13.19 -0.65
C TYR C 799 19.28 13.22 -1.76
N GLU C 800 20.28 14.11 -1.64
CA GLU C 800 21.34 14.17 -2.64
C GLU C 800 22.14 12.88 -2.68
N THR C 801 22.53 12.37 -1.51
CA THR C 801 23.26 11.11 -1.47
C THR C 801 22.50 10.00 -2.18
N ASN C 802 21.16 10.04 -2.14
CA ASN C 802 20.37 9.14 -2.96
C ASN C 802 20.42 9.52 -4.44
N GLN C 803 20.43 10.82 -4.74
CA GLN C 803 20.34 11.30 -6.11
C GLN C 803 21.68 11.43 -6.81
N GLY C 804 22.78 11.53 -6.05
CA GLY C 804 24.09 11.65 -6.68
C GLY C 804 24.49 10.43 -7.47
N ARG C 805 24.17 9.23 -6.95
CA ARG C 805 24.52 8.00 -7.65
C ARG C 805 23.60 7.75 -8.84
N GLN C 806 22.43 8.36 -8.83
CA GLN C 806 21.42 8.22 -9.87
C GLN C 806 21.73 9.07 -11.11
N THR C 807 22.78 9.88 -11.04
CA THR C 807 23.11 10.85 -12.07
C THR C 807 23.77 10.19 -13.27
N GLY C 808 23.45 10.67 -14.48
CA GLY C 808 24.12 10.21 -15.67
C GLY C 808 25.46 10.87 -15.89
N GLY C 809 26.30 10.23 -16.71
CA GLY C 809 27.63 10.76 -16.95
C GLY C 809 28.49 9.78 -17.72
N TRP C 810 29.79 9.82 -17.44
CA TRP C 810 30.76 8.87 -17.98
C TRP C 810 30.75 7.65 -17.08
N TYR C 811 29.78 6.76 -17.29
CA TYR C 811 29.58 5.63 -16.40
C TYR C 811 30.74 4.63 -16.44
N CYS C 812 31.51 4.62 -17.52
CA CYS C 812 32.75 3.85 -17.59
C CYS C 812 33.54 4.33 -18.78
N PHE C 813 34.86 4.13 -18.71
CA PHE C 813 35.75 4.53 -19.79
C PHE C 813 35.99 3.41 -20.80
N SER C 814 35.27 2.28 -20.68
CA SER C 814 35.39 1.17 -21.61
C SER C 814 34.05 0.79 -22.22
N TRP C 815 33.09 1.71 -22.25
CA TRP C 815 31.74 1.48 -22.74
C TRP C 815 31.68 0.95 -24.18
N PRO C 816 32.56 1.35 -25.11
CA PRO C 816 32.54 0.72 -26.43
C PRO C 816 32.89 -0.76 -26.43
N TYR C 817 33.53 -1.24 -25.35
CA TYR C 817 33.94 -2.63 -25.23
C TYR C 817 32.99 -3.42 -24.33
N ARG C 818 31.75 -3.00 -24.21
CA ARG C 818 30.79 -3.62 -23.32
C ARG C 818 29.46 -3.80 -24.04
N VAL C 819 28.65 -4.72 -23.56
CA VAL C 819 27.29 -4.91 -24.04
C VAL C 819 26.40 -4.88 -22.80
N ASP C 820 25.95 -3.69 -22.43
CA ASP C 820 25.29 -3.44 -21.15
C ASP C 820 23.78 -3.32 -21.34
N MET C 821 23.07 -3.35 -20.22
CA MET C 821 21.61 -3.25 -20.20
C MET C 821 21.23 -1.97 -19.49
N ASN C 822 20.63 -1.04 -20.24
CA ASN C 822 20.12 0.21 -19.69
C ASN C 822 21.23 1.02 -19.03
N ARG C 823 22.24 1.37 -19.84
CA ARG C 823 23.34 2.20 -19.36
C ARG C 823 23.48 3.44 -20.20
N PHE C 824 23.73 4.57 -19.55
CA PHE C 824 23.70 5.88 -20.20
C PHE C 824 25.08 6.51 -20.16
N PHE C 825 25.56 6.93 -21.33
CA PHE C 825 26.83 7.64 -21.45
C PHE C 825 26.55 9.08 -21.87
N GLN C 826 26.95 10.03 -21.03
CA GLN C 826 26.71 11.45 -21.30
C GLN C 826 27.96 12.07 -21.91
N PHE C 827 27.79 12.75 -23.04
CA PHE C 827 28.91 13.22 -23.84
C PHE C 827 29.74 14.27 -23.10
N TYR C 828 29.07 15.32 -22.62
CA TYR C 828 29.75 16.48 -22.07
C TYR C 828 29.58 16.51 -20.56
N ASN C 829 30.67 16.77 -19.85
CA ASN C 829 30.66 16.86 -18.41
C ASN C 829 31.56 18.02 -18.01
N GLU C 830 31.27 18.60 -16.86
CA GLU C 830 31.98 19.80 -16.42
C GLU C 830 32.40 19.66 -14.96
N MET C 831 33.56 20.21 -14.66
CA MET C 831 33.94 20.44 -13.28
C MET C 831 33.06 21.56 -12.70
N PRO C 832 32.53 21.39 -11.49
CA PRO C 832 31.74 22.48 -10.90
C PRO C 832 32.56 23.73 -10.72
N LEU C 833 31.90 24.87 -10.87
CA LEU C 833 32.57 26.14 -10.57
C LEU C 833 32.89 26.24 -9.09
N VAL C 834 32.03 25.68 -8.25
CA VAL C 834 32.30 25.53 -6.83
C VAL C 834 32.45 24.03 -6.55
N LYS C 835 33.68 23.54 -6.57
CA LYS C 835 33.95 22.13 -6.39
C LYS C 835 34.20 21.81 -4.93
N THR C 836 34.09 20.52 -4.59
CA THR C 836 34.39 20.07 -3.25
C THR C 836 35.52 19.05 -3.28
N ILE C 837 35.87 18.49 -2.12
CA ILE C 837 36.97 17.53 -2.09
C ILE C 837 36.60 16.21 -2.76
N ALA C 838 35.31 15.88 -2.84
CA ALA C 838 34.89 14.64 -3.47
C ALA C 838 35.28 14.57 -4.94
N HIS C 839 35.51 15.71 -5.58
CA HIS C 839 35.90 15.75 -6.98
C HIS C 839 37.39 15.60 -7.17
N ASN C 840 38.13 15.37 -6.09
CA ASN C 840 39.50 14.88 -6.18
C ASN C 840 39.57 13.40 -6.44
N TYR C 841 38.45 12.68 -6.30
CA TYR C 841 38.44 11.23 -6.35
C TYR C 841 37.38 10.65 -7.28
N VAL C 842 36.36 11.40 -7.65
CA VAL C 842 35.35 10.93 -8.60
C VAL C 842 35.28 11.91 -9.76
N ILE C 843 34.95 11.40 -10.93
CA ILE C 843 34.77 12.27 -12.10
C ILE C 843 33.41 12.97 -11.96
N PRO C 844 33.36 14.30 -12.08
CA PRO C 844 32.07 14.98 -12.07
C PRO C 844 31.22 14.60 -13.28
N ASN C 845 29.92 14.48 -13.06
CA ASN C 845 28.96 14.17 -14.11
C ASN C 845 27.84 15.19 -14.03
N GLY C 846 28.03 16.31 -14.71
CA GLY C 846 27.02 17.34 -14.73
C GLY C 846 27.49 18.51 -15.56
N LEU C 847 26.66 19.54 -15.59
CA LEU C 847 26.96 20.77 -16.31
C LEU C 847 26.69 21.95 -15.41
N ASN C 848 27.39 23.05 -15.66
CA ASN C 848 27.21 24.29 -14.92
C ASN C 848 26.12 25.10 -15.61
N THR C 849 24.89 24.66 -15.43
CA THR C 849 23.75 25.31 -16.07
C THR C 849 23.54 26.70 -15.49
N ILE C 850 23.16 27.65 -16.34
CA ILE C 850 22.75 28.98 -15.87
C ILE C 850 21.29 28.89 -15.46
N VAL C 851 21.03 29.06 -14.18
CA VAL C 851 19.70 28.89 -13.61
C VAL C 851 19.16 30.26 -13.21
N ALA C 852 17.93 30.55 -13.64
CA ALA C 852 17.21 31.73 -13.18
C ALA C 852 16.18 31.30 -12.14
N TYR C 853 16.20 31.95 -10.99
CA TYR C 853 15.26 31.66 -9.90
C TYR C 853 14.14 32.68 -10.01
N MET C 854 13.06 32.28 -10.64
CA MET C 854 12.04 33.23 -11.05
C MET C 854 10.75 32.49 -11.38
N ILE C 855 9.64 33.21 -11.25
CA ILE C 855 8.34 32.75 -11.74
C ILE C 855 8.23 33.14 -13.21
N TYR C 856 8.04 32.14 -14.07
CA TYR C 856 7.94 32.40 -15.51
C TYR C 856 6.79 31.59 -16.09
N GLY C 857 5.59 32.16 -16.04
CA GLY C 857 4.42 31.59 -16.69
C GLY C 857 3.72 30.48 -15.93
N GLY C 858 4.28 30.01 -14.83
CA GLY C 858 3.67 28.95 -14.06
C GLY C 858 4.00 27.53 -14.48
N TYR C 859 5.00 27.33 -15.33
CA TYR C 859 5.33 26.00 -15.81
C TYR C 859 6.40 25.30 -14.98
N ASN C 860 7.02 26.01 -14.04
CA ASN C 860 7.98 25.40 -13.12
C ASN C 860 7.40 25.20 -11.73
N GLN C 861 6.09 25.30 -11.59
CA GLN C 861 5.44 25.15 -10.30
C GLN C 861 5.55 23.72 -9.81
N GLU C 862 5.78 23.57 -8.51
CA GLU C 862 5.85 22.29 -7.82
C GLU C 862 6.87 21.34 -8.41
N ASP C 863 8.14 21.71 -8.31
CA ASP C 863 9.26 20.82 -8.61
C ASP C 863 9.38 20.52 -10.10
N SER C 864 9.00 21.48 -10.92
CA SER C 864 9.24 21.40 -12.35
C SER C 864 10.20 22.50 -12.74
N VAL C 865 10.84 22.35 -13.89
CA VAL C 865 11.74 23.36 -14.42
C VAL C 865 11.36 23.65 -15.86
N ILE C 866 11.69 24.85 -16.31
CA ILE C 866 11.61 25.23 -17.71
C ILE C 866 13.02 25.17 -18.27
N VAL C 867 13.20 24.45 -19.36
CA VAL C 867 14.51 24.23 -19.95
C VAL C 867 14.61 25.02 -21.24
N SER C 868 15.83 25.37 -21.61
CA SER C 868 16.06 26.00 -22.90
C SER C 868 16.12 24.94 -23.99
N GLN C 869 15.27 25.07 -25.01
CA GLN C 869 15.31 24.12 -26.10
C GLN C 869 16.63 24.21 -26.85
N SER C 870 17.21 25.40 -26.93
CA SER C 870 18.53 25.55 -27.53
C SER C 870 19.60 24.84 -26.72
N PHE C 871 19.50 24.90 -25.39
CA PHE C 871 20.43 24.17 -24.54
C PHE C 871 20.32 22.67 -24.78
N ILE C 872 19.09 22.17 -24.98
CA ILE C 872 18.87 20.76 -25.28
C ILE C 872 19.45 20.41 -26.64
N ASP C 873 19.24 21.26 -27.65
CA ASP C 873 19.71 20.96 -28.99
C ASP C 873 21.22 20.90 -29.06
N ARG C 874 21.92 21.65 -28.22
CA ARG C 874 23.37 21.72 -28.28
C ARG C 874 24.05 20.57 -27.58
N GLY C 875 23.31 19.68 -26.93
CA GLY C 875 23.87 18.54 -26.28
C GLY C 875 23.90 18.59 -24.78
N GLY C 876 23.18 19.51 -24.15
CA GLY C 876 23.13 19.57 -22.71
C GLY C 876 22.45 18.34 -22.17
N PHE C 877 23.16 17.56 -21.36
CA PHE C 877 22.66 16.32 -20.77
C PHE C 877 22.24 15.32 -21.85
N ALA C 878 22.92 15.36 -22.98
CA ALA C 878 22.66 14.45 -24.08
C ALA C 878 23.73 13.37 -24.10
N GLY C 879 23.31 12.16 -24.41
CA GLY C 879 24.22 11.04 -24.48
C GLY C 879 23.57 9.92 -25.23
N THR C 880 24.04 8.71 -24.97
CA THR C 880 23.52 7.53 -25.64
C THR C 880 23.21 6.45 -24.63
N PHE C 881 22.14 5.72 -24.89
CA PHE C 881 21.55 4.75 -23.98
C PHE C 881 21.69 3.37 -24.59
N TYR C 882 22.05 2.39 -23.75
CA TYR C 882 22.44 1.06 -24.23
C TYR C 882 21.62 -0.03 -23.58
N ARG C 883 21.13 -0.95 -24.42
CA ARG C 883 20.46 -2.18 -24.01
C ARG C 883 21.13 -3.37 -24.68
N GLU C 884 21.03 -4.53 -24.03
CA GLU C 884 21.64 -5.75 -24.53
C GLU C 884 20.60 -6.85 -24.73
N GLU C 885 20.93 -7.79 -25.61
CA GLU C 885 20.11 -8.97 -25.84
C GLU C 885 20.99 -10.21 -25.90
N LYS C 886 20.47 -11.32 -25.37
CA LYS C 886 21.19 -12.58 -25.33
C LYS C 886 20.22 -13.68 -25.75
N VAL C 887 20.39 -14.17 -26.98
CA VAL C 887 19.58 -15.26 -27.52
C VAL C 887 20.49 -16.44 -27.79
N GLU C 888 20.11 -17.60 -27.29
CA GLU C 888 20.90 -18.83 -27.42
C GLU C 888 20.27 -19.76 -28.45
N LEU C 889 20.97 -20.87 -28.70
CA LEU C 889 20.51 -21.94 -29.57
C LEU C 889 20.52 -23.27 -28.82
N GLU C 890 19.94 -24.28 -29.46
CA GLU C 890 20.05 -25.65 -28.99
C GLU C 890 21.07 -26.41 -29.83
N SER C 891 21.65 -27.45 -29.23
CA SER C 891 22.70 -28.23 -29.89
C SER C 891 22.09 -29.04 -31.01
N ASP C 892 22.21 -28.54 -32.24
CA ASP C 892 21.76 -29.16 -33.48
C ASP C 892 20.25 -29.24 -33.61
N ILE C 893 19.50 -28.56 -32.75
CA ILE C 893 18.05 -28.45 -32.91
C ILE C 893 17.66 -27.09 -33.46
N GLU C 894 18.32 -26.04 -33.01
CA GLU C 894 18.01 -24.67 -33.42
C GLU C 894 19.21 -24.05 -34.09
N SER C 895 18.95 -23.11 -35.00
CA SER C 895 20.02 -22.43 -35.71
C SER C 895 19.59 -21.01 -36.04
N PHE C 896 20.58 -20.15 -36.26
CA PHE C 896 20.31 -18.79 -36.71
C PHE C 896 20.14 -18.77 -38.21
N GLY C 897 19.20 -17.96 -38.68
CA GLY C 897 18.97 -17.84 -40.11
C GLY C 897 17.63 -17.22 -40.44
N LYS C 898 17.59 -16.46 -41.53
CA LYS C 898 16.40 -15.80 -42.02
C LYS C 898 15.33 -16.84 -42.34
N PRO C 899 14.26 -16.91 -41.55
CA PRO C 899 13.26 -17.95 -41.78
C PRO C 899 12.50 -17.74 -43.08
N ASP C 900 11.97 -18.83 -43.61
CA ASP C 900 11.16 -18.83 -44.81
C ASP C 900 9.71 -19.18 -44.46
N PRO C 901 8.75 -18.38 -44.95
CA PRO C 901 7.35 -18.59 -44.54
C PRO C 901 6.73 -19.87 -45.04
N LEU C 902 7.36 -20.58 -45.97
CA LEU C 902 6.76 -21.76 -46.57
C LEU C 902 7.00 -23.03 -45.77
N ILE C 903 8.19 -23.20 -45.21
CA ILE C 903 8.56 -24.44 -44.53
C ILE C 903 8.73 -24.23 -43.03
N THR C 904 8.43 -23.03 -42.53
CA THR C 904 8.49 -22.74 -41.10
C THR C 904 7.10 -22.36 -40.61
N LYS C 905 6.68 -22.96 -39.51
CA LYS C 905 5.35 -22.76 -38.96
C LYS C 905 5.38 -21.74 -37.83
N ASN C 906 4.23 -21.08 -37.63
CA ASN C 906 4.01 -20.18 -36.49
C ASN C 906 4.97 -18.99 -36.52
N LEU C 907 5.11 -18.38 -37.68
CA LEU C 907 5.81 -17.09 -37.73
C LEU C 907 5.00 -16.03 -37.01
N LYS C 908 5.70 -15.09 -36.39
CA LYS C 908 5.05 -14.07 -35.59
C LYS C 908 4.18 -13.19 -36.47
N PRO C 909 2.93 -12.93 -36.08
CA PRO C 909 1.99 -12.24 -36.98
C PRO C 909 2.37 -10.78 -37.18
N GLY C 910 2.32 -10.34 -38.44
CA GLY C 910 2.48 -8.94 -38.78
C GLY C 910 3.85 -8.35 -38.50
N ALA C 911 4.88 -9.16 -38.40
CA ALA C 911 6.23 -8.69 -38.15
C ALA C 911 7.02 -8.57 -39.45
N ASN C 912 8.12 -7.84 -39.39
CA ASN C 912 9.00 -7.65 -40.53
C ASN C 912 10.20 -8.57 -40.40
N TYR C 913 10.33 -9.51 -41.33
CA TYR C 913 11.44 -10.44 -41.36
C TYR C 913 12.51 -10.08 -42.38
N GLU C 914 12.32 -8.99 -43.13
CA GLU C 914 13.22 -8.69 -44.24
C GLU C 914 14.57 -8.20 -43.77
N LYS C 915 14.64 -7.58 -42.59
CA LYS C 915 15.86 -6.91 -42.15
C LYS C 915 17.02 -7.87 -41.90
N LEU C 916 16.76 -9.17 -41.83
CA LEU C 916 17.79 -10.13 -41.45
C LEU C 916 18.77 -10.38 -42.60
N VAL C 917 20.06 -10.39 -42.27
CA VAL C 917 21.09 -10.86 -43.18
C VAL C 917 21.96 -11.86 -42.42
N ASP C 918 22.01 -13.10 -42.89
CA ASP C 918 22.70 -14.18 -42.21
C ASP C 918 22.22 -14.33 -40.78
N GLY C 919 20.90 -14.17 -40.59
CA GLY C 919 20.26 -14.41 -39.32
C GLY C 919 20.16 -13.20 -38.41
N PHE C 920 20.91 -12.14 -38.67
CA PHE C 920 20.91 -10.94 -37.85
C PHE C 920 20.64 -9.72 -38.71
N VAL C 921 20.01 -8.72 -38.10
CA VAL C 921 19.95 -7.39 -38.73
C VAL C 921 21.35 -6.79 -38.74
N PRO C 922 21.81 -6.21 -39.85
CA PRO C 922 23.18 -5.68 -39.88
C PRO C 922 23.35 -4.51 -38.91
N VAL C 923 24.59 -4.35 -38.44
CA VAL C 923 24.90 -3.29 -37.50
C VAL C 923 24.84 -1.96 -38.22
N GLY C 924 24.04 -1.04 -37.69
CA GLY C 924 23.88 0.28 -38.28
C GLY C 924 22.51 0.56 -38.85
N THR C 925 21.53 -0.34 -38.71
CA THR C 925 20.20 -0.11 -39.25
C THR C 925 19.20 0.08 -38.11
N VAL C 926 18.14 0.80 -38.42
CA VAL C 926 17.13 1.20 -37.45
C VAL C 926 16.14 0.05 -37.28
N VAL C 927 16.01 -0.46 -36.07
CA VAL C 927 15.01 -1.47 -35.76
C VAL C 927 13.76 -0.75 -35.24
N LYS C 928 12.61 -1.23 -35.65
CA LYS C 928 11.32 -0.60 -35.37
C LYS C 928 10.51 -1.51 -34.47
N LYS C 929 9.35 -1.02 -34.04
CA LYS C 929 8.41 -1.86 -33.30
C LYS C 929 7.81 -2.88 -34.25
N GLY C 930 7.98 -4.16 -33.95
CA GLY C 930 7.49 -5.23 -34.79
C GLY C 930 8.53 -5.86 -35.68
N ASP C 931 9.66 -5.21 -35.91
CA ASP C 931 10.72 -5.81 -36.72
C ASP C 931 11.29 -7.03 -36.02
N ILE C 932 11.74 -7.99 -36.82
CA ILE C 932 12.44 -9.16 -36.32
C ILE C 932 13.92 -8.85 -36.30
N ILE C 933 14.55 -9.05 -35.14
CA ILE C 933 15.93 -8.63 -34.93
C ILE C 933 16.91 -9.78 -34.84
N ILE C 934 16.47 -10.97 -34.46
CA ILE C 934 17.30 -12.17 -34.58
C ILE C 934 16.45 -13.25 -35.23
N GLY C 935 16.89 -13.74 -36.38
CA GLY C 935 16.27 -14.90 -36.98
C GLY C 935 16.65 -16.17 -36.26
N LYS C 936 15.73 -17.14 -36.26
CA LYS C 936 15.96 -18.39 -35.55
C LYS C 936 14.99 -19.43 -36.06
N VAL C 937 15.51 -20.55 -36.56
CA VAL C 937 14.71 -21.68 -36.99
C VAL C 937 15.02 -22.87 -36.11
N ALA C 938 14.06 -23.79 -36.00
CA ALA C 938 14.19 -24.94 -35.12
C ALA C 938 13.68 -26.18 -35.84
N LYS C 939 14.55 -27.18 -36.01
CA LYS C 939 14.14 -28.44 -36.59
C LYS C 939 13.24 -29.21 -35.63
N ILE C 940 12.19 -29.82 -36.17
CA ILE C 940 11.31 -30.66 -35.38
C ILE C 940 11.80 -32.10 -35.42
N LYS C 949 7.49 -28.78 -40.06
CA LYS C 949 8.91 -28.92 -40.34
C LYS C 949 9.74 -28.04 -39.40
N TYR C 950 9.42 -26.75 -39.38
CA TYR C 950 10.07 -25.79 -38.50
C TYR C 950 9.02 -25.02 -37.71
N ILE C 951 9.42 -24.53 -36.54
CA ILE C 951 8.61 -23.59 -35.78
C ILE C 951 9.47 -22.35 -35.52
N ASP C 952 8.85 -21.19 -35.62
CA ASP C 952 9.56 -19.91 -35.67
C ASP C 952 9.69 -19.35 -34.26
N ARG C 953 10.86 -19.57 -33.65
CA ARG C 953 11.19 -18.93 -32.37
C ARG C 953 12.07 -17.70 -32.60
N SER C 954 11.54 -16.76 -33.39
CA SER C 954 12.26 -15.53 -33.69
C SER C 954 12.10 -14.53 -32.54
N VAL C 955 12.85 -13.43 -32.65
CA VAL C 955 12.87 -12.39 -31.62
C VAL C 955 12.44 -11.08 -32.26
N MET C 956 11.46 -10.41 -31.65
CA MET C 956 10.91 -9.17 -32.14
C MET C 956 11.26 -8.03 -31.18
N TYR C 957 11.39 -6.83 -31.73
CA TYR C 957 11.74 -5.65 -30.93
C TYR C 957 10.44 -5.01 -30.42
N GLY C 958 10.10 -5.30 -29.17
CA GLY C 958 8.91 -4.72 -28.57
C GLY C 958 9.14 -3.49 -27.71
N PHE C 959 9.63 -2.40 -28.31
CA PHE C 959 9.79 -1.15 -27.60
C PHE C 959 9.22 -0.01 -28.44
N ASP C 960 8.78 1.04 -27.74
CA ASP C 960 8.10 2.15 -28.40
C ASP C 960 9.06 2.99 -29.24
N GLU C 961 10.30 3.17 -28.80
CA GLU C 961 11.14 4.01 -29.63
C GLU C 961 12.12 3.17 -30.44
N PRO C 962 12.28 3.49 -31.71
CA PRO C 962 13.23 2.74 -32.55
C PRO C 962 14.65 2.86 -32.02
N ALA C 963 15.39 1.75 -32.08
CA ALA C 963 16.80 1.72 -31.72
C ALA C 963 17.63 1.57 -32.98
N VAL C 964 18.93 1.43 -32.79
CA VAL C 964 19.87 1.13 -33.88
C VAL C 964 20.80 0.05 -33.39
N VAL C 965 21.08 -0.93 -34.26
CA VAL C 965 22.01 -1.99 -33.93
C VAL C 965 23.40 -1.37 -33.82
N ASP C 966 23.93 -1.32 -32.60
CA ASP C 966 25.24 -0.72 -32.39
C ASP C 966 26.35 -1.71 -32.66
N ALA C 967 26.25 -2.90 -32.08
CA ALA C 967 27.25 -3.94 -32.27
C ALA C 967 26.59 -5.30 -32.06
N VAL C 968 26.86 -6.24 -32.96
CA VAL C 968 26.37 -7.61 -32.85
C VAL C 968 27.57 -8.54 -32.90
N MET C 969 27.50 -9.63 -32.13
CA MET C 969 28.58 -10.60 -32.05
C MET C 969 27.99 -11.98 -31.87
N ARG C 970 28.80 -13.00 -32.19
CA ARG C 970 28.44 -14.40 -32.04
C ARG C 970 29.50 -15.07 -31.16
N PRO C 971 29.42 -14.87 -29.85
CA PRO C 971 30.41 -15.48 -28.96
C PRO C 971 30.01 -16.89 -28.53
N HIS C 972 30.81 -17.50 -27.66
CA HIS C 972 30.57 -18.85 -27.17
C HIS C 972 30.18 -18.80 -25.70
N GLY C 973 29.17 -19.58 -25.34
CA GLY C 973 28.70 -19.64 -23.98
C GLY C 973 29.57 -20.54 -23.11
N PRO C 974 29.17 -20.72 -21.85
CA PRO C 974 29.96 -21.59 -20.96
C PRO C 974 30.09 -23.01 -21.47
N ASN C 975 29.11 -23.51 -22.20
CA ASN C 975 29.13 -24.87 -22.75
C ASN C 975 29.66 -24.90 -24.18
N ASP C 976 30.32 -23.83 -24.63
CA ASP C 976 30.93 -23.75 -25.95
C ASP C 976 29.89 -23.86 -27.06
N GLU C 977 28.88 -23.00 -26.97
CA GLU C 977 27.81 -22.95 -27.95
C GLU C 977 27.60 -21.52 -28.41
N ILE C 978 27.38 -21.35 -29.72
CA ILE C 978 27.21 -20.03 -30.30
C ILE C 978 25.83 -19.48 -29.91
N PHE C 979 25.82 -18.26 -29.39
CA PHE C 979 24.58 -17.58 -29.04
C PHE C 979 24.61 -16.15 -29.57
N GLY C 980 23.43 -15.61 -29.86
CA GLY C 980 23.33 -14.28 -30.44
C GLY C 980 23.41 -13.20 -29.38
N LEU C 981 24.24 -12.19 -29.65
CA LEU C 981 24.44 -11.07 -28.73
C LEU C 981 24.27 -9.77 -29.53
N MET C 982 23.25 -9.00 -29.19
CA MET C 982 22.94 -7.75 -29.86
C MET C 982 23.01 -6.61 -28.86
N ARG C 983 23.71 -5.54 -29.24
CA ARG C 983 23.72 -4.30 -28.46
C ARG C 983 22.89 -3.26 -29.18
N LEU C 984 21.91 -2.71 -28.48
CA LEU C 984 21.00 -1.69 -29.02
C LEU C 984 21.32 -0.35 -28.38
N ARG C 985 21.46 0.68 -29.21
CA ARG C 985 21.78 2.02 -28.73
C ARG C 985 20.62 2.96 -29.02
N TYR C 986 20.48 3.95 -28.15
CA TYR C 986 19.47 4.98 -28.29
C TYR C 986 20.15 6.34 -28.20
N GLU C 987 19.73 7.26 -29.06
CA GLU C 987 20.22 8.63 -29.05
C GLU C 987 19.30 9.43 -28.15
N ARG C 988 19.74 9.67 -26.91
CA ARG C 988 18.89 10.26 -25.88
C ARG C 988 19.31 11.71 -25.63
N ASN C 989 18.50 12.64 -26.12
CA ASN C 989 18.60 14.02 -25.67
C ASN C 989 17.84 14.19 -24.37
N LEU C 990 17.99 15.35 -23.74
CA LEU C 990 17.08 15.70 -22.66
C LEU C 990 15.73 16.05 -23.26
N ASN C 991 14.65 15.58 -22.62
CA ASN C 991 13.33 15.91 -23.13
C ASN C 991 12.34 16.02 -21.99
N ILE C 992 11.11 16.38 -22.32
CA ILE C 992 10.10 16.71 -21.34
C ILE C 992 9.73 15.45 -20.57
N GLY C 993 9.92 15.50 -19.25
CA GLY C 993 9.72 14.34 -18.40
C GLY C 993 10.99 13.80 -17.79
N ASP C 994 12.14 14.31 -18.17
CA ASP C 994 13.40 13.86 -17.60
C ASP C 994 13.71 14.63 -16.34
N LYS C 995 14.28 13.93 -15.37
CA LYS C 995 14.52 14.48 -14.05
C LYS C 995 15.92 15.04 -13.97
N MET C 996 16.04 16.30 -13.55
CA MET C 996 17.32 16.90 -13.24
C MET C 996 17.41 17.08 -11.73
N SER C 997 18.60 17.47 -11.28
CA SER C 997 18.82 17.70 -9.86
C SER C 997 20.10 18.48 -9.67
N SER C 998 20.11 19.37 -8.69
CA SER C 998 21.34 20.01 -8.26
C SER C 998 21.99 19.16 -7.16
N ARG C 999 23.19 19.55 -6.75
CA ARG C 999 23.90 18.79 -5.73
C ARG C 999 23.29 18.95 -4.35
N SER C 1000 22.33 19.83 -4.17
CA SER C 1000 21.64 19.98 -2.90
C SER C 1000 20.41 19.09 -2.78
N GLY C 1001 20.11 18.29 -3.79
CA GLY C 1001 18.99 17.40 -3.74
C GLY C 1001 17.67 17.96 -4.23
N ASN C 1002 17.68 19.09 -4.92
CA ASN C 1002 16.46 19.70 -5.46
C ASN C 1002 16.20 19.11 -6.84
N LYS C 1003 15.47 18.01 -6.88
CA LYS C 1003 15.18 17.33 -8.13
C LYS C 1003 13.89 17.83 -8.73
N GLY C 1004 13.81 17.81 -10.06
CA GLY C 1004 12.65 18.34 -10.74
C GLY C 1004 12.51 17.78 -12.13
N ILE C 1005 11.28 17.76 -12.62
CA ILE C 1005 10.98 17.24 -13.94
C ILE C 1005 10.96 18.39 -14.93
N ALA C 1006 11.61 18.21 -16.08
CA ALA C 1006 11.51 19.19 -17.16
C ALA C 1006 10.08 19.25 -17.66
N ALA C 1007 9.45 20.40 -17.49
CA ALA C 1007 8.05 20.56 -17.85
C ALA C 1007 7.82 21.28 -19.16
N LEU C 1008 8.66 22.25 -19.49
CA LEU C 1008 8.52 23.04 -20.70
C LEU C 1008 9.89 23.29 -21.28
N ALA C 1009 9.95 23.45 -22.59
CA ALA C 1009 11.18 23.80 -23.28
C ALA C 1009 10.91 24.98 -24.19
N LEU C 1010 11.61 26.05 -24.00
CA LEU C 1010 11.34 27.25 -24.77
C LEU C 1010 12.44 27.50 -25.78
N PRO C 1011 12.11 28.09 -26.92
CA PRO C 1011 13.16 28.50 -27.87
C PRO C 1011 14.05 29.58 -27.31
N THR C 1012 15.10 29.94 -28.04
CA THR C 1012 16.02 30.97 -27.56
C THR C 1012 15.33 32.31 -27.41
N SER C 1013 14.47 32.65 -28.37
CA SER C 1013 13.83 33.95 -28.38
C SER C 1013 12.68 34.06 -27.39
N ASP C 1014 12.28 32.97 -26.74
CA ASP C 1014 11.24 33.00 -25.74
C ASP C 1014 11.79 32.99 -24.32
N MET C 1015 13.04 32.65 -24.13
CA MET C 1015 13.60 32.64 -22.79
C MET C 1015 13.88 34.06 -22.32
N PRO C 1016 13.87 34.30 -21.01
CA PRO C 1016 14.21 35.63 -20.49
C PRO C 1016 15.68 35.91 -20.70
N PHE C 1017 16.01 37.20 -20.75
CA PHE C 1017 17.39 37.61 -20.95
C PHE C 1017 17.67 38.86 -20.14
N THR C 1018 18.87 38.95 -19.60
CA THR C 1018 19.24 40.12 -18.81
C THR C 1018 19.61 41.27 -19.74
N GLU C 1019 19.94 42.41 -19.15
CA GLU C 1019 20.33 43.57 -19.96
C GLU C 1019 21.59 43.29 -20.76
N ASP C 1020 22.44 42.39 -20.28
CA ASP C 1020 23.67 41.99 -20.96
C ASP C 1020 23.49 40.78 -21.86
N GLY C 1021 22.27 40.29 -22.02
CA GLY C 1021 22.01 39.17 -22.89
C GLY C 1021 22.15 37.82 -22.27
N LEU C 1022 22.46 37.73 -20.97
CA LEU C 1022 22.54 36.44 -20.31
C LEU C 1022 21.16 35.84 -20.18
N GLN C 1023 21.02 34.58 -20.57
CA GLN C 1023 19.75 33.91 -20.47
C GLN C 1023 19.92 32.54 -19.83
N PRO C 1024 18.90 32.04 -19.14
CA PRO C 1024 19.06 30.78 -18.41
C PRO C 1024 19.00 29.55 -19.32
N ASP C 1025 19.52 28.45 -18.78
CA ASP C 1025 19.24 27.12 -19.31
C ASP C 1025 18.08 26.47 -18.58
N LEU C 1026 17.98 26.71 -17.28
CA LEU C 1026 16.89 26.23 -16.45
C LEU C 1026 16.25 27.42 -15.75
N ILE C 1027 14.94 27.37 -15.59
CA ILE C 1027 14.20 28.31 -14.77
C ILE C 1027 13.55 27.48 -13.68
N VAL C 1028 14.01 27.65 -12.45
CA VAL C 1028 13.46 26.91 -11.34
C VAL C 1028 12.61 27.84 -10.49
N ASN C 1029 11.56 27.29 -9.90
CA ASN C 1029 10.64 28.08 -9.11
C ASN C 1029 11.30 28.51 -7.80
N PRO C 1030 11.13 29.77 -7.39
CA PRO C 1030 11.61 30.17 -6.07
C PRO C 1030 10.91 29.48 -4.93
N HIS C 1031 9.75 28.86 -5.16
CA HIS C 1031 8.99 28.23 -4.09
C HIS C 1031 9.52 26.86 -3.72
N SER C 1032 10.50 26.34 -4.45
CA SER C 1032 11.15 25.10 -4.06
C SER C 1032 12.14 25.30 -2.92
N HIS C 1033 12.53 26.52 -2.63
CA HIS C 1033 13.52 26.79 -1.60
C HIS C 1033 13.00 26.84 -0.16
N PRO C 1034 12.00 27.67 0.17
CA PRO C 1034 11.80 28.03 1.59
C PRO C 1034 11.47 26.87 2.51
N SER C 1035 10.65 25.90 2.09
CA SER C 1035 10.38 24.76 2.94
C SER C 1035 11.52 23.75 2.92
N ARG C 1036 12.16 23.55 1.76
CA ARG C 1036 13.26 22.60 1.67
C ARG C 1036 14.54 23.14 2.30
N MET C 1037 14.67 24.45 2.41
CA MET C 1037 15.82 25.08 3.07
C MET C 1037 17.14 24.61 2.48
N THR C 1038 17.18 24.52 1.15
CA THR C 1038 18.39 24.17 0.42
C THR C 1038 19.17 25.45 0.14
N ASN C 1039 19.88 25.92 1.18
CA ASN C 1039 20.61 27.16 1.09
C ASN C 1039 21.95 27.01 0.38
N GLY C 1040 22.51 25.80 0.34
CA GLY C 1040 23.78 25.61 -0.32
C GLY C 1040 23.71 25.77 -1.82
N GLN C 1041 22.52 25.62 -2.40
CA GLN C 1041 22.34 25.86 -3.83
C GLN C 1041 22.34 27.34 -4.14
N MET C 1042 21.82 28.17 -3.23
CA MET C 1042 21.81 29.61 -3.43
C MET C 1042 23.18 30.21 -3.18
N ILE C 1043 23.90 29.69 -2.20
CA ILE C 1043 25.27 30.15 -1.96
C ILE C 1043 26.18 29.71 -3.09
N GLU C 1044 25.94 28.53 -3.66
CA GLU C 1044 26.72 28.07 -4.79
C GLU C 1044 26.55 28.99 -6.00
N THR C 1045 25.32 29.42 -6.27
CA THR C 1045 25.06 30.33 -7.38
C THR C 1045 25.74 31.68 -7.13
N THR C 1046 25.70 32.16 -5.89
CA THR C 1046 26.37 33.41 -5.55
C THR C 1046 27.87 33.31 -5.72
N VAL C 1047 28.48 32.22 -5.23
CA VAL C 1047 29.92 32.04 -5.37
C VAL C 1047 30.29 31.78 -6.83
N GLY C 1048 29.57 30.87 -7.48
CA GLY C 1048 29.89 30.50 -8.84
C GLY C 1048 29.68 31.61 -9.84
N LEU C 1049 28.89 32.61 -9.49
CA LEU C 1049 28.66 33.74 -10.37
C LEU C 1049 29.89 34.62 -10.50
N ALA C 1050 30.64 34.79 -9.42
CA ALA C 1050 31.90 35.53 -9.45
C ALA C 1050 33.08 34.67 -9.87
N ASN C 1051 33.00 33.36 -9.70
CA ASN C 1051 34.04 32.48 -10.22
C ASN C 1051 34.14 32.56 -11.73
N ALA C 1052 32.98 32.58 -12.41
CA ALA C 1052 32.97 32.60 -13.87
C ALA C 1052 33.61 33.86 -14.42
N LEU C 1053 33.31 35.01 -13.81
CA LEU C 1053 33.90 36.27 -14.26
C LEU C 1053 35.36 36.38 -13.86
N GLN C 1054 35.73 35.83 -12.70
CA GLN C 1054 37.11 35.85 -12.26
C GLN C 1054 37.96 34.86 -13.02
N GLY C 1055 37.38 33.77 -13.50
CA GLY C 1055 38.12 32.74 -14.21
C GLY C 1055 38.66 31.62 -13.36
N VAL C 1056 38.00 31.29 -12.25
CA VAL C 1056 38.56 30.39 -11.25
C VAL C 1056 37.52 29.33 -10.88
N VAL C 1057 38.00 28.25 -10.29
CA VAL C 1057 37.17 27.24 -9.66
C VAL C 1057 37.58 27.18 -8.20
N THR C 1058 36.62 27.37 -7.30
CA THR C 1058 36.91 27.43 -5.88
C THR C 1058 36.34 26.21 -5.17
N ASP C 1059 36.77 26.03 -3.92
CA ASP C 1059 36.44 24.86 -3.13
C ASP C 1059 35.29 25.20 -2.20
N GLY C 1060 34.17 24.51 -2.36
CA GLY C 1060 33.01 24.74 -1.52
C GLY C 1060 32.68 23.54 -0.67
N THR C 1061 33.69 22.90 -0.11
CA THR C 1061 33.49 21.72 0.71
C THR C 1061 32.72 22.07 1.98
N ALA C 1062 31.97 21.10 2.49
CA ALA C 1062 31.22 21.29 3.72
C ALA C 1062 32.16 21.51 4.89
N PHE C 1063 31.68 22.23 5.90
CA PHE C 1063 32.34 22.47 7.17
C PHE C 1063 33.59 23.33 7.05
N LEU C 1064 33.81 23.94 5.91
CA LEU C 1064 34.82 24.97 5.81
C LEU C 1064 34.22 26.29 6.27
N PRO C 1065 35.05 27.22 6.76
CA PRO C 1065 34.52 28.52 7.17
C PRO C 1065 34.00 29.29 5.97
N ILE C 1066 32.76 29.78 6.07
CA ILE C 1066 32.16 30.57 5.02
C ILE C 1066 31.55 31.83 5.63
N ASN C 1067 31.42 32.85 4.79
CA ASN C 1067 30.79 34.11 5.18
C ASN C 1067 29.99 34.59 3.99
N VAL C 1068 28.67 34.43 4.05
CA VAL C 1068 27.83 34.85 2.93
C VAL C 1068 27.86 36.35 2.74
N GLN C 1069 28.08 37.12 3.80
CA GLN C 1069 28.22 38.56 3.65
C GLN C 1069 29.44 38.91 2.82
N LEU C 1070 30.56 38.23 3.05
CA LEU C 1070 31.76 38.51 2.28
C LEU C 1070 31.69 37.90 0.90
N LEU C 1071 30.94 36.81 0.73
CA LEU C 1071 30.77 36.23 -0.60
C LEU C 1071 29.88 37.10 -1.46
N SER C 1072 28.94 37.83 -0.85
CA SER C 1072 28.11 38.76 -1.59
C SER C 1072 28.85 40.04 -1.94
N GLU C 1073 29.80 40.45 -1.10
CA GLU C 1073 30.65 41.58 -1.43
C GLU C 1073 31.61 41.23 -2.56
N ARG C 1074 31.96 39.95 -2.68
CA ARG C 1074 32.79 39.50 -3.79
C ARG C 1074 32.10 39.72 -5.12
N LEU C 1075 30.77 39.67 -5.12
CA LEU C 1075 30.00 39.96 -6.33
C LEU C 1075 30.11 41.42 -6.71
N ALA C 1076 29.91 42.32 -5.75
CA ALA C 1076 29.98 43.75 -6.01
C ALA C 1076 31.36 44.19 -6.47
N GLN C 1077 32.42 43.53 -6.02
CA GLN C 1077 33.77 43.85 -6.48
C GLN C 1077 34.02 43.36 -7.90
N GLU C 1078 33.24 42.40 -8.37
CA GLU C 1078 33.38 41.87 -9.72
C GLU C 1078 32.48 42.57 -10.72
N GLY C 1079 31.80 43.63 -10.31
CA GLY C 1079 30.98 44.42 -11.20
C GLY C 1079 29.50 44.11 -11.19
N LEU C 1080 29.07 43.13 -10.40
CA LEU C 1080 27.67 42.76 -10.32
C LEU C 1080 27.02 43.44 -9.12
N ARG C 1081 25.75 43.14 -8.88
CA ARG C 1081 25.07 43.65 -7.71
C ARG C 1081 25.42 42.81 -6.48
N PHE C 1082 25.13 43.36 -5.32
CA PHE C 1082 25.39 42.64 -4.07
C PHE C 1082 24.57 41.36 -3.98
N ASN C 1083 23.31 41.41 -4.42
CA ASN C 1083 22.45 40.25 -4.35
C ASN C 1083 22.60 39.31 -5.54
N GLY C 1084 23.41 39.67 -6.53
CA GLY C 1084 23.58 38.82 -7.69
C GLY C 1084 22.40 38.83 -8.63
N CYS C 1085 21.53 39.82 -8.51
CA CYS C 1085 20.32 39.94 -9.31
C CYS C 1085 20.55 40.95 -10.43
N GLN C 1086 19.83 40.78 -11.53
CA GLN C 1086 20.02 41.62 -12.71
C GLN C 1086 18.69 42.05 -13.29
N LYS C 1087 18.72 43.18 -13.97
CA LYS C 1087 17.60 43.61 -14.79
C LYS C 1087 17.36 42.62 -15.92
N MET C 1088 16.16 42.09 -16.01
CA MET C 1088 15.86 41.00 -16.91
C MET C 1088 14.62 41.33 -17.72
N PHE C 1089 14.59 40.86 -18.96
CA PHE C 1089 13.50 41.16 -19.88
C PHE C 1089 12.75 39.88 -20.22
N ASN C 1090 11.45 40.03 -20.46
CA ASN C 1090 10.63 38.92 -20.91
C ASN C 1090 10.88 38.65 -22.39
N GLY C 1091 11.26 37.42 -22.72
CA GLY C 1091 11.65 37.12 -24.08
C GLY C 1091 10.49 37.13 -25.05
N GLN C 1092 9.28 36.84 -24.57
CA GLN C 1092 8.12 36.78 -25.44
C GLN C 1092 7.62 38.15 -25.84
N THR C 1093 7.59 39.09 -24.90
CA THR C 1093 7.08 40.43 -25.17
C THR C 1093 8.16 41.50 -25.25
N GLY C 1094 9.33 41.25 -24.69
CA GLY C 1094 10.37 42.26 -24.65
C GLY C 1094 10.25 43.25 -23.54
N GLU C 1095 9.45 42.96 -22.52
CA GLU C 1095 9.18 43.87 -21.42
C GLU C 1095 10.01 43.50 -20.22
N TYR C 1096 10.65 44.50 -19.62
CA TYR C 1096 11.45 44.26 -18.43
C TYR C 1096 10.57 43.94 -17.23
N PHE C 1097 11.00 43.01 -16.41
CA PHE C 1097 10.34 42.78 -15.13
C PHE C 1097 10.61 43.94 -14.19
N ASP C 1098 9.64 44.25 -13.34
CA ASP C 1098 9.84 45.29 -12.35
C ASP C 1098 10.55 44.76 -11.12
N ALA C 1099 11.62 44.01 -11.31
CA ALA C 1099 12.31 43.33 -10.25
C ALA C 1099 13.56 42.70 -10.83
N ALA C 1100 14.68 42.85 -10.15
CA ALA C 1100 15.88 42.16 -10.57
C ALA C 1100 15.71 40.67 -10.31
N ILE C 1101 16.22 39.86 -11.22
CA ILE C 1101 16.06 38.41 -11.16
C ILE C 1101 17.40 37.79 -10.79
N PHE C 1102 17.37 36.82 -9.87
CA PHE C 1102 18.56 36.12 -9.44
C PHE C 1102 18.89 35.01 -10.44
N ILE C 1103 19.97 35.19 -11.19
CA ILE C 1103 20.36 34.27 -12.24
C ILE C 1103 21.87 34.07 -12.14
N GLY C 1104 22.31 32.82 -12.32
CA GLY C 1104 23.71 32.50 -12.30
C GLY C 1104 23.96 31.01 -12.45
N PRO C 1105 25.23 30.62 -12.54
CA PRO C 1105 25.57 29.22 -12.81
C PRO C 1105 25.41 28.33 -11.57
N THR C 1106 24.56 27.32 -11.71
CA THR C 1106 24.38 26.30 -10.69
C THR C 1106 24.63 24.94 -11.32
N TYR C 1107 25.40 24.10 -10.66
CA TYR C 1107 25.74 22.79 -11.20
C TYR C 1107 24.54 21.86 -11.12
N HIS C 1108 24.15 21.31 -12.27
CA HIS C 1108 22.98 20.44 -12.34
C HIS C 1108 23.36 19.11 -12.97
N GLN C 1109 22.55 18.10 -12.66
CA GLN C 1109 22.80 16.72 -13.04
C GLN C 1109 21.55 16.16 -13.67
N ARG C 1110 21.72 15.15 -14.51
CA ARG C 1110 20.60 14.42 -15.08
C ARG C 1110 20.43 13.10 -14.34
N LEU C 1111 19.30 12.93 -13.69
CA LEU C 1111 18.99 11.67 -13.03
C LEU C 1111 18.47 10.67 -14.05
N GLN C 1112 18.92 9.42 -13.90
CA GLN C 1112 18.64 8.38 -14.89
C GLN C 1112 17.25 7.78 -14.69
N LYS C 1113 16.25 8.64 -14.77
CA LYS C 1113 14.84 8.25 -14.83
C LYS C 1113 14.29 8.85 -16.12
N PHE C 1114 14.37 8.09 -17.20
CA PHE C 1114 13.95 8.56 -18.51
C PHE C 1114 12.44 8.36 -18.67
N VAL C 1115 11.79 9.39 -19.22
CA VAL C 1115 10.34 9.32 -19.40
C VAL C 1115 9.97 8.24 -20.41
N LEU C 1116 10.79 8.07 -21.45
CA LEU C 1116 10.51 7.08 -22.48
C LEU C 1116 10.53 5.65 -21.94
N ASP C 1117 11.28 5.39 -20.87
CA ASP C 1117 11.29 4.07 -20.27
C ASP C 1117 10.05 3.80 -19.43
N ASP C 1118 9.46 4.82 -18.82
CA ASP C 1118 8.30 4.66 -17.96
C ASP C 1118 6.98 4.78 -18.72
N ARG C 1119 7.00 5.47 -19.84
CA ARG C 1119 5.83 5.64 -20.70
C ARG C 1119 5.28 4.29 -21.14
N TYR C 1120 3.97 4.12 -21.05
CA TYR C 1120 3.34 2.85 -21.46
C TYR C 1120 1.90 3.07 -21.87
N ALA C 1121 1.45 2.29 -22.85
CA ALA C 1121 0.05 2.29 -23.26
C ALA C 1121 -0.27 0.98 -23.97
N VAL C 1122 -1.42 0.40 -23.64
CA VAL C 1122 -1.92 -0.77 -24.33
C VAL C 1122 -3.22 -0.43 -25.02
N ALA C 1123 -3.67 -1.36 -25.85
CA ALA C 1123 -4.97 -1.31 -26.51
C ALA C 1123 -5.78 -2.51 -26.02
N SER C 1124 -6.91 -2.75 -26.67
CA SER C 1124 -7.89 -3.69 -26.17
C SER C 1124 -7.43 -5.14 -26.16
N TYR C 1125 -6.27 -5.48 -26.74
CA TYR C 1125 -5.91 -6.88 -26.88
C TYR C 1125 -4.41 -7.05 -26.71
N GLY C 1126 -4.01 -8.28 -26.39
CA GLY C 1126 -2.63 -8.63 -26.17
C GLY C 1126 -2.49 -9.98 -25.48
N PRO C 1127 -1.30 -10.25 -24.94
CA PRO C 1127 -1.09 -11.51 -24.24
C PRO C 1127 -1.99 -11.66 -23.02
N THR C 1128 -2.40 -12.89 -22.76
CA THR C 1128 -3.35 -13.20 -21.69
C THR C 1128 -2.83 -14.36 -20.86
N ASP C 1129 -3.02 -14.26 -19.54
CA ASP C 1129 -2.62 -15.33 -18.64
C ASP C 1129 -3.46 -16.57 -18.88
N ALA C 1130 -2.80 -17.73 -18.83
CA ALA C 1130 -3.47 -18.99 -19.17
C ALA C 1130 -4.54 -19.36 -18.17
N LEU C 1131 -4.29 -19.17 -16.88
CA LEU C 1131 -5.21 -19.63 -15.84
C LEU C 1131 -6.37 -18.65 -15.66
N THR C 1132 -6.06 -17.42 -15.26
CA THR C 1132 -7.10 -16.45 -14.93
C THR C 1132 -7.75 -15.84 -16.16
N GLY C 1133 -7.05 -15.79 -17.29
CA GLY C 1133 -7.58 -15.14 -18.47
C GLY C 1133 -7.40 -13.65 -18.51
N GLN C 1134 -6.73 -13.08 -17.52
CA GLN C 1134 -6.46 -11.65 -17.47
C GLN C 1134 -5.21 -11.33 -18.27
N PRO C 1135 -5.02 -10.06 -18.62
CA PRO C 1135 -3.76 -9.64 -19.24
C PRO C 1135 -2.55 -10.03 -18.41
N LEU C 1136 -1.40 -10.04 -19.06
CA LEU C 1136 -0.16 -10.28 -18.33
C LEU C 1136 0.17 -9.07 -17.47
N ASP C 1137 1.33 -9.12 -16.81
CA ASP C 1137 1.67 -8.14 -15.78
C ASP C 1137 2.60 -7.08 -16.35
N GLY C 1138 2.02 -6.00 -16.84
CA GLY C 1138 2.78 -4.77 -17.07
C GLY C 1138 3.43 -4.66 -18.44
N LYS C 1139 4.37 -3.70 -18.50
CA LYS C 1139 5.01 -3.34 -19.75
C LYS C 1139 6.03 -4.39 -20.19
N ARG C 1140 6.72 -5.01 -19.23
CA ARG C 1140 7.75 -6.00 -19.56
C ARG C 1140 7.17 -7.18 -20.33
N SER C 1141 5.95 -7.58 -20.01
CA SER C 1141 5.32 -8.73 -20.63
C SER C 1141 4.36 -8.34 -21.74
N HIS C 1142 4.33 -7.06 -22.12
CA HIS C 1142 3.41 -6.54 -23.15
C HIS C 1142 1.96 -6.72 -22.73
N GLY C 1143 1.72 -6.81 -21.43
CA GLY C 1143 0.40 -6.99 -20.88
C GLY C 1143 -0.26 -5.69 -20.52
N GLY C 1144 -1.23 -5.77 -19.62
CA GLY C 1144 -1.97 -4.61 -19.18
C GLY C 1144 -1.50 -4.09 -17.83
N LEU C 1145 -2.06 -2.94 -17.46
CA LEU C 1145 -1.81 -2.32 -16.16
C LEU C 1145 -2.92 -2.70 -15.20
N ARG C 1146 -2.67 -2.45 -13.92
CA ARG C 1146 -3.48 -3.00 -12.86
C ARG C 1146 -4.42 -1.97 -12.26
N LEU C 1147 -5.70 -2.31 -12.17
CA LEU C 1147 -6.66 -1.60 -11.33
C LEU C 1147 -6.84 -2.46 -10.07
N GLY C 1148 -6.03 -2.19 -9.07
CA GLY C 1148 -5.95 -3.05 -7.90
C GLY C 1148 -7.17 -3.00 -7.02
N GLU C 1149 -7.00 -3.50 -5.79
CA GLU C 1149 -8.08 -3.57 -4.82
C GLU C 1149 -8.55 -2.19 -4.40
N MET C 1150 -7.62 -1.26 -4.19
CA MET C 1150 -7.96 0.06 -3.69
C MET C 1150 -8.60 0.93 -4.77
N GLU C 1151 -8.40 0.58 -6.05
CA GLU C 1151 -9.05 1.31 -7.12
C GLU C 1151 -10.51 0.92 -7.27
N HIS C 1152 -10.86 -0.31 -6.91
CA HIS C 1152 -12.26 -0.71 -6.89
C HIS C 1152 -13.00 -0.13 -5.70
N TRP C 1153 -12.29 0.12 -4.60
CA TRP C 1153 -12.87 0.83 -3.48
C TRP C 1153 -13.25 2.25 -3.86
N VAL C 1154 -12.39 2.93 -4.61
CA VAL C 1154 -12.66 4.30 -5.01
C VAL C 1154 -13.79 4.35 -6.03
N LEU C 1155 -13.77 3.46 -7.01
CA LEU C 1155 -14.82 3.44 -8.02
C LEU C 1155 -16.15 2.96 -7.46
N THR C 1156 -16.14 2.16 -6.40
CA THR C 1156 -17.38 1.83 -5.72
C THR C 1156 -17.87 2.98 -4.87
N ALA C 1157 -16.95 3.71 -4.23
CA ALA C 1157 -17.33 4.89 -3.46
C ALA C 1157 -17.95 5.95 -4.34
N GLN C 1158 -17.46 6.09 -5.58
CA GLN C 1158 -18.02 7.03 -6.52
C GLN C 1158 -19.34 6.58 -7.10
N GLY C 1159 -19.66 5.29 -6.99
CA GLY C 1159 -20.85 4.73 -7.61
C GLY C 1159 -20.70 4.36 -9.05
N ALA C 1160 -19.47 4.32 -9.57
CA ALA C 1160 -19.19 4.12 -10.98
C ALA C 1160 -19.17 2.62 -11.26
N MET C 1161 -20.35 2.04 -11.43
CA MET C 1161 -20.47 0.60 -11.63
C MET C 1161 -20.34 0.20 -13.09
N GLN C 1162 -20.72 1.07 -14.02
CA GLN C 1162 -20.58 0.77 -15.43
C GLN C 1162 -19.14 0.89 -15.89
N THR C 1163 -18.32 1.60 -15.14
CA THR C 1163 -16.88 1.61 -15.37
C THR C 1163 -16.22 0.34 -14.83
N ILE C 1164 -16.77 -0.21 -13.76
CA ILE C 1164 -16.24 -1.46 -13.22
C ILE C 1164 -16.54 -2.62 -14.15
N ILE C 1165 -17.70 -2.60 -14.80
CA ILE C 1165 -17.98 -3.59 -15.84
C ILE C 1165 -17.01 -3.42 -17.00
N GLU C 1166 -16.77 -2.20 -17.43
CA GLU C 1166 -15.94 -1.98 -18.61
C GLU C 1166 -14.51 -2.43 -18.36
N LYS C 1167 -13.97 -2.14 -17.17
CA LYS C 1167 -12.57 -2.43 -16.93
C LYS C 1167 -12.34 -3.82 -16.37
N SER C 1168 -13.09 -4.22 -15.35
CA SER C 1168 -12.86 -5.51 -14.73
C SER C 1168 -13.52 -6.66 -15.47
N HIS C 1169 -14.48 -6.38 -16.35
CA HIS C 1169 -15.15 -7.43 -17.10
C HIS C 1169 -14.85 -7.34 -18.59
N ASP C 1170 -15.16 -6.22 -19.24
CA ASP C 1170 -14.96 -6.12 -20.67
C ASP C 1170 -13.50 -5.94 -21.06
N ASP C 1171 -12.65 -5.55 -20.12
CA ASP C 1171 -11.25 -5.33 -20.40
C ASP C 1171 -10.31 -6.24 -19.63
N SER C 1172 -10.77 -6.89 -18.55
CA SER C 1172 -9.86 -7.80 -17.91
C SER C 1172 -10.10 -9.26 -18.30
N ASP C 1173 -11.14 -9.89 -17.74
CA ASP C 1173 -11.35 -11.31 -17.97
C ASP C 1173 -12.82 -11.73 -17.91
N GLY C 1174 -13.73 -10.84 -18.28
CA GLY C 1174 -15.14 -11.18 -18.19
C GLY C 1174 -15.53 -12.31 -19.12
N CYS C 1175 -16.56 -13.04 -18.72
CA CYS C 1175 -17.04 -14.18 -19.48
C CYS C 1175 -18.50 -14.41 -19.11
N ILE C 1176 -19.12 -15.39 -19.76
CA ILE C 1176 -20.50 -15.75 -19.49
C ILE C 1176 -20.52 -17.14 -18.87
N SER C 1177 -21.14 -17.25 -17.71
CA SER C 1177 -21.31 -18.52 -17.03
C SER C 1177 -22.75 -18.98 -17.19
N TYR C 1178 -22.93 -20.29 -17.33
CA TYR C 1178 -24.24 -20.90 -17.47
C TYR C 1178 -24.50 -21.77 -16.25
N ILE C 1179 -25.68 -21.62 -15.66
CA ILE C 1179 -26.04 -22.30 -14.42
C ILE C 1179 -27.46 -22.82 -14.56
N CYS C 1180 -27.68 -24.05 -14.10
CA CYS C 1180 -29.02 -24.62 -14.12
C CYS C 1180 -29.85 -24.05 -12.98
N ARG C 1181 -31.08 -23.66 -13.30
CA ARG C 1181 -32.00 -23.16 -12.28
C ARG C 1181 -32.30 -24.22 -11.23
N ASN C 1182 -32.55 -25.44 -11.67
CA ASN C 1182 -33.11 -26.47 -10.79
C ASN C 1182 -32.10 -27.05 -9.81
N CYS C 1183 -30.81 -26.90 -10.04
CA CYS C 1183 -29.82 -27.48 -9.15
C CYS C 1183 -28.71 -26.52 -8.75
N GLY C 1184 -28.58 -25.38 -9.41
CA GLY C 1184 -27.55 -24.43 -9.04
C GLY C 1184 -26.15 -24.79 -9.45
N GLU C 1185 -25.98 -25.83 -10.23
CA GLU C 1185 -24.67 -26.25 -10.67
C GLU C 1185 -24.36 -25.66 -12.03
N PRO C 1186 -23.09 -25.55 -12.40
CA PRO C 1186 -22.76 -25.13 -13.76
C PRO C 1186 -23.35 -26.08 -14.78
N ALA C 1187 -23.82 -25.52 -15.89
CA ALA C 1187 -24.40 -26.29 -16.97
C ALA C 1187 -23.51 -26.18 -18.20
N ILE C 1188 -23.95 -26.80 -19.29
CA ILE C 1188 -23.24 -26.79 -20.55
C ILE C 1188 -24.18 -26.23 -21.60
N TYR C 1189 -23.81 -25.08 -22.15
CA TYR C 1189 -24.61 -24.42 -23.18
C TYR C 1189 -23.72 -24.06 -24.36
N ASN C 1190 -24.18 -24.39 -25.56
CA ASN C 1190 -23.48 -24.03 -26.79
C ASN C 1190 -24.56 -23.74 -27.83
N ALA C 1191 -24.67 -22.49 -28.25
CA ALA C 1191 -25.72 -22.10 -29.18
C ALA C 1191 -25.50 -22.75 -30.54
N SER C 1192 -24.39 -22.44 -31.20
CA SER C 1192 -23.99 -23.16 -32.39
C SER C 1192 -23.41 -24.51 -31.99
N HIS C 1193 -23.63 -25.52 -32.83
CA HIS C 1193 -23.47 -26.91 -32.40
C HIS C 1193 -24.31 -27.10 -31.15
N PRO C 1194 -25.63 -27.16 -31.28
CA PRO C 1194 -26.51 -26.96 -30.13
C PRO C 1194 -26.33 -27.98 -29.02
N ILE C 1195 -25.81 -27.52 -27.89
CA ILE C 1195 -25.77 -28.29 -26.66
C ILE C 1195 -26.52 -27.50 -25.60
N TYR C 1196 -27.52 -28.12 -24.99
CA TYR C 1196 -28.31 -27.51 -23.91
C TYR C 1196 -28.54 -28.63 -22.91
N LYS C 1197 -27.63 -28.79 -21.96
CA LYS C 1197 -27.73 -29.92 -21.05
C LYS C 1197 -27.14 -29.58 -19.70
N CYS C 1198 -27.70 -30.20 -18.67
CA CYS C 1198 -27.17 -30.18 -17.32
C CYS C 1198 -26.83 -31.60 -16.92
N MET C 1199 -25.62 -31.80 -16.38
CA MET C 1199 -25.17 -33.12 -15.98
C MET C 1199 -25.68 -33.52 -14.60
N ASN C 1200 -26.71 -32.83 -14.11
CA ASN C 1200 -27.34 -33.14 -12.85
C ASN C 1200 -28.85 -33.35 -12.97
N CYS C 1201 -29.49 -32.82 -14.00
CA CYS C 1201 -30.91 -33.02 -14.25
C CYS C 1201 -31.18 -33.74 -15.56
N ASP C 1202 -30.64 -33.21 -16.66
CA ASP C 1202 -30.59 -33.82 -17.99
C ASP C 1202 -31.95 -33.86 -18.69
N VAL C 1203 -33.03 -33.63 -17.94
CA VAL C 1203 -34.33 -33.36 -18.54
C VAL C 1203 -35.04 -32.18 -17.89
N GLN C 1204 -34.67 -31.81 -16.67
CA GLN C 1204 -35.22 -30.64 -16.00
C GLN C 1204 -34.28 -29.45 -16.09
N ALA C 1205 -33.40 -29.44 -17.08
CA ALA C 1205 -32.41 -28.39 -17.22
C ALA C 1205 -33.10 -27.07 -17.55
N ASP C 1206 -32.76 -26.03 -16.79
CA ASP C 1206 -33.28 -24.68 -17.00
C ASP C 1206 -32.07 -23.76 -16.88
N ILE C 1207 -31.40 -23.50 -17.99
CA ILE C 1207 -30.12 -22.81 -18.00
C ILE C 1207 -30.35 -21.32 -18.15
N GLY C 1208 -29.74 -20.54 -17.26
CA GLY C 1208 -29.71 -19.09 -17.39
C GLY C 1208 -28.27 -18.61 -17.41
N MET C 1209 -28.00 -17.64 -18.27
CA MET C 1209 -26.63 -17.15 -18.41
C MET C 1209 -26.39 -16.02 -17.42
N VAL C 1210 -25.36 -16.18 -16.60
CA VAL C 1210 -24.97 -15.16 -15.65
C VAL C 1210 -23.65 -14.57 -16.12
N ASP C 1211 -23.54 -13.25 -16.07
CA ASP C 1211 -22.29 -12.59 -16.38
C ASP C 1211 -21.32 -12.83 -15.24
N SER C 1212 -20.14 -13.33 -15.56
CA SER C 1212 -19.12 -13.63 -14.56
C SER C 1212 -17.78 -13.20 -15.13
N ARG C 1213 -16.71 -13.62 -14.48
CA ARG C 1213 -15.38 -13.43 -15.02
C ARG C 1213 -14.56 -14.70 -14.73
N ARG C 1214 -13.57 -14.95 -15.59
CA ARG C 1214 -12.96 -16.27 -15.61
C ARG C 1214 -12.26 -16.61 -14.31
N SER C 1215 -11.58 -15.64 -13.69
CA SER C 1215 -10.88 -15.92 -12.44
C SER C 1215 -11.85 -16.29 -11.32
N SER C 1216 -13.11 -15.88 -11.41
CA SER C 1216 -14.10 -16.30 -10.42
C SER C 1216 -14.54 -17.73 -10.65
N ILE C 1217 -14.70 -18.12 -11.92
CA ILE C 1217 -15.05 -19.50 -12.24
C ILE C 1217 -13.90 -20.43 -11.87
N VAL C 1218 -12.67 -20.00 -12.13
CA VAL C 1218 -11.51 -20.74 -11.66
C VAL C 1218 -11.53 -20.85 -10.14
N PHE C 1219 -11.96 -19.79 -9.47
CA PHE C 1219 -12.04 -19.79 -8.01
C PHE C 1219 -13.06 -20.79 -7.50
N GLN C 1220 -14.20 -20.92 -8.18
CA GLN C 1220 -15.22 -21.85 -7.73
C GLN C 1220 -14.83 -23.30 -8.04
N HIS C 1221 -14.06 -23.51 -9.11
CA HIS C 1221 -13.55 -24.85 -9.39
C HIS C 1221 -12.47 -25.24 -8.40
N GLU C 1222 -11.66 -24.28 -7.95
CA GLU C 1222 -10.66 -24.57 -6.93
C GLU C 1222 -11.29 -24.90 -5.59
N MET C 1223 -12.47 -24.35 -5.32
CA MET C 1223 -13.18 -24.72 -4.11
C MET C 1223 -13.87 -26.07 -4.23
N ARG C 1224 -14.37 -26.41 -5.43
CA ARG C 1224 -14.95 -27.73 -5.63
C ARG C 1224 -13.89 -28.81 -5.64
N ALA C 1225 -12.69 -28.51 -6.15
CA ALA C 1225 -11.61 -29.47 -6.15
C ALA C 1225 -11.17 -29.85 -4.75
N ALA C 1226 -11.47 -29.02 -3.76
CA ALA C 1226 -11.20 -29.30 -2.36
C ALA C 1226 -12.44 -29.81 -1.62
N ASN C 1227 -13.39 -30.38 -2.36
CA ASN C 1227 -14.55 -31.07 -1.83
C ASN C 1227 -15.54 -30.15 -1.12
N VAL C 1228 -15.51 -28.86 -1.42
CA VAL C 1228 -16.51 -27.91 -0.96
C VAL C 1228 -17.44 -27.61 -2.13
N ASN C 1229 -18.70 -27.95 -1.99
CA ASN C 1229 -19.65 -27.83 -3.08
C ASN C 1229 -20.24 -26.43 -3.12
N ILE C 1230 -20.19 -25.80 -4.28
CA ILE C 1230 -20.70 -24.45 -4.49
C ILE C 1230 -21.97 -24.55 -5.31
N THR C 1231 -23.08 -24.08 -4.75
CA THR C 1231 -24.37 -24.04 -5.42
C THR C 1231 -24.81 -22.60 -5.55
N SER C 1232 -25.15 -22.18 -6.76
CA SER C 1232 -25.55 -20.81 -7.04
C SER C 1232 -27.06 -20.75 -7.15
N VAL C 1233 -27.70 -20.04 -6.24
CA VAL C 1233 -29.14 -19.81 -6.31
C VAL C 1233 -29.36 -18.60 -7.22
N LEU C 1234 -30.07 -18.80 -8.31
CA LEU C 1234 -30.31 -17.72 -9.23
C LEU C 1234 -31.48 -16.87 -8.75
N SER C 1235 -31.52 -15.63 -9.23
CA SER C 1235 -32.62 -14.75 -8.88
C SER C 1235 -33.92 -15.27 -9.49
N PRO C 1236 -34.99 -15.34 -8.71
CA PRO C 1236 -36.24 -15.92 -9.22
C PRO C 1236 -36.90 -15.05 -10.28
N ARG C 1237 -37.72 -15.71 -11.10
CA ARG C 1237 -38.56 -15.00 -12.04
C ARG C 1237 -39.56 -14.12 -11.30
N VAL C 1238 -39.87 -12.98 -11.88
CA VAL C 1238 -40.85 -12.05 -11.34
C VAL C 1238 -41.93 -11.87 -12.39
N PHE C 1239 -43.18 -11.76 -11.96
CA PHE C 1239 -44.29 -11.64 -12.89
C PHE C 1239 -45.28 -10.59 -12.43
N GLN C 1240 -45.75 -9.78 -13.36
CA GLN C 1240 -46.88 -8.92 -13.08
C GLN C 1240 -48.10 -9.78 -12.77
N PRO C 1241 -49.00 -9.30 -11.92
CA PRO C 1241 -50.21 -10.07 -11.64
C PRO C 1241 -51.10 -10.15 -12.87
N ALA C 1242 -51.80 -11.28 -13.00
CA ALA C 1242 -52.74 -11.49 -14.10
C ALA C 1242 -52.09 -11.33 -15.46
N LYS D 3 14.09 58.83 -40.35
CA LYS D 3 15.18 57.95 -39.97
C LYS D 3 14.87 57.27 -38.64
N ILE D 4 14.20 56.11 -38.71
CA ILE D 4 13.71 55.47 -37.50
C ILE D 4 14.88 55.04 -36.61
N PHE D 5 15.92 54.44 -37.19
CA PHE D 5 17.05 54.06 -36.38
C PHE D 5 18.33 54.68 -36.92
N GLN D 6 19.20 55.08 -36.00
CA GLN D 6 20.50 55.63 -36.28
C GLN D 6 21.56 54.90 -35.46
N ASN D 7 22.78 55.44 -35.54
CA ASN D 7 23.89 55.10 -34.64
C ASN D 7 24.05 53.58 -34.54
N VAL D 8 24.48 52.99 -35.65
CA VAL D 8 24.95 51.61 -35.61
C VAL D 8 26.42 51.61 -35.20
N GLU D 9 26.80 50.65 -34.36
CA GLU D 9 28.18 50.49 -33.92
C GLU D 9 28.58 49.04 -34.12
N ILE D 10 29.48 48.80 -35.06
CA ILE D 10 29.89 47.46 -35.46
C ILE D 10 31.30 47.22 -34.96
N LYS D 11 31.52 46.11 -34.27
CA LYS D 11 32.83 45.86 -33.68
C LYS D 11 33.15 44.37 -33.63
N PRO D 12 34.09 43.90 -34.46
CA PRO D 12 34.44 42.48 -34.44
C PRO D 12 35.20 42.08 -33.19
N PHE D 13 35.11 40.79 -32.88
CA PHE D 13 35.82 40.19 -31.75
C PHE D 13 37.11 39.58 -32.27
N LEU D 14 38.24 40.22 -31.99
CA LEU D 14 39.53 39.83 -32.53
C LEU D 14 40.37 39.14 -31.47
N ILE D 15 41.35 38.37 -31.94
CA ILE D 15 42.31 37.71 -31.06
C ILE D 15 43.41 38.70 -30.70
N ASP D 16 43.85 38.67 -29.45
CA ASP D 16 44.93 39.53 -28.99
C ASP D 16 46.24 38.75 -29.04
N PHE D 17 47.08 39.07 -30.01
CA PHE D 17 48.38 38.44 -30.12
C PHE D 17 49.47 39.19 -29.36
N SER D 18 49.09 40.25 -28.65
CA SER D 18 49.96 40.87 -27.66
C SER D 18 50.12 40.01 -26.43
N ASN D 19 49.21 39.06 -26.21
CA ASN D 19 49.35 38.07 -25.15
C ASN D 19 50.31 36.99 -25.64
N LEU D 20 51.41 36.79 -24.91
CA LEU D 20 52.43 35.85 -25.34
C LEU D 20 51.92 34.41 -25.35
N PHE D 21 51.13 34.03 -24.35
CA PHE D 21 50.66 32.65 -24.27
C PHE D 21 49.72 32.33 -25.43
N ILE D 22 48.77 33.21 -25.72
CA ILE D 22 47.87 33.02 -26.84
C ILE D 22 48.65 32.99 -28.14
N LYS D 23 49.61 33.90 -28.28
CA LYS D 23 50.44 33.96 -29.48
C LYS D 23 51.16 32.64 -29.71
N ASN D 24 51.82 32.12 -28.68
CA ASN D 24 52.60 30.90 -28.84
C ASN D 24 51.71 29.70 -29.11
N ALA D 25 50.57 29.60 -28.40
CA ALA D 25 49.66 28.49 -28.64
C ALA D 25 49.11 28.51 -30.05
N ALA D 26 48.69 29.69 -30.54
CA ALA D 26 48.22 29.78 -31.91
C ALA D 26 49.32 29.44 -32.90
N LYS D 27 50.53 29.92 -32.65
CA LYS D 27 51.65 29.69 -33.57
C LYS D 27 51.94 28.20 -33.71
N LYS D 28 52.00 27.47 -32.59
CA LYS D 28 52.42 26.09 -32.65
C LYS D 28 51.26 25.10 -32.66
N LEU D 29 50.03 25.59 -32.74
CA LEU D 29 48.89 24.74 -33.08
C LEU D 29 48.45 24.90 -34.53
N PHE D 30 48.28 26.13 -35.01
CA PHE D 30 47.73 26.36 -36.33
C PHE D 30 48.58 27.27 -37.21
N GLN D 31 49.80 27.61 -36.80
CA GLN D 31 50.65 28.57 -37.51
C GLN D 31 49.89 29.87 -37.76
N LEU D 32 49.21 30.34 -36.73
CA LEU D 32 48.29 31.46 -36.82
C LEU D 32 48.95 32.69 -36.22
N GLU D 33 49.34 33.63 -37.07
CA GLU D 33 49.85 34.92 -36.65
C GLU D 33 48.91 36.06 -37.01
N GLU D 34 47.86 35.78 -37.78
CA GLU D 34 46.90 36.77 -38.21
C GLU D 34 45.55 36.46 -37.58
N GLN D 35 44.55 37.27 -37.90
CA GLN D 35 43.21 37.01 -37.42
C GLN D 35 42.57 35.86 -38.20
N LEU D 36 41.58 35.24 -37.59
CA LEU D 36 40.87 34.15 -38.25
C LEU D 36 40.06 34.69 -39.42
N PRO D 37 39.84 33.87 -40.46
CA PRO D 37 39.06 34.34 -41.62
C PRO D 37 37.66 34.78 -41.28
N LEU D 38 37.03 34.17 -40.28
CA LEU D 38 35.66 34.48 -39.88
C LEU D 38 35.69 34.88 -38.42
N VAL D 39 35.24 36.10 -38.12
CA VAL D 39 35.26 36.62 -36.76
C VAL D 39 33.82 36.87 -36.29
N PRO D 40 33.55 36.80 -35.00
CA PRO D 40 32.26 37.30 -34.49
C PRO D 40 32.21 38.82 -34.60
N VAL D 41 31.01 39.33 -34.80
CA VAL D 41 30.79 40.76 -34.97
C VAL D 41 29.67 41.19 -34.03
N ASN D 42 29.96 42.19 -33.20
CA ASN D 42 28.96 42.79 -32.32
C ASN D 42 28.41 44.04 -32.98
N VAL D 43 27.08 44.12 -33.08
CA VAL D 43 26.39 45.23 -33.72
C VAL D 43 25.42 45.83 -32.71
N VAL D 44 25.54 47.14 -32.48
CA VAL D 44 24.66 47.86 -31.58
C VAL D 44 23.98 48.98 -32.37
N MET D 45 22.65 48.98 -32.37
CA MET D 45 21.85 49.89 -33.18
C MET D 45 20.89 50.66 -32.28
N ASP D 46 20.72 51.96 -32.53
CA ASP D 46 19.78 52.76 -31.77
C ASP D 46 18.55 52.98 -32.63
N PHE D 47 17.37 52.72 -32.08
CA PHE D 47 16.12 52.94 -32.76
C PHE D 47 15.37 54.06 -32.06
N LYS D 48 14.74 54.94 -32.84
CA LYS D 48 14.03 56.07 -32.26
C LYS D 48 12.66 56.21 -32.91
N GLY D 49 11.65 56.50 -32.09
CA GLY D 49 10.30 56.62 -32.59
C GLY D 49 9.71 55.32 -33.08
N ILE D 50 9.90 54.25 -32.31
CA ILE D 50 9.40 52.93 -32.69
C ILE D 50 9.06 52.17 -31.42
N SER D 51 8.03 51.34 -31.50
CA SER D 51 7.59 50.56 -30.36
C SER D 51 8.53 49.37 -30.12
N ARG D 52 8.59 48.92 -28.87
CA ARG D 52 9.42 47.76 -28.57
C ARG D 52 8.84 46.47 -29.11
N ALA D 53 7.57 46.47 -29.53
CA ALA D 53 7.08 45.33 -30.28
C ALA D 53 7.87 45.15 -31.57
N ALA D 54 8.12 46.25 -32.29
CA ALA D 54 8.85 46.18 -33.54
C ALA D 54 10.32 45.85 -33.31
N VAL D 55 10.97 46.54 -32.37
CA VAL D 55 12.38 46.30 -32.11
C VAL D 55 12.62 44.90 -31.57
N HIS D 56 11.79 44.45 -30.64
CA HIS D 56 11.94 43.11 -30.13
C HIS D 56 11.54 42.04 -31.15
N GLY D 57 10.58 42.32 -32.03
CA GLY D 57 10.32 41.39 -33.10
C GLY D 57 11.50 41.25 -34.03
N LEU D 58 12.16 42.36 -34.35
CA LEU D 58 13.38 42.30 -35.14
C LEU D 58 14.45 41.50 -34.44
N SER D 59 14.62 41.70 -33.13
CA SER D 59 15.62 40.93 -32.38
C SER D 59 15.28 39.45 -32.37
N ARG D 60 14.02 39.09 -32.15
CA ARG D 60 13.63 37.68 -32.13
C ARG D 60 13.86 37.03 -33.48
N VAL D 61 13.53 37.74 -34.55
CA VAL D 61 13.76 37.22 -35.89
C VAL D 61 15.25 37.00 -36.13
N LEU D 62 16.07 37.98 -35.78
CA LEU D 62 17.51 37.82 -35.97
C LEU D 62 18.09 36.73 -35.08
N GLN D 63 17.45 36.41 -33.96
CA GLN D 63 17.94 35.30 -33.15
C GLN D 63 17.59 33.96 -33.78
N ASP D 64 16.30 33.62 -33.85
CA ASP D 64 16.01 32.26 -34.30
C ASP D 64 14.78 32.14 -35.19
N GLU D 65 14.49 33.17 -35.99
CA GLU D 65 13.37 33.06 -36.93
C GLU D 65 13.77 33.55 -38.31
N ILE D 66 15.06 33.63 -38.58
CA ILE D 66 15.59 34.02 -39.89
C ILE D 66 16.19 32.77 -40.52
N PRO D 67 15.98 32.54 -41.82
CA PRO D 67 16.60 31.37 -42.45
C PRO D 67 18.12 31.43 -42.38
N ASN D 68 18.71 30.31 -41.99
CA ASN D 68 20.14 30.20 -41.75
C ASN D 68 20.60 28.86 -42.27
N TYR D 69 21.92 28.70 -42.36
CA TYR D 69 22.53 27.50 -42.92
C TYR D 69 23.47 26.85 -41.91
N MET D 70 23.48 25.53 -41.90
CA MET D 70 24.37 24.74 -41.07
C MET D 70 24.96 23.63 -41.91
N LEU D 71 25.92 22.90 -41.33
CA LEU D 71 26.50 21.73 -41.97
C LEU D 71 25.88 20.48 -41.36
N ASP D 72 25.27 19.66 -42.19
CA ASP D 72 24.69 18.40 -41.75
C ASP D 72 25.34 17.26 -42.52
N ILE D 73 25.16 16.04 -42.01
CA ILE D 73 25.61 14.83 -42.65
C ILE D 73 24.41 14.13 -43.27
N LYS D 74 24.50 13.81 -44.56
CA LYS D 74 23.41 13.11 -45.22
C LYS D 74 23.25 11.71 -44.62
N PRO D 75 22.04 11.15 -44.69
CA PRO D 75 21.84 9.79 -44.16
C PRO D 75 22.74 8.80 -44.86
N GLY D 76 23.49 8.04 -44.06
CA GLY D 76 24.45 7.09 -44.57
C GLY D 76 25.81 7.65 -44.89
N GLY D 77 26.02 8.96 -44.69
CA GLY D 77 27.31 9.55 -44.99
C GLY D 77 28.39 9.20 -44.00
N TYR D 78 28.00 8.76 -42.80
CA TYR D 78 28.95 8.33 -41.78
C TYR D 78 29.31 6.88 -42.03
N LYS D 79 30.49 6.64 -42.58
CA LYS D 79 30.88 5.29 -43.01
C LYS D 79 31.24 4.46 -41.79
N ILE D 80 30.30 3.61 -41.35
CA ILE D 80 30.54 2.74 -40.21
C ILE D 80 31.62 1.71 -40.50
N GLU D 81 31.98 1.53 -41.76
CA GLU D 81 32.96 0.52 -42.13
C GLU D 81 34.37 0.98 -41.80
N ASP D 82 34.77 2.12 -42.35
CA ASP D 82 36.12 2.64 -42.16
C ASP D 82 36.21 3.67 -41.03
N SER D 83 35.10 3.92 -40.32
CA SER D 83 35.15 4.71 -39.08
C SER D 83 35.39 3.73 -37.93
N THR D 84 36.62 3.24 -37.86
CA THR D 84 36.96 2.22 -36.88
C THR D 84 37.01 2.75 -35.45
N ASP D 85 36.97 4.06 -35.25
CA ASP D 85 37.06 4.60 -33.90
C ASP D 85 35.77 4.35 -33.13
N LEU D 86 35.92 4.03 -31.85
CA LEU D 86 34.79 3.60 -31.04
C LEU D 86 34.15 4.73 -30.25
N PHE D 87 34.92 5.72 -29.83
CA PHE D 87 34.38 6.80 -29.02
C PHE D 87 33.74 7.90 -29.83
N MET D 88 34.20 8.13 -31.06
CA MET D 88 33.64 9.19 -31.90
C MET D 88 32.41 8.65 -32.62
N THR D 89 31.33 8.53 -31.85
CA THR D 89 30.09 8.01 -32.40
C THR D 89 29.51 9.02 -33.38
N GLU D 90 28.53 8.56 -34.18
CA GLU D 90 27.94 9.44 -35.17
C GLU D 90 27.18 10.57 -34.52
N GLN D 91 26.51 10.30 -33.39
CA GLN D 91 25.76 11.35 -32.70
C GLN D 91 26.68 12.45 -32.21
N PHE D 92 27.80 12.07 -31.59
CA PHE D 92 28.75 13.07 -31.09
C PHE D 92 29.28 13.93 -32.22
N ILE D 93 29.77 13.32 -33.29
CA ILE D 93 30.37 14.08 -34.37
C ILE D 93 29.33 14.90 -35.12
N ARG D 94 28.12 14.36 -35.29
CA ARG D 94 27.07 15.14 -35.95
C ARG D 94 26.70 16.37 -35.15
N ASN D 95 26.59 16.23 -33.83
CA ASN D 95 26.35 17.41 -33.00
C ASN D 95 27.50 18.40 -33.07
N ARG D 96 28.74 17.89 -33.12
CA ARG D 96 29.89 18.77 -33.26
C ARG D 96 29.84 19.56 -34.55
N ILE D 97 29.48 18.91 -35.66
CA ILE D 97 29.54 19.55 -36.96
C ILE D 97 28.34 20.46 -37.20
N ASN D 98 27.19 20.15 -36.61
CA ASN D 98 26.01 20.97 -36.82
C ASN D 98 26.20 22.39 -36.31
N PHE D 99 27.00 22.57 -35.26
CA PHE D 99 27.10 23.83 -34.57
C PHE D 99 28.35 24.63 -34.92
N ILE D 100 29.09 24.20 -35.94
CA ILE D 100 30.15 25.03 -36.50
C ILE D 100 29.49 26.16 -37.26
N PRO D 101 29.72 27.43 -36.90
CA PRO D 101 29.10 28.52 -37.65
C PRO D 101 29.69 28.63 -39.04
N ILE D 102 28.83 28.76 -40.04
CA ILE D 102 29.28 28.92 -41.41
C ILE D 102 28.69 30.18 -41.99
N TYR D 103 29.41 30.78 -42.93
CA TYR D 103 28.93 31.90 -43.73
C TYR D 103 28.97 31.41 -45.18
N ALA D 104 27.91 30.74 -45.60
CA ALA D 104 27.87 30.05 -46.88
C ALA D 104 27.03 30.82 -47.88
N LYS D 105 27.39 30.72 -49.15
CA LYS D 105 26.71 31.44 -50.22
C LYS D 105 26.00 30.55 -51.22
N ASN D 106 26.10 29.22 -51.10
CA ASN D 106 25.28 28.32 -51.89
C ASN D 106 25.14 26.99 -51.16
N GLU D 107 24.08 26.27 -51.50
CA GLU D 107 23.80 24.96 -50.93
C GLU D 107 24.51 23.83 -51.66
N THR D 108 25.14 24.13 -52.80
CA THR D 108 25.72 23.09 -53.64
C THR D 108 26.97 22.48 -53.01
N LEU D 109 27.69 23.23 -52.18
CA LEU D 109 28.94 22.77 -51.60
C LEU D 109 28.73 21.51 -50.78
N VAL D 110 29.59 20.51 -50.98
CA VAL D 110 29.59 19.29 -50.18
C VAL D 110 31.02 19.01 -49.74
N PHE D 111 31.19 18.68 -48.46
CA PHE D 111 32.47 18.48 -47.81
C PHE D 111 32.60 17.03 -47.36
N ALA D 112 33.83 16.63 -47.06
CA ALA D 112 34.09 15.28 -46.58
C ALA D 112 35.21 15.32 -45.54
N LEU D 113 35.20 14.33 -44.65
CA LEU D 113 36.16 14.25 -43.57
C LEU D 113 36.77 12.85 -43.59
N ARG D 114 38.02 12.75 -44.02
CA ARG D 114 38.70 11.46 -44.14
C ARG D 114 39.96 11.52 -43.27
N SER D 115 39.88 11.03 -42.04
CA SER D 115 40.95 11.15 -41.08
C SER D 115 41.47 9.78 -40.68
N LEU D 116 42.79 9.63 -40.67
CA LEU D 116 43.46 8.38 -40.33
C LEU D 116 44.49 8.63 -39.24
N ASN D 117 44.47 7.80 -38.21
CA ASN D 117 45.44 7.87 -37.12
C ASN D 117 46.39 6.69 -37.27
N ASN D 118 47.50 6.91 -37.97
CA ASN D 118 48.51 5.88 -38.17
C ASN D 118 49.72 6.08 -37.27
N SER D 119 49.56 6.77 -36.15
CA SER D 119 50.63 7.06 -35.21
C SER D 119 50.32 6.41 -33.87
N CYS D 120 51.22 6.63 -32.91
CA CYS D 120 51.14 6.00 -31.60
C CYS D 120 50.54 6.92 -30.54
N GLU D 121 49.93 8.02 -30.94
CA GLU D 121 49.32 8.96 -30.00
C GLU D 121 47.94 9.33 -30.50
N VAL D 122 47.09 9.75 -29.57
CA VAL D 122 45.76 10.24 -29.93
C VAL D 122 45.92 11.47 -30.81
N LYS D 123 45.20 11.50 -31.92
CA LYS D 123 45.32 12.58 -32.89
C LYS D 123 44.02 13.36 -32.94
N THR D 124 44.12 14.68 -32.89
CA THR D 124 42.94 15.54 -32.87
C THR D 124 42.55 15.95 -34.28
N ILE D 125 41.28 15.78 -34.60
CA ILE D 125 40.71 16.16 -35.88
C ILE D 125 40.13 17.55 -35.76
N TYR D 126 40.69 18.49 -36.51
CA TYR D 126 40.25 19.88 -36.57
C TYR D 126 39.39 20.10 -37.82
N SER D 127 38.88 21.32 -37.96
CA SER D 127 38.05 21.64 -39.11
C SER D 127 38.85 21.91 -40.37
N ARG D 128 40.16 22.13 -40.27
CA ARG D 128 40.97 22.23 -41.47
C ARG D 128 41.10 20.89 -42.18
N ASP D 129 40.67 19.80 -41.54
CA ASP D 129 40.68 18.49 -42.15
C ASP D 129 39.43 18.21 -42.99
N LEU D 130 38.40 19.04 -42.88
CA LEU D 130 37.28 18.95 -43.80
C LEU D 130 37.73 19.46 -45.16
N ILE D 131 37.52 18.65 -46.19
CA ILE D 131 37.92 18.99 -47.55
C ILE D 131 36.66 19.11 -48.40
N GLN D 132 36.61 20.15 -49.21
CA GLN D 132 35.48 20.37 -50.10
C GLN D 132 35.59 19.40 -51.28
N VAL D 133 34.54 18.59 -51.46
CA VAL D 133 34.55 17.58 -52.51
C VAL D 133 33.59 17.89 -53.65
N ALA D 134 32.55 18.69 -53.41
CA ALA D 134 31.59 19.02 -54.46
C ALA D 134 31.22 20.49 -54.36
N GLY D 135 30.86 21.07 -55.50
CA GLY D 135 30.54 22.47 -55.59
C GLY D 135 31.68 23.28 -56.16
N PRO D 136 31.43 24.55 -56.45
CA PRO D 136 32.52 25.42 -56.88
C PRO D 136 33.54 25.64 -55.78
N LYS D 137 34.80 25.77 -56.18
CA LYS D 137 35.88 25.95 -55.22
C LYS D 137 35.72 27.25 -54.46
N LEU D 138 35.99 27.20 -53.15
CA LEU D 138 35.80 28.35 -52.29
C LEU D 138 36.99 29.30 -52.42
N LYS D 139 36.72 30.54 -52.82
CA LYS D 139 37.77 31.55 -52.82
C LYS D 139 38.05 32.04 -51.41
N TYR D 140 37.09 31.89 -50.51
CA TYR D 140 37.22 32.27 -49.12
C TYR D 140 36.61 31.16 -48.27
N PRO D 141 37.17 30.86 -47.11
CA PRO D 141 36.59 29.80 -46.28
C PRO D 141 35.20 30.16 -45.80
N ILE D 142 34.39 29.13 -45.58
CA ILE D 142 33.07 29.32 -45.00
C ILE D 142 33.03 28.97 -43.52
N PHE D 143 34.14 28.53 -42.94
CA PHE D 143 34.24 28.30 -41.52
C PHE D 143 35.70 28.40 -41.10
N ASN D 144 35.91 28.56 -39.79
CA ASN D 144 37.24 28.67 -39.23
C ASN D 144 37.90 27.30 -39.12
N PRO D 145 39.22 27.22 -39.29
CA PRO D 145 39.88 25.91 -39.32
C PRO D 145 40.31 25.41 -37.94
N THR D 146 39.79 26.00 -36.87
CA THR D 146 40.32 25.74 -35.53
C THR D 146 39.36 24.97 -34.65
N PHE D 147 38.26 24.45 -35.18
CA PHE D 147 37.32 23.71 -34.35
C PHE D 147 37.80 22.29 -34.13
N GLU D 148 37.83 21.87 -32.86
CA GLU D 148 38.16 20.49 -32.52
C GLU D 148 36.97 19.61 -32.83
N ILE D 149 36.96 19.01 -34.02
CA ILE D 149 35.87 18.11 -34.39
C ILE D 149 35.92 16.84 -33.54
N GLY D 150 37.10 16.26 -33.38
CA GLY D 150 37.17 15.04 -32.61
C GLY D 150 38.59 14.65 -32.28
N PHE D 151 38.75 13.39 -31.86
CA PHE D 151 40.07 12.82 -31.65
C PHE D 151 40.00 11.31 -31.85
N LEU D 152 41.10 10.76 -32.35
CA LEU D 152 41.21 9.36 -32.72
C LEU D 152 42.26 8.66 -31.87
N GLN D 153 41.91 7.48 -31.36
CA GLN D 153 42.86 6.61 -30.69
C GLN D 153 43.87 6.08 -31.71
N PRO D 154 45.04 5.63 -31.25
CA PRO D 154 46.06 5.15 -32.19
C PRO D 154 45.52 3.97 -33.01
N GLY D 155 45.59 4.10 -34.33
CA GLY D 155 45.17 3.07 -35.25
C GLY D 155 43.79 3.26 -35.83
N LYS D 156 42.97 4.13 -35.24
CA LYS D 156 41.58 4.27 -35.65
C LYS D 156 41.44 5.31 -36.75
N SER D 157 40.22 5.42 -37.27
CA SER D 157 39.94 6.31 -38.38
C SER D 157 38.54 6.89 -38.24
N LEU D 158 38.28 7.95 -39.01
CA LEU D 158 36.95 8.54 -39.08
C LEU D 158 36.72 9.00 -40.51
N ILE D 159 35.75 8.37 -41.19
CA ILE D 159 35.37 8.74 -42.53
C ILE D 159 33.92 9.19 -42.49
N ILE D 160 33.67 10.42 -42.93
CA ILE D 160 32.32 10.97 -43.04
C ILE D 160 32.20 11.58 -44.43
N GLU D 161 31.27 11.08 -45.22
CA GLU D 161 31.02 11.59 -46.55
C GLU D 161 29.69 12.34 -46.57
N ASP D 162 29.49 13.13 -47.63
CA ASP D 162 28.25 13.83 -47.85
C ASP D 162 27.91 14.76 -46.69
N ILE D 163 28.79 15.72 -46.45
CA ILE D 163 28.54 16.81 -45.52
C ILE D 163 28.06 18.00 -46.34
N TYR D 164 26.79 18.34 -46.21
CA TYR D 164 26.15 19.33 -47.05
C TYR D 164 25.62 20.47 -46.19
N ILE D 165 25.11 21.50 -46.87
CA ILE D 165 24.62 22.71 -46.23
C ILE D 165 23.10 22.64 -46.17
N LYS D 166 22.58 22.61 -44.95
CA LYS D 166 21.15 22.49 -44.69
C LYS D 166 20.60 23.85 -44.24
N LYS D 167 19.41 24.17 -44.73
CA LYS D 167 18.76 25.45 -44.45
C LYS D 167 17.61 25.26 -43.48
N GLY D 168 17.45 26.20 -42.55
CA GLY D 168 16.40 26.08 -41.56
C GLY D 168 16.26 27.36 -40.76
N ILE D 169 15.53 27.26 -39.66
CA ILE D 169 15.40 28.37 -38.71
C ILE D 169 15.70 27.84 -37.32
N GLY D 170 16.34 28.69 -36.51
CA GLY D 170 16.76 28.29 -35.19
C GLY D 170 15.64 28.00 -34.24
N ARG D 171 14.41 28.37 -34.59
CA ARG D 171 13.26 28.05 -33.77
C ARG D 171 12.98 26.55 -33.77
N LYS D 172 13.38 25.86 -34.83
CA LYS D 172 13.16 24.42 -34.97
C LYS D 172 14.35 23.63 -34.43
N HIS D 173 15.56 23.94 -34.90
CA HIS D 173 16.77 23.39 -34.31
C HIS D 173 17.75 24.53 -34.05
N ALA D 174 18.36 24.54 -32.88
CA ALA D 174 19.22 25.63 -32.46
C ALA D 174 20.48 25.77 -33.29
N ALA D 175 20.82 24.79 -34.11
CA ALA D 175 21.99 24.93 -34.98
C ALA D 175 21.78 25.99 -36.05
N PHE D 176 20.55 26.47 -36.23
CA PHE D 176 20.25 27.54 -37.17
C PHE D 176 20.09 28.89 -36.49
N ASN D 177 20.36 28.99 -35.18
CA ASN D 177 20.35 30.30 -34.54
C ASN D 177 21.41 31.18 -35.19
N LEU D 178 21.12 32.48 -35.26
CA LEU D 178 22.05 33.40 -35.91
C LEU D 178 22.68 34.37 -34.91
N ALA D 179 21.89 35.21 -34.25
CA ALA D 179 22.43 36.27 -33.41
C ALA D 179 22.26 35.92 -31.94
N VAL D 180 23.26 36.25 -31.15
CA VAL D 180 23.17 36.09 -29.71
C VAL D 180 22.95 37.46 -29.09
N LYS D 181 22.15 37.48 -28.03
CA LYS D 181 21.80 38.74 -27.38
C LYS D 181 22.98 39.28 -26.60
N THR D 182 23.32 40.54 -26.82
CA THR D 182 24.35 41.19 -26.04
C THR D 182 23.90 42.46 -25.33
N HIS D 183 22.81 43.08 -25.76
CA HIS D 183 22.34 44.27 -25.08
C HIS D 183 20.91 44.59 -25.49
N PHE D 184 20.10 45.02 -24.54
CA PHE D 184 18.81 45.60 -24.84
C PHE D 184 18.48 46.63 -23.78
N SER D 185 18.17 47.85 -24.19
CA SER D 185 17.80 48.87 -23.24
C SER D 185 16.86 49.86 -23.91
N HIS D 186 16.14 50.59 -23.08
CA HIS D 186 15.33 51.72 -23.50
C HIS D 186 16.04 52.99 -23.08
N LEU D 187 16.27 53.88 -24.04
CA LEU D 187 17.04 55.10 -23.77
C LEU D 187 16.18 56.26 -23.30
N ASP D 188 14.86 56.14 -23.35
CA ASP D 188 13.98 57.21 -22.92
C ASP D 188 13.35 56.95 -21.55
N ILE D 189 13.82 55.95 -20.82
CA ILE D 189 13.42 55.71 -19.45
C ILE D 189 14.64 55.88 -18.56
N GLU D 190 14.50 56.69 -17.52
CA GLU D 190 15.59 56.98 -16.61
C GLU D 190 15.79 55.81 -15.65
N GLN D 191 16.99 55.75 -15.07
CA GLN D 191 17.38 54.60 -14.25
C GLN D 191 17.95 55.04 -12.92
N TYR D 192 17.77 54.19 -11.93
CA TYR D 192 18.34 54.32 -10.60
C TYR D 192 19.79 53.85 -10.59
N PRO D 193 20.58 54.29 -9.63
CA PRO D 193 21.85 53.62 -9.37
C PRO D 193 21.62 52.35 -8.56
N THR D 194 21.69 51.19 -9.20
CA THR D 194 21.34 49.95 -8.54
C THR D 194 22.51 49.30 -7.82
N ASP D 195 23.69 49.93 -7.85
CA ASP D 195 24.75 49.52 -6.93
C ASP D 195 24.40 49.86 -5.49
N LYS D 196 23.53 50.83 -5.28
CA LYS D 196 23.00 51.10 -3.94
C LYS D 196 22.13 49.94 -3.48
N LYS D 197 22.23 49.60 -2.20
CA LYS D 197 21.43 48.51 -1.67
C LYS D 197 19.99 48.92 -1.39
N GLU D 198 19.67 50.21 -1.57
CA GLU D 198 18.27 50.63 -1.51
C GLU D 198 17.49 50.17 -2.73
N TYR D 199 18.15 50.09 -3.89
CA TYR D 199 17.49 49.80 -5.15
C TYR D 199 17.90 48.50 -5.79
N MET D 200 18.76 47.71 -5.14
CA MET D 200 19.35 46.54 -5.77
C MET D 200 18.36 45.40 -5.98
N ALA D 201 17.15 45.50 -5.42
CA ALA D 201 16.12 44.51 -5.69
C ALA D 201 15.19 44.91 -6.83
N LEU D 202 15.30 46.13 -7.34
CA LEU D 202 14.45 46.59 -8.43
C LEU D 202 15.21 46.50 -9.74
N SER D 203 14.45 46.53 -10.84
CA SER D 203 15.08 46.41 -12.16
C SER D 203 16.06 47.55 -12.41
N GLY D 204 15.68 48.76 -12.04
CA GLY D 204 16.56 49.89 -12.23
C GLY D 204 15.87 51.02 -12.96
N TYR D 205 14.92 50.68 -13.81
CA TYR D 205 14.14 51.69 -14.51
C TYR D 205 13.24 52.43 -13.54
N LYS D 206 13.01 53.71 -13.83
CA LYS D 206 12.23 54.57 -12.95
C LYS D 206 10.74 54.51 -13.24
N GLN D 207 10.32 53.75 -14.24
CA GLN D 207 8.91 53.54 -14.53
C GLN D 207 8.61 52.06 -14.51
N SER D 208 7.47 51.69 -13.95
CA SER D 208 7.02 50.31 -14.01
C SER D 208 6.72 49.92 -15.45
N SER D 209 7.00 48.65 -15.78
CA SER D 209 6.74 48.19 -17.13
C SER D 209 5.26 48.06 -17.42
N MET D 210 4.40 48.20 -16.42
CA MET D 210 2.95 48.22 -16.62
C MET D 210 2.44 49.55 -17.12
N THR D 211 3.24 50.60 -17.09
CA THR D 211 2.76 51.92 -17.48
C THR D 211 3.69 52.58 -18.49
N SER D 212 4.93 52.11 -18.57
CA SER D 212 5.91 52.73 -19.45
C SER D 212 5.65 52.37 -20.91
N ASP D 213 5.91 53.32 -21.80
CA ASP D 213 5.75 53.14 -23.24
C ASP D 213 6.99 53.66 -23.94
N PRO D 214 8.11 52.94 -23.83
CA PRO D 214 9.37 53.45 -24.38
C PRO D 214 9.39 53.41 -25.90
N ARG D 215 9.96 54.45 -26.49
CA ARG D 215 10.02 54.58 -27.95
C ARG D 215 11.41 54.97 -28.41
N HIS D 216 12.44 54.61 -27.65
CA HIS D 216 13.81 54.89 -27.99
C HIS D 216 14.65 53.78 -27.38
N HIS D 217 15.23 52.93 -28.22
CA HIS D 217 15.81 51.67 -27.81
C HIS D 217 17.23 51.55 -28.30
N ARG D 218 18.02 50.74 -27.60
CA ARG D 218 19.34 50.34 -28.03
C ARG D 218 19.38 48.82 -28.02
N LEU D 219 19.69 48.22 -29.16
CA LEU D 219 19.69 46.78 -29.32
C LEU D 219 21.06 46.33 -29.82
N GLY D 220 21.67 45.40 -29.11
CA GLY D 220 22.95 44.88 -29.50
C GLY D 220 22.93 43.37 -29.63
N LEU D 221 23.27 42.90 -30.82
CA LEU D 221 23.31 41.48 -31.16
C LEU D 221 24.69 41.13 -31.70
N CYS D 222 25.12 39.90 -31.46
CA CYS D 222 26.41 39.42 -31.95
C CYS D 222 26.17 38.29 -32.94
N PHE D 223 26.70 38.46 -34.14
CA PHE D 223 26.69 37.46 -35.20
C PHE D 223 27.96 36.64 -35.15
N PRO D 224 27.87 35.31 -35.17
CA PRO D 224 28.99 34.49 -34.72
C PRO D 224 30.09 34.20 -35.73
N ALA D 225 29.86 34.45 -37.02
CA ALA D 225 30.89 34.17 -38.02
C ALA D 225 30.65 35.04 -39.23
N VAL D 226 31.49 36.05 -39.43
CA VAL D 226 31.36 37.00 -40.52
C VAL D 226 32.74 37.18 -41.14
N PRO D 227 32.87 37.21 -42.47
CA PRO D 227 34.19 37.41 -43.08
C PRO D 227 34.78 38.76 -42.70
N LEU D 228 36.09 38.76 -42.46
CA LEU D 228 36.76 40.00 -42.09
C LEU D 228 36.68 41.09 -43.16
N PRO D 229 36.95 40.83 -44.44
CA PRO D 229 36.89 41.91 -45.43
C PRO D 229 35.48 42.30 -45.86
N HIS D 230 34.43 41.74 -45.26
CA HIS D 230 33.08 42.04 -45.70
C HIS D 230 32.12 42.25 -44.54
N ILE D 231 32.63 42.73 -43.40
CA ILE D 231 31.81 42.83 -42.19
C ILE D 231 30.55 43.67 -42.46
N ASN D 232 30.74 44.92 -42.90
CA ASN D 232 29.60 45.76 -43.20
C ASN D 232 28.67 45.11 -44.22
N GLN D 233 29.23 44.40 -45.19
CA GLN D 233 28.37 43.79 -46.20
C GLN D 233 27.56 42.65 -45.62
N ALA D 234 28.10 41.92 -44.64
CA ALA D 234 27.36 40.83 -44.05
C ALA D 234 26.28 41.34 -43.11
N VAL D 235 26.68 42.20 -42.17
CA VAL D 235 25.75 42.71 -41.18
C VAL D 235 24.54 43.35 -41.85
N ARG D 236 24.81 44.25 -42.79
CA ARG D 236 23.72 44.90 -43.52
C ARG D 236 22.78 43.86 -44.09
N THR D 237 23.33 42.87 -44.80
CA THR D 237 22.49 41.84 -45.38
C THR D 237 21.59 41.23 -44.32
N TYR D 238 22.18 40.81 -43.20
CA TYR D 238 21.39 40.19 -42.14
C TYR D 238 20.23 41.08 -41.74
N LEU D 239 20.53 42.35 -41.44
CA LEU D 239 19.46 43.24 -40.99
C LEU D 239 18.34 43.30 -42.02
N LYS D 240 18.71 43.49 -43.29
CA LYS D 240 17.69 43.58 -44.33
C LYS D 240 16.83 42.33 -44.34
N ASN D 241 17.46 41.16 -44.29
CA ASN D 241 16.69 39.93 -44.34
C ASN D 241 15.72 39.88 -43.18
N ALA D 242 16.17 40.25 -41.99
CA ALA D 242 15.25 40.25 -40.86
C ALA D 242 14.02 41.07 -41.18
N CYS D 243 14.21 42.30 -41.63
CA CYS D 243 13.08 43.13 -41.98
C CYS D 243 12.17 42.41 -42.96
N ARG D 244 12.74 41.91 -44.05
CA ARG D 244 11.92 41.28 -45.07
C ARG D 244 11.18 40.08 -44.50
N ILE D 245 11.83 39.28 -43.66
CA ILE D 245 11.14 38.12 -43.12
C ILE D 245 9.85 38.57 -42.45
N ILE D 246 9.96 39.58 -41.59
CA ILE D 246 8.77 40.06 -40.89
C ILE D 246 7.71 40.51 -41.89
N ILE D 247 8.11 41.30 -42.88
CA ILE D 247 7.14 41.78 -43.85
C ILE D 247 6.43 40.61 -44.48
N GLY D 248 7.19 39.60 -44.89
CA GLY D 248 6.56 38.45 -45.51
C GLY D 248 5.49 37.86 -44.63
N ARG D 249 5.82 37.59 -43.37
CA ARG D 249 4.85 36.99 -42.47
C ARG D 249 3.64 37.90 -42.31
N ILE D 250 3.89 39.21 -42.16
CA ILE D 250 2.76 40.12 -42.02
C ILE D 250 1.89 40.06 -43.26
N GLN D 251 2.50 40.03 -44.44
CA GLN D 251 1.70 39.99 -45.65
C GLN D 251 0.85 38.73 -45.73
N SER D 252 1.26 37.64 -45.09
CA SER D 252 0.38 36.47 -45.07
C SER D 252 -0.93 36.79 -44.38
N ILE D 253 -0.87 37.42 -43.19
CA ILE D 253 -2.11 37.80 -42.55
C ILE D 253 -2.88 38.78 -43.43
N GLN D 254 -2.16 39.57 -44.22
CA GLN D 254 -2.81 40.55 -45.08
C GLN D 254 -3.69 39.89 -46.14
N LYS D 255 -3.40 38.65 -46.54
CA LYS D 255 -4.28 38.00 -47.51
C LYS D 255 -5.38 37.20 -46.84
N ILE D 256 -5.54 37.34 -45.53
CA ILE D 256 -6.65 36.70 -44.85
C ILE D 256 -7.78 37.70 -44.62
N TYR D 257 -7.42 38.90 -44.16
CA TYR D 257 -8.39 39.96 -43.92
C TYR D 257 -9.19 40.27 -45.17
N GLU D 258 -8.55 40.26 -46.33
CA GLU D 258 -9.23 40.60 -47.56
C GLU D 258 -10.22 39.53 -47.99
N ASN D 259 -10.21 38.36 -47.36
CA ASN D 259 -11.15 37.28 -47.68
C ASN D 259 -12.17 37.12 -46.54
N PHE D 260 -12.62 38.24 -45.97
CA PHE D 260 -13.56 38.18 -44.87
C PHE D 260 -14.99 37.91 -45.33
N GLU D 261 -15.25 37.96 -46.63
CA GLU D 261 -16.54 37.49 -47.15
C GLU D 261 -16.56 35.98 -47.35
N GLU D 262 -15.46 35.42 -47.83
CA GLU D 262 -15.37 33.98 -48.06
C GLU D 262 -15.22 33.24 -46.72
N PRO D 263 -15.83 32.07 -46.59
CA PRO D 263 -15.72 31.32 -45.34
C PRO D 263 -14.32 30.75 -45.14
N GLN D 264 -13.57 31.31 -44.19
CA GLN D 264 -12.17 30.98 -44.05
C GLN D 264 -11.90 30.37 -42.69
N PRO D 265 -11.05 29.34 -42.61
CA PRO D 265 -10.76 28.73 -41.30
C PRO D 265 -9.86 29.58 -40.42
N GLU D 266 -9.17 30.57 -40.97
CA GLU D 266 -8.25 31.38 -40.20
C GLU D 266 -8.83 32.74 -39.80
N LEU D 267 -10.05 33.04 -40.18
CA LEU D 267 -10.69 34.30 -39.79
C LEU D 267 -12.16 34.02 -39.48
N VAL D 268 -12.57 34.29 -38.25
CA VAL D 268 -13.93 34.04 -37.81
C VAL D 268 -14.50 35.36 -37.31
N LEU D 269 -15.66 35.74 -37.81
CA LEU D 269 -16.30 37.01 -37.48
C LEU D 269 -17.64 36.77 -36.84
N PHE D 270 -17.91 37.45 -35.73
CA PHE D 270 -19.19 37.42 -35.05
C PHE D 270 -19.72 38.83 -34.93
N SER D 271 -21.05 38.97 -34.97
CA SER D 271 -21.72 40.18 -34.54
C SER D 271 -22.25 39.93 -33.14
N MET D 272 -21.47 40.34 -32.13
CA MET D 272 -21.84 40.07 -30.75
C MET D 272 -23.18 40.71 -30.41
N ASP D 273 -23.38 41.95 -30.82
CA ASP D 273 -24.62 42.68 -30.57
C ASP D 273 -25.03 43.37 -31.86
N GLU D 274 -25.98 44.30 -31.77
CA GLU D 274 -26.32 45.11 -32.93
C GLU D 274 -25.28 46.18 -33.21
N GLU D 275 -24.28 46.36 -32.34
CA GLU D 275 -23.24 47.36 -32.59
C GLU D 275 -21.83 46.88 -32.34
N LYS D 276 -21.61 45.61 -31.98
CA LYS D 276 -20.28 45.12 -31.67
C LYS D 276 -19.91 44.00 -32.64
N THR D 277 -18.60 43.84 -32.87
CA THR D 277 -18.05 42.87 -33.81
C THR D 277 -16.82 42.24 -33.21
N LYS D 278 -16.70 40.92 -33.36
CA LYS D 278 -15.58 40.16 -32.81
C LYS D 278 -14.89 39.43 -33.96
N ALA D 279 -13.59 39.62 -34.08
CA ALA D 279 -12.77 38.96 -35.08
C ALA D 279 -11.75 38.07 -34.39
N ILE D 280 -11.61 36.84 -34.86
CA ILE D 280 -10.62 35.92 -34.34
C ILE D 280 -9.79 35.40 -35.50
N ILE D 281 -8.48 35.62 -35.44
CA ILE D 281 -7.54 35.17 -36.46
C ILE D 281 -6.65 34.11 -35.84
N THR D 282 -6.70 32.90 -36.38
CA THR D 282 -5.85 31.80 -35.92
C THR D 282 -4.84 31.48 -37.02
N ILE D 283 -3.55 31.59 -36.70
CA ILE D 283 -2.48 31.29 -37.64
C ILE D 283 -1.61 30.19 -37.04
N LYS D 284 -1.41 29.13 -37.81
CA LYS D 284 -0.66 27.98 -37.31
C LYS D 284 0.84 28.25 -37.37
N ASP D 285 1.54 27.79 -36.34
CA ASP D 285 3.00 27.90 -36.23
C ASP D 285 3.47 29.35 -36.27
N GLU D 286 2.65 30.26 -35.76
CA GLU D 286 3.11 31.62 -35.54
C GLU D 286 3.66 31.78 -34.13
N THR D 287 4.33 32.90 -33.91
CA THR D 287 5.04 33.12 -32.66
C THR D 287 4.66 34.46 -32.05
N HIS D 288 5.30 34.81 -30.94
CA HIS D 288 5.00 36.06 -30.26
C HIS D 288 5.43 37.27 -31.08
N THR D 289 6.31 37.08 -32.07
CA THR D 289 6.73 38.18 -32.93
C THR D 289 5.53 38.82 -33.61
N ILE D 290 4.85 38.05 -34.46
CA ILE D 290 3.76 38.58 -35.25
C ILE D 290 2.56 38.89 -34.37
N GLY D 291 2.28 38.03 -33.39
CA GLY D 291 1.16 38.29 -32.50
C GLY D 291 1.30 39.60 -31.76
N ASN D 292 2.49 39.88 -31.24
CA ASN D 292 2.73 41.12 -30.51
C ASN D 292 2.76 42.33 -31.44
N LEU D 293 3.34 42.19 -32.63
CA LEU D 293 3.28 43.30 -33.59
C LEU D 293 1.84 43.63 -33.95
N LEU D 294 1.03 42.61 -34.23
CA LEU D 294 -0.36 42.84 -34.60
C LEU D 294 -1.13 43.49 -33.46
N LYS D 295 -0.98 42.98 -32.24
CA LYS D 295 -1.69 43.59 -31.12
C LYS D 295 -1.28 45.04 -30.93
N THR D 296 0.02 45.33 -30.99
CA THR D 296 0.49 46.69 -30.74
C THR D 296 -0.01 47.66 -31.80
N TYR D 297 0.06 47.29 -33.06
CA TYR D 297 -0.34 48.24 -34.08
C TYR D 297 -1.86 48.36 -34.20
N ILE D 298 -2.60 47.29 -33.92
CA ILE D 298 -4.05 47.39 -33.84
C ILE D 298 -4.44 48.33 -32.72
N TYR D 299 -3.78 48.21 -31.57
CA TYR D 299 -4.05 49.09 -30.45
C TYR D 299 -3.70 50.54 -30.75
N GLU D 300 -2.59 50.78 -31.45
CA GLU D 300 -2.26 52.16 -31.83
C GLU D 300 -3.25 52.74 -32.83
N MET D 301 -3.76 51.91 -33.75
CA MET D 301 -4.75 52.38 -34.69
C MET D 301 -6.07 52.69 -33.99
N ILE D 302 -6.46 51.86 -33.04
CA ILE D 302 -7.74 51.98 -32.35
C ILE D 302 -7.47 52.17 -30.86
N PRO D 303 -7.25 53.39 -30.40
CA PRO D 303 -7.01 53.59 -28.96
C PRO D 303 -8.18 53.21 -28.09
N ASP D 304 -9.42 53.34 -28.57
CA ASP D 304 -10.62 53.04 -27.79
C ASP D 304 -11.19 51.68 -28.14
N ILE D 305 -10.32 50.71 -28.43
CA ILE D 305 -10.78 49.37 -28.77
C ILE D 305 -11.30 48.67 -27.52
N SER D 306 -12.41 47.95 -27.67
CA SER D 306 -12.97 47.21 -26.55
C SER D 306 -12.04 46.09 -26.09
N PHE D 307 -11.44 45.35 -27.02
CA PHE D 307 -10.45 44.36 -26.64
C PHE D 307 -9.56 44.06 -27.83
N VAL D 308 -8.27 43.94 -27.57
CA VAL D 308 -7.35 43.29 -28.50
C VAL D 308 -6.40 42.44 -27.67
N GLY D 309 -6.22 41.19 -28.08
CA GLY D 309 -5.36 40.28 -27.34
C GLY D 309 -4.92 39.17 -28.25
N TYR D 310 -3.91 38.44 -27.80
CA TYR D 310 -3.40 37.32 -28.57
C TYR D 310 -2.86 36.27 -27.61
N GLN D 311 -2.76 35.05 -28.12
CA GLN D 311 -2.31 33.93 -27.33
C GLN D 311 -1.49 32.99 -28.21
N CYS D 312 -0.28 32.66 -27.77
CA CYS D 312 0.53 31.60 -28.35
C CYS D 312 0.74 30.57 -27.24
N VAL D 313 -0.22 29.66 -27.10
CA VAL D 313 -0.10 28.59 -26.11
C VAL D 313 0.99 27.63 -26.57
N PRO D 314 1.95 27.28 -25.72
CA PRO D 314 3.05 26.42 -26.18
C PRO D 314 2.61 25.07 -26.73
N HIS D 315 1.55 24.48 -26.20
CA HIS D 315 1.16 23.14 -26.62
C HIS D 315 0.18 23.14 -27.78
N LYS D 316 -0.06 24.29 -28.41
CA LYS D 316 -0.99 24.36 -29.52
C LYS D 316 -0.37 24.78 -30.83
N GLN D 317 0.87 25.29 -30.83
CA GLN D 317 1.60 25.63 -32.05
C GLN D 317 0.83 26.58 -32.95
N GLU D 318 0.19 27.59 -32.35
CA GLU D 318 -0.57 28.55 -33.13
C GLU D 318 -0.67 29.85 -32.36
N MET D 319 -0.94 30.92 -33.10
CA MET D 319 -1.23 32.24 -32.54
C MET D 319 -2.68 32.57 -32.82
N VAL D 320 -3.43 32.90 -31.77
CA VAL D 320 -4.82 33.28 -31.88
C VAL D 320 -4.95 34.73 -31.44
N LEU D 321 -5.41 35.58 -32.35
CA LEU D 321 -5.58 37.01 -32.10
C LEU D 321 -7.07 37.31 -32.06
N THR D 322 -7.53 37.85 -30.94
CA THR D 322 -8.92 38.20 -30.73
C THR D 322 -9.06 39.72 -30.69
N ILE D 323 -10.02 40.25 -31.45
CA ILE D 323 -10.31 41.67 -31.50
C ILE D 323 -11.81 41.83 -31.28
N ILE D 324 -12.18 42.77 -30.40
CA ILE D 324 -13.58 43.08 -30.14
C ILE D 324 -13.71 44.60 -30.24
N HIS D 325 -14.59 45.06 -31.13
CA HIS D 325 -14.65 46.48 -31.43
C HIS D 325 -16.08 46.87 -31.73
N LYS D 326 -16.35 48.17 -31.63
CA LYS D 326 -17.69 48.73 -31.74
C LYS D 326 -17.99 49.25 -33.13
N ALA D 327 -17.48 48.58 -34.16
CA ALA D 327 -17.77 48.90 -35.55
C ALA D 327 -18.31 47.64 -36.23
N SER D 328 -18.70 47.79 -37.49
CA SER D 328 -19.17 46.66 -38.27
C SER D 328 -17.98 45.87 -38.81
N GLN D 329 -18.27 44.76 -39.48
CA GLN D 329 -17.20 43.94 -40.05
C GLN D 329 -16.44 44.70 -41.13
N GLU D 330 -17.15 45.46 -41.96
CA GLU D 330 -16.48 46.29 -42.96
C GLU D 330 -15.48 47.25 -42.31
N ASP D 331 -15.94 48.01 -41.31
CA ASP D 331 -15.08 49.00 -40.67
C ASP D 331 -13.95 48.36 -39.88
N LEU D 332 -14.23 47.25 -39.20
CA LEU D 332 -13.18 46.55 -38.47
C LEU D 332 -12.11 46.03 -39.41
N ILE D 333 -12.51 45.45 -40.56
CA ILE D 333 -11.53 44.95 -41.50
C ILE D 333 -10.74 46.10 -42.13
N THR D 334 -11.40 47.24 -42.37
CA THR D 334 -10.67 48.41 -42.87
C THR D 334 -9.59 48.83 -41.88
N LEU D 335 -9.94 48.89 -40.60
CA LEU D 335 -8.97 49.27 -39.59
C LEU D 335 -7.84 48.24 -39.47
N LEU D 336 -8.16 46.96 -39.62
CA LEU D 336 -7.14 45.92 -39.55
C LEU D 336 -6.15 46.06 -40.70
N GLU D 337 -6.66 46.29 -41.91
CA GLU D 337 -5.78 46.51 -43.05
C GLU D 337 -4.91 47.74 -42.86
N LYS D 338 -5.48 48.80 -42.27
CA LYS D 338 -4.67 49.99 -41.99
C LYS D 338 -3.55 49.67 -41.00
N SER D 339 -3.84 48.87 -39.97
CA SER D 339 -2.81 48.49 -39.01
C SER D 339 -1.69 47.71 -39.68
N ILE D 340 -2.05 46.75 -40.53
CA ILE D 340 -1.02 45.95 -41.21
C ILE D 340 -0.21 46.81 -42.17
N GLN D 341 -0.86 47.74 -42.86
CA GLN D 341 -0.11 48.65 -43.72
C GLN D 341 0.86 49.50 -42.92
N ASN D 342 0.47 49.92 -41.72
CA ASN D 342 1.41 50.65 -40.87
C ASN D 342 2.60 49.79 -40.47
N ILE D 343 2.38 48.51 -40.17
CA ILE D 343 3.49 47.63 -39.84
C ILE D 343 4.46 47.51 -41.02
N ILE D 344 3.91 47.27 -42.21
CA ILE D 344 4.76 47.10 -43.39
C ILE D 344 5.52 48.38 -43.69
N GLN D 345 4.88 49.54 -43.52
CA GLN D 345 5.57 50.80 -43.74
C GLN D 345 6.70 51.00 -42.74
N THR D 346 6.47 50.64 -41.48
CA THR D 346 7.53 50.74 -40.49
C THR D 346 8.74 49.90 -40.88
N PHE D 347 8.52 48.66 -41.28
CA PHE D 347 9.68 47.83 -41.56
C PHE D 347 10.33 48.13 -42.91
N GLN D 348 9.59 48.64 -43.88
CA GLN D 348 10.22 49.17 -45.09
C GLN D 348 11.11 50.36 -44.77
N ILE D 349 10.64 51.25 -43.89
CA ILE D 349 11.47 52.37 -43.46
C ILE D 349 12.74 51.85 -42.78
N LEU D 350 12.59 50.83 -41.92
CA LEU D 350 13.76 50.28 -41.24
C LEU D 350 14.78 49.74 -42.23
N GLU D 351 14.33 49.01 -43.24
CA GLU D 351 15.26 48.46 -44.22
C GLU D 351 15.93 49.55 -45.06
N LYS D 352 15.17 50.59 -45.42
CA LYS D 352 15.78 51.72 -46.12
C LYS D 352 16.85 52.39 -45.28
N ASN D 353 16.57 52.58 -43.99
CA ASN D 353 17.59 53.16 -43.10
C ASN D 353 18.76 52.23 -42.90
N VAL D 354 18.56 50.92 -42.99
CA VAL D 354 19.68 49.98 -42.94
C VAL D 354 20.63 50.24 -44.09
N ASP D 355 20.06 50.32 -45.31
CA ASP D 355 20.91 50.64 -46.45
C ASP D 355 21.54 52.02 -46.35
N GLU D 356 20.87 52.98 -45.71
CA GLU D 356 21.43 54.32 -45.60
C GLU D 356 22.54 54.41 -44.55
N LEU D 357 22.49 53.59 -43.51
CA LEU D 357 23.43 53.70 -42.40
C LEU D 357 24.72 52.92 -42.62
N ILE D 358 24.61 51.61 -42.82
CA ILE D 358 25.78 50.75 -42.84
C ILE D 358 26.51 50.94 -44.16
N ALA D 359 27.71 51.51 -44.10
CA ALA D 359 28.48 51.82 -45.29
C ALA D 359 29.21 50.59 -45.81
N MET E 1 -18.84 1.54 49.54
CA MET E 1 -19.98 2.41 49.84
C MET E 1 -21.19 1.86 49.08
N ALA E 2 -21.05 0.62 48.60
CA ALA E 2 -22.07 0.03 47.74
C ALA E 2 -23.41 -0.08 48.45
N MET E 3 -23.41 -0.45 49.73
CA MET E 3 -24.68 -0.68 50.42
C MET E 3 -25.42 0.62 50.71
N GLN E 4 -24.71 1.70 51.07
CA GLN E 4 -25.38 2.97 51.29
C GLN E 4 -25.97 3.50 49.99
N LYS E 5 -25.27 3.32 48.87
CA LYS E 5 -25.82 3.72 47.58
C LYS E 5 -27.02 2.87 47.20
N LEU E 6 -26.94 1.56 47.46
CA LEU E 6 -28.08 0.68 47.17
C LEU E 6 -29.30 1.10 47.95
N PHE E 7 -29.15 1.37 49.24
CA PHE E 7 -30.33 1.64 50.06
C PHE E 7 -31.13 2.85 49.59
N THR E 8 -30.51 3.75 48.82
CA THR E 8 -31.25 4.88 48.27
C THR E 8 -31.70 4.60 46.84
N TYR E 9 -30.81 4.07 46.02
CA TYR E 9 -31.13 3.97 44.60
C TYR E 9 -31.95 2.74 44.26
N ILE E 10 -32.05 1.73 45.13
CA ILE E 10 -33.00 0.66 44.88
C ILE E 10 -34.43 1.18 45.04
N TYR E 11 -34.66 2.08 45.99
CA TYR E 11 -35.99 2.64 46.11
C TYR E 11 -36.25 3.68 45.03
N GLU E 12 -35.23 4.41 44.60
CA GLU E 12 -35.39 5.25 43.43
C GLU E 12 -35.70 4.42 42.18
N PHE E 13 -35.10 3.23 42.07
CA PHE E 13 -35.41 2.30 40.98
C PHE E 13 -36.84 1.80 41.06
N ILE E 14 -37.29 1.44 42.25
CA ILE E 14 -38.66 0.97 42.41
C ILE E 14 -39.65 2.07 42.05
N GLU E 15 -39.36 3.31 42.45
CA GLU E 15 -40.24 4.42 42.09
C GLU E 15 -40.21 4.72 40.59
N TYR E 16 -39.04 4.64 39.96
CA TYR E 16 -38.94 4.93 38.53
C TYR E 16 -39.69 3.89 37.71
N ARG E 17 -39.82 2.68 38.22
CA ARG E 17 -40.50 1.60 37.53
C ARG E 17 -42.00 1.57 37.83
N LYS E 18 -42.50 2.60 38.51
CA LYS E 18 -43.94 2.76 38.78
C LYS E 18 -44.48 1.61 39.62
N MET E 19 -43.84 1.38 40.76
CA MET E 19 -44.26 0.33 41.69
C MET E 19 -44.43 0.94 43.08
N VAL E 20 -45.46 0.48 43.78
CA VAL E 20 -45.69 0.90 45.16
C VAL E 20 -45.12 -0.17 46.08
N LEU E 21 -44.73 0.25 47.28
CA LEU E 21 -44.06 -0.64 48.22
C LEU E 21 -45.08 -1.38 49.09
N LEU E 22 -44.78 -2.65 49.38
CA LEU E 22 -45.66 -3.50 50.16
C LEU E 22 -45.20 -3.66 51.60
N GLU E 23 -44.25 -2.85 52.06
CA GLU E 23 -43.71 -2.98 53.40
C GLU E 23 -43.48 -1.59 53.96
N GLU E 24 -42.79 -1.53 55.09
CA GLU E 24 -42.32 -0.27 55.66
C GLU E 24 -40.82 -0.18 55.49
N LYS E 25 -40.34 1.01 55.14
CA LYS E 25 -38.93 1.20 54.90
C LYS E 25 -38.19 1.31 56.22
N VAL E 26 -37.20 0.45 56.42
CA VAL E 26 -36.47 0.37 57.69
C VAL E 26 -35.32 1.37 57.68
N PRO E 27 -34.96 1.96 58.81
CA PRO E 27 -33.73 2.73 58.89
C PRO E 27 -32.54 2.00 58.29
N TYR E 28 -31.54 2.78 57.86
CA TYR E 28 -30.41 2.21 57.14
C TYR E 28 -29.67 1.18 57.97
N ASP E 29 -29.43 1.46 59.24
CA ASP E 29 -28.69 0.52 60.08
C ASP E 29 -29.46 -0.78 60.26
N LYS E 30 -30.79 -0.71 60.35
CA LYS E 30 -31.60 -1.92 60.33
C LYS E 30 -31.42 -2.67 59.02
N PHE E 31 -31.36 -1.95 57.89
CA PHE E 31 -31.12 -2.60 56.60
C PHE E 31 -29.79 -3.37 56.61
N VAL E 32 -28.72 -2.72 57.07
CA VAL E 32 -27.42 -3.38 57.09
C VAL E 32 -27.43 -4.57 58.04
N GLN E 33 -28.11 -4.44 59.18
CA GLN E 33 -28.14 -5.55 60.13
C GLN E 33 -28.88 -6.75 59.56
N MET E 34 -30.00 -6.53 58.87
CA MET E 34 -30.68 -7.66 58.23
C MET E 34 -29.84 -8.27 57.11
N VAL E 35 -29.15 -7.45 56.32
CA VAL E 35 -28.31 -8.02 55.27
C VAL E 35 -27.19 -8.84 55.87
N LEU E 36 -26.56 -8.35 56.94
CA LEU E 36 -25.45 -9.05 57.56
C LEU E 36 -25.89 -10.32 58.27
N ASN E 37 -27.07 -10.33 58.88
CA ASN E 37 -27.50 -11.51 59.62
C ASN E 37 -28.27 -12.50 58.75
N THR E 38 -29.37 -12.06 58.16
CA THR E 38 -30.22 -12.94 57.36
C THR E 38 -29.51 -13.38 56.08
N GLY E 39 -28.57 -12.58 55.59
CA GLY E 39 -27.87 -12.85 54.36
C GLY E 39 -28.39 -12.11 53.15
N PHE E 40 -29.63 -11.60 53.23
CA PHE E 40 -30.22 -10.86 52.14
C PHE E 40 -31.29 -9.93 52.70
N PHE E 41 -31.66 -8.94 51.90
CA PHE E 41 -32.77 -8.04 52.21
C PHE E 41 -33.80 -8.14 51.11
N ARG E 42 -35.07 -8.30 51.49
CA ARG E 42 -36.18 -8.51 50.57
C ARG E 42 -37.01 -7.24 50.50
N ILE E 43 -37.29 -6.77 49.29
CA ILE E 43 -38.16 -5.62 49.07
C ILE E 43 -39.29 -6.05 48.14
N ASN E 44 -40.52 -5.82 48.55
CA ASN E 44 -41.69 -6.16 47.76
C ASN E 44 -42.27 -4.90 47.14
N ALA E 45 -42.75 -5.03 45.91
CA ALA E 45 -43.39 -3.92 45.22
C ALA E 45 -44.55 -4.44 44.40
N GLU E 46 -45.51 -3.57 44.12
CA GLU E 46 -46.69 -3.93 43.35
C GLU E 46 -46.75 -3.09 42.09
N THR E 47 -46.87 -3.74 40.94
CA THR E 47 -46.96 -3.04 39.68
C THR E 47 -48.37 -2.54 39.44
N LEU E 48 -48.57 -1.84 38.31
CA LEU E 48 -49.90 -1.37 37.96
C LEU E 48 -50.83 -2.52 37.61
N ASN E 49 -50.29 -3.60 37.07
CA ASN E 49 -51.07 -4.80 36.75
C ASN E 49 -51.27 -5.70 37.96
N HIS E 50 -51.10 -5.16 39.17
CA HIS E 50 -51.32 -5.89 40.41
C HIS E 50 -50.40 -7.10 40.53
N GLY E 51 -49.22 -7.02 39.93
CA GLY E 51 -48.24 -8.07 40.07
C GLY E 51 -47.22 -7.73 41.15
N ILE E 52 -46.68 -8.77 41.77
CA ILE E 52 -45.73 -8.62 42.86
C ILE E 52 -44.32 -8.80 42.30
N VAL E 53 -43.45 -7.85 42.59
CA VAL E 53 -42.05 -7.91 42.21
C VAL E 53 -41.23 -7.92 43.49
N SER E 54 -40.38 -8.92 43.65
CA SER E 54 -39.54 -9.05 44.83
C SER E 54 -38.08 -8.85 44.44
N VAL E 55 -37.39 -8.01 45.21
CA VAL E 55 -36.00 -7.67 44.98
C VAL E 55 -35.18 -8.22 46.14
N PHE E 56 -34.14 -8.97 45.83
CA PHE E 56 -33.25 -9.57 46.81
C PHE E 56 -31.89 -8.88 46.70
N ILE E 57 -31.46 -8.23 47.77
CA ILE E 57 -30.14 -7.66 47.85
C ILE E 57 -29.29 -8.59 48.70
N PHE E 58 -28.21 -9.10 48.12
CA PHE E 58 -27.37 -10.10 48.77
C PHE E 58 -26.07 -9.48 49.25
N GLY E 59 -25.61 -9.95 50.41
CA GLY E 59 -24.31 -9.55 50.89
C GLY E 59 -23.19 -10.22 50.14
N ALA E 60 -22.05 -9.54 50.09
CA ALA E 60 -20.90 -10.01 49.34
C ALA E 60 -20.20 -11.20 49.98
N ASN E 61 -20.73 -11.74 51.08
CA ASN E 61 -20.10 -12.88 51.75
C ASN E 61 -21.11 -13.90 52.25
N GLY E 62 -22.40 -13.75 51.94
CA GLY E 62 -23.42 -14.59 52.52
C GLY E 62 -23.40 -16.02 52.00
N LYS E 63 -24.15 -16.87 52.70
CA LYS E 63 -24.20 -18.28 52.33
C LYS E 63 -24.98 -18.53 51.05
N TYR E 64 -25.86 -17.61 50.67
CA TYR E 64 -26.66 -17.78 49.46
C TYR E 64 -25.86 -17.58 48.19
N VAL E 65 -24.71 -16.90 48.27
CA VAL E 65 -23.91 -16.64 47.09
C VAL E 65 -22.86 -17.72 46.88
N HIS E 66 -22.08 -18.05 47.90
CA HIS E 66 -20.97 -18.97 47.74
C HIS E 66 -21.42 -20.42 47.57
N HIS E 67 -22.64 -20.76 47.99
CA HIS E 67 -23.11 -22.13 47.96
C HIS E 67 -24.41 -22.19 47.21
N GLY E 68 -24.47 -23.05 46.18
CA GLY E 68 -25.64 -23.08 45.33
C GLY E 68 -26.86 -23.68 46.00
N GLY E 69 -26.66 -24.55 46.99
CA GLY E 69 -27.79 -25.21 47.62
C GLY E 69 -28.69 -24.24 48.37
N ASP E 70 -28.09 -23.33 49.14
CA ASP E 70 -28.88 -22.35 49.88
C ASP E 70 -29.63 -21.42 48.95
N MET E 71 -28.99 -21.01 47.85
CA MET E 71 -29.68 -20.18 46.86
C MET E 71 -30.85 -20.93 46.24
N ARG E 72 -30.67 -22.21 45.92
CA ARG E 72 -31.77 -23.00 45.39
C ARG E 72 -32.90 -23.11 46.40
N THR E 73 -32.57 -23.31 47.66
CA THR E 73 -33.60 -23.40 48.69
C THR E 73 -34.38 -22.10 48.79
N LEU E 74 -33.67 -20.97 48.76
CA LEU E 74 -34.35 -19.67 48.81
C LEU E 74 -35.26 -19.48 47.59
N LEU E 75 -34.79 -19.88 46.40
CA LEU E 75 -35.59 -19.70 45.21
C LEU E 75 -36.84 -20.59 45.22
N THR E 76 -36.70 -21.85 45.62
CA THR E 76 -37.88 -22.72 45.70
C THR E 76 -38.86 -22.23 46.77
N ASN E 77 -38.36 -21.80 47.92
CA ASN E 77 -39.26 -21.34 48.98
C ASN E 77 -39.86 -19.97 48.68
N THR E 78 -39.24 -19.20 47.78
CA THR E 78 -39.82 -17.91 47.40
C THR E 78 -40.83 -18.06 46.27
N LEU E 79 -40.60 -18.98 45.35
CA LEU E 79 -41.49 -19.18 44.22
C LEU E 79 -42.68 -20.09 44.54
N ASN E 80 -42.74 -20.61 45.76
CA ASN E 80 -43.85 -21.46 46.18
C ASN E 80 -44.89 -20.73 47.02
N GLU E 81 -44.70 -19.43 47.28
CA GLU E 81 -45.62 -18.70 48.14
C GLU E 81 -46.91 -18.34 47.39
N LYS E 82 -47.83 -17.76 48.14
CA LYS E 82 -49.14 -17.39 47.60
C LYS E 82 -49.18 -15.91 47.21
N LYS E 83 -48.36 -15.57 46.22
CA LYS E 83 -48.34 -14.23 45.65
C LYS E 83 -48.35 -14.33 44.13
N HIS E 84 -48.89 -13.31 43.49
CA HIS E 84 -48.92 -13.23 42.02
C HIS E 84 -47.62 -12.59 41.55
N TYR E 85 -46.58 -13.41 41.46
CA TYR E 85 -45.26 -12.92 41.09
C TYR E 85 -45.21 -12.51 39.63
N GLU E 86 -44.37 -11.53 39.35
CA GLU E 86 -44.13 -11.03 38.01
C GLU E 86 -42.66 -11.00 37.64
N GLU E 87 -41.79 -10.73 38.61
CA GLU E 87 -40.34 -10.74 38.37
C GLU E 87 -39.62 -10.86 39.70
N LEU E 88 -38.46 -11.51 39.66
CA LEU E 88 -37.52 -11.53 40.79
C LEU E 88 -36.21 -10.89 40.34
N ILE E 89 -35.86 -9.77 40.95
CA ILE E 89 -34.54 -9.18 40.77
C ILE E 89 -33.64 -9.65 41.89
N LEU E 90 -32.53 -10.28 41.55
CA LEU E 90 -31.54 -10.74 42.51
C LEU E 90 -30.30 -9.89 42.32
N ILE E 91 -30.03 -9.01 43.28
CA ILE E 91 -28.90 -8.11 43.20
C ILE E 91 -27.73 -8.73 43.94
N VAL E 92 -26.63 -8.97 43.22
CA VAL E 92 -25.46 -9.61 43.81
C VAL E 92 -24.23 -8.77 43.51
N ASP E 93 -23.10 -9.16 44.10
CA ASP E 93 -21.84 -8.53 43.75
C ASP E 93 -21.43 -8.95 42.34
N LYS E 94 -20.54 -8.16 41.74
CA LYS E 94 -20.10 -8.45 40.39
C LYS E 94 -19.45 -9.82 40.21
N PRO E 95 -18.54 -10.28 41.08
CA PRO E 95 -17.94 -11.61 40.88
C PRO E 95 -18.93 -12.74 40.88
N VAL E 96 -20.07 -12.61 41.57
CA VAL E 96 -21.07 -13.67 41.60
C VAL E 96 -21.56 -13.99 40.20
N LEU E 97 -21.50 -13.02 39.29
CA LEU E 97 -21.93 -13.24 37.91
C LEU E 97 -20.97 -14.12 37.12
N SER E 98 -19.71 -14.23 37.54
CA SER E 98 -18.77 -15.12 36.89
C SER E 98 -18.75 -16.51 37.49
N LYS E 99 -19.42 -16.70 38.63
CA LYS E 99 -19.51 -18.00 39.26
C LYS E 99 -20.57 -18.81 38.53
N LYS E 100 -20.17 -19.93 37.93
CA LYS E 100 -21.07 -20.70 37.08
C LYS E 100 -22.25 -21.23 37.88
N ASN E 101 -22.01 -21.68 39.12
CA ASN E 101 -23.00 -22.46 39.87
C ASN E 101 -24.30 -21.69 40.03
N ILE E 102 -24.26 -20.55 40.74
CA ILE E 102 -25.47 -19.80 41.03
C ILE E 102 -26.22 -19.48 39.74
N LEU E 103 -25.47 -19.24 38.66
CA LEU E 103 -26.12 -19.08 37.37
C LEU E 103 -26.85 -20.33 36.93
N ASP E 104 -26.29 -21.52 37.20
CA ASP E 104 -27.05 -22.72 36.86
C ASP E 104 -28.33 -22.83 37.68
N ILE E 105 -28.29 -22.54 38.98
CA ILE E 105 -29.56 -22.55 39.71
C ILE E 105 -30.54 -21.53 39.13
N ILE E 106 -30.04 -20.39 38.68
CA ILE E 106 -30.92 -19.40 38.06
C ILE E 106 -31.57 -19.98 36.81
N VAL E 107 -30.80 -20.68 35.98
CA VAL E 107 -31.37 -21.23 34.75
C VAL E 107 -32.35 -22.36 35.04
N GLU E 108 -32.09 -23.20 36.05
CA GLU E 108 -33.08 -24.22 36.40
C GLU E 108 -34.37 -23.59 36.92
N GLN E 109 -34.26 -22.57 37.77
CA GLN E 109 -35.47 -21.95 38.29
C GLN E 109 -36.21 -21.16 37.22
N ARG E 110 -35.51 -20.69 36.20
CA ARG E 110 -36.21 -20.15 35.03
C ARG E 110 -36.94 -21.27 34.30
N ALA E 111 -36.28 -22.41 34.10
CA ALA E 111 -36.92 -23.55 33.45
C ALA E 111 -38.08 -24.07 34.28
N ALA E 112 -37.92 -24.17 35.59
CA ALA E 112 -38.96 -24.70 36.45
C ALA E 112 -40.12 -23.73 36.65
N ASN E 113 -39.96 -22.47 36.22
CA ASN E 113 -41.00 -21.47 36.35
C ASN E 113 -41.03 -20.64 35.08
N PRO E 114 -41.84 -21.05 34.10
CA PRO E 114 -41.82 -20.35 32.80
C PRO E 114 -42.53 -19.01 32.78
N THR E 115 -43.41 -18.73 33.74
CA THR E 115 -44.17 -17.50 33.76
C THR E 115 -43.61 -16.46 34.73
N ILE E 116 -42.44 -16.71 35.31
CA ILE E 116 -41.79 -15.79 36.24
C ILE E 116 -40.45 -15.39 35.66
N VAL E 117 -40.16 -14.09 35.69
CA VAL E 117 -38.89 -13.57 35.21
C VAL E 117 -37.89 -13.59 36.37
N ILE E 118 -36.81 -14.35 36.20
CA ILE E 118 -35.74 -14.42 37.19
C ILE E 118 -34.53 -13.72 36.59
N ASN E 119 -34.14 -12.59 37.18
CA ASN E 119 -33.01 -11.81 36.70
C ASN E 119 -32.00 -11.61 37.81
N ILE E 120 -30.72 -11.73 37.48
CA ILE E 120 -29.63 -11.50 38.41
C ILE E 120 -28.77 -10.38 37.84
N TYR E 121 -28.50 -9.37 38.65
CA TYR E 121 -27.80 -8.16 38.24
C TYR E 121 -26.66 -7.88 39.20
N PRO E 122 -25.65 -7.11 38.75
CA PRO E 122 -24.58 -6.71 39.66
C PRO E 122 -24.95 -5.52 40.53
N TYR E 123 -24.00 -5.04 41.33
CA TYR E 123 -24.29 -3.92 42.23
C TYR E 123 -24.38 -2.60 41.48
N HIS E 124 -23.51 -2.38 40.50
CA HIS E 124 -23.40 -1.06 39.90
C HIS E 124 -24.66 -0.63 39.17
N LEU E 125 -25.55 -1.57 38.84
CA LEU E 125 -26.78 -1.22 38.17
C LEU E 125 -27.75 -0.46 39.07
N PHE E 126 -27.55 -0.50 40.38
CA PHE E 126 -28.48 0.13 41.31
C PHE E 126 -27.77 1.05 42.30
N CYS E 127 -26.52 1.43 42.03
CA CYS E 127 -25.79 2.34 42.88
C CYS E 127 -25.81 3.77 42.37
N ILE E 128 -26.64 4.05 41.36
CA ILE E 128 -26.80 5.40 40.86
C ILE E 128 -28.14 5.46 40.13
N ASN E 129 -28.74 6.65 40.12
CA ASN E 129 -29.97 6.85 39.37
C ASN E 129 -29.65 6.85 37.88
N ILE E 130 -29.77 5.67 37.26
CA ILE E 130 -29.27 5.49 35.90
C ILE E 130 -29.90 6.45 34.90
N PRO E 131 -31.22 6.68 34.90
CA PRO E 131 -31.78 7.63 33.93
C PRO E 131 -31.21 9.04 34.00
N LYS E 132 -30.67 9.47 35.14
CA LYS E 132 -30.17 10.83 35.30
C LYS E 132 -28.69 10.97 34.96
N VAL E 133 -28.01 9.87 34.59
CA VAL E 133 -26.64 9.98 34.13
C VAL E 133 -26.60 10.78 32.84
N SER E 134 -25.58 11.65 32.72
CA SER E 134 -25.48 12.50 31.53
C SER E 134 -25.21 11.70 30.26
N ALA E 135 -24.33 10.70 30.33
CA ALA E 135 -23.89 9.98 29.14
C ALA E 135 -24.98 9.11 28.53
N ILE E 136 -26.06 8.85 29.25
CA ILE E 136 -27.09 7.91 28.83
C ILE E 136 -28.21 8.69 28.15
N PRO E 137 -28.52 8.42 26.88
CA PRO E 137 -29.62 9.13 26.22
C PRO E 137 -30.94 8.79 26.87
N LYS E 138 -32.00 9.39 26.35
CA LYS E 138 -33.32 9.17 26.96
C LYS E 138 -33.96 7.93 26.34
N HIS E 139 -34.16 6.91 27.15
CA HIS E 139 -34.79 5.66 26.73
C HIS E 139 -36.26 5.66 27.11
N LYS E 140 -37.06 4.98 26.29
CA LYS E 140 -38.49 4.89 26.55
C LYS E 140 -39.00 3.62 25.91
N LEU E 141 -40.01 3.00 26.52
CA LEU E 141 -40.60 1.79 25.97
C LEU E 141 -41.82 2.17 25.15
N ILE E 142 -41.89 1.66 23.92
CA ILE E 142 -43.04 1.93 23.09
C ILE E 142 -43.92 0.69 23.04
N THR E 143 -45.21 0.90 22.81
CA THR E 143 -46.16 -0.21 22.79
C THR E 143 -45.95 -1.05 21.55
N GLN E 144 -46.52 -2.26 21.57
CA GLN E 144 -46.44 -3.13 20.41
C GLN E 144 -47.16 -2.52 19.21
N GLU E 145 -48.23 -1.76 19.44
CA GLU E 145 -48.99 -1.20 18.34
C GLU E 145 -48.23 -0.08 17.63
N GLU E 146 -47.61 0.82 18.40
CA GLU E 146 -46.82 1.89 17.79
C GLU E 146 -45.63 1.31 17.03
N ALA E 147 -44.97 0.31 17.60
CA ALA E 147 -43.87 -0.35 16.90
C ALA E 147 -44.35 -1.04 15.64
N GLN E 148 -45.53 -1.68 15.70
CA GLN E 148 -46.04 -2.35 14.51
C GLN E 148 -46.35 -1.35 13.40
N GLU E 149 -46.92 -0.21 13.73
CA GLU E 149 -47.20 0.77 12.68
C GLU E 149 -45.91 1.38 12.15
N PHE E 150 -44.90 1.59 13.01
CA PHE E 150 -43.61 2.08 12.55
C PHE E 150 -42.98 1.10 11.57
N LEU E 151 -42.98 -0.19 11.94
CA LEU E 151 -42.37 -1.21 11.08
C LEU E 151 -43.15 -1.40 9.80
N GLY E 152 -44.48 -1.29 9.85
CA GLY E 152 -45.26 -1.38 8.64
C GLY E 152 -45.02 -0.24 7.68
N ARG E 153 -44.86 0.98 8.21
CA ARG E 153 -44.48 2.09 7.35
C ARG E 153 -43.08 1.90 6.78
N GLU E 154 -42.18 1.32 7.56
CA GLU E 154 -40.80 1.16 7.15
C GLU E 154 -40.53 -0.14 6.39
N TYR E 155 -41.51 -1.01 6.26
CA TYR E 155 -41.35 -2.32 5.63
C TYR E 155 -40.21 -3.11 6.29
N LEU E 156 -40.20 -3.10 7.61
CA LEU E 156 -39.16 -3.74 8.38
C LEU E 156 -39.72 -4.86 9.22
N GLN E 157 -38.91 -5.85 9.46
CA GLN E 157 -39.16 -6.87 10.46
C GLN E 157 -38.42 -6.51 11.74
N PRO E 158 -38.90 -6.96 12.90
CA PRO E 158 -38.22 -6.61 14.16
C PRO E 158 -36.78 -7.05 14.22
N GLN E 159 -36.37 -8.03 13.41
CA GLN E 159 -34.99 -8.48 13.36
C GLN E 159 -34.10 -7.56 12.53
N ASP E 160 -34.68 -6.67 11.74
CA ASP E 160 -33.90 -5.73 10.94
C ASP E 160 -33.44 -4.51 11.74
N LEU E 161 -34.01 -4.27 12.91
CA LEU E 161 -33.64 -3.14 13.73
C LEU E 161 -32.30 -3.39 14.42
N MET E 162 -31.68 -2.30 14.90
CA MET E 162 -30.63 -2.46 15.88
C MET E 162 -31.23 -2.98 17.17
N GLN E 163 -30.43 -3.69 17.94
CA GLN E 163 -30.96 -4.39 19.10
C GLN E 163 -30.23 -3.97 20.36
N ILE E 164 -30.93 -4.10 21.48
CA ILE E 164 -30.42 -3.71 22.78
C ILE E 164 -30.71 -4.84 23.75
N SER E 165 -29.74 -5.13 24.61
CA SER E 165 -29.90 -6.23 25.55
C SER E 165 -30.93 -5.88 26.61
N ALA E 166 -31.65 -6.91 27.08
CA ALA E 166 -32.61 -6.70 28.15
C ALA E 166 -31.92 -6.40 29.48
N SER E 167 -30.62 -6.65 29.58
CA SER E 167 -29.85 -6.33 30.77
C SER E 167 -29.05 -5.04 30.60
N ASP E 168 -29.37 -4.25 29.60
CA ASP E 168 -28.81 -2.92 29.46
C ASP E 168 -29.35 -2.03 30.57
N PRO E 169 -28.51 -1.26 31.25
CA PRO E 169 -28.95 -0.57 32.48
C PRO E 169 -30.20 0.26 32.29
N PRO E 170 -30.32 1.09 31.23
CA PRO E 170 -31.57 1.83 31.06
C PRO E 170 -32.76 0.93 30.75
N VAL E 171 -32.56 -0.16 30.03
CA VAL E 171 -33.63 -1.10 29.76
C VAL E 171 -34.02 -1.85 31.03
N VAL E 172 -33.07 -2.12 31.92
CA VAL E 172 -33.41 -2.70 33.22
C VAL E 172 -34.25 -1.72 34.02
N TRP E 173 -33.86 -0.46 34.04
CA TRP E 173 -34.63 0.52 34.80
C TRP E 173 -36.00 0.75 34.19
N LEU E 174 -36.15 0.56 32.89
CA LEU E 174 -37.47 0.67 32.27
C LEU E 174 -38.32 -0.57 32.51
N GLY E 175 -37.70 -1.74 32.62
CA GLY E 175 -38.45 -2.97 32.71
C GLY E 175 -38.68 -3.56 31.35
N GLY E 176 -37.68 -3.47 30.48
CA GLY E 176 -37.80 -3.95 29.13
C GLY E 176 -37.60 -5.45 29.03
N ARG E 177 -38.58 -6.11 28.55
CA ARG E 177 -38.59 -7.54 28.32
C ARG E 177 -38.21 -7.84 26.88
N PRO E 178 -37.58 -8.97 26.61
CA PRO E 178 -37.26 -9.32 25.22
C PRO E 178 -38.51 -9.37 24.36
N GLY E 179 -38.38 -8.84 23.16
CA GLY E 179 -39.51 -8.71 22.26
C GLY E 179 -40.15 -7.34 22.28
N ASP E 180 -39.80 -6.48 23.22
CA ASP E 180 -40.30 -5.12 23.25
C ASP E 180 -39.38 -4.20 22.45
N PHE E 181 -39.87 -2.99 22.21
CA PHE E 181 -39.13 -1.98 21.48
C PHE E 181 -38.90 -0.77 22.37
N VAL E 182 -37.67 -0.27 22.34
CA VAL E 182 -37.27 0.89 23.11
C VAL E 182 -36.90 2.01 22.14
N GLN E 183 -37.62 3.12 22.21
CA GLN E 183 -37.28 4.32 21.46
C GLN E 183 -36.28 5.14 22.26
N ILE E 184 -35.18 5.51 21.61
CA ILE E 184 -34.08 6.23 22.23
C ILE E 184 -33.95 7.58 21.55
N GLU E 185 -33.93 8.64 22.36
CA GLU E 185 -33.69 9.99 21.91
C GLU E 185 -32.28 10.37 22.31
N ARG E 186 -31.42 10.63 21.33
CA ARG E 186 -30.02 10.85 21.63
C ARG E 186 -29.52 12.16 21.04
N PRO E 187 -28.56 12.81 21.71
CA PRO E 187 -27.97 14.01 21.15
C PRO E 187 -27.17 13.69 19.88
N SER E 188 -27.24 14.61 18.93
CA SER E 188 -26.52 14.45 17.68
C SER E 188 -25.75 15.73 17.43
N GLU E 189 -24.51 15.59 16.98
CA GLU E 189 -23.71 16.74 16.62
C GLU E 189 -23.89 17.14 15.17
N THR E 190 -24.77 16.46 14.44
CA THR E 190 -25.08 16.80 13.06
C THR E 190 -26.51 17.28 12.86
N ALA E 191 -27.48 16.70 13.57
CA ALA E 191 -28.88 17.09 13.45
C ALA E 191 -29.43 17.68 14.74
N MET E 192 -28.59 17.84 15.75
CA MET E 192 -28.86 18.39 17.08
C MET E 192 -29.64 17.43 17.97
N HIS E 193 -30.31 16.43 17.41
CA HIS E 193 -30.81 15.28 18.16
C HIS E 193 -31.50 14.34 17.19
N ALA E 194 -31.51 13.06 17.56
CA ALA E 194 -31.98 11.99 16.69
C ALA E 194 -32.81 11.01 17.51
N VAL E 195 -33.65 10.25 16.82
CA VAL E 195 -34.48 9.23 17.43
C VAL E 195 -34.21 7.91 16.73
N VAL E 196 -33.95 6.86 17.50
CA VAL E 196 -33.88 5.50 16.97
C VAL E 196 -34.81 4.61 17.76
N ILE E 197 -35.06 3.43 17.20
CA ILE E 197 -35.87 2.42 17.87
C ILE E 197 -35.07 1.11 17.86
N ARG E 198 -34.87 0.53 19.02
CA ARG E 198 -34.12 -0.70 19.17
C ARG E 198 -35.03 -1.81 19.64
N PHE E 199 -34.63 -3.04 19.32
CA PHE E 199 -35.40 -4.24 19.61
C PHE E 199 -34.74 -4.95 20.78
N ILE E 200 -35.48 -5.15 21.86
CA ILE E 200 -34.91 -5.72 23.07
C ILE E 200 -34.70 -7.21 22.88
N THR E 201 -33.45 -7.66 23.01
CA THR E 201 -33.10 -9.06 22.92
C THR E 201 -33.00 -9.66 24.32
N LYS E 202 -32.51 -10.90 24.39
CA LYS E 202 -32.38 -11.59 25.66
C LYS E 202 -31.22 -11.02 26.46
N SER E 203 -31.29 -11.20 27.78
CA SER E 203 -30.35 -10.60 28.70
C SER E 203 -29.02 -11.34 28.68
N LYS E 204 -28.00 -10.72 29.29
CA LYS E 204 -26.69 -11.36 29.36
C LYS E 204 -26.75 -12.66 30.16
N ILE E 205 -27.47 -12.66 31.27
CA ILE E 205 -27.65 -13.86 32.07
C ILE E 205 -29.12 -14.12 32.28
N MET F 1 33.06 15.37 -24.32
CA MET F 1 34.40 14.82 -24.31
C MET F 1 35.42 15.88 -24.67
N LEU F 2 34.92 17.06 -25.07
CA LEU F 2 35.76 18.18 -25.44
C LEU F 2 35.06 19.46 -25.00
N ILE F 3 35.74 20.59 -25.15
CA ILE F 3 35.04 21.87 -25.00
C ILE F 3 34.06 22.02 -26.14
N PRO F 4 32.80 22.35 -25.88
CA PRO F 4 31.79 22.35 -26.95
C PRO F 4 32.09 23.38 -28.02
N VAL F 5 31.53 23.13 -29.19
CA VAL F 5 31.74 24.01 -30.34
C VAL F 5 31.16 25.39 -30.04
N VAL F 6 29.99 25.43 -29.43
CA VAL F 6 29.33 26.67 -29.06
C VAL F 6 28.99 26.59 -27.58
N CYS F 7 28.80 27.76 -26.98
CA CYS F 7 28.34 27.81 -25.59
C CYS F 7 26.99 27.13 -25.49
N PHE F 8 26.85 26.25 -24.47
CA PHE F 8 25.59 25.54 -24.28
C PHE F 8 24.44 26.48 -24.04
N THR F 9 24.70 27.65 -23.45
CA THR F 9 23.65 28.54 -22.98
C THR F 9 23.22 29.54 -24.03
N CYS F 10 24.17 30.23 -24.68
CA CYS F 10 23.84 31.29 -25.61
C CYS F 10 24.18 30.99 -27.05
N GLY F 11 25.11 30.08 -27.31
CA GLY F 11 25.45 29.72 -28.66
C GLY F 11 26.61 30.47 -29.27
N PHE F 12 27.34 31.25 -28.49
CA PHE F 12 28.52 31.91 -29.00
C PHE F 12 29.57 30.86 -29.38
N PRO F 13 30.29 31.05 -30.49
CA PRO F 13 31.25 30.04 -30.92
C PRO F 13 32.45 29.93 -29.99
N ILE F 14 32.37 29.28 -28.86
CA ILE F 14 33.50 29.21 -27.96
C ILE F 14 34.46 28.17 -28.46
N GLY F 15 34.04 27.26 -29.33
CA GLY F 15 34.95 26.22 -29.75
C GLY F 15 36.09 26.68 -30.63
N THR F 16 35.89 27.73 -31.41
CA THR F 16 36.94 28.17 -32.31
C THR F 16 38.19 28.65 -31.57
N TYR F 17 38.08 28.93 -30.28
CA TYR F 17 39.22 29.30 -29.45
C TYR F 17 39.55 28.22 -28.42
N ALA F 18 38.83 27.11 -28.43
CA ALA F 18 39.01 26.11 -27.38
C ALA F 18 40.41 25.53 -27.41
N ALA F 19 40.84 25.04 -28.56
CA ALA F 19 42.15 24.40 -28.66
C ALA F 19 43.25 25.32 -28.15
N ILE F 20 43.32 26.53 -28.70
CA ILE F 20 44.30 27.50 -28.24
C ILE F 20 44.15 27.70 -26.74
N PHE F 21 42.91 27.93 -26.27
CA PHE F 21 42.71 28.19 -24.86
C PHE F 21 43.26 27.06 -24.01
N ASP F 22 43.11 25.82 -24.47
CA ASP F 22 43.68 24.72 -23.70
C ASP F 22 45.18 24.89 -23.57
N LYS F 23 45.87 24.96 -24.71
CA LYS F 23 47.32 24.94 -24.70
C LYS F 23 47.85 26.15 -23.95
N ALA F 24 47.38 27.34 -24.32
CA ALA F 24 47.77 28.54 -23.60
C ALA F 24 47.55 28.38 -22.11
N ARG F 25 46.36 27.89 -21.71
CA ARG F 25 46.09 27.75 -20.29
C ARG F 25 47.17 26.93 -19.62
N THR F 26 47.51 25.78 -20.22
CA THR F 26 48.54 24.93 -19.63
C THR F 26 49.82 25.72 -19.43
N GLU F 27 50.28 26.39 -20.49
CA GLU F 27 51.52 27.15 -20.37
C GLU F 27 51.40 28.20 -19.28
N TYR F 28 50.27 28.90 -19.23
CA TYR F 28 50.10 29.93 -18.22
C TYR F 28 50.26 29.35 -16.83
N ILE F 29 49.66 28.18 -16.58
CA ILE F 29 49.77 27.62 -15.25
C ILE F 29 51.22 27.22 -14.97
N LYS F 30 51.94 26.69 -15.96
CA LYS F 30 53.34 26.39 -15.71
C LYS F 30 54.16 27.63 -15.38
N THR F 31 53.71 28.81 -15.81
CA THR F 31 54.41 30.02 -15.41
C THR F 31 54.15 30.35 -13.95
N LYS F 32 52.93 30.09 -13.47
CA LYS F 32 52.56 30.48 -12.11
C LYS F 32 52.98 29.47 -11.06
N MET F 33 53.39 28.26 -11.47
CA MET F 33 53.82 27.26 -10.50
C MET F 33 55.32 27.24 -10.30
N GLY F 34 56.08 27.27 -11.39
CA GLY F 34 57.53 27.30 -11.29
C GLY F 34 58.18 25.94 -11.40
N GLY F 35 57.75 25.13 -12.35
CA GLY F 35 58.44 23.88 -12.65
C GLY F 35 58.31 22.83 -11.57
N THR F 36 57.11 22.28 -11.40
CA THR F 36 56.85 21.27 -10.40
C THR F 36 56.42 19.96 -11.06
N LEU F 37 56.57 18.87 -10.33
CA LEU F 37 56.11 17.57 -10.80
C LEU F 37 54.61 17.62 -11.06
N PRO F 38 54.13 16.96 -12.11
CA PRO F 38 52.68 17.01 -12.42
C PRO F 38 51.79 16.56 -11.29
N GLN F 39 52.22 15.62 -10.45
CA GLN F 39 51.43 15.26 -9.28
C GLN F 39 51.68 16.19 -8.11
N ASN F 40 52.90 16.72 -7.97
CA ASN F 40 53.18 17.67 -6.89
C ASN F 40 52.50 19.00 -7.10
N ILE F 41 51.92 19.24 -8.28
CA ILE F 41 51.04 20.37 -8.50
C ILE F 41 49.65 19.95 -8.05
N PRO F 42 49.17 20.42 -6.89
CA PRO F 42 47.84 20.00 -6.45
C PRO F 42 46.76 20.50 -7.39
N LEU F 43 45.71 19.69 -7.54
CA LEU F 43 44.62 20.05 -8.44
C LEU F 43 43.92 21.32 -7.97
N ASP F 44 43.69 21.46 -6.66
CA ASP F 44 42.98 22.63 -6.15
C ASP F 44 43.76 23.92 -6.36
N ALA F 45 45.08 23.86 -6.49
CA ALA F 45 45.88 25.07 -6.68
C ALA F 45 45.97 25.48 -8.13
N SER F 46 45.84 24.53 -9.06
CA SER F 46 45.85 24.86 -10.48
C SER F 46 44.58 25.57 -10.91
N LEU F 47 43.47 25.36 -10.22
CA LEU F 47 42.21 26.00 -10.56
C LEU F 47 42.05 27.40 -10.00
N GLN F 48 42.90 27.80 -9.06
CA GLN F 48 42.81 29.13 -8.48
C GLN F 48 43.56 30.19 -9.29
N ILE F 49 44.24 29.80 -10.37
CA ILE F 49 44.87 30.78 -11.23
C ILE F 49 43.80 31.47 -12.06
N GLU F 50 43.83 32.80 -12.07
CA GLU F 50 42.81 33.57 -12.75
C GLU F 50 43.05 33.54 -14.25
N LEU F 51 42.06 33.04 -15.00
CA LEU F 51 42.13 32.95 -16.44
C LEU F 51 41.37 34.08 -17.13
N LYS F 52 40.98 35.11 -16.38
CA LYS F 52 40.14 36.17 -16.92
C LYS F 52 40.82 36.89 -18.07
N ASP F 53 42.07 37.31 -17.87
CA ASP F 53 42.77 38.08 -18.89
C ASP F 53 43.12 37.22 -20.10
N LEU F 54 43.41 35.94 -19.88
CA LEU F 54 43.68 35.05 -21.00
C LEU F 54 42.46 34.88 -21.90
N ILE F 55 41.30 34.65 -21.29
CA ILE F 55 40.07 34.51 -22.05
C ILE F 55 39.72 35.81 -22.76
N THR F 56 39.95 36.95 -22.10
CA THR F 56 39.75 38.22 -22.78
C THR F 56 40.69 38.37 -23.97
N ALA F 57 41.93 37.93 -23.84
CA ALA F 57 42.87 37.98 -24.96
C ALA F 57 42.46 37.07 -26.10
N LEU F 58 41.68 36.02 -25.82
CA LEU F 58 41.16 35.20 -26.91
C LEU F 58 40.10 35.92 -27.72
N GLY F 59 39.56 37.03 -27.23
CA GLY F 59 38.47 37.70 -27.91
C GLY F 59 37.09 37.25 -27.50
N ILE F 60 36.96 36.56 -26.37
CA ILE F 60 35.69 36.06 -25.88
C ILE F 60 35.05 37.11 -24.97
N PRO F 61 33.75 37.35 -25.07
CA PRO F 61 33.14 38.40 -24.26
C PRO F 61 33.13 38.08 -22.78
N MET F 62 32.61 39.00 -21.97
CA MET F 62 32.57 38.83 -20.51
C MET F 62 31.30 38.15 -20.07
N ARG F 63 30.76 37.26 -20.90
CA ARG F 63 29.54 36.55 -20.58
C ARG F 63 29.80 35.46 -19.56
N VAL F 64 28.91 35.33 -18.58
CA VAL F 64 29.07 34.34 -17.53
C VAL F 64 29.06 32.94 -18.12
N CYS F 65 28.12 32.67 -19.03
CA CYS F 65 27.92 31.33 -19.55
C CYS F 65 29.10 30.86 -20.38
N CYS F 66 29.58 31.70 -21.27
CA CYS F 66 30.66 31.30 -22.18
C CYS F 66 31.92 30.96 -21.42
N ARG F 67 32.27 31.80 -20.46
CA ARG F 67 33.48 31.56 -19.67
C ARG F 67 33.30 30.39 -18.73
N THR F 68 32.11 30.20 -18.18
CA THR F 68 31.85 29.01 -17.38
C THR F 68 32.12 27.74 -18.19
N HIS F 69 31.52 27.64 -19.37
CA HIS F 69 31.66 26.43 -20.17
C HIS F 69 33.05 26.27 -20.76
N LEU F 70 33.75 27.37 -20.99
CA LEU F 70 35.12 27.28 -21.49
C LEU F 70 36.08 26.82 -20.39
N ILE F 71 35.87 27.30 -19.16
CA ILE F 71 36.81 27.03 -18.08
C ILE F 71 36.58 25.64 -17.49
N THR F 72 35.32 25.22 -17.37
CA THR F 72 35.02 24.06 -16.56
C THR F 72 34.78 22.77 -17.35
N THR F 73 34.84 22.80 -18.68
CA THR F 73 34.50 21.61 -19.44
C THR F 73 35.66 20.63 -19.44
N LEU F 74 35.35 19.37 -19.13
CA LEU F 74 36.37 18.32 -18.99
C LEU F 74 36.77 17.76 -20.35
N ASP F 75 38.06 17.65 -20.58
CA ASP F 75 38.57 17.05 -21.80
C ASP F 75 38.78 15.57 -21.59
N TYR F 76 38.24 14.75 -22.50
CA TYR F 76 38.35 13.30 -22.40
C TYR F 76 39.73 12.80 -22.73
N ARG F 77 40.52 13.57 -23.49
CA ARG F 77 41.87 13.16 -23.83
C ARG F 77 42.82 13.21 -22.64
N LYS F 78 42.39 13.78 -21.52
CA LYS F 78 43.18 13.81 -20.29
C LYS F 78 42.66 12.85 -19.24
N TYR F 79 41.64 12.05 -19.55
CA TYR F 79 41.08 11.07 -18.63
C TYR F 79 41.07 9.66 -19.22
N TYR F 80 41.83 9.41 -20.28
CA TYR F 80 41.79 8.13 -20.95
C TYR F 80 42.99 7.96 -21.87
N GLY G 47 19.77 1.71 47.01
CA GLY G 47 20.28 3.03 46.70
C GLY G 47 21.43 3.01 45.71
N GLU G 48 22.01 4.19 45.45
CA GLU G 48 23.13 4.31 44.53
C GLU G 48 24.28 4.96 45.28
N MET G 49 25.35 5.24 44.53
CA MET G 49 26.61 5.84 45.01
C MET G 49 27.43 4.81 45.78
N GLU G 50 26.85 3.64 46.09
CA GLU G 50 27.51 2.68 46.97
C GLU G 50 28.06 1.49 46.20
N ASP G 51 27.22 0.78 45.43
CA ASP G 51 27.68 -0.38 44.69
C ASP G 51 27.23 -0.32 43.24
N LYS G 52 26.08 0.29 43.00
CA LYS G 52 25.61 0.44 41.62
C LYS G 52 26.59 1.26 40.78
N TYR G 53 27.41 2.10 41.42
CA TYR G 53 28.41 2.85 40.66
C TYR G 53 29.74 2.98 41.40
N LYS G 54 30.09 2.07 42.31
CA LYS G 54 31.32 2.23 43.08
C LYS G 54 32.55 2.15 42.19
N ILE G 55 32.61 1.17 41.29
CA ILE G 55 33.74 1.03 40.41
C ILE G 55 33.86 2.26 39.51
N PHE G 56 32.74 2.69 38.94
CA PHE G 56 32.76 3.86 38.08
C PHE G 56 33.22 5.11 38.84
N ILE G 57 32.74 5.28 40.07
CA ILE G 57 33.13 6.45 40.85
C ILE G 57 34.62 6.43 41.17
N LYS G 58 35.14 5.26 41.56
CA LYS G 58 36.56 5.19 41.86
C LYS G 58 37.42 5.36 40.62
N ASN G 59 36.91 4.97 39.45
CA ASN G 59 37.63 5.14 38.20
C ASN G 59 37.41 6.50 37.56
N ALA G 60 36.48 7.29 38.08
CA ALA G 60 36.16 8.57 37.46
C ALA G 60 37.35 9.52 37.35
N PRO G 61 38.19 9.74 38.37
CA PRO G 61 39.29 10.70 38.22
C PRO G 61 40.32 10.30 37.18
N PHE G 62 40.20 9.11 36.58
CA PHE G 62 41.14 8.64 35.59
C PHE G 62 40.52 8.49 34.21
N ASP G 63 39.21 8.41 34.11
CA ASP G 63 38.55 8.36 32.82
C ASP G 63 38.71 9.71 32.14
N PRO G 64 39.32 9.77 30.95
CA PRO G 64 39.55 11.08 30.31
C PRO G 64 38.30 11.67 29.67
N THR G 65 37.21 10.92 29.58
CA THR G 65 35.98 11.41 28.98
C THR G 65 35.01 11.97 29.99
N ASN G 66 35.46 12.22 31.22
CA ASN G 66 34.60 12.75 32.27
C ASN G 66 34.67 14.28 32.31
N CYS G 67 33.61 14.88 32.82
CA CYS G 67 33.50 16.34 32.86
C CYS G 67 34.27 16.87 34.06
N GLN G 68 35.20 17.77 33.80
CA GLN G 68 35.96 18.41 34.86
C GLN G 68 35.31 19.74 35.25
N ILE G 69 35.49 20.11 36.51
CA ILE G 69 34.94 21.36 37.06
C ILE G 69 36.11 22.17 37.62
N LYS G 70 36.10 23.46 37.31
CA LYS G 70 37.11 24.39 37.83
C LYS G 70 36.78 24.67 39.29
N LYS G 71 37.21 23.79 40.19
CA LYS G 71 37.00 23.98 41.62
C LYS G 71 38.17 23.36 42.36
N ASP G 72 38.69 24.06 43.35
CA ASP G 72 39.86 23.61 44.07
C ASP G 72 39.54 22.38 44.91
N CYS G 73 40.57 21.57 45.16
CA CYS G 73 40.50 20.35 45.96
C CYS G 73 40.97 20.61 47.39
N PRO G 74 40.29 20.06 48.40
CA PRO G 74 40.75 20.25 49.77
C PRO G 74 41.91 19.34 50.15
N ASN G 75 41.94 18.12 49.61
CA ASN G 75 42.95 17.16 50.03
C ASN G 75 44.32 17.47 49.44
N CYS G 76 44.44 17.42 48.11
CA CYS G 76 45.71 17.60 47.44
C CYS G 76 45.89 19.00 46.87
N HIS G 77 44.93 19.90 47.08
CA HIS G 77 44.98 21.27 46.59
C HIS G 77 45.26 21.30 45.08
N LEU G 78 44.39 20.65 44.35
CA LEU G 78 44.44 20.60 42.89
C LEU G 78 43.41 21.55 42.32
N ASP G 79 43.72 22.12 41.17
CA ASP G 79 42.92 23.22 40.64
C ASP G 79 41.56 22.72 40.14
N TYR G 80 41.48 21.49 39.66
CA TYR G 80 40.28 20.96 39.02
C TYR G 80 39.80 19.72 39.77
N LEU G 81 38.51 19.43 39.62
CA LEU G 81 37.90 18.21 40.12
C LEU G 81 37.04 17.60 39.02
N THR G 82 36.68 16.34 39.19
CA THR G 82 35.90 15.61 38.20
C THR G 82 34.47 15.52 38.69
N GLN G 83 33.52 15.99 37.89
CA GLN G 83 32.12 15.95 38.29
C GLN G 83 31.39 14.82 37.60
N ILE G 84 30.63 14.05 38.38
CA ILE G 84 29.78 12.99 37.83
C ILE G 84 28.37 13.17 38.36
N CYS G 85 27.40 12.97 37.48
CA CYS G 85 25.99 13.19 37.77
C CYS G 85 25.25 11.86 37.55
N ILE G 86 25.09 11.09 38.62
CA ILE G 86 24.58 9.73 38.50
C ILE G 86 23.13 9.66 38.95
N GLY G 87 22.40 8.72 38.35
CA GLY G 87 21.06 8.40 38.78
C GLY G 87 20.01 9.35 38.24
N SER G 88 18.75 8.98 38.52
CA SER G 88 17.61 9.81 38.13
C SER G 88 17.37 10.96 39.10
N GLN G 89 17.96 10.92 40.29
CA GLN G 89 17.96 12.09 41.17
C GLN G 89 19.09 13.05 40.84
N LYS G 90 19.94 12.71 39.87
CA LYS G 90 21.03 13.55 39.41
C LYS G 90 21.92 13.97 40.58
N ILE G 91 22.55 12.98 41.18
CA ILE G 91 23.47 13.24 42.28
C ILE G 91 24.81 13.67 41.72
N ILE G 92 25.33 14.78 42.22
CA ILE G 92 26.59 15.35 41.77
C ILE G 92 27.68 14.94 42.74
N ILE G 93 28.76 14.36 42.22
CA ILE G 93 29.93 13.98 43.01
C ILE G 93 31.15 14.60 42.40
N LEU G 94 31.99 15.22 43.23
CA LEU G 94 33.26 15.77 42.80
C LEU G 94 34.37 14.86 43.32
N VAL G 95 35.02 14.14 42.41
CA VAL G 95 36.05 13.17 42.77
C VAL G 95 37.39 13.72 42.27
N CYS G 96 38.45 13.34 42.97
CA CYS G 96 39.80 13.75 42.61
C CYS G 96 40.72 12.54 42.54
N ARG G 97 41.79 12.69 41.78
CA ARG G 97 42.77 11.61 41.62
C ARG G 97 43.42 11.24 42.95
N CYS G 98 43.52 12.20 43.87
CA CYS G 98 44.10 11.93 45.19
C CYS G 98 43.21 11.04 46.04
N GLY G 99 41.98 10.78 45.61
CA GLY G 99 41.03 10.01 46.40
C GLY G 99 39.95 10.84 47.04
N TYR G 100 39.99 12.16 46.93
CA TYR G 100 38.95 13.00 47.51
C TYR G 100 37.59 12.68 46.91
N MET G 101 36.56 12.75 47.73
CA MET G 101 35.20 12.44 47.30
C MET G 101 34.22 13.24 48.16
N SER G 102 33.27 13.89 47.52
CA SER G 102 32.24 14.61 48.24
C SER G 102 31.17 13.63 48.73
N ASN G 103 30.27 14.15 49.56
CA ASN G 103 29.26 13.33 50.25
C ASN G 103 29.91 12.27 51.12
N ARG G 104 31.08 12.62 51.69
CA ARG G 104 31.80 11.78 52.63
C ARG G 104 32.13 10.41 52.03
N GLY G 105 33.02 10.42 51.05
CA GLY G 105 33.49 9.19 50.43
C GLY G 105 34.99 9.01 50.54
N MET H 1 -49.62 -38.52 -25.38
CA MET H 1 -50.91 -37.87 -25.61
C MET H 1 -50.70 -36.45 -26.14
N ILE H 2 -51.69 -35.60 -25.91
CA ILE H 2 -51.60 -34.19 -26.27
C ILE H 2 -52.40 -33.39 -25.26
N ASP H 3 -51.75 -32.43 -24.60
CA ASP H 3 -52.43 -31.67 -23.56
C ASP H 3 -51.76 -30.31 -23.42
N GLN H 4 -52.08 -29.61 -22.35
CA GLN H 4 -51.57 -28.28 -22.06
C GLN H 4 -50.44 -28.38 -21.03
N LYS H 5 -49.45 -27.50 -21.16
CA LYS H 5 -48.38 -27.42 -20.19
C LYS H 5 -47.99 -25.96 -20.01
N ILE H 6 -47.73 -25.57 -18.78
CA ILE H 6 -47.35 -24.20 -18.45
C ILE H 6 -45.84 -24.17 -18.22
N PHE H 7 -45.16 -23.31 -18.96
CA PHE H 7 -43.71 -23.17 -18.95
C PHE H 7 -43.34 -21.79 -18.44
N GLU H 8 -42.14 -21.68 -17.90
CA GLU H 8 -41.55 -20.40 -17.50
C GLU H 8 -40.20 -20.26 -18.19
N THR H 9 -39.99 -19.10 -18.81
CA THR H 9 -38.73 -18.84 -19.49
C THR H 9 -38.34 -17.38 -19.26
N THR H 10 -37.09 -17.06 -19.55
CA THR H 10 -36.62 -15.69 -19.60
C THR H 10 -36.10 -15.42 -21.00
N LEU H 11 -36.70 -14.44 -21.68
CA LEU H 11 -36.29 -14.07 -23.02
C LEU H 11 -35.33 -12.89 -22.97
N ASN H 12 -34.28 -12.96 -23.77
CA ASN H 12 -33.39 -11.83 -23.98
C ASN H 12 -33.88 -11.01 -25.15
N ILE H 13 -33.96 -9.70 -24.96
CA ILE H 13 -34.40 -8.77 -25.99
C ILE H 13 -33.19 -7.97 -26.44
N ASP H 14 -32.84 -8.10 -27.72
CA ASP H 14 -31.67 -7.42 -28.26
C ASP H 14 -31.97 -5.98 -28.68
N ASP H 15 -33.24 -5.59 -28.74
CA ASP H 15 -33.62 -4.24 -29.13
C ASP H 15 -34.86 -3.86 -28.36
N PRO H 16 -34.71 -3.45 -27.09
CA PRO H 16 -35.90 -3.22 -26.27
C PRO H 16 -36.84 -2.16 -26.81
N THR H 17 -36.31 -1.10 -27.42
CA THR H 17 -37.16 -0.02 -27.91
C THR H 17 -38.10 -0.50 -28.99
N ASN H 18 -37.62 -1.35 -29.90
CA ASN H 18 -38.48 -1.93 -30.92
C ASN H 18 -39.42 -2.97 -30.32
N PHE H 19 -38.90 -3.83 -29.44
CA PHE H 19 -39.71 -4.90 -28.87
C PHE H 19 -40.92 -4.34 -28.13
N CYS H 20 -40.75 -3.22 -27.45
CA CYS H 20 -41.83 -2.68 -26.63
C CYS H 20 -42.89 -1.94 -27.43
N THR H 21 -42.69 -1.76 -28.75
CA THR H 21 -43.75 -1.14 -29.55
C THR H 21 -44.97 -2.04 -29.67
N ASN H 22 -44.78 -3.37 -29.63
CA ASN H 22 -45.89 -4.31 -29.55
C ASN H 22 -45.37 -5.52 -28.78
N VAL H 23 -45.58 -5.54 -27.47
CA VAL H 23 -45.00 -6.59 -26.64
C VAL H 23 -45.68 -7.93 -26.88
N GLU H 24 -47.00 -7.95 -27.04
CA GLU H 24 -47.72 -9.21 -27.19
C GLU H 24 -47.29 -9.94 -28.46
N ALA H 25 -47.29 -9.25 -29.60
CA ALA H 25 -46.97 -9.88 -30.87
C ALA H 25 -45.51 -10.33 -30.90
N HIS H 26 -44.60 -9.46 -30.48
CA HIS H 26 -43.19 -9.82 -30.45
C HIS H 26 -42.93 -10.98 -29.49
N LEU H 27 -43.63 -11.01 -28.37
CA LEU H 27 -43.45 -12.09 -27.40
C LEU H 27 -43.94 -13.42 -27.95
N LEU H 28 -45.11 -13.42 -28.60
CA LEU H 28 -45.58 -14.64 -29.25
C LEU H 28 -44.61 -15.09 -30.33
N LYS H 29 -44.12 -14.15 -31.14
CA LYS H 29 -43.18 -14.50 -32.21
C LYS H 29 -41.93 -15.14 -31.65
N GLU H 30 -41.36 -14.56 -30.60
CA GLU H 30 -40.11 -15.09 -30.05
C GLU H 30 -40.32 -16.43 -29.35
N LEU H 31 -41.42 -16.59 -28.61
CA LEU H 31 -41.70 -17.89 -28.03
C LEU H 31 -41.86 -18.96 -29.10
N GLU H 32 -42.57 -18.64 -30.18
CA GLU H 32 -42.74 -19.60 -31.27
C GLU H 32 -41.42 -19.91 -31.96
N ASN H 33 -40.57 -18.91 -32.15
CA ASN H 33 -39.29 -19.12 -32.79
C ASN H 33 -38.32 -19.91 -31.94
N ILE H 34 -38.46 -19.87 -30.62
CA ILE H 34 -37.53 -20.56 -29.73
C ILE H 34 -38.01 -21.96 -29.37
N TYR H 35 -39.29 -22.14 -29.09
CA TYR H 35 -39.74 -23.35 -28.42
C TYR H 35 -40.57 -24.30 -29.29
N VAL H 36 -41.15 -23.84 -30.38
CA VAL H 36 -42.02 -24.70 -31.19
C VAL H 36 -41.18 -25.79 -31.86
N GLY H 37 -41.57 -27.04 -31.67
CA GLY H 37 -40.88 -28.15 -32.28
C GLY H 37 -39.65 -28.63 -31.56
N LYS H 38 -39.53 -28.39 -30.26
CA LYS H 38 -38.35 -28.78 -29.50
C LYS H 38 -38.77 -29.39 -28.17
N CYS H 39 -37.82 -30.08 -27.54
CA CYS H 39 -38.03 -30.68 -26.24
C CYS H 39 -37.59 -29.71 -25.14
N PHE H 40 -38.42 -29.56 -24.12
CA PHE H 40 -38.08 -28.65 -23.02
C PHE H 40 -38.81 -29.10 -21.77
N LYS H 41 -38.03 -29.43 -20.72
CA LYS H 41 -38.56 -29.85 -19.42
C LYS H 41 -39.45 -31.09 -19.56
N ASN H 42 -38.85 -32.18 -20.05
CA ASN H 42 -39.49 -33.49 -20.10
C ASN H 42 -40.79 -33.45 -20.90
N SER H 43 -40.79 -32.68 -21.99
CA SER H 43 -41.98 -32.57 -22.82
C SER H 43 -41.56 -32.09 -24.20
N PHE H 44 -42.44 -32.30 -25.18
CA PHE H 44 -42.22 -31.87 -26.54
C PHE H 44 -43.27 -30.84 -26.91
N ILE H 45 -42.83 -29.65 -27.30
CA ILE H 45 -43.74 -28.53 -27.54
C ILE H 45 -44.28 -28.61 -28.97
N LEU H 46 -45.61 -28.47 -29.10
CA LEU H 46 -46.27 -28.44 -30.39
C LEU H 46 -46.73 -27.05 -30.79
N ASN H 47 -47.47 -26.38 -29.91
CA ASN H 47 -48.08 -25.10 -30.22
C ASN H 47 -47.96 -24.17 -29.01
N ILE H 48 -48.01 -22.88 -29.26
CA ILE H 48 -48.02 -21.88 -28.19
C ILE H 48 -49.45 -21.40 -28.02
N THR H 49 -50.12 -21.87 -26.97
CA THR H 49 -51.49 -21.44 -26.71
C THR H 49 -51.55 -19.97 -26.38
N GLY H 50 -50.69 -19.50 -25.49
CA GLY H 50 -50.69 -18.08 -25.19
C GLY H 50 -49.70 -17.76 -24.09
N VAL H 51 -49.68 -16.47 -23.73
CA VAL H 51 -48.84 -15.97 -22.64
C VAL H 51 -49.74 -15.68 -21.45
N ILE H 52 -49.61 -16.49 -20.39
CA ILE H 52 -50.42 -16.28 -19.20
C ILE H 52 -49.97 -15.03 -18.46
N GLN H 53 -48.66 -14.84 -18.31
CA GLN H 53 -48.15 -13.91 -17.33
C GLN H 53 -46.74 -13.50 -17.74
N ARG H 54 -46.46 -12.21 -17.69
CA ARG H 54 -45.15 -11.69 -18.08
C ARG H 54 -44.70 -10.63 -17.09
N SER H 55 -43.44 -10.23 -17.20
CA SER H 55 -42.83 -9.19 -16.41
C SER H 55 -42.54 -7.98 -17.28
N PRO H 56 -42.22 -6.83 -16.67
CA PRO H 56 -41.72 -5.71 -17.46
C PRO H 56 -40.43 -6.08 -18.19
N CYS H 57 -40.09 -5.27 -19.18
CA CYS H 57 -38.84 -5.47 -19.91
C CYS H 57 -37.72 -4.82 -19.10
N PHE H 58 -37.10 -5.61 -18.22
CA PHE H 58 -35.99 -5.12 -17.43
C PHE H 58 -34.76 -4.93 -18.31
N ILE H 59 -33.96 -3.95 -17.98
CA ILE H 59 -32.70 -3.71 -18.64
C ILE H 59 -31.62 -4.50 -17.92
N MET H 60 -30.83 -5.26 -18.66
CA MET H 60 -29.82 -6.12 -18.05
C MET H 60 -28.80 -5.27 -17.31
N ARG H 61 -28.46 -5.71 -16.11
CA ARG H 61 -27.75 -4.89 -15.15
C ARG H 61 -26.27 -5.23 -15.02
N THR H 62 -25.86 -6.44 -15.36
CA THR H 62 -24.50 -6.90 -15.12
C THR H 62 -23.59 -6.73 -16.34
N ASN H 63 -24.06 -6.06 -17.39
CA ASN H 63 -23.20 -5.74 -18.51
C ASN H 63 -23.70 -4.45 -19.16
N ASN H 64 -22.83 -3.85 -19.96
CA ASN H 64 -23.12 -2.55 -20.57
C ASN H 64 -23.74 -2.69 -21.94
N SER H 65 -24.51 -3.76 -22.18
CA SER H 65 -25.07 -4.03 -23.48
C SER H 65 -26.30 -3.19 -23.81
N GLY H 66 -26.99 -2.66 -22.80
CA GLY H 66 -28.21 -1.93 -23.05
C GLY H 66 -29.36 -2.79 -23.47
N ARG H 67 -29.28 -4.09 -23.25
CA ARG H 67 -30.24 -5.07 -23.73
C ARG H 67 -31.26 -5.35 -22.65
N GLY H 68 -32.37 -5.96 -23.04
CA GLY H 68 -33.44 -6.20 -22.10
C GLY H 68 -33.66 -7.67 -21.82
N TYR H 69 -34.48 -7.97 -20.82
CA TYR H 69 -34.91 -9.34 -20.60
C TYR H 69 -36.30 -9.32 -20.01
N MET H 70 -37.04 -10.38 -20.25
CA MET H 70 -38.44 -10.45 -19.83
C MET H 70 -38.77 -11.87 -19.40
N HIS H 71 -39.36 -12.00 -18.22
CA HIS H 71 -39.81 -13.29 -17.72
C HIS H 71 -41.20 -13.58 -18.25
N VAL H 72 -41.38 -14.76 -18.84
CA VAL H 72 -42.63 -15.16 -19.47
C VAL H 72 -43.09 -16.46 -18.82
N ARG H 73 -44.37 -16.50 -18.48
CA ARG H 73 -45.05 -17.74 -18.10
C ARG H 73 -46.09 -17.98 -19.18
N PHE H 74 -45.94 -19.06 -19.95
CA PHE H 74 -46.82 -19.27 -21.09
C PHE H 74 -47.42 -20.67 -21.07
N SER H 75 -48.51 -20.81 -21.80
CA SER H 75 -49.22 -22.07 -21.94
C SER H 75 -49.03 -22.59 -23.35
N ALA H 76 -48.60 -23.85 -23.46
CA ALA H 76 -48.26 -24.46 -24.74
C ALA H 76 -48.93 -25.82 -24.85
N VAL H 77 -49.45 -26.12 -26.04
CA VAL H 77 -49.92 -27.46 -26.35
C VAL H 77 -48.71 -28.34 -26.60
N VAL H 78 -48.55 -29.38 -25.77
CA VAL H 78 -47.42 -30.28 -25.83
C VAL H 78 -47.93 -31.71 -26.00
N SER H 79 -46.99 -32.62 -26.29
CA SER H 79 -47.31 -34.03 -26.51
C SER H 79 -46.31 -34.86 -25.71
N TYR H 80 -46.78 -35.46 -24.62
CA TYR H 80 -45.96 -36.34 -23.79
C TYR H 80 -46.33 -37.79 -24.07
N LEU H 81 -45.33 -38.58 -24.43
CA LEU H 81 -45.51 -40.02 -24.66
C LEU H 81 -45.37 -40.77 -23.35
N ASN H 82 -46.28 -41.72 -23.13
CA ASN H 82 -46.32 -42.50 -21.91
C ASN H 82 -45.45 -43.75 -22.07
N ALA H 83 -45.25 -44.44 -20.95
CA ALA H 83 -44.51 -45.70 -20.97
C ALA H 83 -45.32 -46.79 -21.64
N PHE H 84 -44.64 -47.62 -22.43
CA PHE H 84 -45.25 -48.74 -23.14
C PHE H 84 -46.45 -48.32 -23.99
N ASP H 85 -46.31 -47.20 -24.69
CA ASP H 85 -47.33 -46.75 -25.62
C ASP H 85 -47.18 -47.50 -26.95
N LEU H 86 -48.06 -47.18 -27.89
CA LEU H 86 -48.19 -47.96 -29.12
C LEU H 86 -48.33 -47.03 -30.32
N ILE H 87 -47.26 -46.91 -31.10
CA ILE H 87 -47.23 -46.11 -32.32
C ILE H 87 -47.50 -47.04 -33.49
N ALA H 88 -48.12 -46.51 -34.54
CA ALA H 88 -48.54 -47.33 -35.68
C ALA H 88 -47.65 -47.19 -36.91
N ALA H 89 -46.83 -46.13 -37.01
CA ALA H 89 -46.06 -45.90 -38.21
C ALA H 89 -44.65 -45.44 -37.86
N VAL H 90 -43.64 -46.16 -38.34
CA VAL H 90 -42.26 -45.74 -38.23
C VAL H 90 -41.52 -46.19 -39.49
N LYS H 91 -40.77 -45.28 -40.09
CA LYS H 91 -39.96 -45.58 -41.26
C LYS H 91 -38.55 -45.92 -40.80
N ILE H 92 -38.17 -47.19 -40.86
CA ILE H 92 -36.82 -47.57 -40.50
C ILE H 92 -35.86 -47.01 -41.54
N ILE H 93 -34.96 -46.15 -41.11
CA ILE H 93 -33.99 -45.52 -41.99
C ILE H 93 -32.62 -46.19 -41.88
N LYS H 94 -32.25 -46.66 -40.69
CA LYS H 94 -30.96 -47.30 -40.51
C LYS H 94 -31.16 -48.70 -39.97
N ASN H 95 -30.55 -49.68 -40.66
CA ASN H 95 -30.56 -51.07 -40.22
C ASN H 95 -29.11 -51.55 -40.26
N ASP H 96 -28.45 -51.47 -39.12
CA ASP H 96 -27.07 -51.90 -38.94
C ASP H 96 -27.04 -53.18 -38.11
N SER H 97 -25.82 -53.61 -37.77
CA SER H 97 -25.66 -54.77 -36.90
C SER H 97 -25.90 -54.42 -35.44
N ASN H 98 -25.62 -53.19 -35.03
CA ASN H 98 -25.64 -52.81 -33.63
C ASN H 98 -27.04 -52.39 -33.15
N ILE H 99 -27.67 -51.46 -33.87
CA ILE H 99 -28.99 -50.95 -33.51
C ILE H 99 -29.81 -50.76 -34.78
N ILE H 100 -31.12 -50.53 -34.61
CA ILE H 100 -32.03 -50.17 -35.70
C ILE H 100 -32.59 -48.80 -35.38
N LEU H 101 -32.56 -47.90 -36.37
CA LEU H 101 -33.01 -46.53 -36.22
C LEU H 101 -34.18 -46.27 -37.16
N GLY H 102 -35.33 -45.86 -36.59
CA GLY H 102 -36.46 -45.44 -37.38
C GLY H 102 -37.05 -44.15 -36.83
N GLU H 103 -37.92 -43.55 -37.63
CA GLU H 103 -38.57 -42.30 -37.27
C GLU H 103 -40.09 -42.45 -37.43
N SER H 104 -40.84 -41.94 -36.46
CA SER H 104 -42.29 -41.97 -36.54
C SER H 104 -42.79 -41.06 -37.67
N LEU H 105 -43.92 -41.43 -38.26
CA LEU H 105 -44.51 -40.67 -39.35
C LEU H 105 -45.77 -39.93 -38.92
N LEU H 106 -46.77 -40.65 -38.41
CA LEU H 106 -48.07 -40.02 -38.12
C LEU H 106 -47.96 -39.05 -36.96
N THR H 107 -47.38 -39.48 -35.85
CA THR H 107 -47.29 -38.64 -34.69
C THR H 107 -46.19 -37.59 -34.88
N GLU H 108 -45.90 -36.88 -33.80
CA GLU H 108 -44.93 -35.82 -33.85
C GLU H 108 -43.53 -36.41 -34.02
N PRO H 109 -42.57 -35.66 -34.59
CA PRO H 109 -41.23 -36.21 -34.84
C PRO H 109 -40.66 -36.96 -33.65
N VAL H 110 -40.43 -38.25 -33.84
CA VAL H 110 -39.93 -39.14 -32.80
C VAL H 110 -38.90 -40.07 -33.43
N THR H 111 -37.77 -40.26 -32.75
CA THR H 111 -36.76 -41.24 -33.16
C THR H 111 -36.90 -42.46 -32.26
N ILE H 112 -37.03 -43.63 -32.87
CA ILE H 112 -37.16 -44.90 -32.16
C ILE H 112 -35.95 -45.73 -32.52
N VAL H 113 -35.15 -46.09 -31.52
CA VAL H 113 -33.94 -46.87 -31.72
C VAL H 113 -34.17 -48.20 -31.02
N ILE H 114 -34.39 -49.24 -31.82
CA ILE H 114 -34.57 -50.60 -31.31
C ILE H 114 -33.19 -51.25 -31.18
N PRO H 115 -32.78 -51.67 -29.98
CA PRO H 115 -31.54 -52.43 -29.88
C PRO H 115 -31.62 -53.69 -30.73
N SER H 116 -30.57 -53.96 -31.49
CA SER H 116 -30.59 -55.06 -32.43
C SER H 116 -30.37 -56.38 -31.69
N SER H 117 -31.37 -57.25 -31.75
CA SER H 117 -31.22 -58.64 -31.34
C SER H 117 -31.09 -59.52 -32.58
N GLU H 118 -30.63 -60.75 -32.36
CA GLU H 118 -30.36 -61.66 -33.48
C GLU H 118 -31.63 -62.00 -34.25
N SER H 119 -32.80 -61.87 -33.64
CA SER H 119 -34.07 -62.20 -34.27
C SER H 119 -34.71 -61.01 -34.97
N GLN H 120 -34.05 -59.87 -35.00
CA GLN H 120 -34.62 -58.64 -35.56
C GLN H 120 -33.91 -58.18 -36.83
N ASN H 121 -32.59 -58.39 -36.91
CA ASN H 121 -31.82 -57.88 -38.04
C ASN H 121 -32.14 -58.62 -39.35
N ASN H 122 -32.71 -59.81 -39.27
CA ASN H 122 -33.02 -60.60 -40.44
C ASN H 122 -34.45 -60.42 -40.93
N VAL H 123 -35.20 -59.46 -40.37
CA VAL H 123 -36.58 -59.26 -40.78
C VAL H 123 -36.79 -57.83 -41.26
N ALA H 124 -36.63 -56.86 -40.35
CA ALA H 124 -36.90 -55.47 -40.68
C ALA H 124 -35.85 -54.95 -41.67
N GLU H 125 -36.32 -54.20 -42.67
CA GLU H 125 -35.47 -53.62 -43.70
C GLU H 125 -35.80 -52.14 -43.87
N VAL H 126 -34.93 -51.45 -44.59
CA VAL H 126 -35.13 -50.04 -44.89
C VAL H 126 -36.34 -49.89 -45.80
N GLY H 127 -37.23 -48.97 -45.46
CA GLY H 127 -38.41 -48.68 -46.25
C GLY H 127 -39.71 -49.22 -45.69
N GLN H 128 -39.66 -50.01 -44.63
CA GLN H 128 -40.89 -50.59 -44.08
C GLN H 128 -41.47 -49.72 -42.98
N ILE H 129 -42.81 -49.75 -42.89
CA ILE H 129 -43.57 -48.98 -41.91
C ILE H 129 -44.28 -50.00 -41.01
N VAL H 130 -43.93 -50.00 -39.73
CA VAL H 130 -44.42 -51.03 -38.81
C VAL H 130 -44.90 -50.35 -37.54
N PRO H 131 -45.77 -51.02 -36.77
CA PRO H 131 -46.12 -50.52 -35.44
C PRO H 131 -45.16 -51.03 -34.36
N VAL H 132 -44.98 -50.19 -33.34
CA VAL H 132 -43.97 -50.42 -32.30
C VAL H 132 -44.63 -50.22 -30.93
N GLN H 133 -44.14 -51.00 -29.96
CA GLN H 133 -44.51 -50.87 -28.56
C GLN H 133 -43.34 -50.26 -27.79
N LEU H 134 -43.66 -49.35 -26.88
CA LEU H 134 -42.64 -48.57 -26.17
C LEU H 134 -42.18 -49.31 -24.92
N ALA H 135 -41.47 -48.60 -24.04
CA ALA H 135 -40.96 -49.18 -22.81
C ALA H 135 -41.12 -48.16 -21.68
N ASN H 136 -40.69 -48.56 -20.48
CA ASN H 136 -40.90 -47.75 -19.29
C ASN H 136 -39.90 -46.59 -19.25
N SER H 137 -40.42 -45.36 -19.26
CA SER H 137 -39.67 -44.12 -19.08
C SER H 137 -38.48 -44.01 -20.02
N SER H 138 -38.52 -44.70 -21.15
CA SER H 138 -37.44 -44.67 -22.13
C SER H 138 -37.60 -43.55 -23.14
N VAL H 139 -38.45 -42.57 -22.84
CA VAL H 139 -38.84 -41.53 -23.78
C VAL H 139 -38.16 -40.22 -23.37
N TYR H 140 -36.96 -40.32 -22.81
CA TYR H 140 -36.20 -39.14 -22.38
C TYR H 140 -36.29 -38.01 -23.37
N TYR H 141 -36.75 -36.84 -22.89
CA TYR H 141 -36.86 -35.65 -23.71
C TYR H 141 -35.63 -34.80 -23.44
N ILE H 142 -34.53 -35.11 -24.14
CA ILE H 142 -33.29 -34.35 -23.99
C ILE H 142 -33.54 -32.93 -24.52
N PRO H 143 -33.34 -31.91 -23.71
CA PRO H 143 -33.79 -30.56 -24.09
C PRO H 143 -33.10 -30.05 -25.34
N GLY H 144 -33.87 -29.36 -26.18
CA GLY H 144 -33.36 -28.78 -27.40
C GLY H 144 -33.40 -29.66 -28.63
N ARG H 145 -33.82 -30.91 -28.49
CA ARG H 145 -33.83 -31.85 -29.61
C ARG H 145 -35.20 -31.85 -30.28
N GLN H 146 -35.21 -32.11 -31.59
CA GLN H 146 -36.41 -32.07 -32.39
C GLN H 146 -37.20 -33.38 -32.37
N GLN H 147 -36.79 -34.34 -31.54
CA GLN H 147 -37.49 -35.61 -31.47
C GLN H 147 -37.31 -36.20 -30.08
N ALA H 148 -38.17 -37.15 -29.75
CA ALA H 148 -38.14 -37.86 -28.47
C ALA H 148 -37.56 -39.25 -28.72
N SER H 149 -36.33 -39.46 -28.27
CA SER H 149 -35.72 -40.78 -28.37
C SER H 149 -36.44 -41.76 -27.45
N ALA H 150 -36.68 -42.96 -27.97
CA ALA H 150 -37.35 -44.01 -27.19
C ALA H 150 -37.04 -45.37 -27.80
N THR H 151 -36.73 -46.32 -26.95
CA THR H 151 -36.54 -47.70 -27.41
C THR H 151 -37.88 -48.42 -27.47
N GLY H 152 -38.00 -49.32 -28.44
CA GLY H 152 -39.26 -49.99 -28.68
C GLY H 152 -39.16 -51.42 -29.18
N SER H 153 -40.29 -52.12 -29.21
CA SER H 153 -40.36 -53.49 -29.69
C SER H 153 -41.43 -53.61 -30.76
N ILE H 154 -41.16 -54.45 -31.77
CA ILE H 154 -42.11 -54.68 -32.84
C ILE H 154 -43.37 -55.32 -32.26
N PHE H 155 -44.51 -54.69 -32.50
CA PHE H 155 -45.71 -54.97 -31.72
C PHE H 155 -46.33 -56.29 -32.17
N ILE H 156 -46.55 -57.18 -31.21
CA ILE H 156 -47.36 -58.39 -31.39
C ILE H 156 -48.35 -58.43 -30.24
N PRO H 157 -49.67 -58.43 -30.50
CA PRO H 157 -50.64 -58.34 -29.40
C PRO H 157 -50.49 -59.50 -28.43
N LYS H 158 -50.62 -59.18 -27.14
CA LYS H 158 -50.36 -60.11 -26.06
C LYS H 158 -51.52 -61.09 -25.89
N HIS H 159 -51.27 -62.13 -25.09
CA HIS H 159 -52.28 -63.12 -24.76
C HIS H 159 -52.72 -63.03 -23.31
N THR H 160 -52.16 -62.11 -22.52
CA THR H 160 -52.47 -61.97 -21.11
C THR H 160 -53.33 -60.74 -20.88
N PHE H 161 -53.74 -60.58 -19.62
CA PHE H 161 -54.60 -59.45 -19.24
C PHE H 161 -54.45 -59.23 -17.75
N SER H 162 -54.98 -58.09 -17.28
CA SER H 162 -54.90 -57.69 -15.89
C SER H 162 -56.28 -57.73 -15.25
N VAL H 163 -56.30 -57.93 -13.93
CA VAL H 163 -57.53 -57.96 -13.15
C VAL H 163 -57.37 -57.00 -11.98
N TYR H 164 -58.33 -56.07 -11.84
CA TYR H 164 -58.29 -55.05 -10.80
C TYR H 164 -59.46 -55.23 -9.84
N HIS H 165 -59.15 -55.34 -8.56
CA HIS H 165 -60.15 -55.46 -7.50
C HIS H 165 -60.41 -54.08 -6.93
N VAL H 166 -61.63 -53.56 -7.16
CA VAL H 166 -62.03 -52.24 -6.71
C VAL H 166 -63.00 -52.39 -5.55
N GLN H 167 -62.67 -51.73 -4.43
CA GLN H 167 -63.49 -51.77 -3.23
C GLN H 167 -63.99 -50.41 -2.81
N GLU H 168 -63.74 -49.36 -3.61
CA GLU H 168 -64.22 -48.02 -3.34
C GLU H 168 -64.99 -47.52 -4.54
N GLU H 169 -66.07 -46.78 -4.28
CA GLU H 169 -66.98 -46.38 -5.34
C GLU H 169 -66.39 -45.27 -6.20
N LEU H 170 -66.82 -45.22 -7.46
CA LEU H 170 -66.49 -44.13 -8.36
C LEU H 170 -67.41 -42.96 -8.03
N THR H 171 -66.84 -41.89 -7.50
CA THR H 171 -67.61 -40.73 -7.08
C THR H 171 -67.98 -39.85 -8.27
N GLN H 172 -68.78 -38.82 -7.99
CA GLN H 172 -69.34 -37.99 -9.06
C GLN H 172 -68.29 -37.04 -9.64
N GLU H 173 -67.47 -36.42 -8.78
CA GLU H 173 -66.49 -35.46 -9.25
C GLU H 173 -65.37 -36.14 -10.03
N GLN H 174 -65.00 -37.36 -9.65
CA GLN H 174 -64.00 -38.08 -10.42
C GLN H 174 -64.58 -38.54 -11.76
N ALA H 175 -65.90 -38.78 -11.80
CA ALA H 175 -66.58 -38.98 -13.07
C ALA H 175 -66.52 -37.73 -13.93
N LEU H 176 -66.67 -36.55 -13.30
CA LEU H 176 -66.47 -35.30 -14.02
C LEU H 176 -65.05 -35.21 -14.56
N ASN H 177 -64.08 -35.71 -13.79
CA ASN H 177 -62.69 -35.71 -14.26
C ASN H 177 -62.52 -36.62 -15.47
N LEU H 178 -63.10 -37.83 -15.42
CA LEU H 178 -63.00 -38.77 -16.54
C LEU H 178 -63.87 -38.39 -17.72
N THR H 179 -64.75 -37.40 -17.55
CA THR H 179 -65.55 -36.91 -18.67
C THR H 179 -64.67 -36.47 -19.83
N LYS H 180 -63.49 -35.92 -19.54
CA LYS H 180 -62.58 -35.52 -20.61
C LYS H 180 -62.13 -36.73 -21.42
N LEU H 181 -61.75 -37.82 -20.74
CA LEU H 181 -61.36 -39.03 -21.45
C LEU H 181 -62.53 -39.62 -22.23
N VAL H 182 -63.73 -39.59 -21.65
CA VAL H 182 -64.91 -40.09 -22.36
C VAL H 182 -65.14 -39.28 -23.63
N ASN H 183 -65.00 -37.96 -23.53
CA ASN H 183 -65.18 -37.09 -24.70
C ASN H 183 -64.09 -37.35 -25.74
N ILE H 184 -62.86 -37.59 -25.29
CA ILE H 184 -61.79 -37.94 -26.20
C ILE H 184 -62.14 -39.21 -26.96
N ILE H 185 -62.68 -40.21 -26.26
CA ILE H 185 -63.09 -41.44 -26.92
C ILE H 185 -64.22 -41.16 -27.91
N GLU H 186 -65.14 -40.26 -27.55
CA GLU H 186 -66.22 -39.92 -28.47
C GLU H 186 -65.70 -39.28 -29.75
N MET H 187 -64.74 -38.36 -29.62
CA MET H 187 -64.14 -37.75 -30.81
C MET H 187 -63.38 -38.78 -31.63
N LEU H 188 -62.65 -39.68 -30.97
CA LEU H 188 -61.93 -40.74 -31.69
C LEU H 188 -62.90 -41.64 -32.45
N LEU H 189 -64.03 -41.97 -31.83
CA LEU H 189 -65.04 -42.80 -32.48
C LEU H 189 -65.66 -42.08 -33.69
N GLU H 190 -66.03 -40.81 -33.53
CA GLU H 190 -66.65 -40.11 -34.65
C GLU H 190 -65.64 -39.81 -35.75
N SER H 191 -64.35 -39.80 -35.43
CA SER H 191 -63.32 -39.69 -36.46
C SER H 191 -63.11 -41.04 -37.16
N ARG H 192 -63.22 -42.14 -36.42
CA ARG H 192 -63.09 -43.47 -37.01
C ARG H 192 -64.27 -43.81 -37.89
N SER H 193 -65.47 -43.32 -37.55
CA SER H 193 -66.68 -43.70 -38.26
C SER H 193 -66.68 -43.26 -39.72
N LYS H 194 -65.84 -42.29 -40.07
CA LYS H 194 -65.75 -41.83 -41.45
C LYS H 194 -65.02 -42.83 -42.35
N LYS H 195 -64.12 -43.63 -41.79
CA LYS H 195 -63.21 -44.44 -42.58
C LYS H 195 -63.94 -45.57 -43.30
N ASP H 196 -63.28 -46.11 -44.31
CA ASP H 196 -63.79 -47.26 -45.04
C ASP H 196 -63.91 -48.46 -44.10
N PHE H 197 -64.97 -49.25 -44.28
CA PHE H 197 -65.19 -50.40 -43.42
C PHE H 197 -64.13 -51.48 -43.64
N LYS H 198 -63.69 -51.68 -44.88
CA LYS H 198 -62.74 -52.76 -45.17
C LYS H 198 -61.41 -52.56 -44.46
N GLN H 199 -60.89 -51.34 -44.46
CA GLN H 199 -59.58 -51.10 -43.84
C GLN H 199 -59.63 -51.33 -42.34
N ILE H 200 -60.62 -50.75 -41.66
CA ILE H 200 -60.73 -50.94 -40.22
C ILE H 200 -60.97 -52.41 -39.90
N CYS H 201 -61.79 -53.08 -40.71
CA CYS H 201 -62.11 -54.49 -40.48
C CYS H 201 -60.86 -55.36 -40.62
N PHE H 202 -60.07 -55.14 -41.68
CA PHE H 202 -58.88 -55.93 -41.89
C PHE H 202 -57.84 -55.68 -40.80
N PHE H 203 -57.66 -54.41 -40.41
CA PHE H 203 -56.70 -54.13 -39.35
C PHE H 203 -57.14 -54.75 -38.03
N GLU H 204 -58.44 -54.70 -37.72
CA GLU H 204 -58.94 -55.34 -36.52
C GLU H 204 -58.76 -56.85 -36.58
N LYS H 205 -59.03 -57.46 -37.73
CA LYS H 205 -58.85 -58.89 -37.88
C LYS H 205 -57.39 -59.27 -37.67
N LEU H 206 -56.46 -58.46 -38.20
CA LEU H 206 -55.04 -58.74 -38.01
C LEU H 206 -54.65 -58.61 -36.55
N TYR H 207 -55.14 -57.58 -35.87
CA TYR H 207 -54.68 -57.30 -34.51
C TYR H 207 -55.59 -57.86 -33.43
N TYR H 208 -56.64 -58.59 -33.79
CA TYR H 208 -57.41 -59.32 -32.81
C TYR H 208 -56.61 -60.54 -32.33
N THR H 209 -56.68 -60.83 -31.03
CA THR H 209 -55.82 -61.86 -30.45
C THR H 209 -56.10 -63.23 -31.06
N TYR H 210 -57.37 -63.56 -31.24
CA TYR H 210 -57.78 -64.82 -31.86
C TYR H 210 -58.11 -64.58 -33.33
N SER H 211 -58.66 -65.61 -33.97
CA SER H 211 -59.16 -65.50 -35.33
C SER H 211 -60.66 -65.79 -35.33
N ILE H 212 -61.38 -65.13 -36.24
CA ILE H 212 -62.82 -65.31 -36.39
C ILE H 212 -63.15 -65.40 -37.87
N SER H 213 -64.09 -66.28 -38.22
CA SER H 213 -64.40 -66.59 -39.62
C SER H 213 -65.29 -65.54 -40.27
N SER H 214 -64.78 -64.30 -40.28
CA SER H 214 -65.30 -63.21 -41.11
C SER H 214 -66.65 -62.65 -40.68
N ASP H 215 -66.82 -61.34 -40.81
CA ASP H 215 -68.12 -60.67 -40.70
C ASP H 215 -68.77 -60.92 -39.33
N GLU H 216 -67.92 -61.07 -38.30
CA GLU H 216 -68.40 -61.40 -36.96
C GLU H 216 -67.66 -60.63 -35.88
N ILE H 217 -67.09 -59.47 -36.19
CA ILE H 217 -66.16 -58.81 -35.28
C ILE H 217 -66.57 -57.38 -34.96
N LEU H 218 -67.44 -56.78 -35.77
CA LEU H 218 -67.69 -55.34 -35.69
C LEU H 218 -69.17 -55.03 -35.85
N ASP H 219 -69.71 -54.28 -34.90
CA ASP H 219 -71.01 -53.61 -34.99
C ASP H 219 -70.77 -52.16 -34.55
N LEU H 220 -70.58 -51.27 -35.52
CA LEU H 220 -70.06 -49.94 -35.23
C LEU H 220 -71.01 -49.13 -34.35
N LYS H 221 -72.31 -49.19 -34.64
CA LYS H 221 -73.27 -48.32 -33.95
C LYS H 221 -73.60 -48.82 -32.55
N ILE H 222 -73.55 -50.13 -32.31
CA ILE H 222 -73.95 -50.69 -31.03
C ILE H 222 -72.79 -51.32 -30.26
N TRP H 223 -71.77 -51.84 -30.95
CA TRP H 223 -70.62 -52.49 -30.32
C TRP H 223 -71.07 -53.67 -29.45
N LYS H 224 -71.74 -54.61 -30.12
CA LYS H 224 -72.25 -55.79 -29.43
C LYS H 224 -71.18 -56.87 -29.23
N GLY H 225 -69.99 -56.68 -29.76
CA GLY H 225 -68.91 -57.61 -29.58
C GLY H 225 -68.93 -58.74 -30.59
N PRO H 226 -68.00 -59.68 -30.44
CA PRO H 226 -67.94 -60.82 -31.38
C PRO H 226 -68.90 -61.92 -30.95
N LYS H 227 -69.62 -62.46 -31.92
CA LYS H 227 -70.64 -63.49 -31.66
C LYS H 227 -70.05 -64.89 -31.71
N GLY H 228 -69.03 -65.15 -30.90
CA GLY H 228 -68.46 -66.49 -30.90
C GLY H 228 -69.04 -67.41 -29.84
N LYS H 229 -70.05 -68.18 -30.23
CA LYS H 229 -70.65 -69.26 -29.44
C LYS H 229 -70.91 -68.92 -27.98
N GLU H 230 -71.10 -67.64 -27.66
CA GLU H 230 -71.40 -67.17 -26.30
C GLU H 230 -70.43 -67.79 -25.29
N MET H 231 -69.16 -67.39 -25.43
CA MET H 231 -68.10 -67.97 -24.60
C MET H 231 -68.35 -67.70 -23.12
N SER H 232 -68.77 -66.49 -22.76
CA SER H 232 -69.02 -66.12 -21.37
C SER H 232 -70.51 -65.88 -21.15
N ARG H 233 -71.03 -66.42 -20.04
CA ARG H 233 -72.44 -66.28 -19.71
C ARG H 233 -72.84 -64.86 -19.36
N LEU H 234 -71.88 -63.97 -19.18
CA LEU H 234 -72.13 -62.59 -18.81
C LEU H 234 -71.74 -61.67 -19.96
N LYS H 235 -72.66 -60.79 -20.36
CA LYS H 235 -72.38 -59.86 -21.45
C LYS H 235 -71.35 -58.83 -20.99
N PRO H 236 -70.34 -58.54 -21.80
CA PRO H 236 -69.41 -57.45 -21.46
C PRO H 236 -70.14 -56.12 -21.38
N CYS H 237 -69.67 -55.26 -20.48
CA CYS H 237 -70.35 -54.00 -20.18
C CYS H 237 -69.63 -52.82 -20.83
N ASN H 238 -70.42 -51.91 -21.41
CA ASN H 238 -69.89 -50.70 -22.00
C ASN H 238 -69.36 -49.78 -20.92
N VAL H 239 -68.13 -49.31 -21.09
CA VAL H 239 -67.52 -48.44 -20.09
C VAL H 239 -68.19 -47.07 -20.07
N LEU H 240 -68.50 -46.54 -21.25
CA LEU H 240 -69.13 -45.21 -21.33
C LEU H 240 -70.50 -45.21 -20.66
N SER H 241 -71.30 -46.26 -20.90
CA SER H 241 -72.61 -46.33 -20.26
C SER H 241 -72.48 -46.41 -18.75
N PHE H 242 -71.53 -47.20 -18.25
CA PHE H 242 -71.34 -47.31 -16.81
C PHE H 242 -70.92 -45.98 -16.21
N LEU H 243 -70.04 -45.24 -16.89
CA LEU H 243 -69.63 -43.93 -16.40
C LEU H 243 -70.80 -42.96 -16.39
N TYR H 244 -71.61 -42.96 -17.46
CA TYR H 244 -72.76 -42.06 -17.50
C TYR H 244 -73.79 -42.42 -16.44
N ASP H 245 -73.90 -43.70 -16.10
CA ASP H 245 -74.81 -44.12 -15.04
C ASP H 245 -74.28 -43.73 -13.67
N ALA H 246 -72.97 -43.93 -13.43
CA ALA H 246 -72.37 -43.50 -12.19
C ALA H 246 -72.39 -41.98 -12.03
N LEU H 247 -72.52 -41.25 -13.15
CA LEU H 247 -72.78 -39.81 -13.05
C LEU H 247 -74.10 -39.56 -12.31
N LYS H 248 -75.11 -40.36 -12.59
CA LYS H 248 -76.40 -40.28 -11.91
C LYS H 248 -76.50 -41.21 -10.71
N ASN H 249 -75.45 -41.98 -10.43
CA ASN H 249 -75.35 -42.85 -9.25
C ASN H 249 -76.50 -43.86 -9.20
N LYS H 250 -76.51 -44.74 -10.21
CA LYS H 250 -77.44 -45.86 -10.24
C LYS H 250 -76.78 -47.22 -10.15
N ASN H 251 -75.46 -47.32 -10.33
CA ASN H 251 -74.77 -48.59 -10.30
C ASN H 251 -73.57 -48.49 -9.37
N SER H 252 -73.09 -49.66 -8.95
CA SER H 252 -71.92 -49.77 -8.09
C SER H 252 -70.76 -50.34 -8.89
N SER H 253 -69.55 -49.86 -8.59
CA SER H 253 -68.35 -50.23 -9.34
C SER H 253 -67.42 -51.13 -8.55
N LEU H 254 -67.94 -51.92 -7.61
CA LEU H 254 -67.09 -52.77 -6.79
C LEU H 254 -66.94 -54.15 -7.43
N GLY H 255 -65.88 -54.85 -7.06
CA GLY H 255 -65.65 -56.21 -7.50
C GLY H 255 -64.39 -56.34 -8.33
N PHE H 256 -64.40 -57.32 -9.22
CA PHE H 256 -63.25 -57.63 -10.06
C PHE H 256 -63.53 -57.19 -11.48
N TRP H 257 -62.62 -56.39 -12.03
CA TRP H 257 -62.71 -55.87 -13.39
C TRP H 257 -61.57 -56.43 -14.23
N ALA H 258 -61.93 -56.95 -15.41
CA ALA H 258 -60.94 -57.55 -16.29
C ALA H 258 -61.34 -57.32 -17.74
N ARG H 259 -60.33 -57.30 -18.60
CA ARG H 259 -60.51 -57.14 -20.05
C ARG H 259 -59.72 -58.25 -20.73
N PRO H 260 -60.29 -59.45 -20.81
CA PRO H 260 -59.57 -60.58 -21.41
C PRO H 260 -59.28 -60.33 -22.87
N PRO H 261 -58.26 -60.98 -23.43
CA PRO H 261 -57.88 -60.69 -24.83
C PRO H 261 -58.98 -60.98 -25.83
N ASN H 262 -59.96 -61.84 -25.49
CA ASN H 262 -61.07 -62.09 -26.41
C ASN H 262 -61.88 -60.83 -26.67
N LEU H 263 -61.92 -59.92 -25.69
CA LEU H 263 -62.61 -58.65 -25.88
C LEU H 263 -61.90 -57.80 -26.93
N LEU H 264 -62.67 -56.94 -27.59
CA LEU H 264 -62.10 -56.02 -28.56
C LEU H 264 -61.48 -54.84 -27.81
N LYS H 265 -60.16 -54.68 -27.96
CA LYS H 265 -59.46 -53.65 -27.20
C LYS H 265 -59.97 -52.25 -27.52
N SER H 266 -60.36 -52.00 -28.77
CA SER H 266 -60.81 -50.68 -29.18
C SER H 266 -62.24 -50.38 -28.76
N SER H 267 -63.04 -51.40 -28.39
CA SER H 267 -64.41 -51.16 -27.98
C SER H 267 -64.48 -50.73 -26.52
N PRO H 268 -65.57 -50.07 -26.11
CA PRO H 268 -65.69 -49.64 -24.71
C PRO H 268 -66.20 -50.74 -23.80
N LEU H 269 -66.16 -51.99 -24.26
CA LEU H 269 -66.65 -53.09 -23.44
C LEU H 269 -65.59 -53.56 -22.45
N ALA H 270 -66.06 -54.18 -21.37
CA ALA H 270 -65.18 -54.74 -20.35
C ALA H 270 -65.99 -55.73 -19.52
N TYR H 271 -65.29 -56.50 -18.68
CA TYR H 271 -65.91 -57.52 -17.86
C TYR H 271 -65.85 -57.11 -16.39
N GLN H 272 -66.99 -57.20 -15.71
CA GLN H 272 -67.09 -56.99 -14.27
C GLN H 272 -67.75 -58.20 -13.63
N GLN H 273 -67.25 -58.61 -12.47
CA GLN H 273 -67.81 -59.72 -11.72
C GLN H 273 -67.73 -59.42 -10.22
N ASP H 274 -68.60 -60.07 -9.46
CA ASP H 274 -68.56 -59.95 -8.00
C ASP H 274 -67.57 -60.93 -7.37
N GLN H 275 -67.11 -61.93 -8.10
CA GLN H 275 -66.17 -62.92 -7.57
C GLN H 275 -65.05 -63.11 -8.58
N ASN H 276 -63.86 -63.43 -8.08
CA ASN H 276 -62.69 -63.59 -8.93
C ASN H 276 -62.75 -64.91 -9.70
N SER H 277 -63.39 -64.89 -10.87
CA SER H 277 -63.47 -66.05 -11.73
C SER H 277 -62.75 -65.85 -13.05
N PHE H 278 -61.95 -64.79 -13.18
CA PHE H 278 -61.16 -64.59 -14.38
C PHE H 278 -59.96 -65.52 -14.40
N ASN H 279 -59.65 -66.05 -15.58
CA ASN H 279 -58.55 -67.01 -15.74
C ASN H 279 -57.22 -66.30 -15.99
N ALA H 280 -56.86 -65.39 -15.09
CA ALA H 280 -55.62 -64.64 -15.22
C ALA H 280 -54.45 -65.41 -14.62
N THR H 281 -53.28 -65.26 -15.24
CA THR H 281 -52.05 -65.85 -14.75
C THR H 281 -51.37 -64.99 -13.69
N GLU H 282 -51.80 -63.75 -13.51
CA GLU H 282 -51.21 -62.84 -12.54
C GLU H 282 -52.24 -62.49 -11.48
N LEU H 283 -51.75 -62.19 -10.28
CA LEU H 283 -52.63 -61.88 -9.17
C LEU H 283 -53.39 -60.57 -9.47
N PRO H 284 -54.67 -60.51 -9.12
CA PRO H 284 -55.39 -59.24 -9.24
C PRO H 284 -54.78 -58.18 -8.33
N ILE H 285 -54.83 -56.93 -8.78
CA ILE H 285 -54.29 -55.80 -8.03
C ILE H 285 -55.44 -55.12 -7.30
N ILE H 286 -55.29 -54.99 -5.98
CA ILE H 286 -56.29 -54.26 -5.19
C ILE H 286 -56.04 -52.77 -5.35
N CYS H 287 -57.05 -52.07 -5.87
CA CYS H 287 -56.93 -50.65 -6.18
C CYS H 287 -58.33 -50.03 -6.07
N SER H 288 -58.38 -48.71 -6.22
CA SER H 288 -59.64 -47.99 -6.11
C SER H 288 -60.28 -47.87 -7.49
N ALA H 289 -61.50 -47.34 -7.55
CA ALA H 289 -62.17 -47.16 -8.82
C ALA H 289 -61.45 -46.13 -9.69
N GLU H 290 -60.79 -45.15 -9.06
CA GLU H 290 -60.10 -44.10 -9.81
C GLU H 290 -59.00 -44.69 -10.68
N VAL H 291 -58.12 -45.49 -10.08
CA VAL H 291 -56.97 -46.04 -10.81
C VAL H 291 -57.44 -46.99 -11.91
N MET H 292 -58.37 -47.89 -11.58
CA MET H 292 -58.84 -48.87 -12.56
C MET H 292 -59.52 -48.18 -13.72
N PHE H 293 -60.39 -47.21 -13.43
CA PHE H 293 -61.07 -46.49 -14.50
C PHE H 293 -60.08 -45.72 -15.36
N VAL H 294 -59.08 -45.07 -14.75
CA VAL H 294 -58.09 -44.33 -15.53
C VAL H 294 -57.32 -45.28 -16.44
N THR H 295 -56.90 -46.43 -15.91
CA THR H 295 -56.14 -47.38 -16.72
C THR H 295 -56.96 -47.90 -17.88
N LEU H 296 -58.22 -48.26 -17.62
CA LEU H 296 -59.06 -48.80 -18.69
C LEU H 296 -59.36 -47.75 -19.75
N LEU H 297 -59.69 -46.52 -19.33
CA LEU H 297 -59.94 -45.45 -20.29
C LEU H 297 -58.71 -45.16 -21.13
N LYS H 298 -57.52 -45.13 -20.50
CA LYS H 298 -56.30 -44.86 -21.24
C LYS H 298 -55.99 -45.97 -22.23
N GLU H 299 -56.23 -47.23 -21.85
CA GLU H 299 -56.04 -48.33 -22.79
C GLU H 299 -57.00 -48.22 -23.98
N ILE H 300 -58.26 -47.87 -23.72
CA ILE H 300 -59.23 -47.70 -24.80
C ILE H 300 -58.77 -46.59 -25.74
N ILE H 301 -58.35 -45.44 -25.20
CA ILE H 301 -57.89 -44.35 -26.04
C ILE H 301 -56.67 -44.77 -26.85
N ASN H 302 -55.72 -45.47 -26.22
CA ASN H 302 -54.53 -45.90 -26.94
C ASN H 302 -54.88 -46.82 -28.10
N TYR H 303 -55.78 -47.77 -27.89
CA TYR H 303 -56.09 -48.72 -28.95
C TYR H 303 -56.95 -48.11 -30.04
N LEU H 304 -57.87 -47.19 -29.68
CA LEU H 304 -58.59 -46.45 -30.70
C LEU H 304 -57.63 -45.62 -31.55
N GLN H 305 -56.67 -44.95 -30.90
CA GLN H 305 -55.69 -44.18 -31.65
C GLN H 305 -54.86 -45.09 -32.56
N PHE H 306 -54.53 -46.29 -32.07
CA PHE H 306 -53.76 -47.22 -32.88
C PHE H 306 -54.52 -47.65 -34.12
N ILE H 307 -55.81 -47.97 -33.96
CA ILE H 307 -56.58 -48.40 -35.13
C ILE H 307 -56.78 -47.23 -36.10
N ASN H 308 -57.03 -46.03 -35.58
CA ASN H 308 -57.21 -44.87 -36.44
C ASN H 308 -55.94 -44.57 -37.23
N ASP H 309 -54.78 -44.66 -36.57
CA ASP H 309 -53.52 -44.37 -37.24
C ASP H 309 -53.16 -45.45 -38.25
N LEU H 310 -53.44 -46.72 -37.92
CA LEU H 310 -53.22 -47.78 -38.89
C LEU H 310 -54.07 -47.56 -40.14
N CYS H 311 -55.34 -47.18 -39.95
CA CYS H 311 -56.21 -46.99 -41.09
C CYS H 311 -55.81 -45.77 -41.91
N ASP H 312 -55.31 -44.72 -41.25
CA ASP H 312 -54.84 -43.55 -41.97
C ASP H 312 -53.57 -43.85 -42.77
N THR H 313 -52.62 -44.60 -42.20
CA THR H 313 -51.34 -44.82 -42.88
C THR H 313 -51.52 -45.60 -44.17
N PHE H 314 -52.27 -46.70 -44.12
CA PHE H 314 -52.40 -47.60 -45.25
C PHE H 314 -53.75 -47.32 -45.91
N ASN H 315 -53.76 -46.33 -46.81
CA ASN H 315 -54.94 -45.97 -47.58
C ASN H 315 -55.11 -46.81 -48.84
N ASN H 316 -54.08 -47.54 -49.26
CA ASN H 316 -54.16 -48.38 -50.44
C ASN H 316 -53.76 -49.80 -50.08
N GLU H 317 -54.34 -50.75 -50.82
CA GLU H 317 -54.07 -52.17 -50.59
C GLU H 317 -52.69 -52.58 -51.09
N GLN H 318 -52.13 -51.83 -52.05
CA GLN H 318 -50.81 -52.15 -52.56
C GLN H 318 -49.75 -52.05 -51.46
N LEU H 319 -49.85 -51.01 -50.63
CA LEU H 319 -48.93 -50.90 -49.49
C LEU H 319 -49.20 -51.99 -48.46
N ILE H 320 -50.45 -52.39 -48.30
CA ILE H 320 -50.77 -53.50 -47.39
C ILE H 320 -50.05 -54.76 -47.84
N LYS H 321 -50.12 -55.07 -49.14
CA LYS H 321 -49.40 -56.22 -49.67
C LYS H 321 -47.89 -56.05 -49.54
N ARG H 322 -47.41 -54.81 -49.73
CA ARG H 322 -46.00 -54.53 -49.52
C ARG H 322 -45.58 -54.76 -48.08
N HIS H 323 -46.49 -54.55 -47.13
CA HIS H 323 -46.23 -54.81 -45.72
C HIS H 323 -46.92 -56.08 -45.22
N GLU H 324 -47.31 -56.97 -46.13
CA GLU H 324 -47.99 -58.20 -45.74
C GLU H 324 -47.10 -59.12 -44.91
N ASN H 325 -45.78 -59.04 -45.10
CA ASN H 325 -44.87 -59.90 -44.35
C ASN H 325 -44.99 -59.66 -42.85
N ILE H 326 -45.07 -58.39 -42.45
CA ILE H 326 -45.33 -58.07 -41.04
C ILE H 326 -46.69 -58.61 -40.62
N TRP H 327 -47.69 -58.55 -41.51
CA TRP H 327 -49.01 -59.04 -41.15
C TRP H 327 -48.96 -60.53 -40.82
N MET H 328 -48.24 -61.32 -41.63
CA MET H 328 -48.16 -62.75 -41.32
C MET H 328 -47.30 -63.01 -40.09
N LEU H 329 -46.26 -62.21 -39.87
CA LEU H 329 -45.49 -62.37 -38.63
C LEU H 329 -46.37 -62.14 -37.41
N ILE H 330 -47.30 -61.19 -37.50
CA ILE H 330 -48.33 -61.06 -36.48
C ILE H 330 -49.21 -62.31 -36.45
N GLU H 331 -49.63 -62.79 -37.62
CA GLU H 331 -50.64 -63.82 -37.72
C GLU H 331 -50.19 -65.13 -37.08
N GLN H 332 -48.93 -65.49 -37.27
CA GLN H 332 -48.44 -66.73 -36.67
C GLN H 332 -48.41 -66.68 -35.15
N ARG H 333 -48.57 -65.52 -34.54
CA ARG H 333 -48.60 -65.39 -33.09
C ARG H 333 -50.01 -65.45 -32.52
N LYS H 334 -51.02 -65.68 -33.35
CA LYS H 334 -52.41 -65.74 -32.90
C LYS H 334 -52.68 -67.08 -32.21
N ILE H 335 -53.80 -67.12 -31.48
CA ILE H 335 -54.25 -68.32 -30.77
C ILE H 335 -55.51 -68.83 -31.45
N GLY H 336 -55.51 -70.11 -31.81
CA GLY H 336 -56.63 -70.69 -32.51
C GLY H 336 -57.81 -70.99 -31.60
N HIS H 337 -58.86 -71.53 -32.21
CA HIS H 337 -60.09 -71.92 -31.49
C HIS H 337 -60.01 -73.37 -31.01
N ASP H 338 -58.92 -73.72 -30.34
CA ASP H 338 -58.77 -75.06 -29.77
C ASP H 338 -59.06 -75.05 -28.27
N PHE H 339 -60.28 -74.67 -27.93
CA PHE H 339 -60.67 -74.54 -26.53
C PHE H 339 -62.18 -74.75 -26.36
MG MG I . 6.11 13.14 -6.07
ZN ZN J . -15.67 -27.48 -22.22
ZN ZN K . -29.51 -28.94 -13.29
ZN ZN L . 27.45 31.84 -23.63
ZN ZN M . 42.68 16.06 45.22
#